data_1YG6
#
_entry.id   1YG6
#
_cell.length_a   192.500
_cell.length_b   103.300
_cell.length_c   159.000
_cell.angle_alpha   90.00
_cell.angle_beta   98.40
_cell.angle_gamma   90.00
#
_symmetry.space_group_name_H-M   'C 1 2 1'
#
loop_
_entity.id
_entity.type
_entity.pdbx_description
1 polymer 'ATP-dependent Clp protease proteolytic subunit'
2 non-polymer (4S)-2-METHYL-2,4-PENTANEDIOL
3 water water
#
_entity_poly.entity_id   1
_entity_poly.type   'polypeptide(L)'
_entity_poly.pdbx_seq_one_letter_code
;ALVPMVIEQTSRGERSFDIYSRLLKERVIFLTGQVEDHMANLIVAQMLFLEAENPEKDIYLYINSPGGVITAGMSIYDTM
QFIKPDVSTICMGQAASMGAFLLTAGAKGKRFCLPNSRVMIHQPLGGYQGQATDIEIHAREILKVKGRMNELMALHTGQS
LEQIERDTERDRFLSAPEAVEYGLVDSILTHRN
;
_entity_poly.pdbx_strand_id   A,B,C,D,E,F,G,H,I,J,K,L,M,N
#
loop_
_chem_comp.id
_chem_comp.type
_chem_comp.name
_chem_comp.formula
MPD non-polymer (4S)-2-METHYL-2,4-PENTANEDIOL 'C6 H14 O2'
#
# COMPACT_ATOMS: atom_id res chain seq x y z
N ALA A 1 -9.31 -28.84 10.33
CA ALA A 1 -10.42 -27.93 9.94
C ALA A 1 -10.34 -27.60 8.45
N LEU A 2 -9.38 -28.23 7.76
CA LEU A 2 -9.20 -28.00 6.33
C LEU A 2 -9.92 -29.07 5.51
N VAL A 3 -9.39 -30.29 5.54
CA VAL A 3 -9.98 -31.40 4.79
C VAL A 3 -10.09 -32.66 5.64
N PRO A 4 -11.32 -33.00 6.08
CA PRO A 4 -11.57 -34.18 6.92
C PRO A 4 -11.07 -35.47 6.25
N MET A 5 -10.49 -36.35 7.06
CA MET A 5 -9.98 -37.62 6.57
C MET A 5 -10.76 -38.77 7.18
N VAL A 6 -11.25 -39.67 6.33
CA VAL A 6 -12.03 -40.82 6.80
C VAL A 6 -11.53 -42.13 6.21
N ILE A 7 -10.90 -42.95 7.04
CA ILE A 7 -10.37 -44.23 6.62
C ILE A 7 -10.73 -45.31 7.63
N GLU A 8 -11.90 -45.92 7.46
CA GLU A 8 -12.37 -46.97 8.36
C GLU A 8 -13.61 -47.65 7.79
N GLN A 9 -13.95 -48.81 8.34
CA GLN A 9 -15.11 -49.56 7.89
C GLN A 9 -14.98 -49.97 6.43
N THR A 10 -15.51 -49.15 5.53
CA THR A 10 -15.45 -49.43 4.10
C THR A 10 -14.08 -49.06 3.53
N SER A 11 -13.07 -49.86 3.86
CA SER A 11 -11.72 -49.64 3.39
C SER A 11 -10.93 -50.94 3.41
N ARG A 12 -10.13 -51.13 4.46
CA ARG A 12 -9.32 -52.33 4.61
C ARG A 12 -8.45 -52.58 3.38
N GLY A 13 -7.27 -51.97 3.35
CA GLY A 13 -6.37 -52.14 2.23
C GLY A 13 -5.48 -50.95 2.00
N GLU A 14 -6.04 -49.90 1.39
CA GLU A 14 -5.29 -48.68 1.10
C GLU A 14 -5.76 -47.52 1.97
N ARG A 15 -4.89 -46.54 2.16
CA ARG A 15 -5.22 -45.37 2.97
C ARG A 15 -5.50 -44.15 2.09
N SER A 16 -5.36 -42.96 2.67
CA SER A 16 -5.60 -41.72 1.95
C SER A 16 -7.05 -41.63 1.48
N PHE A 17 -7.88 -40.90 2.22
CA PHE A 17 -9.28 -40.74 1.87
C PHE A 17 -9.85 -39.41 2.33
N ASP A 18 -9.81 -38.41 1.46
CA ASP A 18 -10.34 -37.08 1.77
C ASP A 18 -11.86 -37.20 1.75
N ILE A 19 -12.54 -36.22 2.36
CA ILE A 19 -14.00 -36.24 2.40
C ILE A 19 -14.60 -36.19 1.00
N TYR A 20 -14.07 -35.31 0.15
CA TYR A 20 -14.57 -35.16 -1.22
C TYR A 20 -14.21 -36.34 -2.15
N SER A 21 -13.04 -36.94 -1.96
CA SER A 21 -12.63 -38.07 -2.78
C SER A 21 -13.51 -39.27 -2.46
N ARG A 22 -13.92 -39.39 -1.20
CA ARG A 22 -14.79 -40.49 -0.77
C ARG A 22 -16.16 -40.36 -1.43
N LEU A 23 -16.67 -39.13 -1.52
CA LEU A 23 -17.98 -38.93 -2.15
C LEU A 23 -17.92 -39.10 -3.67
N LEU A 24 -16.75 -38.84 -4.25
CA LEU A 24 -16.56 -38.99 -5.70
C LEU A 24 -16.74 -40.48 -6.02
N LYS A 25 -16.25 -41.34 -5.13
CA LYS A 25 -16.38 -42.78 -5.31
C LYS A 25 -17.87 -43.16 -5.43
N GLU A 26 -18.76 -42.34 -4.87
CA GLU A 26 -20.20 -42.57 -4.93
C GLU A 26 -20.86 -41.78 -6.07
N ARG A 27 -20.02 -41.25 -6.96
CA ARG A 27 -20.45 -40.47 -8.12
C ARG A 27 -21.07 -39.08 -7.81
N VAL A 28 -20.61 -38.46 -6.73
CA VAL A 28 -21.10 -37.12 -6.36
C VAL A 28 -20.00 -36.09 -6.63
N ILE A 29 -20.34 -35.04 -7.36
CA ILE A 29 -19.41 -33.93 -7.69
C ILE A 29 -20.02 -32.63 -7.15
N PHE A 30 -19.19 -31.78 -6.53
CA PHE A 30 -19.66 -30.47 -6.01
C PHE A 30 -19.14 -29.28 -6.83
N LEU A 31 -20.03 -28.38 -7.23
CA LEU A 31 -19.67 -27.16 -7.98
C LEU A 31 -20.03 -26.03 -6.99
N THR A 32 -19.01 -25.39 -6.41
CA THR A 32 -19.21 -24.36 -5.39
C THR A 32 -18.47 -23.05 -5.66
N GLY A 33 -19.13 -21.92 -5.41
CA GLY A 33 -18.51 -20.63 -5.61
C GLY A 33 -18.49 -20.14 -7.06
N GLN A 34 -17.66 -19.13 -7.30
CA GLN A 34 -17.55 -18.50 -8.62
C GLN A 34 -17.03 -19.43 -9.70
N VAL A 35 -17.68 -19.39 -10.86
CA VAL A 35 -17.25 -20.19 -11.98
C VAL A 35 -16.12 -19.53 -12.74
N GLU A 36 -15.01 -20.26 -12.92
CA GLU A 36 -13.85 -19.77 -13.68
C GLU A 36 -13.08 -20.98 -14.22
N ASP A 37 -12.11 -20.74 -15.09
CA ASP A 37 -11.35 -21.81 -15.75
C ASP A 37 -10.79 -23.00 -14.99
N HIS A 38 -10.09 -22.74 -13.89
CA HIS A 38 -9.47 -23.84 -13.17
C HIS A 38 -10.45 -24.71 -12.38
N MET A 39 -11.41 -24.10 -11.69
CA MET A 39 -12.36 -24.93 -10.97
C MET A 39 -13.24 -25.68 -11.98
N ALA A 40 -13.49 -25.06 -13.13
CA ALA A 40 -14.34 -25.72 -14.15
C ALA A 40 -13.62 -26.92 -14.73
N ASN A 41 -12.31 -26.78 -14.90
CA ASN A 41 -11.50 -27.86 -15.44
C ASN A 41 -11.50 -29.06 -14.48
N LEU A 42 -11.53 -28.78 -13.17
CA LEU A 42 -11.56 -29.83 -12.16
C LEU A 42 -12.88 -30.61 -12.25
N ILE A 43 -13.97 -29.88 -12.49
CA ILE A 43 -15.28 -30.54 -12.63
C ILE A 43 -15.30 -31.41 -13.91
N VAL A 44 -14.76 -30.88 -15.03
CA VAL A 44 -14.72 -31.64 -16.30
C VAL A 44 -13.95 -32.94 -16.13
N ALA A 45 -12.80 -32.86 -15.45
CA ALA A 45 -11.95 -34.01 -15.18
C ALA A 45 -12.69 -35.07 -14.36
N GLN A 46 -13.44 -34.64 -13.34
CA GLN A 46 -14.18 -35.60 -12.52
C GLN A 46 -15.28 -36.32 -13.34
N MET A 47 -15.95 -35.57 -14.21
CA MET A 47 -17.00 -36.15 -15.06
C MET A 47 -16.42 -37.21 -15.99
N LEU A 48 -15.25 -36.91 -16.58
CA LEU A 48 -14.55 -37.82 -17.49
C LEU A 48 -14.03 -39.07 -16.77
N PHE A 49 -13.60 -38.90 -15.53
CA PHE A 49 -13.14 -40.03 -14.73
C PHE A 49 -14.34 -40.96 -14.42
N LEU A 50 -15.45 -40.39 -13.97
CA LEU A 50 -16.62 -41.20 -13.65
C LEU A 50 -17.21 -41.91 -14.89
N GLU A 51 -17.17 -41.28 -16.06
CA GLU A 51 -17.69 -41.93 -17.25
C GLU A 51 -16.78 -43.14 -17.58
N ALA A 52 -15.48 -42.97 -17.38
CA ALA A 52 -14.52 -44.04 -17.64
C ALA A 52 -14.71 -45.18 -16.64
N GLU A 53 -15.09 -44.85 -15.40
CA GLU A 53 -15.31 -45.87 -14.39
C GLU A 53 -16.57 -46.68 -14.67
N ASN A 54 -17.62 -46.01 -15.11
CA ASN A 54 -18.86 -46.68 -15.44
C ASN A 54 -19.71 -45.77 -16.33
N PRO A 55 -19.76 -46.07 -17.63
CA PRO A 55 -20.53 -45.27 -18.58
C PRO A 55 -22.06 -45.26 -18.48
N GLU A 56 -22.66 -46.15 -17.71
CA GLU A 56 -24.13 -46.17 -17.61
C GLU A 56 -24.77 -45.56 -16.36
N LYS A 57 -24.05 -45.53 -15.26
CA LYS A 57 -24.61 -45.00 -14.02
C LYS A 57 -24.65 -43.46 -13.95
N ASP A 58 -25.74 -42.95 -13.38
CA ASP A 58 -25.95 -41.50 -13.23
C ASP A 58 -24.84 -40.84 -12.40
N ILE A 59 -24.65 -39.53 -12.62
CA ILE A 59 -23.65 -38.72 -11.91
C ILE A 59 -24.46 -37.63 -11.19
N TYR A 60 -24.10 -37.29 -9.95
CA TYR A 60 -24.88 -36.25 -9.25
C TYR A 60 -24.04 -34.99 -9.06
N LEU A 61 -24.54 -33.86 -9.59
CA LEU A 61 -23.84 -32.59 -9.51
C LEU A 61 -24.56 -31.60 -8.59
N TYR A 62 -23.97 -31.34 -7.42
CA TYR A 62 -24.54 -30.39 -6.46
C TYR A 62 -24.05 -28.98 -6.84
N ILE A 63 -24.98 -28.03 -6.87
CA ILE A 63 -24.66 -26.66 -7.28
C ILE A 63 -25.05 -25.58 -6.27
N ASN A 64 -24.06 -24.76 -5.89
CA ASN A 64 -24.24 -23.61 -4.97
C ASN A 64 -23.25 -22.57 -5.52
N SER A 65 -23.73 -21.70 -6.41
CA SER A 65 -22.88 -20.73 -7.09
C SER A 65 -23.59 -19.45 -7.51
N PRO A 66 -22.87 -18.30 -7.45
CA PRO A 66 -23.39 -16.99 -7.82
C PRO A 66 -23.13 -16.77 -9.31
N GLY A 67 -22.50 -17.74 -9.96
CA GLY A 67 -22.22 -17.60 -11.38
C GLY A 67 -20.75 -17.35 -11.68
N GLY A 68 -20.47 -16.84 -12.87
CA GLY A 68 -19.10 -16.57 -13.27
C GLY A 68 -18.85 -16.41 -14.77
N VAL A 69 -17.67 -16.83 -15.21
CA VAL A 69 -17.27 -16.71 -16.62
C VAL A 69 -18.04 -17.64 -17.55
N ILE A 70 -18.61 -17.07 -18.59
CA ILE A 70 -19.41 -17.86 -19.53
C ILE A 70 -18.64 -18.95 -20.27
N THR A 71 -17.48 -18.66 -20.83
CA THR A 71 -16.75 -19.71 -21.56
C THR A 71 -16.37 -20.88 -20.62
N ALA A 72 -16.00 -20.57 -19.39
CA ALA A 72 -15.65 -21.61 -18.43
C ALA A 72 -16.90 -22.48 -18.15
N GLY A 73 -18.05 -21.84 -18.01
CA GLY A 73 -19.28 -22.59 -17.77
C GLY A 73 -19.67 -23.46 -18.96
N MET A 74 -19.42 -22.97 -20.18
CA MET A 74 -19.76 -23.75 -21.38
C MET A 74 -18.87 -24.98 -21.52
N SER A 75 -17.69 -24.96 -20.92
CA SER A 75 -16.83 -26.14 -20.99
C SER A 75 -17.52 -27.25 -20.18
N ILE A 76 -18.18 -26.89 -19.07
CA ILE A 76 -18.91 -27.86 -18.25
C ILE A 76 -20.21 -28.28 -18.96
N TYR A 77 -20.93 -27.31 -19.52
CA TYR A 77 -22.19 -27.61 -20.23
C TYR A 77 -21.97 -28.62 -21.36
N ASP A 78 -21.00 -28.37 -22.23
CA ASP A 78 -20.76 -29.28 -23.36
C ASP A 78 -20.30 -30.65 -22.90
N THR A 79 -19.49 -30.71 -21.83
CA THR A 79 -19.03 -32.00 -21.30
C THR A 79 -20.22 -32.81 -20.74
N MET A 80 -21.15 -32.12 -20.09
CA MET A 80 -22.33 -32.77 -19.53
C MET A 80 -23.14 -33.46 -20.65
N GLN A 81 -23.33 -32.77 -21.77
CA GLN A 81 -24.13 -33.34 -22.86
C GLN A 81 -23.38 -34.43 -23.64
N PHE A 82 -22.05 -34.28 -23.77
CA PHE A 82 -21.21 -35.21 -24.50
C PHE A 82 -21.07 -36.61 -23.89
N ILE A 83 -20.70 -36.68 -22.61
CA ILE A 83 -20.53 -37.98 -21.95
C ILE A 83 -21.80 -38.83 -21.96
N LYS A 84 -21.61 -40.15 -21.85
CA LYS A 84 -22.74 -41.08 -21.88
C LYS A 84 -23.67 -41.08 -20.66
N PRO A 85 -23.13 -41.02 -19.44
CA PRO A 85 -23.99 -41.02 -18.24
C PRO A 85 -24.93 -39.80 -18.17
N ASP A 86 -26.09 -39.95 -17.53
CA ASP A 86 -27.00 -38.82 -17.35
C ASP A 86 -26.39 -38.03 -16.18
N VAL A 87 -26.45 -36.70 -16.23
CA VAL A 87 -25.95 -35.88 -15.12
C VAL A 87 -27.17 -35.26 -14.42
N SER A 88 -27.48 -35.74 -13.22
CA SER A 88 -28.60 -35.21 -12.44
C SER A 88 -28.09 -33.94 -11.72
N THR A 89 -28.88 -32.86 -11.68
CA THR A 89 -28.44 -31.62 -11.01
C THR A 89 -29.26 -31.30 -9.75
N ILE A 90 -28.59 -30.78 -8.71
CA ILE A 90 -29.29 -30.49 -7.46
C ILE A 90 -28.81 -29.13 -6.92
N CYS A 91 -29.73 -28.17 -6.80
CA CYS A 91 -29.38 -26.84 -6.29
C CYS A 91 -29.55 -26.74 -4.77
N MET A 92 -28.50 -26.30 -4.07
CA MET A 92 -28.58 -26.08 -2.63
C MET A 92 -28.02 -24.66 -2.38
N GLY A 93 -28.70 -23.88 -1.55
CA GLY A 93 -28.25 -22.52 -1.31
C GLY A 93 -28.76 -21.63 -2.43
N GLN A 94 -27.99 -21.54 -3.52
CA GLN A 94 -28.42 -20.71 -4.65
C GLN A 94 -27.78 -21.16 -5.96
N ALA A 95 -28.44 -20.86 -7.07
CA ALA A 95 -27.89 -21.14 -8.37
C ALA A 95 -28.23 -19.88 -9.17
N ALA A 96 -27.25 -19.00 -9.34
CA ALA A 96 -27.48 -17.75 -10.07
C ALA A 96 -26.64 -17.62 -11.34
N SER A 97 -27.25 -16.97 -12.34
CA SER A 97 -26.63 -16.70 -13.64
C SER A 97 -26.07 -17.97 -14.26
N MET A 98 -24.75 -18.05 -14.50
CA MET A 98 -24.21 -19.31 -15.09
C MET A 98 -24.53 -20.54 -14.21
N GLY A 99 -24.73 -20.33 -12.90
CA GLY A 99 -25.07 -21.44 -12.02
C GLY A 99 -26.46 -21.98 -12.33
N ALA A 100 -27.40 -21.08 -12.61
CA ALA A 100 -28.78 -21.45 -12.95
C ALA A 100 -28.82 -22.14 -14.34
N PHE A 101 -27.96 -21.68 -15.26
CA PHE A 101 -27.89 -22.27 -16.60
C PHE A 101 -27.44 -23.74 -16.48
N LEU A 102 -26.42 -24.00 -15.64
CA LEU A 102 -25.96 -25.38 -15.49
C LEU A 102 -26.98 -26.27 -14.77
N LEU A 103 -27.74 -25.68 -13.85
CA LEU A 103 -28.78 -26.42 -13.14
C LEU A 103 -29.84 -26.91 -14.15
N THR A 104 -30.32 -26.00 -14.99
CA THR A 104 -31.34 -26.36 -15.97
C THR A 104 -30.84 -27.27 -17.09
N ALA A 105 -29.53 -27.37 -17.25
CA ALA A 105 -28.95 -28.22 -18.30
C ALA A 105 -28.87 -29.69 -17.93
N GLY A 106 -29.25 -30.04 -16.71
CA GLY A 106 -29.21 -31.44 -16.30
C GLY A 106 -30.20 -32.30 -17.07
N ALA A 107 -30.03 -33.62 -16.97
CA ALA A 107 -30.90 -34.59 -17.66
C ALA A 107 -32.37 -34.37 -17.33
N LYS A 108 -33.23 -34.38 -18.36
CA LYS A 108 -34.65 -34.18 -18.14
C LYS A 108 -35.23 -35.19 -17.16
N GLY A 109 -36.02 -34.69 -16.21
CA GLY A 109 -36.60 -35.53 -15.17
C GLY A 109 -35.71 -35.69 -13.95
N LYS A 110 -34.46 -35.28 -14.07
CA LYS A 110 -33.50 -35.42 -12.97
C LYS A 110 -32.85 -34.11 -12.48
N ARG A 111 -33.59 -33.00 -12.58
CA ARG A 111 -33.10 -31.68 -12.11
C ARG A 111 -33.91 -31.31 -10.87
N PHE A 112 -33.21 -31.03 -9.76
CA PHE A 112 -33.90 -30.72 -8.50
C PHE A 112 -33.48 -29.43 -7.77
N CYS A 113 -34.39 -28.91 -6.94
CA CYS A 113 -34.14 -27.75 -6.06
C CYS A 113 -34.47 -28.23 -4.63
N LEU A 114 -33.65 -27.87 -3.63
CA LEU A 114 -33.99 -28.21 -2.24
C LEU A 114 -35.03 -27.14 -1.91
N PRO A 115 -35.90 -27.38 -0.91
CA PRO A 115 -36.96 -26.42 -0.56
C PRO A 115 -36.68 -24.93 -0.40
N ASN A 116 -35.57 -24.57 0.24
CA ASN A 116 -35.30 -23.16 0.45
C ASN A 116 -34.23 -22.56 -0.45
N SER A 117 -33.90 -23.27 -1.53
CA SER A 117 -32.89 -22.77 -2.46
C SER A 117 -33.50 -21.60 -3.25
N ARG A 118 -32.64 -20.85 -3.91
CA ARG A 118 -33.05 -19.70 -4.68
C ARG A 118 -32.34 -19.68 -6.02
N VAL A 119 -33.05 -19.30 -7.07
CA VAL A 119 -32.44 -19.24 -8.40
C VAL A 119 -32.61 -17.82 -8.95
N MET A 120 -31.64 -17.36 -9.74
CA MET A 120 -31.76 -16.06 -10.37
C MET A 120 -31.21 -16.10 -11.79
N ILE A 121 -31.90 -15.45 -12.71
CA ILE A 121 -31.47 -15.45 -14.11
C ILE A 121 -31.37 -14.01 -14.61
N HIS A 122 -30.48 -13.78 -15.57
CA HIS A 122 -30.32 -12.45 -16.20
C HIS A 122 -29.56 -12.55 -17.53
N GLN A 123 -29.18 -11.44 -18.13
CA GLN A 123 -28.46 -11.51 -19.40
C GLN A 123 -26.92 -11.36 -19.20
N PRO A 124 -26.12 -11.65 -20.24
CA PRO A 124 -24.66 -11.55 -20.15
C PRO A 124 -24.12 -10.15 -19.82
N LEU A 125 -22.99 -10.14 -19.12
CA LEU A 125 -22.29 -8.92 -18.72
C LEU A 125 -20.93 -8.94 -19.41
N GLY A 126 -20.42 -7.75 -19.73
CA GLY A 126 -19.12 -7.68 -20.37
C GLY A 126 -18.51 -6.30 -20.33
N GLY A 127 -17.43 -6.12 -21.09
CA GLY A 127 -16.77 -4.84 -21.12
C GLY A 127 -15.53 -4.90 -21.98
N TYR A 128 -15.23 -3.80 -22.67
CA TYR A 128 -14.05 -3.73 -23.53
C TYR A 128 -13.51 -2.31 -23.53
N GLN A 129 -12.32 -2.15 -24.08
CA GLN A 129 -11.62 -0.87 -24.13
C GLN A 129 -10.73 -0.88 -25.38
N GLY A 130 -10.83 0.15 -26.23
CA GLY A 130 -10.00 0.20 -27.42
C GLY A 130 -10.52 1.08 -28.55
N GLN A 131 -10.03 0.86 -29.77
CA GLN A 131 -10.46 1.64 -30.94
C GLN A 131 -11.90 1.28 -31.32
N ALA A 132 -12.62 2.23 -31.90
CA ALA A 132 -14.00 2.00 -32.33
C ALA A 132 -14.15 0.73 -33.18
N THR A 133 -13.23 0.46 -34.11
CA THR A 133 -13.37 -0.74 -34.94
C THR A 133 -13.35 -2.04 -34.12
N ASP A 134 -12.48 -2.10 -33.11
CA ASP A 134 -12.39 -3.28 -32.25
C ASP A 134 -13.60 -3.36 -31.30
N ILE A 135 -14.15 -2.20 -30.93
CA ILE A 135 -15.31 -2.18 -30.06
C ILE A 135 -16.53 -2.81 -30.74
N GLU A 136 -16.69 -2.60 -32.05
CA GLU A 136 -17.84 -3.18 -32.76
C GLU A 136 -17.71 -4.70 -32.89
N ILE A 137 -16.48 -5.19 -33.06
CA ILE A 137 -16.23 -6.62 -33.18
C ILE A 137 -16.58 -7.34 -31.86
N HIS A 138 -16.25 -6.72 -30.73
CA HIS A 138 -16.53 -7.34 -29.44
C HIS A 138 -17.97 -7.18 -29.01
N ALA A 139 -18.60 -6.07 -29.38
CA ALA A 139 -20.00 -5.86 -29.04
C ALA A 139 -20.83 -6.87 -29.83
N ARG A 140 -20.50 -7.02 -31.11
CA ARG A 140 -21.21 -7.95 -31.97
C ARG A 140 -21.14 -9.39 -31.41
N GLU A 141 -19.97 -9.80 -30.94
CA GLU A 141 -19.83 -11.14 -30.37
C GLU A 141 -20.67 -11.35 -29.10
N ILE A 142 -20.65 -10.38 -28.17
CA ILE A 142 -21.45 -10.58 -26.95
C ILE A 142 -22.95 -10.63 -27.26
N LEU A 143 -23.37 -10.00 -28.35
CA LEU A 143 -24.79 -10.07 -28.71
C LEU A 143 -25.09 -11.49 -29.23
N LYS A 144 -24.13 -12.10 -29.92
CA LYS A 144 -24.31 -13.46 -30.43
C LYS A 144 -24.32 -14.47 -29.28
N VAL A 145 -23.47 -14.25 -28.27
CA VAL A 145 -23.42 -15.12 -27.09
C VAL A 145 -24.77 -15.01 -26.42
N LYS A 146 -25.27 -13.79 -26.30
CA LYS A 146 -26.58 -13.60 -25.68
C LYS A 146 -27.66 -14.39 -26.40
N GLY A 147 -27.72 -14.28 -27.72
CA GLY A 147 -28.74 -15.02 -28.47
C GLY A 147 -28.65 -16.53 -28.28
N ARG A 148 -27.44 -17.07 -28.27
CA ARG A 148 -27.24 -18.51 -28.11
C ARG A 148 -27.67 -18.98 -26.72
N MET A 149 -27.38 -18.19 -25.69
CA MET A 149 -27.77 -18.61 -24.34
C MET A 149 -29.29 -18.62 -24.17
N ASN A 150 -29.97 -17.64 -24.75
CA ASN A 150 -31.43 -17.59 -24.65
C ASN A 150 -32.08 -18.76 -25.40
N GLU A 151 -31.47 -19.16 -26.51
CA GLU A 151 -31.99 -20.30 -27.30
C GLU A 151 -31.86 -21.61 -26.54
N LEU A 152 -30.75 -21.77 -25.81
CA LEU A 152 -30.52 -23.00 -25.04
C LEU A 152 -31.42 -23.04 -23.81
N MET A 153 -31.66 -21.87 -23.19
CA MET A 153 -32.55 -21.79 -22.03
C MET A 153 -34.02 -22.12 -22.44
N ALA A 154 -34.41 -21.67 -23.63
CA ALA A 154 -35.77 -21.93 -24.11
C ALA A 154 -35.95 -23.43 -24.32
N LEU A 155 -34.95 -24.05 -24.92
CA LEU A 155 -34.95 -25.48 -25.18
C LEU A 155 -35.03 -26.33 -23.92
N HIS A 156 -34.27 -25.98 -22.87
CA HIS A 156 -34.30 -26.77 -21.65
C HIS A 156 -35.49 -26.58 -20.73
N THR A 157 -36.07 -25.38 -20.71
CA THR A 157 -37.22 -25.07 -19.87
C THR A 157 -38.56 -25.35 -20.54
N GLY A 158 -38.61 -25.18 -21.85
CA GLY A 158 -39.85 -25.41 -22.58
C GLY A 158 -40.59 -24.11 -22.79
N GLN A 159 -39.99 -22.99 -22.37
CA GLN A 159 -40.58 -21.67 -22.54
C GLN A 159 -40.25 -21.21 -23.96
N SER A 160 -41.04 -20.28 -24.50
CA SER A 160 -40.79 -19.75 -25.83
C SER A 160 -39.61 -18.80 -25.75
N LEU A 161 -38.89 -18.63 -26.87
CA LEU A 161 -37.73 -17.75 -26.91
C LEU A 161 -38.08 -16.30 -26.58
N GLU A 162 -39.32 -15.91 -26.90
CA GLU A 162 -39.81 -14.55 -26.63
C GLU A 162 -39.93 -14.29 -25.14
N GLN A 163 -40.44 -15.28 -24.42
CA GLN A 163 -40.64 -15.19 -22.98
C GLN A 163 -39.27 -15.16 -22.25
N ILE A 164 -38.34 -16.01 -22.67
CA ILE A 164 -37.01 -16.02 -22.05
C ILE A 164 -36.35 -14.66 -22.19
N GLU A 165 -36.47 -14.07 -23.39
CA GLU A 165 -35.88 -12.77 -23.68
C GLU A 165 -36.47 -11.70 -22.79
N ARG A 166 -37.78 -11.69 -22.62
CA ARG A 166 -38.40 -10.67 -21.77
C ARG A 166 -38.08 -10.85 -20.29
N ASP A 167 -37.97 -12.10 -19.84
CA ASP A 167 -37.71 -12.39 -18.42
C ASP A 167 -36.27 -12.21 -17.96
N THR A 168 -35.33 -12.14 -18.90
CA THR A 168 -33.92 -11.98 -18.55
C THR A 168 -33.31 -10.62 -18.88
N GLU A 169 -34.13 -9.63 -19.28
CA GLU A 169 -33.57 -8.31 -19.57
C GLU A 169 -33.00 -7.71 -18.27
N ARG A 170 -33.66 -7.98 -17.15
CA ARG A 170 -33.21 -7.53 -15.84
C ARG A 170 -33.19 -8.73 -14.89
N ASP A 171 -32.47 -8.62 -13.77
CA ASP A 171 -32.38 -9.70 -12.79
C ASP A 171 -33.79 -10.20 -12.38
N ARG A 172 -33.98 -11.52 -12.32
CA ARG A 172 -35.27 -12.10 -11.95
C ARG A 172 -35.07 -13.27 -10.98
N PHE A 173 -35.63 -13.17 -9.78
CA PHE A 173 -35.50 -14.21 -8.77
C PHE A 173 -36.65 -15.21 -8.76
N LEU A 174 -36.32 -16.48 -8.53
CA LEU A 174 -37.35 -17.54 -8.48
C LEU A 174 -37.19 -18.45 -7.26
N SER A 175 -38.26 -18.66 -6.52
CA SER A 175 -38.24 -19.57 -5.36
C SER A 175 -38.23 -20.98 -5.93
N ALA A 176 -38.01 -22.00 -5.09
CA ALA A 176 -37.99 -23.37 -5.57
C ALA A 176 -39.30 -23.75 -6.30
N PRO A 177 -40.47 -23.43 -5.70
CA PRO A 177 -41.78 -23.72 -6.30
C PRO A 177 -41.96 -22.98 -7.65
N GLU A 178 -41.45 -21.75 -7.75
CA GLU A 178 -41.56 -21.00 -9.00
C GLU A 178 -40.61 -21.58 -10.07
N ALA A 179 -39.48 -22.14 -9.64
CA ALA A 179 -38.54 -22.76 -10.58
C ALA A 179 -39.13 -24.03 -11.22
N VAL A 180 -39.94 -24.76 -10.47
CA VAL A 180 -40.57 -25.98 -11.00
C VAL A 180 -41.64 -25.54 -12.02
N GLU A 181 -42.44 -24.54 -11.66
CA GLU A 181 -43.48 -24.05 -12.57
C GLU A 181 -42.92 -23.45 -13.88
N TYR A 182 -41.74 -22.84 -13.80
CA TYR A 182 -41.11 -22.21 -14.96
C TYR A 182 -40.46 -23.23 -15.91
N GLY A 183 -40.18 -24.42 -15.39
CA GLY A 183 -39.53 -25.45 -16.18
C GLY A 183 -38.02 -25.50 -15.99
N LEU A 184 -37.48 -24.71 -15.05
CA LEU A 184 -36.02 -24.69 -14.80
C LEU A 184 -35.56 -26.02 -14.16
N VAL A 185 -36.37 -26.57 -13.25
CA VAL A 185 -36.06 -27.87 -12.64
C VAL A 185 -37.34 -28.71 -12.72
N ASP A 186 -37.21 -30.01 -12.46
CA ASP A 186 -38.36 -30.93 -12.55
C ASP A 186 -39.17 -31.08 -11.26
N SER A 187 -38.52 -31.01 -10.11
CA SER A 187 -39.22 -31.11 -8.84
C SER A 187 -38.37 -30.66 -7.66
N ILE A 188 -39.01 -30.64 -6.49
CA ILE A 188 -38.36 -30.25 -5.25
C ILE A 188 -38.00 -31.49 -4.42
N LEU A 189 -36.79 -31.51 -3.83
CA LEU A 189 -36.36 -32.60 -2.97
C LEU A 189 -36.60 -32.14 -1.54
N THR A 190 -37.40 -32.89 -0.79
CA THR A 190 -37.70 -32.52 0.60
C THR A 190 -37.08 -33.44 1.65
N HIS A 191 -37.46 -34.72 1.63
CA HIS A 191 -36.94 -35.71 2.58
C HIS A 191 -36.48 -36.98 1.86
N ARG A 192 -35.32 -37.49 2.25
CA ARG A 192 -34.75 -38.70 1.70
C ARG A 192 -35.77 -39.82 1.90
N ASN A 193 -36.15 -40.47 0.81
CA ASN A 193 -37.12 -41.55 0.87
C ASN A 193 -36.93 -42.48 -0.32
N LEU B 2 -6.20 -31.30 -8.62
CA LEU B 2 -5.00 -31.38 -7.73
C LEU B 2 -5.42 -31.50 -6.28
N VAL B 3 -6.69 -31.78 -6.05
CA VAL B 3 -7.22 -31.92 -4.70
C VAL B 3 -7.87 -33.29 -4.49
N PRO B 4 -8.77 -33.69 -5.41
CA PRO B 4 -9.44 -34.99 -5.27
C PRO B 4 -8.50 -36.18 -5.49
N MET B 5 -8.22 -36.91 -4.41
CA MET B 5 -7.34 -38.07 -4.46
C MET B 5 -8.15 -39.29 -4.88
N VAL B 6 -8.13 -39.59 -6.18
CA VAL B 6 -8.87 -40.72 -6.72
C VAL B 6 -8.17 -42.06 -6.54
N ILE B 7 -8.89 -43.02 -5.95
CA ILE B 7 -8.37 -44.37 -5.72
C ILE B 7 -9.54 -45.34 -5.64
N GLU B 8 -9.25 -46.62 -5.40
CA GLU B 8 -10.29 -47.63 -5.30
C GLU B 8 -10.82 -47.69 -3.88
N GLN B 9 -11.76 -48.60 -3.63
CA GLN B 9 -12.35 -48.76 -2.30
C GLN B 9 -11.40 -49.46 -1.34
N THR B 10 -10.11 -49.16 -1.47
CA THR B 10 -9.08 -49.75 -0.63
C THR B 10 -9.09 -51.28 -0.70
N SER B 11 -9.70 -51.81 -1.76
CA SER B 11 -9.79 -53.26 -1.94
C SER B 11 -8.51 -53.79 -2.60
N ARG B 12 -7.36 -53.41 -2.04
CA ARG B 12 -6.07 -53.84 -2.56
C ARG B 12 -5.91 -53.45 -4.04
N GLY B 13 -5.32 -52.29 -4.28
CA GLY B 13 -5.12 -51.82 -5.63
C GLY B 13 -3.71 -51.31 -5.86
N GLU B 14 -3.57 -49.99 -5.90
CA GLU B 14 -2.26 -49.37 -6.11
C GLU B 14 -2.11 -48.14 -5.23
N ARG B 15 -1.16 -47.27 -5.58
CA ARG B 15 -0.92 -46.05 -4.81
C ARG B 15 -2.04 -45.05 -5.04
N SER B 16 -1.93 -43.90 -4.38
CA SER B 16 -2.93 -42.85 -4.51
C SER B 16 -2.44 -41.79 -5.49
N PHE B 17 -3.36 -41.16 -6.21
CA PHE B 17 -3.01 -40.14 -7.19
C PHE B 17 -4.15 -39.16 -7.46
N ASP B 18 -3.78 -37.91 -7.75
CA ASP B 18 -4.76 -36.87 -8.02
C ASP B 18 -5.58 -37.17 -9.26
N ILE B 19 -6.63 -36.39 -9.48
CA ILE B 19 -7.51 -36.57 -10.63
C ILE B 19 -6.78 -36.45 -11.97
N TYR B 20 -5.88 -35.49 -12.07
CA TYR B 20 -5.13 -35.29 -13.31
C TYR B 20 -4.14 -36.42 -13.61
N SER B 21 -3.49 -36.95 -12.59
CA SER B 21 -2.55 -38.05 -12.81
C SER B 21 -3.32 -39.32 -13.24
N ARG B 22 -4.54 -39.48 -12.72
CA ARG B 22 -5.39 -40.63 -13.10
C ARG B 22 -5.81 -40.53 -14.58
N LEU B 23 -6.10 -39.32 -15.06
CA LEU B 23 -6.49 -39.17 -16.47
C LEU B 23 -5.28 -39.29 -17.40
N LEU B 24 -4.09 -39.05 -16.85
CA LEU B 24 -2.87 -39.17 -17.65
C LEU B 24 -2.66 -40.65 -18.05
N LYS B 25 -3.26 -41.58 -17.31
CA LYS B 25 -3.17 -43.01 -17.64
C LYS B 25 -4.08 -43.29 -18.82
N GLU B 26 -5.01 -42.37 -19.09
CA GLU B 26 -5.90 -42.51 -20.23
C GLU B 26 -5.25 -41.76 -21.41
N ARG B 27 -4.03 -41.28 -21.17
CA ARG B 27 -3.25 -40.50 -22.15
C ARG B 27 -3.84 -39.12 -22.43
N VAL B 28 -4.54 -38.57 -21.42
CA VAL B 28 -5.18 -37.26 -21.50
C VAL B 28 -4.38 -36.15 -20.78
N ILE B 29 -4.19 -35.02 -21.47
CA ILE B 29 -3.45 -33.87 -20.92
C ILE B 29 -4.31 -32.61 -21.04
N PHE B 30 -4.32 -31.78 -19.99
CA PHE B 30 -5.10 -30.55 -20.01
C PHE B 30 -4.25 -29.27 -20.16
N LEU B 31 -4.67 -28.37 -21.05
CA LEU B 31 -4.00 -27.08 -21.30
C LEU B 31 -5.06 -26.06 -20.87
N THR B 32 -4.87 -25.47 -19.68
CA THR B 32 -5.86 -24.56 -19.10
C THR B 32 -5.32 -23.20 -18.66
N GLY B 33 -6.06 -22.13 -18.95
CA GLY B 33 -5.64 -20.78 -18.57
C GLY B 33 -4.57 -20.16 -19.45
N GLN B 34 -3.97 -19.07 -18.98
CA GLN B 34 -2.94 -18.37 -19.76
C GLN B 34 -1.71 -19.22 -20.03
N VAL B 35 -1.19 -19.13 -21.24
CA VAL B 35 0.01 -19.88 -21.60
C VAL B 35 1.23 -19.10 -21.10
N GLU B 36 2.06 -19.79 -20.33
CA GLU B 36 3.26 -19.21 -19.71
C GLU B 36 4.34 -20.30 -19.54
N ASP B 37 5.59 -19.91 -19.33
CA ASP B 37 6.68 -20.88 -19.25
C ASP B 37 6.54 -22.15 -18.40
N HIS B 38 6.13 -21.99 -17.15
CA HIS B 38 6.01 -23.14 -16.28
C HIS B 38 4.84 -24.07 -16.56
N MET B 39 3.66 -23.55 -16.91
CA MET B 39 2.56 -24.45 -17.23
C MET B 39 2.87 -25.14 -18.57
N ALA B 40 3.64 -24.45 -19.43
CA ALA B 40 4.01 -25.01 -20.73
C ALA B 40 5.04 -26.12 -20.55
N ASN B 41 5.99 -25.91 -19.65
CA ASN B 41 7.00 -26.91 -19.41
C ASN B 41 6.35 -28.19 -18.85
N LEU B 42 5.27 -28.04 -18.09
CA LEU B 42 4.61 -29.19 -17.49
C LEU B 42 3.94 -30.01 -18.59
N ILE B 43 3.35 -29.31 -19.56
CA ILE B 43 2.71 -29.99 -20.68
C ILE B 43 3.75 -30.78 -21.52
N VAL B 44 4.92 -30.18 -21.72
CA VAL B 44 5.98 -30.83 -22.51
C VAL B 44 6.46 -32.11 -21.82
N ALA B 45 6.66 -32.04 -20.51
CA ALA B 45 7.09 -33.21 -19.73
C ALA B 45 6.09 -34.36 -19.80
N GLN B 46 4.80 -34.03 -19.85
CA GLN B 46 3.74 -35.05 -19.92
C GLN B 46 3.71 -35.71 -21.31
N MET B 47 4.01 -34.94 -22.35
CA MET B 47 4.05 -35.48 -23.71
C MET B 47 5.24 -36.44 -23.87
N LEU B 48 6.39 -36.03 -23.34
CA LEU B 48 7.59 -36.86 -23.41
C LEU B 48 7.40 -38.14 -22.61
N PHE B 49 6.69 -38.04 -21.48
CA PHE B 49 6.44 -39.22 -20.64
C PHE B 49 5.56 -40.23 -21.39
N LEU B 50 4.45 -39.76 -21.95
CA LEU B 50 3.55 -40.65 -22.68
C LEU B 50 4.20 -41.25 -23.93
N GLU B 51 5.12 -40.53 -24.57
CA GLU B 51 5.77 -41.08 -25.76
C GLU B 51 6.65 -42.25 -25.32
N ALA B 52 7.32 -42.09 -24.19
CA ALA B 52 8.19 -43.16 -23.69
C ALA B 52 7.35 -44.37 -23.25
N GLU B 53 6.20 -44.13 -22.64
CA GLU B 53 5.33 -45.21 -22.19
C GLU B 53 4.88 -46.07 -23.37
N ASN B 54 4.50 -45.41 -24.45
CA ASN B 54 4.04 -46.10 -25.66
C ASN B 54 4.07 -45.14 -26.85
N PRO B 55 5.06 -45.27 -27.74
CA PRO B 55 5.23 -44.42 -28.91
C PRO B 55 4.20 -44.51 -30.04
N GLU B 56 3.28 -45.47 -29.97
CA GLU B 56 2.26 -45.66 -31.02
C GLU B 56 0.85 -45.13 -30.76
N LYS B 57 0.42 -45.13 -29.50
CA LYS B 57 -0.94 -44.68 -29.18
C LYS B 57 -1.13 -43.17 -29.23
N ASP B 58 -2.31 -42.73 -29.65
CA ASP B 58 -2.64 -41.31 -29.75
C ASP B 58 -2.68 -40.67 -28.35
N ILE B 59 -2.38 -39.37 -28.29
CA ILE B 59 -2.39 -38.58 -27.06
C ILE B 59 -3.51 -37.54 -27.26
N TYR B 60 -4.24 -37.21 -26.20
CA TYR B 60 -5.32 -36.25 -26.31
C TYR B 60 -5.02 -34.99 -25.51
N LEU B 61 -5.14 -33.83 -26.16
CA LEU B 61 -4.86 -32.55 -25.53
C LEU B 61 -6.13 -31.70 -25.54
N TYR B 62 -6.72 -31.49 -24.36
CA TYR B 62 -7.91 -30.67 -24.20
C TYR B 62 -7.44 -29.22 -23.99
N ILE B 63 -8.05 -28.28 -24.70
CA ILE B 63 -7.66 -26.87 -24.63
C ILE B 63 -8.78 -25.91 -24.23
N ASN B 64 -8.53 -25.10 -23.20
CA ASN B 64 -9.47 -24.05 -22.74
C ASN B 64 -8.51 -22.94 -22.27
N SER B 65 -8.14 -22.04 -23.20
CA SER B 65 -7.18 -20.99 -22.92
C SER B 65 -7.45 -19.67 -23.67
N PRO B 66 -7.17 -18.52 -23.03
CA PRO B 66 -7.38 -17.21 -23.66
C PRO B 66 -6.14 -16.78 -24.45
N GLY B 67 -5.09 -17.59 -24.40
CA GLY B 67 -3.86 -17.25 -25.09
C GLY B 67 -2.68 -17.10 -24.12
N GLY B 68 -1.57 -16.52 -24.58
CA GLY B 68 -0.42 -16.36 -23.72
C GLY B 68 0.88 -16.02 -24.42
N VAL B 69 2.00 -16.30 -23.75
CA VAL B 69 3.35 -16.00 -24.27
C VAL B 69 3.73 -16.87 -25.48
N ILE B 70 4.13 -16.21 -26.58
CA ILE B 70 4.45 -16.95 -27.79
C ILE B 70 5.56 -17.99 -27.70
N THR B 71 6.72 -17.65 -27.15
CA THR B 71 7.79 -18.63 -27.03
C THR B 71 7.39 -19.83 -26.15
N ALA B 72 6.55 -19.63 -25.14
CA ALA B 72 6.15 -20.77 -24.32
C ALA B 72 5.24 -21.67 -25.16
N GLY B 73 4.35 -21.06 -25.95
CA GLY B 73 3.48 -21.87 -26.79
C GLY B 73 4.30 -22.62 -27.84
N MET B 74 5.36 -22.00 -28.36
CA MET B 74 6.16 -22.69 -29.37
C MET B 74 6.91 -23.91 -28.79
N SER B 75 7.23 -23.91 -27.51
CA SER B 75 7.89 -25.10 -26.95
C SER B 75 6.93 -26.29 -27.02
N ILE B 76 5.64 -26.02 -26.87
CA ILE B 76 4.59 -27.06 -26.93
C ILE B 76 4.38 -27.47 -28.40
N TYR B 77 4.22 -26.50 -29.29
CA TYR B 77 4.02 -26.80 -30.73
C TYR B 77 5.11 -27.74 -31.24
N ASP B 78 6.37 -27.37 -31.04
CA ASP B 78 7.49 -28.18 -31.51
C ASP B 78 7.54 -29.58 -30.89
N THR B 79 7.15 -29.71 -29.63
CA THR B 79 7.17 -31.03 -29.00
C THR B 79 6.09 -31.92 -29.64
N MET B 80 4.92 -31.34 -29.91
CA MET B 80 3.80 -32.04 -30.54
C MET B 80 4.21 -32.61 -31.90
N GLN B 81 4.93 -31.82 -32.70
CA GLN B 81 5.34 -32.29 -34.03
C GLN B 81 6.51 -33.28 -33.96
N PHE B 82 7.36 -33.15 -32.94
CA PHE B 82 8.52 -34.01 -32.79
C PHE B 82 8.31 -35.46 -32.30
N ILE B 83 7.45 -35.66 -31.29
CA ILE B 83 7.21 -37.00 -30.75
C ILE B 83 6.48 -37.90 -31.76
N LYS B 84 6.69 -39.22 -31.63
CA LYS B 84 6.09 -40.23 -32.52
C LYS B 84 4.57 -40.28 -32.57
N PRO B 85 3.90 -40.30 -31.40
CA PRO B 85 2.43 -40.36 -31.35
C PRO B 85 1.74 -39.15 -32.00
N ASP B 86 0.52 -39.36 -32.49
CA ASP B 86 -0.25 -38.27 -33.07
C ASP B 86 -0.86 -37.57 -31.85
N VAL B 87 -0.93 -36.25 -31.88
CA VAL B 87 -1.55 -35.53 -30.77
C VAL B 87 -2.91 -35.02 -31.25
N SER B 88 -3.98 -35.56 -30.69
CA SER B 88 -5.32 -35.15 -31.06
C SER B 88 -5.65 -33.94 -30.16
N THR B 89 -6.34 -32.93 -30.70
CA THR B 89 -6.69 -31.74 -29.91
C THR B 89 -8.21 -31.53 -29.82
N ILE B 90 -8.71 -31.08 -28.66
CA ILE B 90 -10.14 -30.85 -28.47
C ILE B 90 -10.36 -29.51 -27.79
N CYS B 91 -11.21 -28.68 -28.38
CA CYS B 91 -11.50 -27.36 -27.80
C CYS B 91 -12.78 -27.35 -26.96
N MET B 92 -12.63 -26.96 -25.69
CA MET B 92 -13.76 -26.85 -24.76
C MET B 92 -13.70 -25.44 -24.13
N GLY B 93 -14.81 -24.73 -24.16
CA GLY B 93 -14.80 -23.38 -23.62
C GLY B 93 -14.35 -22.43 -24.72
N GLN B 94 -13.05 -22.19 -24.80
CA GLN B 94 -12.50 -21.30 -25.83
C GLN B 94 -11.05 -21.62 -26.13
N ALA B 95 -10.61 -21.23 -27.31
CA ALA B 95 -9.22 -21.38 -27.71
C ALA B 95 -8.93 -20.07 -28.41
N ALA B 96 -8.21 -19.19 -27.71
CA ALA B 96 -7.88 -17.88 -28.26
C ALA B 96 -6.40 -17.64 -28.44
N SER B 97 -6.08 -16.91 -29.51
CA SER B 97 -4.70 -16.56 -29.81
C SER B 97 -3.78 -17.77 -29.80
N MET B 98 -2.74 -17.79 -28.98
CA MET B 98 -1.86 -18.97 -28.94
C MET B 98 -2.62 -20.28 -28.66
N GLY B 99 -3.81 -20.18 -28.08
CA GLY B 99 -4.60 -21.38 -27.80
C GLY B 99 -5.24 -21.91 -29.08
N ALA B 100 -5.65 -20.98 -29.94
CA ALA B 100 -6.24 -21.34 -31.24
C ALA B 100 -5.15 -21.95 -32.11
N PHE B 101 -3.95 -21.41 -32.02
CA PHE B 101 -2.80 -21.89 -32.78
C PHE B 101 -2.48 -23.35 -32.40
N LEU B 102 -2.42 -23.64 -31.10
CA LEU B 102 -2.12 -25.01 -30.68
C LEU B 102 -3.24 -25.98 -31.05
N LEU B 103 -4.49 -25.49 -31.11
CA LEU B 103 -5.63 -26.34 -31.48
C LEU B 103 -5.52 -26.79 -32.96
N THR B 104 -5.14 -25.86 -33.84
CA THR B 104 -5.04 -26.17 -35.27
C THR B 104 -3.81 -27.01 -35.61
N ALA B 105 -2.83 -26.98 -34.70
CA ALA B 105 -1.59 -27.73 -34.88
C ALA B 105 -1.70 -29.23 -34.58
N GLY B 106 -2.88 -29.69 -34.20
CA GLY B 106 -3.06 -31.12 -33.91
C GLY B 106 -3.00 -31.98 -35.17
N ALA B 107 -2.93 -33.29 -35.01
CA ALA B 107 -2.84 -34.22 -36.15
C ALA B 107 -4.02 -34.09 -37.11
N LYS B 108 -3.74 -34.08 -38.40
CA LYS B 108 -4.78 -33.95 -39.42
C LYS B 108 -5.86 -35.01 -39.27
N GLY B 109 -7.12 -34.56 -39.28
CA GLY B 109 -8.25 -35.45 -39.13
C GLY B 109 -8.56 -35.74 -37.68
N LYS B 110 -7.77 -35.20 -36.76
CA LYS B 110 -7.95 -35.45 -35.33
C LYS B 110 -8.05 -34.16 -34.48
N ARG B 111 -8.63 -33.11 -35.05
CA ARG B 111 -8.82 -31.81 -34.37
C ARG B 111 -10.32 -31.55 -34.23
N PHE B 112 -10.79 -31.36 -33.00
CA PHE B 112 -12.23 -31.12 -32.79
C PHE B 112 -12.62 -29.93 -31.91
N CYS B 113 -13.89 -29.54 -32.04
CA CYS B 113 -14.52 -28.49 -31.25
C CYS B 113 -15.79 -29.07 -30.64
N LEU B 114 -16.08 -28.74 -29.37
CA LEU B 114 -17.33 -29.17 -28.78
C LEU B 114 -18.32 -28.16 -29.38
N PRO B 115 -19.62 -28.49 -29.42
CA PRO B 115 -20.70 -27.65 -29.98
C PRO B 115 -20.80 -26.14 -29.66
N ASN B 116 -20.57 -25.75 -28.42
CA ASN B 116 -20.69 -24.34 -28.06
C ASN B 116 -19.34 -23.65 -27.79
N SER B 117 -18.27 -24.27 -28.27
CA SER B 117 -16.92 -23.73 -28.12
C SER B 117 -16.73 -22.55 -29.07
N ARG B 118 -15.77 -21.69 -28.77
CA ARG B 118 -15.49 -20.56 -29.65
C ARG B 118 -13.99 -20.41 -29.84
N VAL B 119 -13.59 -19.95 -31.02
CA VAL B 119 -12.18 -19.78 -31.35
C VAL B 119 -11.97 -18.30 -31.73
N MET B 120 -10.83 -17.72 -31.38
CA MET B 120 -10.58 -16.33 -31.74
C MET B 120 -9.16 -16.26 -32.26
N ILE B 121 -8.96 -15.55 -33.38
CA ILE B 121 -7.62 -15.43 -33.94
C ILE B 121 -7.20 -13.97 -34.10
N HIS B 122 -5.90 -13.69 -34.02
CA HIS B 122 -5.38 -12.33 -34.20
C HIS B 122 -3.86 -12.34 -34.43
N GLN B 123 -3.23 -11.17 -34.41
CA GLN B 123 -1.78 -11.07 -34.62
C GLN B 123 -1.01 -10.88 -33.30
N PRO B 124 0.33 -11.07 -33.31
CA PRO B 124 1.22 -10.94 -32.13
C PRO B 124 1.16 -9.58 -31.42
N LEU B 125 1.31 -9.62 -30.09
CA LEU B 125 1.30 -8.44 -29.24
C LEU B 125 2.68 -8.29 -28.60
N GLY B 126 3.15 -7.06 -28.42
CA GLY B 126 4.45 -6.87 -27.80
C GLY B 126 4.73 -5.47 -27.29
N GLY B 127 6.00 -5.20 -27.00
CA GLY B 127 6.38 -3.89 -26.50
C GLY B 127 7.82 -3.81 -26.01
N TYR B 128 8.45 -2.66 -26.21
CA TYR B 128 9.83 -2.45 -25.77
C TYR B 128 10.01 -0.99 -25.36
N GLN B 129 11.11 -0.71 -24.66
CA GLN B 129 11.45 0.63 -24.20
C GLN B 129 12.96 0.74 -24.18
N GLY B 130 13.49 1.81 -24.76
CA GLY B 130 14.94 2.00 -24.80
C GLY B 130 15.42 2.92 -25.93
N GLN B 131 16.70 2.80 -26.29
CA GLN B 131 17.29 3.62 -27.37
C GLN B 131 16.72 3.24 -28.73
N ALA B 132 16.63 4.22 -29.64
CA ALA B 132 16.10 3.96 -30.98
C ALA B 132 16.73 2.74 -31.69
N THR B 133 18.05 2.62 -31.63
CA THR B 133 18.74 1.50 -32.26
C THR B 133 18.23 0.13 -31.76
N ASP B 134 17.96 0.01 -30.46
CA ASP B 134 17.45 -1.25 -29.89
C ASP B 134 15.98 -1.45 -30.19
N ILE B 135 15.23 -0.35 -30.26
CA ILE B 135 13.82 -0.45 -30.59
C ILE B 135 13.69 -1.07 -31.98
N GLU B 136 14.63 -0.70 -32.85
CA GLU B 136 14.65 -1.22 -34.22
C GLU B 136 14.93 -2.72 -34.26
N ILE B 137 15.91 -3.16 -33.50
CA ILE B 137 16.27 -4.58 -33.44
C ILE B 137 15.06 -5.40 -32.96
N HIS B 138 14.37 -4.91 -31.93
CA HIS B 138 13.24 -5.67 -31.40
C HIS B 138 11.99 -5.59 -32.26
N ALA B 139 11.78 -4.47 -32.96
CA ALA B 139 10.63 -4.35 -33.85
C ALA B 139 10.81 -5.28 -35.05
N ARG B 140 12.05 -5.39 -35.53
CA ARG B 140 12.33 -6.26 -36.67
C ARG B 140 12.05 -7.70 -36.28
N GLU B 141 12.42 -8.07 -35.05
CA GLU B 141 12.20 -9.45 -34.61
C GLU B 141 10.72 -9.81 -34.51
N ILE B 142 9.87 -8.93 -33.96
CA ILE B 142 8.44 -9.30 -33.85
C ILE B 142 7.77 -9.43 -35.22
N LEU B 143 8.32 -8.75 -36.23
CA LEU B 143 7.78 -8.85 -37.58
C LEU B 143 8.11 -10.23 -38.17
N LYS B 144 9.29 -10.75 -37.86
CA LYS B 144 9.69 -12.11 -38.30
C LYS B 144 8.79 -13.14 -37.61
N VAL B 145 8.64 -12.99 -36.29
CA VAL B 145 7.78 -13.90 -35.53
C VAL B 145 6.38 -13.95 -36.14
N LYS B 146 5.83 -12.77 -36.43
CA LYS B 146 4.51 -12.66 -37.03
C LYS B 146 4.45 -13.38 -38.39
N GLY B 147 5.52 -13.24 -39.17
CA GLY B 147 5.56 -13.86 -40.49
C GLY B 147 5.55 -15.38 -40.40
N ARG B 148 6.35 -15.93 -39.49
CA ARG B 148 6.43 -17.38 -39.32
C ARG B 148 5.10 -17.94 -38.79
N MET B 149 4.46 -17.22 -37.88
CA MET B 149 3.20 -17.69 -37.33
C MET B 149 2.14 -17.76 -38.42
N ASN B 150 2.10 -16.77 -39.31
CA ASN B 150 1.10 -16.76 -40.38
C ASN B 150 1.36 -17.93 -41.35
N GLU B 151 2.64 -18.20 -41.60
CA GLU B 151 3.04 -19.30 -42.48
C GLU B 151 2.63 -20.68 -41.93
N LEU B 152 2.73 -20.87 -40.62
CA LEU B 152 2.33 -22.15 -40.03
C LEU B 152 0.80 -22.28 -40.01
N MET B 153 0.10 -21.19 -39.74
CA MET B 153 -1.35 -21.24 -39.74
C MET B 153 -1.91 -21.60 -41.13
N ALA B 154 -1.31 -21.06 -42.19
CA ALA B 154 -1.78 -21.34 -43.56
C ALA B 154 -1.61 -22.83 -43.86
N LEU B 155 -0.43 -23.36 -43.50
CA LEU B 155 -0.08 -24.76 -43.68
C LEU B 155 -1.04 -25.73 -42.98
N HIS B 156 -1.43 -25.42 -41.74
CA HIS B 156 -2.36 -26.28 -41.00
C HIS B 156 -3.83 -26.14 -41.37
N THR B 157 -4.25 -24.96 -41.82
CA THR B 157 -5.66 -24.75 -42.20
C THR B 157 -5.95 -25.02 -43.70
N GLY B 158 -4.90 -25.03 -44.53
CA GLY B 158 -5.10 -25.24 -45.96
C GLY B 158 -5.47 -23.92 -46.63
N GLN B 159 -5.47 -22.86 -45.84
CA GLN B 159 -5.80 -21.52 -46.34
C GLN B 159 -4.55 -20.89 -46.97
N SER B 160 -4.73 -19.87 -47.80
CA SER B 160 -3.59 -19.21 -48.41
C SER B 160 -3.01 -18.21 -47.42
N LEU B 161 -1.70 -18.02 -47.48
CA LEU B 161 -1.02 -17.09 -46.60
C LEU B 161 -1.73 -15.73 -46.64
N GLU B 162 -2.09 -15.31 -47.86
CA GLU B 162 -2.76 -14.03 -48.06
C GLU B 162 -4.06 -13.91 -47.27
N GLN B 163 -4.84 -14.99 -47.26
CA GLN B 163 -6.11 -15.00 -46.53
C GLN B 163 -5.85 -14.94 -45.02
N ILE B 164 -4.82 -15.67 -44.56
CA ILE B 164 -4.50 -15.68 -43.14
C ILE B 164 -4.06 -14.28 -42.68
N GLU B 165 -3.13 -13.68 -43.43
CA GLU B 165 -2.65 -12.34 -43.10
C GLU B 165 -3.85 -11.40 -43.01
N ARG B 166 -4.71 -11.49 -44.01
CA ARG B 166 -5.90 -10.66 -44.08
C ARG B 166 -6.86 -10.82 -42.90
N ASP B 167 -7.09 -12.05 -42.45
CA ASP B 167 -8.03 -12.29 -41.36
C ASP B 167 -7.48 -12.16 -39.93
N THR B 168 -6.19 -11.96 -39.77
CA THR B 168 -5.62 -11.83 -38.42
C THR B 168 -5.18 -10.41 -38.06
N GLU B 169 -5.47 -9.44 -38.91
CA GLU B 169 -5.09 -8.05 -38.61
C GLU B 169 -5.79 -7.56 -37.34
N ARG B 170 -7.08 -7.88 -37.22
CA ARG B 170 -7.86 -7.52 -36.06
C ARG B 170 -8.51 -8.79 -35.53
N ASP B 171 -8.96 -8.78 -34.27
CA ASP B 171 -9.56 -9.97 -33.68
C ASP B 171 -10.72 -10.48 -34.55
N ARG B 172 -10.83 -11.81 -34.65
CA ARG B 172 -11.87 -12.46 -35.46
C ARG B 172 -12.37 -13.72 -34.72
N PHE B 173 -13.66 -13.74 -34.40
CA PHE B 173 -14.28 -14.86 -33.71
C PHE B 173 -14.93 -15.86 -34.65
N LEU B 174 -14.84 -17.15 -34.32
CA LEU B 174 -15.46 -18.20 -35.13
C LEU B 174 -16.21 -19.22 -34.24
N SER B 175 -17.45 -19.52 -34.59
CA SER B 175 -18.21 -20.50 -33.83
C SER B 175 -17.68 -21.88 -34.26
N ALA B 176 -18.16 -22.95 -33.62
CA ALA B 176 -17.72 -24.31 -33.94
C ALA B 176 -17.89 -24.64 -35.44
N PRO B 177 -19.07 -24.37 -36.03
CA PRO B 177 -19.32 -24.66 -37.45
C PRO B 177 -18.38 -23.86 -38.35
N GLU B 178 -18.24 -22.56 -38.07
CA GLU B 178 -17.34 -21.71 -38.86
C GLU B 178 -15.88 -22.18 -38.76
N ALA B 179 -15.49 -22.77 -37.63
CA ALA B 179 -14.11 -23.24 -37.52
C ALA B 179 -13.86 -24.47 -38.42
N VAL B 180 -14.89 -25.27 -38.62
CA VAL B 180 -14.76 -26.44 -39.49
C VAL B 180 -14.59 -25.96 -40.93
N GLU B 181 -15.39 -24.98 -41.31
CA GLU B 181 -15.33 -24.41 -42.68
C GLU B 181 -14.00 -23.76 -42.95
N TYR B 182 -13.46 -23.08 -41.94
CA TYR B 182 -12.19 -22.38 -42.10
C TYR B 182 -10.97 -23.30 -42.17
N GLY B 183 -11.10 -24.53 -41.69
CA GLY B 183 -9.96 -25.44 -41.69
C GLY B 183 -9.15 -25.43 -40.39
N LEU B 184 -9.67 -24.79 -39.34
CA LEU B 184 -8.99 -24.74 -38.04
C LEU B 184 -9.17 -26.09 -37.33
N VAL B 185 -10.36 -26.67 -37.45
CA VAL B 185 -10.62 -28.01 -36.88
C VAL B 185 -11.23 -28.92 -37.97
N ASP B 186 -11.21 -30.23 -37.73
CA ASP B 186 -11.77 -31.19 -38.68
C ASP B 186 -13.26 -31.45 -38.56
N SER B 187 -13.78 -31.41 -37.33
CA SER B 187 -15.20 -31.64 -37.11
C SER B 187 -15.61 -31.33 -35.67
N ILE B 188 -16.91 -31.38 -35.42
CA ILE B 188 -17.49 -31.10 -34.12
C ILE B 188 -17.90 -32.37 -33.38
N LEU B 189 -17.56 -32.47 -32.08
CA LEU B 189 -17.95 -33.61 -31.26
C LEU B 189 -19.25 -33.24 -30.55
N THR B 190 -20.25 -34.11 -30.61
CA THR B 190 -21.53 -33.81 -29.97
C THR B 190 -21.92 -34.77 -28.84
N HIS B 191 -21.95 -36.06 -29.15
CA HIS B 191 -22.29 -37.10 -28.17
C HIS B 191 -21.29 -38.25 -28.29
N ARG B 192 -20.86 -38.76 -27.14
CA ARG B 192 -19.88 -39.84 -27.05
C ARG B 192 -19.83 -40.83 -28.21
N ASN B 193 -18.83 -40.63 -29.06
CA ASN B 193 -18.57 -41.45 -30.23
C ASN B 193 -17.11 -41.19 -30.59
N MET C 5 2.60 -25.05 2.63
CA MET C 5 2.78 -23.61 2.27
C MET C 5 3.35 -23.47 0.87
N VAL C 6 4.40 -24.23 0.59
CA VAL C 6 5.04 -24.19 -0.72
C VAL C 6 4.48 -25.30 -1.60
N ILE C 7 4.06 -26.40 -0.98
CA ILE C 7 3.51 -27.53 -1.71
C ILE C 7 2.22 -27.14 -2.43
N GLU C 8 2.28 -27.10 -3.76
CA GLU C 8 1.13 -26.74 -4.57
C GLU C 8 1.41 -27.00 -6.06
N GLN C 9 0.37 -26.89 -6.87
CA GLN C 9 0.49 -27.10 -8.31
C GLN C 9 1.16 -28.44 -8.63
N THR C 10 2.44 -28.38 -8.99
CA THR C 10 3.20 -29.59 -9.31
C THR C 10 3.20 -30.58 -8.16
N SER C 11 2.29 -31.56 -8.24
CA SER C 11 2.18 -32.58 -7.21
C SER C 11 1.18 -33.65 -7.62
N ARG C 12 1.67 -34.73 -8.21
CA ARG C 12 0.81 -35.82 -8.65
C ARG C 12 1.31 -37.17 -8.17
N GLY C 13 0.89 -37.57 -6.98
CA GLY C 13 1.31 -38.84 -6.42
C GLY C 13 1.69 -38.70 -4.96
N GLU C 14 0.72 -38.87 -4.07
CA GLU C 14 0.94 -38.76 -2.63
C GLU C 14 1.41 -37.35 -2.27
N ARG C 15 1.09 -36.39 -3.13
CA ARG C 15 1.46 -35.00 -2.90
C ARG C 15 2.96 -34.85 -2.69
N SER C 16 3.74 -35.51 -3.54
CA SER C 16 5.20 -35.44 -3.45
C SER C 16 5.85 -35.81 -4.78
N PHE C 17 5.50 -36.98 -5.29
CA PHE C 17 6.05 -37.46 -6.56
C PHE C 17 5.36 -36.73 -7.70
N ASP C 18 6.17 -36.15 -8.60
CA ASP C 18 5.63 -35.41 -9.73
C ASP C 18 6.14 -35.93 -11.07
N ILE C 19 5.80 -35.22 -12.14
CA ILE C 19 6.21 -35.61 -13.49
C ILE C 19 7.72 -35.43 -13.69
N TYR C 20 8.28 -34.39 -13.10
CA TYR C 20 9.72 -34.13 -13.21
C TYR C 20 10.60 -35.19 -12.56
N SER C 21 10.10 -35.80 -11.50
CA SER C 21 10.87 -36.84 -10.82
C SER C 21 10.88 -38.05 -11.75
N ARG C 22 9.75 -38.29 -12.40
CA ARG C 22 9.60 -39.39 -13.35
C ARG C 22 10.66 -39.30 -14.45
N LEU C 23 10.77 -38.14 -15.09
CA LEU C 23 11.73 -37.94 -16.17
C LEU C 23 13.19 -37.97 -15.70
N LEU C 24 13.42 -37.61 -14.44
CA LEU C 24 14.79 -37.63 -13.92
C LEU C 24 15.34 -39.05 -13.86
N LYS C 25 14.45 -40.03 -13.67
CA LYS C 25 14.89 -41.42 -13.61
C LYS C 25 15.45 -41.75 -14.99
N GLU C 26 14.99 -41.04 -16.01
CA GLU C 26 15.43 -41.26 -17.38
C GLU C 26 16.57 -40.31 -17.79
N ARG C 27 17.21 -39.69 -16.80
CA ARG C 27 18.32 -38.80 -17.02
C ARG C 27 18.00 -37.42 -17.66
N VAL C 28 16.76 -36.94 -17.53
CA VAL C 28 16.38 -35.65 -18.11
C VAL C 28 16.22 -34.54 -17.03
N ILE C 29 16.84 -33.38 -17.27
CA ILE C 29 16.78 -32.24 -16.35
C ILE C 29 16.20 -31.03 -17.09
N PHE C 30 15.32 -30.25 -16.44
CA PHE C 30 14.74 -29.05 -17.07
C PHE C 30 15.25 -27.73 -16.46
N LEU C 31 15.71 -26.80 -17.30
CA LEU C 31 16.15 -25.48 -16.86
C LEU C 31 15.08 -24.55 -17.47
N THR C 32 14.20 -24.03 -16.62
CA THR C 32 13.07 -23.22 -17.09
C THR C 32 12.94 -21.88 -16.34
N GLY C 33 12.65 -20.79 -17.05
CA GLY C 33 12.48 -19.50 -16.39
C GLY C 33 13.78 -18.77 -16.11
N GLN C 34 13.72 -17.70 -15.32
CA GLN C 34 14.96 -16.95 -15.05
C GLN C 34 15.95 -17.68 -14.18
N VAL C 35 17.23 -17.48 -14.50
CA VAL C 35 18.32 -18.11 -13.78
C VAL C 35 18.65 -17.34 -12.52
N GLU C 36 18.62 -18.05 -11.39
CA GLU C 36 18.95 -17.48 -10.10
C GLU C 36 19.51 -18.56 -9.18
N ASP C 37 20.09 -18.14 -8.06
CA ASP C 37 20.73 -19.01 -7.09
C ASP C 37 20.06 -20.32 -6.68
N HIS C 38 18.78 -20.26 -6.31
CA HIS C 38 18.08 -21.45 -5.85
C HIS C 38 17.69 -22.44 -6.96
N MET C 39 17.21 -21.95 -8.10
CA MET C 39 16.86 -22.87 -9.19
C MET C 39 18.15 -23.48 -9.77
N ALA C 40 19.24 -22.71 -9.70
CA ALA C 40 20.53 -23.16 -10.21
C ALA C 40 21.13 -24.27 -9.34
N ASN C 41 21.00 -24.11 -8.03
CA ASN C 41 21.53 -25.10 -7.10
C ASN C 41 20.76 -26.41 -7.29
N LEU C 42 19.46 -26.30 -7.58
CA LEU C 42 18.65 -27.49 -7.81
C LEU C 42 19.16 -28.26 -9.03
N ILE C 43 19.52 -27.54 -10.09
CA ILE C 43 20.04 -28.17 -11.30
C ILE C 43 21.42 -28.81 -11.04
N VAL C 44 22.25 -28.14 -10.25
CA VAL C 44 23.56 -28.69 -9.92
C VAL C 44 23.40 -30.00 -9.14
N ALA C 45 22.52 -29.98 -8.13
CA ALA C 45 22.27 -31.18 -7.32
C ALA C 45 21.84 -32.35 -8.19
N GLN C 46 20.96 -32.09 -9.15
CA GLN C 46 20.49 -33.14 -10.06
C GLN C 46 21.60 -33.72 -10.92
N MET C 47 22.58 -32.88 -11.32
CA MET C 47 23.70 -33.35 -12.15
C MET C 47 24.66 -34.25 -11.33
N LEU C 48 24.96 -33.82 -10.10
CA LEU C 48 25.83 -34.59 -9.23
C LEU C 48 25.17 -35.93 -8.92
N PHE C 49 23.85 -35.91 -8.76
CA PHE C 49 23.13 -37.14 -8.48
C PHE C 49 23.23 -38.12 -9.64
N LEU C 50 22.86 -37.67 -10.83
CA LEU C 50 22.92 -38.54 -12.00
C LEU C 50 24.32 -39.11 -12.24
N GLU C 51 25.34 -38.28 -12.06
CA GLU C 51 26.71 -38.74 -12.26
C GLU C 51 27.00 -39.92 -11.33
N ALA C 52 26.50 -39.82 -10.10
CA ALA C 52 26.67 -40.87 -9.10
C ALA C 52 25.92 -42.15 -9.45
N GLU C 53 24.73 -42.02 -10.03
CA GLU C 53 23.96 -43.19 -10.42
C GLU C 53 24.62 -43.94 -11.58
N ASN C 54 25.38 -43.21 -12.39
CA ASN C 54 26.09 -43.78 -13.54
C ASN C 54 26.91 -42.71 -14.25
N PRO C 55 28.24 -42.72 -14.04
CA PRO C 55 29.18 -41.76 -14.63
C PRO C 55 29.47 -41.89 -16.12
N GLU C 56 28.85 -42.85 -16.79
CA GLU C 56 29.10 -43.06 -18.21
C GLU C 56 27.97 -42.66 -19.17
N LYS C 57 26.73 -42.69 -18.69
CA LYS C 57 25.60 -42.35 -19.54
C LYS C 57 25.38 -40.85 -19.71
N ASP C 58 24.90 -40.44 -20.88
CA ASP C 58 24.65 -39.03 -21.16
C ASP C 58 23.54 -38.48 -20.25
N ILE C 59 23.51 -37.15 -20.12
CA ILE C 59 22.51 -36.44 -19.35
C ILE C 59 21.94 -35.42 -20.33
N TYR C 60 20.62 -35.24 -20.32
CA TYR C 60 19.98 -34.31 -21.23
C TYR C 60 19.41 -33.10 -20.46
N LEU C 61 19.83 -31.89 -20.86
CA LEU C 61 19.35 -30.67 -20.23
C LEU C 61 18.46 -29.89 -21.20
N TYR C 62 17.18 -29.79 -20.88
CA TYR C 62 16.26 -29.02 -21.72
C TYR C 62 16.36 -27.59 -21.20
N ILE C 63 16.39 -26.64 -22.14
CA ILE C 63 16.50 -25.22 -21.79
C ILE C 63 15.42 -24.35 -22.46
N ASN C 64 14.72 -23.58 -21.63
CA ASN C 64 13.71 -22.61 -22.09
C ASN C 64 13.85 -21.48 -21.06
N SER C 65 14.73 -20.53 -21.34
CA SER C 65 15.03 -19.45 -20.39
C SER C 65 15.38 -18.11 -21.00
N PRO C 66 15.03 -17.00 -20.31
CA PRO C 66 15.30 -15.62 -20.74
C PRO C 66 16.65 -15.16 -20.19
N GLY C 67 17.28 -16.01 -19.42
CA GLY C 67 18.56 -15.63 -18.85
C GLY C 67 18.44 -15.36 -17.37
N GLY C 68 19.39 -14.61 -16.81
CA GLY C 68 19.37 -14.30 -15.40
C GLY C 68 20.72 -13.92 -14.82
N VAL C 69 20.91 -14.21 -13.54
CA VAL C 69 22.13 -13.89 -12.79
C VAL C 69 23.37 -14.66 -13.29
N ILE C 70 24.42 -13.93 -13.67
CA ILE C 70 25.63 -14.57 -14.20
C ILE C 70 26.37 -15.55 -13.27
N THR C 71 26.62 -15.19 -12.01
CA THR C 71 27.30 -16.11 -11.11
C THR C 71 26.52 -17.41 -10.91
N ALA C 72 25.19 -17.32 -10.87
CA ALA C 72 24.39 -18.53 -10.70
C ALA C 72 24.49 -19.42 -11.94
N GLY C 73 24.51 -18.82 -13.13
CA GLY C 73 24.63 -19.62 -14.34
C GLY C 73 26.00 -20.26 -14.46
N MET C 74 27.03 -19.60 -13.93
CA MET C 74 28.38 -20.14 -14.01
C MET C 74 28.54 -21.34 -13.07
N SER C 75 27.62 -21.50 -12.11
CA SER C 75 27.71 -22.64 -11.21
C SER C 75 27.28 -23.87 -12.00
N ILE C 76 26.33 -23.69 -12.91
CA ILE C 76 25.84 -24.77 -13.76
C ILE C 76 26.90 -25.08 -14.84
N TYR C 77 27.45 -24.04 -15.47
CA TYR C 77 28.49 -24.21 -16.50
C TYR C 77 29.65 -25.07 -15.98
N ASP C 78 30.27 -24.62 -14.89
CA ASP C 78 31.40 -25.34 -14.29
C ASP C 78 31.08 -26.77 -13.89
N THR C 79 29.85 -27.02 -13.44
CA THR C 79 29.46 -28.35 -13.04
C THR C 79 29.30 -29.22 -14.27
N MET C 80 28.76 -28.65 -15.35
CA MET C 80 28.61 -29.38 -16.59
C MET C 80 29.99 -29.83 -17.08
N GLN C 81 30.96 -28.94 -16.97
CA GLN C 81 32.31 -29.23 -17.43
C GLN C 81 33.07 -30.18 -16.52
N PHE C 82 32.78 -30.13 -15.23
CA PHE C 82 33.47 -30.96 -14.23
C PHE C 82 33.12 -32.45 -14.21
N ILE C 83 31.83 -32.76 -14.30
CA ILE C 83 31.40 -34.17 -14.23
C ILE C 83 31.80 -35.03 -15.42
N LYS C 84 31.79 -36.35 -15.20
CA LYS C 84 32.18 -37.33 -16.22
C LYS C 84 31.24 -37.51 -17.41
N PRO C 85 29.93 -37.65 -17.16
CA PRO C 85 29.10 -37.82 -18.37
C PRO C 85 29.03 -36.59 -19.26
N ASP C 86 28.61 -36.81 -20.51
CA ASP C 86 28.45 -35.72 -21.46
C ASP C 86 27.06 -35.14 -21.17
N VAL C 87 26.94 -33.82 -21.28
CA VAL C 87 25.65 -33.17 -21.07
C VAL C 87 25.13 -32.67 -22.42
N SER C 88 24.08 -33.29 -22.92
CA SER C 88 23.47 -32.89 -24.19
C SER C 88 22.47 -31.76 -23.88
N THR C 89 22.52 -30.68 -24.66
CA THR C 89 21.62 -29.53 -24.45
C THR C 89 20.59 -29.44 -25.58
N ILE C 90 19.35 -29.13 -25.23
CA ILE C 90 18.27 -29.01 -26.20
C ILE C 90 17.47 -27.73 -25.98
N CYS C 91 17.38 -26.87 -26.99
CA CYS C 91 16.63 -25.62 -26.86
C CYS C 91 15.17 -25.72 -27.31
N MET C 92 14.25 -25.34 -26.43
CA MET C 92 12.85 -25.32 -26.80
C MET C 92 12.27 -23.96 -26.38
N GLY C 93 11.50 -23.33 -27.25
CA GLY C 93 10.93 -22.03 -26.94
C GLY C 93 11.96 -20.94 -27.16
N GLN C 94 12.81 -20.70 -26.15
CA GLN C 94 13.84 -19.69 -26.28
C GLN C 94 15.04 -19.97 -25.37
N ALA C 95 16.21 -19.48 -25.80
CA ALA C 95 17.46 -19.57 -25.05
C ALA C 95 18.12 -18.21 -25.22
N ALA C 96 17.92 -17.32 -24.25
CA ALA C 96 18.47 -15.97 -24.30
C ALA C 96 19.47 -15.65 -23.19
N SER C 97 20.48 -14.84 -23.54
CA SER C 97 21.51 -14.42 -22.60
C SER C 97 22.17 -15.62 -21.92
N MET C 98 22.19 -15.65 -20.59
CA MET C 98 22.81 -16.77 -19.88
C MET C 98 22.25 -18.12 -20.34
N GLY C 99 21.03 -18.10 -20.88
CA GLY C 99 20.40 -19.31 -21.37
C GLY C 99 21.03 -19.80 -22.68
N ALA C 100 21.39 -18.86 -23.56
CA ALA C 100 22.03 -19.20 -24.84
C ALA C 100 23.46 -19.65 -24.53
N PHE C 101 24.07 -19.06 -23.51
CA PHE C 101 25.43 -19.43 -23.12
C PHE C 101 25.47 -20.91 -22.67
N LEU C 102 24.55 -21.31 -21.80
CA LEU C 102 24.54 -22.68 -21.29
C LEU C 102 24.20 -23.67 -22.42
N LEU C 103 23.37 -23.26 -23.37
CA LEU C 103 23.02 -24.14 -24.50
C LEU C 103 24.25 -24.49 -25.33
N THR C 104 25.07 -23.48 -25.64
CA THR C 104 26.26 -23.68 -26.45
C THR C 104 27.40 -24.36 -25.70
N ALA C 105 27.24 -24.50 -24.38
CA ALA C 105 28.26 -25.12 -23.54
C ALA C 105 28.07 -26.63 -23.43
N GLY C 106 27.07 -27.16 -24.12
CA GLY C 106 26.82 -28.60 -24.07
C GLY C 106 27.91 -29.37 -24.80
N ALA C 107 27.89 -30.69 -24.63
CA ALA C 107 28.87 -31.56 -25.27
C ALA C 107 28.92 -31.31 -26.77
N LYS C 108 30.12 -31.08 -27.30
CA LYS C 108 30.28 -30.83 -28.73
C LYS C 108 29.70 -32.00 -29.52
N GLY C 109 28.81 -31.68 -30.45
CA GLY C 109 28.16 -32.69 -31.26
C GLY C 109 26.79 -33.07 -30.72
N LYS C 110 26.52 -32.68 -29.47
CA LYS C 110 25.25 -33.01 -28.84
C LYS C 110 24.47 -31.78 -28.34
N ARG C 111 24.43 -30.73 -29.17
CA ARG C 111 23.70 -29.50 -28.86
C ARG C 111 22.62 -29.34 -29.94
N PHE C 112 21.35 -29.23 -29.54
CA PHE C 112 20.27 -29.11 -30.51
C PHE C 112 19.28 -27.96 -30.30
N CYS C 113 18.58 -27.62 -31.38
CA CYS C 113 17.54 -26.60 -31.38
C CYS C 113 16.33 -27.27 -32.04
N LEU C 114 15.13 -27.00 -31.54
CA LEU C 114 13.93 -27.54 -32.16
C LEU C 114 13.66 -26.52 -33.29
N PRO C 115 12.91 -26.90 -34.34
CA PRO C 115 12.58 -26.05 -35.49
C PRO C 115 12.21 -24.58 -35.31
N ASN C 116 11.28 -24.28 -34.42
CA ASN C 116 10.88 -22.89 -34.23
C ASN C 116 11.38 -22.21 -32.96
N SER C 117 12.47 -22.72 -32.39
CA SER C 117 12.99 -22.09 -31.20
C SER C 117 13.86 -20.90 -31.60
N ARG C 118 14.18 -20.02 -30.66
CA ARG C 118 14.99 -18.86 -30.97
C ARG C 118 16.07 -18.63 -29.92
N VAL C 119 17.17 -18.03 -30.36
CA VAL C 119 18.29 -17.72 -29.50
C VAL C 119 18.59 -16.20 -29.54
N MET C 120 19.05 -15.65 -28.42
CA MET C 120 19.42 -14.24 -28.39
C MET C 120 20.70 -14.09 -27.58
N ILE C 121 21.64 -13.31 -28.10
CA ILE C 121 22.90 -13.09 -27.40
C ILE C 121 23.12 -11.60 -27.19
N HIS C 122 23.90 -11.25 -26.16
CA HIS C 122 24.22 -9.86 -25.84
C HIS C 122 25.30 -9.76 -24.76
N GLN C 123 25.59 -8.56 -24.27
CA GLN C 123 26.62 -8.39 -23.24
C GLN C 123 26.05 -8.29 -21.81
N PRO C 124 26.92 -8.37 -20.79
CA PRO C 124 26.49 -8.28 -19.39
C PRO C 124 25.77 -6.98 -19.00
N LEU C 125 24.89 -7.06 -18.01
CA LEU C 125 24.12 -5.93 -17.50
C LEU C 125 24.45 -5.82 -16.01
N GLY C 126 24.50 -4.60 -15.49
CA GLY C 126 24.80 -4.42 -14.09
C GLY C 126 24.36 -3.07 -13.55
N GLY C 127 24.74 -2.81 -12.30
CA GLY C 127 24.40 -1.55 -11.68
C GLY C 127 25.02 -1.43 -10.30
N TYR C 128 25.50 -0.24 -9.97
CA TYR C 128 26.10 -0.02 -8.66
C TYR C 128 25.72 1.37 -8.15
N GLN C 129 25.96 1.60 -6.85
CA GLN C 129 25.62 2.85 -6.19
C GLN C 129 26.55 3.05 -4.99
N GLY C 130 27.23 4.20 -4.92
CA GLY C 130 28.14 4.47 -3.81
C GLY C 130 29.20 5.52 -4.11
N GLN C 131 30.31 5.50 -3.36
CA GLN C 131 31.41 6.45 -3.57
C GLN C 131 32.11 6.20 -4.89
N ALA C 132 32.73 7.23 -5.45
CA ALA C 132 33.44 7.11 -6.72
C ALA C 132 34.51 5.99 -6.68
N THR C 133 35.25 5.90 -5.59
CA THR C 133 36.28 4.87 -5.46
C THR C 133 35.70 3.45 -5.61
N ASP C 134 34.54 3.21 -5.01
CA ASP C 134 33.90 1.90 -5.09
C ASP C 134 33.26 1.65 -6.45
N ILE C 135 32.76 2.71 -7.09
CA ILE C 135 32.15 2.56 -8.41
C ILE C 135 33.22 2.03 -9.40
N GLU C 136 34.45 2.50 -9.22
CA GLU C 136 35.56 2.10 -10.08
C GLU C 136 35.90 0.61 -9.94
N ILE C 137 35.94 0.13 -8.70
CA ILE C 137 36.24 -1.28 -8.43
C ILE C 137 35.18 -2.20 -9.03
N HIS C 138 33.92 -1.82 -8.95
CA HIS C 138 32.83 -2.62 -9.48
C HIS C 138 32.67 -2.53 -11.00
N ALA C 139 33.00 -1.38 -11.59
CA ALA C 139 32.88 -1.24 -13.04
C ALA C 139 34.01 -2.05 -13.67
N ARG C 140 35.17 -2.01 -13.04
CA ARG C 140 36.33 -2.75 -13.53
C ARG C 140 36.01 -4.24 -13.53
N GLU C 141 35.37 -4.71 -12.46
CA GLU C 141 35.01 -6.11 -12.33
C GLU C 141 34.05 -6.57 -13.42
N ILE C 142 32.98 -5.80 -13.68
CA ILE C 142 32.05 -6.26 -14.70
C ILE C 142 32.68 -6.28 -16.10
N LEU C 143 33.71 -5.47 -16.32
CA LEU C 143 34.40 -5.46 -17.61
C LEU C 143 35.21 -6.75 -17.78
N LYS C 144 35.78 -7.25 -16.69
CA LYS C 144 36.53 -8.50 -16.73
C LYS C 144 35.58 -9.66 -16.99
N VAL C 145 34.39 -9.60 -16.40
CA VAL C 145 33.38 -10.64 -16.60
C VAL C 145 32.98 -10.68 -18.07
N LYS C 146 32.80 -9.50 -18.66
CA LYS C 146 32.44 -9.41 -20.07
C LYS C 146 33.51 -10.09 -20.95
N GLY C 147 34.78 -9.80 -20.68
CA GLY C 147 35.86 -10.40 -21.45
C GLY C 147 35.91 -11.92 -21.32
N ARG C 148 35.73 -12.41 -20.09
CA ARG C 148 35.75 -13.85 -19.81
C ARG C 148 34.67 -14.57 -20.59
N MET C 149 33.46 -14.02 -20.53
CA MET C 149 32.32 -14.61 -21.22
C MET C 149 32.55 -14.63 -22.75
N ASN C 150 33.17 -13.57 -23.27
CA ASN C 150 33.42 -13.51 -24.71
C ASN C 150 34.44 -14.57 -25.14
N GLU C 151 35.44 -14.80 -24.31
CA GLU C 151 36.45 -15.83 -24.61
C GLU C 151 35.85 -17.23 -24.61
N LEU C 152 34.96 -17.53 -23.67
CA LEU C 152 34.33 -18.84 -23.60
C LEU C 152 33.37 -19.04 -24.75
N MET C 153 32.69 -17.97 -25.18
CA MET C 153 31.78 -18.07 -26.30
C MET C 153 32.61 -18.34 -27.58
N ALA C 154 33.80 -17.77 -27.65
CA ALA C 154 34.66 -17.99 -28.81
C ALA C 154 35.09 -19.46 -28.86
N LEU C 155 35.50 -20.00 -27.71
CA LEU C 155 35.94 -21.38 -27.63
C LEU C 155 34.84 -22.37 -28.03
N HIS C 156 33.62 -22.16 -27.53
CA HIS C 156 32.52 -23.08 -27.85
C HIS C 156 31.90 -23.00 -29.24
N THR C 157 31.90 -21.83 -29.88
CA THR C 157 31.29 -21.71 -31.23
C THR C 157 32.30 -21.87 -32.35
N GLY C 158 33.57 -21.62 -32.05
CA GLY C 158 34.60 -21.72 -33.08
C GLY C 158 34.84 -20.38 -33.76
N GLN C 159 34.03 -19.37 -33.44
CA GLN C 159 34.18 -18.04 -34.03
C GLN C 159 35.40 -17.37 -33.40
N SER C 160 35.91 -16.30 -34.01
CA SER C 160 37.05 -15.60 -33.43
C SER C 160 36.56 -14.69 -32.32
N LEU C 161 37.44 -14.36 -31.38
CA LEU C 161 37.10 -13.49 -30.28
C LEU C 161 36.58 -12.15 -30.81
N GLU C 162 37.23 -11.65 -31.87
CA GLU C 162 36.83 -10.37 -32.46
C GLU C 162 35.43 -10.43 -33.06
N GLN C 163 35.07 -11.58 -33.63
CA GLN C 163 33.75 -11.73 -34.21
C GLN C 163 32.69 -11.75 -33.09
N ILE C 164 32.97 -12.49 -32.01
CA ILE C 164 32.02 -12.56 -30.88
C ILE C 164 31.81 -11.16 -30.31
N GLU C 165 32.90 -10.44 -30.07
CA GLU C 165 32.81 -9.09 -29.52
C GLU C 165 31.93 -8.14 -30.33
N ARG C 166 32.02 -8.20 -31.65
CA ARG C 166 31.21 -7.32 -32.48
C ARG C 166 29.74 -7.69 -32.54
N ASP C 167 29.44 -8.98 -32.43
CA ASP C 167 28.06 -9.44 -32.50
C ASP C 167 27.27 -9.34 -31.19
N THR C 168 27.95 -9.15 -30.06
CA THR C 168 27.27 -9.07 -28.77
C THR C 168 27.18 -7.67 -28.16
N GLU C 169 27.59 -6.63 -28.90
CA GLU C 169 27.51 -5.26 -28.39
C GLU C 169 26.06 -4.90 -28.13
N ARG C 170 25.18 -5.36 -29.02
CA ARG C 170 23.74 -5.13 -28.86
C ARG C 170 22.97 -6.42 -29.09
N ASP C 171 21.75 -6.50 -28.57
CA ASP C 171 20.92 -7.70 -28.74
C ASP C 171 20.94 -8.22 -30.17
N ARG C 172 21.19 -9.52 -30.32
CA ARG C 172 21.22 -10.16 -31.64
C ARG C 172 20.42 -11.45 -31.57
N PHE C 173 19.39 -11.58 -32.40
CA PHE C 173 18.57 -12.79 -32.40
C PHE C 173 19.07 -13.77 -33.49
N LEU C 174 18.86 -15.07 -33.27
CA LEU C 174 19.27 -16.10 -34.25
C LEU C 174 18.19 -17.18 -34.38
N SER C 175 17.76 -17.47 -35.60
CA SER C 175 16.75 -18.52 -35.81
C SER C 175 17.51 -19.85 -35.61
N ALA C 176 16.78 -20.97 -35.59
CA ALA C 176 17.42 -22.28 -35.39
C ALA C 176 18.51 -22.52 -36.45
N PRO C 177 18.17 -22.39 -37.75
CA PRO C 177 19.21 -22.60 -38.77
C PRO C 177 20.39 -21.64 -38.64
N GLU C 178 20.13 -20.38 -38.28
CA GLU C 178 21.23 -19.41 -38.10
C GLU C 178 22.15 -19.84 -36.95
N ALA C 179 21.58 -20.42 -35.90
CA ALA C 179 22.35 -20.90 -34.75
C ALA C 179 23.28 -22.09 -35.13
N VAL C 180 22.81 -22.94 -36.03
CA VAL C 180 23.64 -24.07 -36.49
C VAL C 180 24.83 -23.47 -37.25
N GLU C 181 24.51 -22.62 -38.21
CA GLU C 181 25.50 -21.94 -39.06
C GLU C 181 26.53 -21.13 -38.27
N TYR C 182 26.12 -20.56 -37.14
CA TYR C 182 27.00 -19.76 -36.29
C TYR C 182 27.86 -20.60 -35.35
N GLY C 183 27.50 -21.87 -35.20
CA GLY C 183 28.27 -22.74 -34.32
C GLY C 183 27.73 -22.80 -32.89
N LEU C 184 26.54 -22.21 -32.69
CA LEU C 184 25.92 -22.20 -31.36
C LEU C 184 25.45 -23.58 -30.94
N VAL C 185 24.84 -24.28 -31.89
CA VAL C 185 24.30 -25.62 -31.72
C VAL C 185 24.83 -26.50 -32.88
N ASP C 186 24.68 -27.81 -32.79
CA ASP C 186 25.19 -28.72 -33.82
C ASP C 186 24.20 -29.05 -34.91
N SER C 187 22.93 -29.16 -34.57
CA SER C 187 21.92 -29.43 -35.56
C SER C 187 20.52 -29.21 -35.02
N ILE C 188 19.54 -29.29 -35.90
CA ILE C 188 18.14 -29.11 -35.57
C ILE C 188 17.45 -30.46 -35.39
N LEU C 189 16.57 -30.57 -34.38
CA LEU C 189 15.81 -31.79 -34.15
C LEU C 189 14.40 -31.53 -34.70
N THR C 190 13.92 -32.36 -35.62
CA THR C 190 12.58 -32.15 -36.21
C THR C 190 11.57 -33.25 -35.93
N HIS C 191 11.89 -34.49 -36.30
CA HIS C 191 11.00 -35.62 -36.07
C HIS C 191 11.80 -36.79 -35.52
N ARG C 192 11.38 -37.31 -34.38
CA ARG C 192 12.04 -38.45 -33.77
C ARG C 192 12.09 -39.53 -34.84
N ASN C 193 13.19 -40.30 -34.85
CA ASN C 193 13.34 -41.38 -35.83
C ASN C 193 12.09 -42.26 -35.93
N ALA D 1 6.23 -29.27 -3.69
CA ALA D 1 7.31 -28.26 -3.89
C ALA D 1 7.92 -28.39 -5.28
N LEU D 2 8.86 -27.51 -5.60
CA LEU D 2 9.52 -27.52 -6.90
C LEU D 2 10.75 -28.42 -6.86
N VAL D 3 10.93 -29.12 -5.75
CA VAL D 3 12.07 -30.02 -5.58
C VAL D 3 11.71 -31.43 -6.03
N PRO D 4 12.60 -32.05 -6.83
CA PRO D 4 12.38 -33.41 -7.34
C PRO D 4 12.54 -34.48 -6.26
N MET D 5 11.76 -35.55 -6.38
CA MET D 5 11.81 -36.64 -5.42
C MET D 5 12.60 -37.82 -5.99
N VAL D 6 13.29 -38.53 -5.11
CA VAL D 6 14.10 -39.68 -5.52
C VAL D 6 13.44 -40.99 -5.12
N ILE D 7 13.24 -41.87 -6.10
CA ILE D 7 12.62 -43.17 -5.86
C ILE D 7 13.20 -44.20 -6.82
N GLU D 8 13.56 -45.36 -6.30
CA GLU D 8 14.12 -46.43 -7.12
C GLU D 8 13.14 -46.85 -8.21
N GLN D 9 12.26 -47.78 -7.88
CA GLN D 9 11.26 -48.26 -8.83
C GLN D 9 9.87 -48.27 -8.22
N THR D 10 8.88 -48.63 -9.03
CA THR D 10 7.50 -48.68 -8.58
C THR D 10 7.18 -50.03 -7.94
N SER D 11 8.04 -50.47 -7.03
CA SER D 11 7.87 -51.75 -6.36
C SER D 11 6.87 -51.62 -5.20
N ARG D 12 5.72 -51.03 -5.49
CA ARG D 12 4.68 -50.85 -4.49
C ARG D 12 5.23 -50.16 -3.25
N GLY D 13 5.50 -48.86 -3.35
CA GLY D 13 6.03 -48.11 -2.23
C GLY D 13 7.38 -48.64 -1.79
N GLU D 14 8.44 -48.17 -2.45
CA GLU D 14 9.80 -48.60 -2.13
C GLU D 14 10.50 -47.58 -1.24
N ARG D 15 11.03 -46.53 -1.86
CA ARG D 15 11.74 -45.49 -1.14
C ARG D 15 11.30 -44.10 -1.61
N SER D 16 11.18 -43.17 -0.66
CA SER D 16 10.78 -41.80 -0.99
C SER D 16 11.76 -40.82 -0.37
N PHE D 17 12.66 -40.29 -1.18
CA PHE D 17 13.67 -39.34 -0.72
C PHE D 17 13.58 -38.01 -1.46
N ASP D 18 14.49 -37.10 -1.11
CA ASP D 18 14.56 -35.78 -1.73
C ASP D 18 15.99 -35.59 -2.25
N ILE D 19 16.11 -34.96 -3.40
CA ILE D 19 17.41 -34.73 -4.01
C ILE D 19 18.48 -34.28 -3.02
N TYR D 20 18.13 -33.31 -2.17
CA TYR D 20 19.06 -32.79 -1.17
C TYR D 20 19.31 -33.77 -0.03
N SER D 21 18.26 -34.46 0.41
CA SER D 21 18.40 -35.44 1.49
C SER D 21 19.22 -36.62 0.98
N ARG D 22 19.03 -36.94 -0.30
CA ARG D 22 19.76 -38.05 -0.92
C ARG D 22 21.28 -37.78 -0.95
N LEU D 23 21.66 -36.54 -1.25
CA LEU D 23 23.07 -36.19 -1.30
C LEU D 23 23.67 -36.01 0.10
N LEU D 24 22.82 -35.73 1.09
CA LEU D 24 23.27 -35.58 2.47
C LEU D 24 23.79 -36.96 2.89
N LYS D 25 23.13 -38.00 2.37
CA LYS D 25 23.49 -39.39 2.65
C LYS D 25 24.95 -39.63 2.24
N GLU D 26 25.39 -38.90 1.21
CA GLU D 26 26.76 -39.03 0.73
C GLU D 26 27.67 -37.97 1.37
N ARG D 27 27.19 -37.38 2.44
CA ARG D 27 27.92 -36.37 3.22
C ARG D 27 28.18 -35.03 2.51
N VAL D 28 27.25 -34.62 1.65
CA VAL D 28 27.37 -33.35 0.94
C VAL D 28 26.32 -32.37 1.52
N ILE D 29 26.76 -31.16 1.84
CA ILE D 29 25.89 -30.10 2.40
C ILE D 29 25.97 -28.83 1.52
N PHE D 30 24.82 -28.23 1.21
CA PHE D 30 24.79 -27.00 0.41
C PHE D 30 24.52 -25.72 1.22
N LEU D 31 25.37 -24.70 1.05
CA LEU D 31 25.18 -23.40 1.72
C LEU D 31 24.89 -22.43 0.56
N THR D 32 23.61 -22.07 0.42
CA THR D 32 23.18 -21.22 -0.68
C THR D 32 22.40 -19.97 -0.28
N GLY D 33 22.70 -18.85 -0.94
CA GLY D 33 22.01 -17.61 -0.65
C GLY D 33 22.57 -16.83 0.52
N GLN D 34 21.81 -15.85 0.99
CA GLN D 34 22.23 -15.00 2.11
C GLN D 34 22.32 -15.76 3.43
N VAL D 35 23.33 -15.44 4.22
CA VAL D 35 23.56 -16.11 5.50
C VAL D 35 22.77 -15.45 6.64
N GLU D 36 21.94 -16.23 7.32
CA GLU D 36 21.15 -15.72 8.45
C GLU D 36 20.87 -16.84 9.47
N ASP D 37 20.35 -16.47 10.63
CA ASP D 37 20.10 -17.44 11.70
C ASP D 37 19.47 -18.78 11.40
N HIS D 38 18.37 -18.79 10.64
CA HIS D 38 17.69 -20.04 10.37
C HIS D 38 18.37 -20.94 9.36
N MET D 39 18.85 -20.39 8.25
CA MET D 39 19.53 -21.26 7.29
C MET D 39 20.83 -21.79 7.93
N ALA D 40 21.46 -20.96 8.77
CA ALA D 40 22.70 -21.39 9.43
C ALA D 40 22.48 -22.53 10.43
N ASN D 41 21.38 -22.45 11.17
CA ASN D 41 21.05 -23.49 12.16
C ASN D 41 20.87 -24.81 11.41
N LEU D 42 20.30 -24.75 10.22
CA LEU D 42 20.09 -25.98 9.47
C LEU D 42 21.43 -26.61 9.06
N ILE D 43 22.40 -25.79 8.71
CA ILE D 43 23.72 -26.29 8.31
C ILE D 43 24.41 -26.89 9.55
N VAL D 44 24.28 -26.22 10.69
CA VAL D 44 24.88 -26.74 11.93
C VAL D 44 24.28 -28.12 12.23
N ALA D 45 22.95 -28.25 12.11
CA ALA D 45 22.29 -29.54 12.36
C ALA D 45 22.78 -30.66 11.43
N GLN D 46 22.96 -30.36 10.15
CA GLN D 46 23.43 -31.39 9.22
C GLN D 46 24.87 -31.82 9.55
N MET D 47 25.68 -30.89 10.02
CA MET D 47 27.07 -31.21 10.38
C MET D 47 27.10 -32.09 11.64
N LEU D 48 26.33 -31.71 12.66
CA LEU D 48 26.29 -32.48 13.90
C LEU D 48 25.79 -33.88 13.60
N PHE D 49 24.82 -33.99 12.69
CA PHE D 49 24.26 -35.28 12.27
C PHE D 49 25.33 -36.13 11.59
N LEU D 50 26.02 -35.54 10.61
CA LEU D 50 27.06 -36.28 9.89
C LEU D 50 28.17 -36.77 10.82
N GLU D 51 28.61 -35.94 11.76
CA GLU D 51 29.66 -36.38 12.68
C GLU D 51 29.17 -37.54 13.55
N ALA D 52 27.91 -37.50 13.93
CA ALA D 52 27.32 -38.56 14.75
C ALA D 52 27.17 -39.85 13.95
N GLU D 53 27.01 -39.72 12.63
CA GLU D 53 26.88 -40.88 11.77
C GLU D 53 28.22 -41.55 11.53
N ASN D 54 29.29 -40.74 11.52
CA ASN D 54 30.65 -41.24 11.32
C ASN D 54 31.67 -40.13 11.53
N PRO D 55 32.30 -40.08 12.72
CA PRO D 55 33.29 -39.09 13.11
C PRO D 55 34.59 -39.03 12.32
N GLU D 56 34.80 -39.96 11.40
CA GLU D 56 36.04 -39.96 10.64
C GLU D 56 36.00 -39.51 9.18
N LYS D 57 34.95 -39.86 8.43
CA LYS D 57 34.86 -39.48 7.03
C LYS D 57 34.70 -37.97 6.81
N ASP D 58 35.28 -37.47 5.71
CA ASP D 58 35.21 -36.06 5.33
C ASP D 58 33.78 -35.61 5.04
N ILE D 59 33.56 -34.30 5.17
CA ILE D 59 32.27 -33.64 4.90
C ILE D 59 32.56 -32.65 3.79
N TYR D 60 31.65 -32.54 2.82
CA TYR D 60 31.84 -31.59 1.71
C TYR D 60 30.76 -30.50 1.79
N LEU D 61 31.20 -29.24 1.83
CA LEU D 61 30.31 -28.08 1.91
C LEU D 61 30.44 -27.21 0.65
N TYR D 62 29.42 -27.24 -0.20
CA TYR D 62 29.41 -26.42 -1.42
C TYR D 62 28.90 -25.04 -1.04
N ILE D 63 29.60 -23.99 -1.47
CA ILE D 63 29.25 -22.62 -1.14
C ILE D 63 28.96 -21.75 -2.36
N ASN D 64 27.80 -21.09 -2.36
CA ASN D 64 27.44 -20.13 -3.42
C ASN D 64 26.61 -19.11 -2.64
N SER D 65 27.27 -18.04 -2.18
CA SER D 65 26.62 -17.05 -1.33
C SER D 65 27.21 -15.63 -1.37
N PRO D 66 26.35 -14.62 -1.25
CA PRO D 66 26.77 -13.21 -1.26
C PRO D 66 27.18 -12.77 0.16
N GLY D 67 27.04 -13.67 1.13
CA GLY D 67 27.40 -13.34 2.50
C GLY D 67 26.16 -13.15 3.38
N GLY D 68 26.31 -12.38 4.46
CA GLY D 68 25.19 -12.14 5.34
C GLY D 68 25.56 -11.72 6.76
N VAL D 69 24.76 -12.16 7.73
CA VAL D 69 24.93 -11.82 9.15
C VAL D 69 26.16 -12.46 9.81
N ILE D 70 27.02 -11.64 10.38
CA ILE D 70 28.24 -12.15 11.01
C ILE D 70 28.04 -13.20 12.12
N THR D 71 27.21 -12.92 13.13
CA THR D 71 27.01 -13.91 14.19
C THR D 71 26.46 -15.25 13.67
N ALA D 72 25.61 -15.20 12.65
CA ALA D 72 25.06 -16.44 12.10
C ALA D 72 26.19 -17.24 11.44
N GLY D 73 27.03 -16.54 10.67
CA GLY D 73 28.14 -17.22 10.02
C GLY D 73 29.13 -17.80 11.01
N MET D 74 29.34 -17.10 12.12
CA MET D 74 30.27 -17.61 13.13
C MET D 74 29.80 -18.90 13.79
N SER D 75 28.48 -19.13 13.81
CA SER D 75 27.97 -20.36 14.40
C SER D 75 28.40 -21.52 13.49
N ILE D 76 28.41 -21.29 12.18
CA ILE D 76 28.84 -22.33 11.23
C ILE D 76 30.38 -22.51 11.38
N TYR D 77 31.12 -21.41 11.49
CA TYR D 77 32.58 -21.46 11.63
C TYR D 77 33.02 -22.28 12.84
N ASP D 78 32.50 -21.96 14.02
CA ASP D 78 32.87 -22.68 15.23
C ASP D 78 32.45 -24.15 15.20
N THR D 79 31.35 -24.47 14.51
CA THR D 79 30.91 -25.84 14.40
C THR D 79 31.87 -26.62 13.49
N MET D 80 32.29 -26.00 12.38
CA MET D 80 33.21 -26.65 11.45
C MET D 80 34.50 -27.05 12.16
N GLN D 81 35.04 -26.15 12.97
CA GLN D 81 36.29 -26.42 13.68
C GLN D 81 36.13 -27.38 14.85
N PHE D 82 34.95 -27.39 15.47
CA PHE D 82 34.69 -28.23 16.64
C PHE D 82 34.52 -29.73 16.35
N ILE D 83 33.78 -30.07 15.31
CA ILE D 83 33.55 -31.47 15.00
C ILE D 83 34.82 -32.23 14.56
N LYS D 84 34.78 -33.55 14.69
CA LYS D 84 35.91 -34.42 14.34
C LYS D 84 36.26 -34.45 12.86
N PRO D 85 35.27 -34.69 11.98
CA PRO D 85 35.49 -34.75 10.54
C PRO D 85 36.15 -33.51 9.96
N ASP D 86 36.91 -33.68 8.89
CA ASP D 86 37.52 -32.51 8.23
C ASP D 86 36.37 -32.02 7.36
N VAL D 87 36.23 -30.71 7.22
CA VAL D 87 35.19 -30.17 6.37
C VAL D 87 35.85 -29.59 5.12
N SER D 88 35.65 -30.25 3.99
CA SER D 88 36.20 -29.80 2.71
C SER D 88 35.21 -28.77 2.12
N THR D 89 35.71 -27.63 1.65
CA THR D 89 34.84 -26.60 1.06
C THR D 89 35.11 -26.40 -0.43
N ILE D 90 34.03 -26.22 -1.20
CA ILE D 90 34.09 -26.03 -2.65
C ILE D 90 33.20 -24.85 -3.05
N CYS D 91 33.80 -23.87 -3.71
CA CYS D 91 33.09 -22.67 -4.15
C CYS D 91 32.62 -22.78 -5.60
N MET D 92 31.33 -22.57 -5.82
CA MET D 92 30.80 -22.59 -7.16
C MET D 92 29.96 -21.32 -7.30
N GLY D 93 30.10 -20.63 -8.43
CA GLY D 93 29.37 -19.40 -8.62
C GLY D 93 30.14 -18.27 -7.95
N GLN D 94 29.91 -18.07 -6.65
CA GLN D 94 30.62 -17.02 -5.91
C GLN D 94 30.64 -17.24 -4.40
N ALA D 95 31.62 -16.63 -3.75
CA ALA D 95 31.73 -16.70 -2.31
C ALA D 95 32.17 -15.31 -1.88
N ALA D 96 31.22 -14.51 -1.42
CA ALA D 96 31.51 -13.15 -1.00
C ALA D 96 31.26 -12.90 0.47
N SER D 97 32.10 -12.03 1.02
CA SER D 97 32.00 -11.62 2.42
C SER D 97 31.99 -12.82 3.36
N MET D 98 30.94 -13.00 4.16
CA MET D 98 30.91 -14.16 5.05
C MET D 98 31.04 -15.48 4.29
N GLY D 99 30.60 -15.50 3.03
CA GLY D 99 30.73 -16.71 2.26
C GLY D 99 32.19 -17.05 2.00
N ALA D 100 33.00 -16.02 1.74
CA ALA D 100 34.43 -16.15 1.46
C ALA D 100 35.16 -16.60 2.72
N PHE D 101 34.77 -16.02 3.85
CA PHE D 101 35.37 -16.35 5.15
C PHE D 101 35.20 -17.85 5.44
N LEU D 102 33.99 -18.37 5.22
CA LEU D 102 33.71 -19.78 5.49
C LEU D 102 34.39 -20.70 4.47
N LEU D 103 34.56 -20.22 3.24
CA LEU D 103 35.25 -21.03 2.22
C LEU D 103 36.72 -21.27 2.64
N THR D 104 37.37 -20.22 3.13
CA THR D 104 38.77 -20.33 3.54
C THR D 104 38.97 -21.03 4.88
N ALA D 105 37.87 -21.20 5.63
CA ALA D 105 37.92 -21.84 6.95
C ALA D 105 37.93 -23.36 6.85
N GLY D 106 37.78 -23.90 5.65
CA GLY D 106 37.77 -25.35 5.47
C GLY D 106 39.09 -25.99 5.85
N ALA D 107 39.12 -27.33 5.86
CA ALA D 107 40.34 -28.06 6.21
C ALA D 107 41.52 -27.77 5.26
N LYS D 108 42.67 -27.45 5.84
CA LYS D 108 43.88 -27.15 5.07
C LYS D 108 44.17 -28.23 4.03
N GLY D 109 44.25 -27.82 2.78
CA GLY D 109 44.53 -28.74 1.70
C GLY D 109 43.28 -29.28 1.04
N LYS D 110 42.12 -28.97 1.62
CA LYS D 110 40.86 -29.46 1.07
C LYS D 110 39.84 -28.34 0.75
N ARG D 111 40.35 -27.18 0.36
CA ARG D 111 39.52 -26.02 -0.03
C ARG D 111 39.71 -25.81 -1.54
N PHE D 112 38.62 -25.86 -2.32
CA PHE D 112 38.67 -25.70 -3.78
C PHE D 112 37.74 -24.62 -4.40
N CYS D 113 38.10 -24.20 -5.61
CA CYS D 113 37.33 -23.24 -6.41
C CYS D 113 37.10 -23.88 -7.77
N LEU D 114 35.92 -23.74 -8.34
CA LEU D 114 35.69 -24.27 -9.68
C LEU D 114 36.38 -23.23 -10.58
N PRO D 115 36.72 -23.60 -11.84
CA PRO D 115 37.39 -22.70 -12.80
C PRO D 115 36.92 -21.25 -12.96
N ASN D 116 35.61 -21.06 -13.07
CA ASN D 116 35.07 -19.71 -13.28
C ASN D 116 34.36 -19.09 -12.08
N SER D 117 34.59 -19.63 -10.90
CA SER D 117 33.96 -19.08 -9.70
C SER D 117 34.72 -17.80 -9.31
N ARG D 118 34.10 -16.99 -8.44
CA ARG D 118 34.69 -15.73 -8.01
C ARG D 118 34.55 -15.51 -6.50
N VAL D 119 35.55 -14.84 -5.93
CA VAL D 119 35.58 -14.55 -4.51
C VAL D 119 35.66 -13.03 -4.28
N MET D 120 35.04 -12.54 -3.21
CA MET D 120 35.10 -11.11 -2.88
C MET D 120 35.27 -10.94 -1.37
N ILE D 121 36.19 -10.08 -0.97
CA ILE D 121 36.41 -9.85 0.46
C ILE D 121 36.30 -8.37 0.80
N HIS D 122 35.89 -8.08 2.03
CA HIS D 122 35.79 -6.70 2.50
C HIS D 122 35.72 -6.65 4.03
N GLN D 123 35.26 -5.54 4.60
CA GLN D 123 35.18 -5.41 6.07
C GLN D 123 33.72 -5.40 6.57
N PRO D 124 33.50 -5.58 7.88
CA PRO D 124 32.16 -5.61 8.47
C PRO D 124 31.35 -4.33 8.24
N LEU D 125 30.03 -4.52 8.09
CA LEU D 125 29.08 -3.44 7.88
C LEU D 125 28.12 -3.44 9.06
N GLY D 126 27.65 -2.25 9.46
CA GLY D 126 26.73 -2.17 10.59
C GLY D 126 26.04 -0.83 10.71
N GLY D 127 25.38 -0.62 11.85
CA GLY D 127 24.66 0.63 12.07
C GLY D 127 23.91 0.63 13.39
N TYR D 128 23.69 1.83 13.94
CA TYR D 128 22.98 1.97 15.22
C TYR D 128 22.28 3.34 15.29
N GLN D 129 21.45 3.53 16.31
CA GLN D 129 20.73 4.79 16.54
C GLN D 129 20.43 4.87 18.02
N GLY D 130 20.71 6.02 18.64
CA GLY D 130 20.44 6.20 20.06
C GLY D 130 21.24 7.33 20.71
N GLN D 131 21.43 7.24 22.02
CA GLN D 131 22.20 8.26 22.75
C GLN D 131 23.70 8.12 22.46
N ALA D 132 24.43 9.23 22.52
CA ALA D 132 25.88 9.21 22.28
C ALA D 132 26.60 8.11 23.09
N THR D 133 26.24 7.97 24.36
CA THR D 133 26.87 6.95 25.21
C THR D 133 26.72 5.52 24.68
N ASP D 134 25.54 5.19 24.15
CA ASP D 134 25.30 3.86 23.63
C ASP D 134 25.96 3.69 22.26
N ILE D 135 26.02 4.80 21.50
CA ILE D 135 26.66 4.78 20.20
C ILE D 135 28.13 4.34 20.39
N GLU D 136 28.77 4.87 21.42
CA GLU D 136 30.17 4.52 21.73
C GLU D 136 30.37 3.01 21.99
N ILE D 137 29.49 2.44 22.80
CA ILE D 137 29.53 1.03 23.15
C ILE D 137 29.42 0.12 21.93
N HIS D 138 28.51 0.46 21.02
CA HIS D 138 28.30 -0.34 19.82
C HIS D 138 29.37 -0.16 18.72
N ALA D 139 29.96 1.03 18.62
CA ALA D 139 30.99 1.26 17.61
C ALA D 139 32.24 0.50 18.07
N ARG D 140 32.52 0.61 19.36
CA ARG D 140 33.64 -0.06 19.99
C ARG D 140 33.57 -1.56 19.72
N GLU D 141 32.36 -2.12 19.78
CA GLU D 141 32.16 -3.54 19.56
C GLU D 141 32.36 -3.97 18.09
N ILE D 142 31.86 -3.22 17.11
CA ILE D 142 32.09 -3.67 15.73
C ILE D 142 33.58 -3.63 15.35
N LEU D 143 34.34 -2.77 16.02
CA LEU D 143 35.78 -2.65 15.74
C LEU D 143 36.51 -3.86 16.31
N LYS D 144 36.01 -4.39 17.43
CA LYS D 144 36.61 -5.57 18.03
C LYS D 144 36.29 -6.78 17.16
N VAL D 145 35.10 -6.78 16.55
CA VAL D 145 34.72 -7.86 15.67
C VAL D 145 35.57 -7.77 14.40
N LYS D 146 35.81 -6.56 13.93
CA LYS D 146 36.62 -6.35 12.73
C LYS D 146 38.03 -6.90 12.94
N GLY D 147 38.58 -6.64 14.13
CA GLY D 147 39.92 -7.11 14.46
C GLY D 147 40.03 -8.62 14.54
N ARG D 148 39.01 -9.27 15.10
CA ARG D 148 39.00 -10.70 15.23
C ARG D 148 38.91 -11.39 13.89
N MET D 149 38.00 -10.90 13.03
CA MET D 149 37.83 -11.49 11.72
C MET D 149 39.13 -11.39 10.91
N ASN D 150 39.82 -10.27 11.03
CA ASN D 150 41.08 -10.09 10.30
C ASN D 150 42.14 -11.09 10.77
N GLU D 151 42.24 -11.29 12.09
CA GLU D 151 43.21 -12.25 12.63
C GLU D 151 42.93 -13.67 12.16
N LEU D 152 41.66 -14.04 12.04
CA LEU D 152 41.33 -15.38 11.58
C LEU D 152 41.62 -15.54 10.07
N MET D 153 41.38 -14.50 9.27
CA MET D 153 41.67 -14.59 7.83
C MET D 153 43.18 -14.78 7.64
N ALA D 154 43.96 -14.10 8.46
CA ALA D 154 45.42 -14.18 8.39
C ALA D 154 45.90 -15.60 8.73
N LEU D 155 45.27 -16.22 9.73
CA LEU D 155 45.64 -17.58 10.13
C LEU D 155 45.31 -18.60 9.04
N HIS D 156 44.11 -18.51 8.46
CA HIS D 156 43.74 -19.47 7.43
C HIS D 156 44.42 -19.27 6.05
N THR D 157 44.78 -18.04 5.67
CA THR D 157 45.41 -17.81 4.37
C THR D 157 46.95 -17.84 4.40
N GLY D 158 47.53 -17.41 5.50
CA GLY D 158 48.98 -17.39 5.61
C GLY D 158 49.52 -15.99 5.38
N GLN D 159 48.63 -15.08 5.01
CA GLN D 159 49.00 -13.69 4.77
C GLN D 159 49.23 -13.05 6.13
N SER D 160 50.03 -11.99 6.16
CA SER D 160 50.31 -11.29 7.41
C SER D 160 49.08 -10.46 7.77
N LEU D 161 48.94 -10.14 9.04
CA LEU D 161 47.81 -9.35 9.48
C LEU D 161 47.72 -8.08 8.64
N GLU D 162 48.83 -7.37 8.53
CA GLU D 162 48.88 -6.12 7.77
C GLU D 162 48.30 -6.23 6.36
N GLN D 163 48.66 -7.29 5.64
CA GLN D 163 48.17 -7.46 4.28
C GLN D 163 46.65 -7.66 4.24
N ILE D 164 46.12 -8.43 5.18
CA ILE D 164 44.67 -8.67 5.26
C ILE D 164 43.92 -7.37 5.46
N GLU D 165 44.34 -6.60 6.48
CA GLU D 165 43.70 -5.32 6.79
C GLU D 165 43.71 -4.42 5.56
N ARG D 166 44.87 -4.34 4.91
CA ARG D 166 44.99 -3.50 3.74
C ARG D 166 44.07 -3.96 2.61
N ASP D 167 44.04 -5.27 2.36
CA ASP D 167 43.22 -5.79 1.28
C ASP D 167 41.72 -5.79 1.53
N THR D 168 41.29 -5.53 2.78
CA THR D 168 39.85 -5.56 3.09
C THR D 168 39.13 -4.23 3.37
N GLU D 169 39.88 -3.13 3.48
CA GLU D 169 39.28 -1.82 3.75
C GLU D 169 38.15 -1.53 2.77
N ARG D 170 38.33 -1.98 1.53
CA ARG D 170 37.32 -1.83 0.46
C ARG D 170 37.17 -3.14 -0.28
N ASP D 171 36.06 -3.30 -1.00
CA ASP D 171 35.79 -4.51 -1.77
C ASP D 171 36.99 -4.88 -2.65
N ARG D 172 37.31 -6.17 -2.68
CA ARG D 172 38.43 -6.69 -3.45
C ARG D 172 37.99 -8.02 -4.05
N PHE D 173 37.98 -8.11 -5.38
CA PHE D 173 37.58 -9.34 -6.06
C PHE D 173 38.77 -10.23 -6.44
N LEU D 174 38.55 -11.55 -6.43
CA LEU D 174 39.61 -12.49 -6.83
C LEU D 174 39.08 -13.60 -7.72
N SER D 175 39.82 -13.93 -8.78
CA SER D 175 39.44 -15.01 -9.68
C SER D 175 39.92 -16.30 -9.02
N ALA D 176 39.52 -17.45 -9.57
CA ALA D 176 39.92 -18.72 -8.98
C ALA D 176 41.43 -18.87 -8.90
N PRO D 177 42.14 -18.62 -10.00
CA PRO D 177 43.60 -18.78 -9.85
C PRO D 177 44.20 -17.76 -8.88
N GLU D 178 43.61 -16.57 -8.79
CA GLU D 178 44.13 -15.55 -7.86
C GLU D 178 43.82 -15.92 -6.40
N ALA D 179 42.77 -16.70 -6.16
CA ALA D 179 42.42 -17.08 -4.78
C ALA D 179 43.40 -18.17 -4.32
N VAL D 180 43.79 -19.03 -5.26
CA VAL D 180 44.75 -20.09 -4.98
C VAL D 180 46.07 -19.42 -4.59
N GLU D 181 46.51 -18.44 -5.37
CA GLU D 181 47.76 -17.73 -5.07
C GLU D 181 47.72 -16.91 -3.78
N TYR D 182 46.53 -16.49 -3.38
CA TYR D 182 46.38 -15.67 -2.18
C TYR D 182 46.37 -16.54 -0.94
N GLY D 183 46.10 -17.84 -1.13
CA GLY D 183 46.02 -18.76 -0.01
C GLY D 183 44.61 -18.93 0.52
N LEU D 184 43.63 -18.38 -0.19
CA LEU D 184 42.24 -18.48 0.22
C LEU D 184 41.73 -19.91 0.06
N VAL D 185 42.15 -20.54 -1.03
CA VAL D 185 41.79 -21.91 -1.39
C VAL D 185 43.11 -22.67 -1.68
N ASP D 186 43.05 -23.99 -1.81
CA ASP D 186 44.28 -24.75 -2.06
C ASP D 186 44.56 -25.01 -3.53
N SER D 187 43.52 -25.28 -4.30
CA SER D 187 43.67 -25.52 -5.73
C SER D 187 42.33 -25.45 -6.45
N ILE D 188 42.38 -25.53 -7.77
CA ILE D 188 41.20 -25.49 -8.60
C ILE D 188 40.75 -26.91 -8.99
N LEU D 189 39.46 -27.07 -9.29
CA LEU D 189 38.89 -28.34 -9.71
C LEU D 189 38.34 -28.13 -11.12
N THR D 190 38.92 -28.82 -12.11
CA THR D 190 38.45 -28.66 -13.48
C THR D 190 37.63 -29.85 -13.99
N HIS D 191 38.23 -31.04 -13.98
CA HIS D 191 37.53 -32.24 -14.45
C HIS D 191 37.63 -33.41 -13.47
N ARG D 192 36.52 -34.15 -13.35
CA ARG D 192 36.46 -35.31 -12.47
C ARG D 192 37.62 -36.23 -12.79
N ASN D 193 38.26 -36.78 -11.77
CA ASN D 193 39.40 -37.67 -11.96
C ASN D 193 38.99 -38.92 -12.72
N ALA E 1 11.70 -30.90 1.29
CA ALA E 1 12.08 -29.77 0.40
C ALA E 1 13.14 -28.90 1.04
N LEU E 2 12.73 -28.09 2.02
CA LEU E 2 13.64 -27.20 2.72
C LEU E 2 14.44 -27.97 3.77
N VAL E 3 13.76 -28.44 4.80
CA VAL E 3 14.40 -29.18 5.88
C VAL E 3 14.74 -30.61 5.46
N PRO E 4 16.03 -30.97 5.51
CA PRO E 4 16.49 -32.31 5.13
C PRO E 4 15.84 -33.40 5.98
N MET E 5 15.86 -34.63 5.50
CA MET E 5 15.28 -35.75 6.22
C MET E 5 16.19 -36.97 6.15
N VAL E 6 16.03 -37.87 7.12
CA VAL E 6 16.85 -39.08 7.18
C VAL E 6 15.99 -40.29 7.53
N ILE E 7 16.39 -41.46 7.04
CA ILE E 7 15.66 -42.69 7.31
C ILE E 7 14.24 -42.63 6.75
N GLU E 8 14.04 -43.22 5.57
CA GLU E 8 12.73 -43.23 4.93
C GLU E 8 11.99 -44.51 5.28
N GLN E 9 10.83 -44.71 4.66
CA GLN E 9 10.02 -45.89 4.89
C GLN E 9 10.77 -47.15 4.48
N THR E 10 10.94 -48.08 5.43
CA THR E 10 11.65 -49.32 5.18
C THR E 10 10.85 -50.51 5.68
N SER E 11 11.43 -51.70 5.57
CA SER E 11 10.78 -52.93 6.02
C SER E 11 10.49 -52.87 7.52
N ARG E 12 9.24 -53.13 7.88
CA ARG E 12 8.82 -53.11 9.29
C ARG E 12 9.03 -51.73 9.92
N GLY E 13 10.15 -51.58 10.62
CA GLY E 13 10.46 -50.32 11.26
C GLY E 13 10.76 -49.20 10.28
N GLU E 14 9.71 -48.49 9.85
CA GLU E 14 9.88 -47.39 8.91
C GLU E 14 10.40 -46.14 9.62
N ARG E 15 9.49 -45.29 10.05
CA ARG E 15 9.84 -44.06 10.76
C ARG E 15 10.70 -43.11 9.93
N SER E 16 10.10 -42.00 9.51
CA SER E 16 10.81 -41.00 8.72
C SER E 16 10.92 -39.73 9.56
N PHE E 17 12.14 -39.32 9.87
CA PHE E 17 12.37 -38.14 10.68
C PHE E 17 13.14 -37.06 9.94
N ASP E 18 12.83 -35.80 10.26
CA ASP E 18 13.51 -34.67 9.64
C ASP E 18 14.80 -34.42 10.42
N ILE E 19 15.60 -33.47 9.95
CA ILE E 19 16.87 -33.17 10.60
C ILE E 19 16.77 -32.86 12.09
N TYR E 20 15.76 -32.10 12.49
CA TYR E 20 15.59 -31.74 13.89
C TYR E 20 14.97 -32.84 14.77
N SER E 21 14.07 -33.65 14.21
CA SER E 21 13.46 -34.74 14.96
C SER E 21 14.53 -35.78 15.24
N ARG E 22 15.46 -35.91 14.30
CA ARG E 22 16.55 -36.86 14.41
C ARG E 22 17.48 -36.49 15.57
N LEU E 23 17.79 -35.21 15.71
CA LEU E 23 18.66 -34.77 16.79
C LEU E 23 17.93 -34.80 18.15
N LEU E 24 16.61 -34.70 18.14
CA LEU E 24 15.86 -34.77 19.38
C LEU E 24 16.04 -36.16 20.00
N LYS E 25 16.09 -37.20 19.15
CA LYS E 25 16.29 -38.57 19.63
C LYS E 25 17.59 -38.70 20.43
N GLU E 26 18.51 -37.77 20.23
CA GLU E 26 19.78 -37.75 20.94
C GLU E 26 19.76 -36.70 22.08
N ARG E 27 18.55 -36.23 22.42
CA ARG E 27 18.36 -35.26 23.49
C ARG E 27 18.92 -33.83 23.27
N VAL E 28 18.89 -33.39 22.01
CA VAL E 28 19.39 -32.08 21.63
C VAL E 28 18.24 -31.20 21.15
N ILE E 29 18.18 -29.99 21.68
CA ILE E 29 17.13 -29.03 21.33
C ILE E 29 17.77 -27.72 20.90
N PHE E 30 17.22 -27.10 19.85
CA PHE E 30 17.74 -25.83 19.37
C PHE E 30 16.81 -24.64 19.68
N LEU E 31 17.41 -23.57 20.19
CA LEU E 31 16.69 -22.31 20.49
C LEU E 31 17.34 -21.25 19.58
N THR E 32 16.63 -20.86 18.51
CA THR E 32 17.19 -19.90 17.56
C THR E 32 16.26 -18.76 17.13
N GLY E 33 16.84 -17.57 16.98
CA GLY E 33 16.05 -16.41 16.58
C GLY E 33 15.41 -15.75 17.78
N GLN E 34 14.48 -14.82 17.52
CA GLN E 34 13.81 -14.08 18.58
C GLN E 34 12.90 -14.96 19.43
N VAL E 35 12.90 -14.75 20.75
CA VAL E 35 12.06 -15.54 21.62
C VAL E 35 10.65 -14.92 21.64
N GLU E 36 9.66 -15.77 21.45
CA GLU E 36 8.24 -15.36 21.36
C GLU E 36 7.39 -16.56 21.82
N ASP E 37 6.12 -16.34 22.17
CA ASP E 37 5.28 -17.43 22.67
C ASP E 37 5.19 -18.76 21.94
N HIS E 38 5.05 -18.76 20.63
CA HIS E 38 4.91 -20.05 19.98
C HIS E 38 6.22 -20.87 19.90
N MET E 39 7.33 -20.25 19.51
CA MET E 39 8.59 -20.99 19.47
C MET E 39 8.98 -21.44 20.89
N ALA E 40 8.61 -20.64 21.90
CA ALA E 40 8.91 -20.96 23.31
C ALA E 40 8.13 -22.19 23.76
N ASN E 41 6.86 -22.26 23.35
CA ASN E 41 6.00 -23.36 23.68
C ASN E 41 6.58 -24.67 23.08
N LEU E 42 7.15 -24.59 21.87
CA LEU E 42 7.73 -25.76 21.19
C LEU E 42 8.93 -26.29 22.00
N ILE E 43 9.72 -25.38 22.57
CA ILE E 43 10.86 -25.79 23.38
C ILE E 43 10.37 -26.46 24.70
N VAL E 44 9.39 -25.87 25.35
CA VAL E 44 8.84 -26.44 26.59
C VAL E 44 8.31 -27.85 26.31
N ALA E 45 7.59 -28.03 25.19
CA ALA E 45 7.07 -29.34 24.85
C ALA E 45 8.18 -30.38 24.62
N GLN E 46 9.28 -29.97 24.01
CA GLN E 46 10.39 -30.90 23.76
C GLN E 46 11.08 -31.28 25.08
N MET E 47 11.15 -30.35 26.01
CA MET E 47 11.75 -30.64 27.33
C MET E 47 10.89 -31.62 28.16
N LEU E 48 9.57 -31.47 28.10
CA LEU E 48 8.65 -32.35 28.84
C LEU E 48 8.66 -33.74 28.22
N PHE E 49 8.81 -33.80 26.89
CA PHE E 49 8.87 -35.07 26.18
C PHE E 49 10.13 -35.83 26.59
N LEU E 50 11.28 -35.16 26.52
CA LEU E 50 12.54 -35.79 26.89
C LEU E 50 12.57 -36.23 28.36
N GLU E 51 11.93 -35.48 29.24
CA GLU E 51 11.88 -35.87 30.66
C GLU E 51 11.09 -37.18 30.77
N ALA E 52 9.98 -37.25 30.04
CA ALA E 52 9.13 -38.44 30.05
C ALA E 52 9.82 -39.69 29.49
N GLU E 53 10.65 -39.54 28.45
CA GLU E 53 11.36 -40.68 27.84
C GLU E 53 12.43 -41.24 28.78
N ASN E 54 13.07 -40.36 29.55
CA ASN E 54 14.12 -40.76 30.50
C ASN E 54 14.43 -39.59 31.45
N PRO E 55 13.87 -39.62 32.68
CA PRO E 55 14.13 -38.52 33.62
C PRO E 55 15.51 -38.32 34.24
N GLU E 56 16.44 -39.23 34.02
CA GLU E 56 17.78 -39.09 34.63
C GLU E 56 18.88 -38.56 33.70
N LYS E 57 18.64 -38.59 32.39
CA LYS E 57 19.69 -38.13 31.49
C LYS E 57 19.63 -36.67 31.10
N ASP E 58 20.80 -36.07 30.95
CA ASP E 58 20.98 -34.67 30.57
C ASP E 58 20.32 -34.31 29.23
N ILE E 59 19.95 -33.04 29.11
CA ILE E 59 19.36 -32.48 27.89
C ILE E 59 20.30 -31.36 27.44
N TYR E 60 20.54 -31.22 26.14
CA TYR E 60 21.43 -30.18 25.60
C TYR E 60 20.64 -29.12 24.81
N LEU E 61 20.76 -27.86 25.24
CA LEU E 61 20.06 -26.74 24.59
C LEU E 61 21.06 -25.81 23.91
N TYR E 62 21.05 -25.81 22.57
CA TYR E 62 21.91 -24.93 21.78
C TYR E 62 21.19 -23.58 21.60
N ILE E 63 21.89 -22.49 21.93
CA ILE E 63 21.32 -21.15 21.85
C ILE E 63 22.02 -20.19 20.87
N ASN E 64 21.25 -19.61 19.95
CA ASN E 64 21.74 -18.59 19.01
C ASN E 64 20.54 -17.66 18.89
N SER E 65 20.54 -16.61 19.71
CA SER E 65 19.41 -15.69 19.76
C SER E 65 19.71 -14.27 20.23
N PRO E 66 18.99 -13.27 19.66
CA PRO E 66 19.16 -11.86 20.02
C PRO E 66 18.25 -11.46 21.20
N GLY E 67 17.45 -12.39 21.69
CA GLY E 67 16.56 -12.08 22.81
C GLY E 67 15.11 -12.06 22.41
N GLY E 68 14.26 -11.41 23.21
CA GLY E 68 12.85 -11.34 22.90
C GLY E 68 11.94 -11.04 24.07
N VAL E 69 10.70 -11.53 23.97
CA VAL E 69 9.66 -11.34 24.99
C VAL E 69 9.98 -12.00 26.32
N ILE E 70 10.04 -11.21 27.40
CA ILE E 70 10.37 -11.76 28.71
C ILE E 70 9.45 -12.87 29.24
N THR E 71 8.13 -12.67 29.23
CA THR E 71 7.26 -13.73 29.75
C THR E 71 7.43 -15.04 28.95
N ALA E 72 7.73 -14.93 27.66
CA ALA E 72 7.93 -16.13 26.82
C ALA E 72 9.20 -16.86 27.30
N GLY E 73 10.26 -16.08 27.48
CA GLY E 73 11.52 -16.63 27.94
C GLY E 73 11.39 -17.24 29.34
N MET E 74 10.59 -16.63 30.22
CA MET E 74 10.42 -17.18 31.56
C MET E 74 9.68 -18.51 31.58
N SER E 75 8.88 -18.81 30.54
CA SER E 75 8.21 -20.11 30.54
C SER E 75 9.29 -21.18 30.32
N ILE E 76 10.32 -20.85 29.52
CA ILE E 76 11.42 -21.79 29.27
C ILE E 76 12.27 -21.91 30.54
N TYR E 77 12.61 -20.79 31.16
CA TYR E 77 13.41 -20.80 32.40
C TYR E 77 12.79 -21.68 33.50
N ASP E 78 11.50 -21.48 33.81
CA ASP E 78 10.85 -22.27 34.87
C ASP E 78 10.76 -23.77 34.52
N THR E 79 10.55 -24.11 33.24
CA THR E 79 10.52 -25.51 32.83
C THR E 79 11.92 -26.15 33.01
N MET E 80 12.96 -25.40 32.69
CA MET E 80 14.35 -25.86 32.83
C MET E 80 14.62 -26.24 34.31
N GLN E 81 14.20 -25.40 35.25
CA GLN E 81 14.44 -25.70 36.66
C GLN E 81 13.51 -26.75 37.25
N PHE E 82 12.29 -26.87 36.72
CA PHE E 82 11.31 -27.85 37.20
C PHE E 82 11.56 -29.33 36.86
N ILE E 83 11.82 -29.62 35.59
CA ILE E 83 12.01 -31.02 35.17
C ILE E 83 13.20 -31.66 35.89
N LYS E 84 13.19 -32.97 36.06
CA LYS E 84 14.30 -33.64 36.77
C LYS E 84 15.67 -33.62 36.06
N PRO E 85 15.69 -33.81 34.73
CA PRO E 85 16.98 -33.79 34.04
C PRO E 85 17.77 -32.48 34.12
N ASP E 86 19.11 -32.56 34.10
CA ASP E 86 19.96 -31.37 34.07
C ASP E 86 19.88 -30.84 32.65
N VAL E 87 19.83 -29.53 32.48
CA VAL E 87 19.79 -28.95 31.15
C VAL E 87 21.12 -28.26 30.89
N SER E 88 21.90 -28.83 29.97
CA SER E 88 23.21 -28.27 29.61
C SER E 88 22.97 -27.23 28.50
N THR E 89 23.60 -26.07 28.60
CA THR E 89 23.42 -25.05 27.55
C THR E 89 24.71 -24.75 26.78
N ILE E 90 24.59 -24.52 25.48
CA ILE E 90 25.75 -24.20 24.64
C ILE E 90 25.41 -23.01 23.75
N CYS E 91 26.25 -21.97 23.80
CA CYS E 91 26.06 -20.77 22.99
C CYS E 91 26.86 -20.84 21.68
N MET E 92 26.19 -20.63 20.56
CA MET E 92 26.85 -20.57 19.26
C MET E 92 26.30 -19.34 18.54
N GLY E 93 27.20 -18.51 18.04
CA GLY E 93 26.79 -17.29 17.34
C GLY E 93 26.66 -16.18 18.37
N GLN E 94 25.48 -16.04 18.96
CA GLN E 94 25.30 -15.02 19.99
C GLN E 94 24.21 -15.41 21.00
N ALA E 95 24.30 -14.85 22.19
CA ALA E 95 23.29 -15.04 23.22
C ALA E 95 23.12 -13.66 23.80
N ALA E 96 22.09 -12.92 23.36
CA ALA E 96 21.89 -11.56 23.89
C ALA E 96 20.56 -11.41 24.64
N SER E 97 20.54 -10.54 25.64
CA SER E 97 19.33 -10.29 26.42
C SER E 97 18.74 -11.57 26.99
N MET E 98 17.46 -11.85 26.73
CA MET E 98 16.86 -13.06 27.26
C MET E 98 17.62 -14.31 26.84
N GLY E 99 18.31 -14.25 25.70
CA GLY E 99 19.10 -15.39 25.25
C GLY E 99 20.28 -15.62 26.20
N ALA E 100 20.89 -14.55 26.68
CA ALA E 100 22.02 -14.65 27.63
C ALA E 100 21.53 -15.16 28.99
N PHE E 101 20.32 -14.77 29.36
CA PHE E 101 19.70 -15.19 30.61
C PHE E 101 19.46 -16.71 30.61
N LEU E 102 18.89 -17.25 29.52
CA LEU E 102 18.64 -18.68 29.48
C LEU E 102 19.97 -19.47 29.43
N LEU E 103 21.00 -18.88 28.81
CA LEU E 103 22.31 -19.55 28.74
C LEU E 103 22.90 -19.72 30.15
N THR E 104 22.83 -18.67 30.96
CA THR E 104 23.40 -18.75 32.32
C THR E 104 22.55 -19.57 33.29
N ALA E 105 21.28 -19.77 32.93
CA ALA E 105 20.36 -20.55 33.76
C ALA E 105 20.60 -22.06 33.62
N GLY E 106 21.57 -22.46 32.80
CA GLY E 106 21.84 -23.89 32.65
C GLY E 106 22.45 -24.49 33.92
N ALA E 107 22.44 -25.81 34.03
CA ALA E 107 22.97 -26.53 35.20
C ALA E 107 24.43 -26.12 35.49
N LYS E 108 24.74 -25.86 36.76
CA LYS E 108 26.09 -25.45 37.13
C LYS E 108 27.13 -26.48 36.66
N GLY E 109 28.19 -25.99 36.02
CA GLY E 109 29.24 -26.85 35.51
C GLY E 109 28.95 -27.39 34.12
N LYS E 110 27.76 -27.11 33.59
CA LYS E 110 27.42 -27.61 32.27
C LYS E 110 26.98 -26.51 31.29
N ARG E 111 27.52 -25.30 31.46
CA ARG E 111 27.21 -24.17 30.58
C ARG E 111 28.46 -23.80 29.80
N PHE E 112 28.35 -23.80 28.46
CA PHE E 112 29.48 -23.50 27.59
C PHE E 112 29.25 -22.48 26.45
N CYS E 113 30.36 -21.89 26.01
CA CYS E 113 30.44 -20.94 24.89
C CYS E 113 31.42 -21.54 23.87
N LEU E 114 31.19 -21.31 22.59
CA LEU E 114 32.14 -21.75 21.55
C LEU E 114 33.14 -20.58 21.52
N PRO E 115 34.38 -20.79 21.02
CA PRO E 115 35.41 -19.74 20.98
C PRO E 115 35.08 -18.34 20.46
N ASN E 116 34.31 -18.25 19.38
CA ASN E 116 34.01 -16.92 18.83
C ASN E 116 32.55 -16.48 19.01
N SER E 117 31.86 -17.08 19.97
CA SER E 117 30.48 -16.70 20.25
C SER E 117 30.53 -15.39 21.06
N ARG E 118 29.43 -14.66 21.06
CA ARG E 118 29.34 -13.37 21.75
C ARG E 118 28.10 -13.31 22.66
N VAL E 119 28.23 -12.63 23.80
CA VAL E 119 27.16 -12.48 24.78
C VAL E 119 26.88 -10.98 25.08
N MET E 120 25.61 -10.62 25.30
CA MET E 120 25.26 -9.22 25.62
C MET E 120 24.17 -9.18 26.69
N ILE E 121 24.34 -8.34 27.71
CA ILE E 121 23.37 -8.21 28.79
C ILE E 121 22.89 -6.75 28.97
N HIS E 122 21.66 -6.56 29.46
CA HIS E 122 21.11 -5.21 29.66
C HIS E 122 19.83 -5.27 30.49
N GLN E 123 19.14 -4.14 30.66
CA GLN E 123 17.92 -4.13 31.47
C GLN E 123 16.66 -4.25 30.59
N PRO E 124 15.50 -4.53 31.21
CA PRO E 124 14.25 -4.67 30.46
C PRO E 124 13.82 -3.42 29.68
N LEU E 125 13.17 -3.66 28.53
CA LEU E 125 12.64 -2.62 27.69
C LEU E 125 11.11 -2.78 27.62
N GLY E 126 10.39 -1.66 27.54
CA GLY E 126 8.94 -1.75 27.48
C GLY E 126 8.29 -0.47 26.97
N GLY E 127 6.97 -0.40 27.11
CA GLY E 127 6.25 0.77 26.68
C GLY E 127 4.79 0.66 27.09
N TYR E 128 4.03 1.74 26.89
CA TYR E 128 2.61 1.76 27.22
C TYR E 128 2.05 3.11 26.80
N GLN E 129 0.73 3.18 26.67
CA GLN E 129 0.04 4.41 26.28
C GLN E 129 -1.34 4.34 26.95
N GLY E 130 -1.74 5.42 27.62
CA GLY E 130 -3.03 5.41 28.31
C GLY E 130 -3.16 6.49 29.37
N GLN E 131 -4.12 6.32 30.28
CA GLN E 131 -4.35 7.30 31.38
C GLN E 131 -3.21 7.25 32.38
N ALA E 132 -2.92 8.39 33.02
CA ALA E 132 -1.85 8.44 34.00
C ALA E 132 -1.96 7.33 35.05
N THR E 133 -3.16 7.08 35.58
CA THR E 133 -3.35 6.01 36.57
C THR E 133 -2.85 4.63 36.09
N ASP E 134 -3.18 4.28 34.84
CA ASP E 134 -2.75 3.01 34.23
C ASP E 134 -1.26 3.03 33.91
N ILE E 135 -0.72 4.18 33.55
CA ILE E 135 0.71 4.29 33.29
C ILE E 135 1.51 3.94 34.58
N GLU E 136 1.04 4.41 35.74
CA GLU E 136 1.71 4.12 37.02
C GLU E 136 1.74 2.59 37.27
N ILE E 137 0.60 1.94 37.04
CA ILE E 137 0.49 0.49 37.23
C ILE E 137 1.51 -0.28 36.39
N HIS E 138 1.57 0.03 35.10
CA HIS E 138 2.50 -0.64 34.20
C HIS E 138 3.97 -0.28 34.43
N ALA E 139 4.24 0.96 34.86
CA ALA E 139 5.63 1.36 35.15
C ALA E 139 6.13 0.60 36.39
N ARG E 140 5.29 0.50 37.40
CA ARG E 140 5.64 -0.21 38.63
C ARG E 140 5.94 -1.68 38.33
N GLU E 141 5.17 -2.28 37.42
CA GLU E 141 5.38 -3.69 37.07
C GLU E 141 6.72 -3.91 36.33
N ILE E 142 7.08 -3.05 35.39
CA ILE E 142 8.37 -3.31 34.72
C ILE E 142 9.57 -3.12 35.68
N LEU E 143 9.43 -2.26 36.69
CA LEU E 143 10.52 -2.08 37.67
C LEU E 143 10.64 -3.31 38.56
N LYS E 144 9.51 -3.96 38.86
CA LYS E 144 9.55 -5.19 39.63
C LYS E 144 10.16 -6.32 38.79
N VAL E 145 9.86 -6.35 37.49
CA VAL E 145 10.43 -7.37 36.60
C VAL E 145 11.95 -7.20 36.53
N LYS E 146 12.40 -5.95 36.42
CA LYS E 146 13.82 -5.60 36.36
C LYS E 146 14.54 -6.12 37.62
N GLY E 147 13.95 -5.89 38.78
CA GLY E 147 14.54 -6.35 40.04
C GLY E 147 14.64 -7.86 40.12
N ARG E 148 13.58 -8.55 39.69
CA ARG E 148 13.59 -10.00 39.75
C ARG E 148 14.64 -10.61 38.80
N MET E 149 14.79 -10.03 37.60
CA MET E 149 15.80 -10.55 36.65
C MET E 149 17.23 -10.34 37.17
N ASN E 150 17.45 -9.20 37.82
CA ASN E 150 18.78 -8.90 38.38
C ASN E 150 19.11 -9.88 39.53
N GLU E 151 18.12 -10.19 40.36
CA GLU E 151 18.33 -11.14 41.46
C GLU E 151 18.64 -12.54 40.94
N LEU E 152 17.95 -12.97 39.88
CA LEU E 152 18.21 -14.31 39.34
C LEU E 152 19.58 -14.36 38.64
N MET E 153 19.97 -13.26 37.99
CA MET E 153 21.26 -13.21 37.31
C MET E 153 22.39 -13.32 38.34
N ALA E 154 22.19 -12.67 39.49
CA ALA E 154 23.19 -12.70 40.57
C ALA E 154 23.32 -14.12 41.11
N LEU E 155 22.18 -14.81 41.25
CA LEU E 155 22.13 -16.17 41.76
C LEU E 155 22.89 -17.14 40.87
N HIS E 156 22.71 -17.06 39.55
CA HIS E 156 23.38 -18.00 38.63
C HIS E 156 24.84 -17.66 38.28
N THR E 157 25.22 -16.38 38.32
CA THR E 157 26.59 -16.00 37.98
C THR E 157 27.53 -15.97 39.17
N GLY E 158 26.98 -15.81 40.36
CA GLY E 158 27.82 -15.73 41.55
C GLY E 158 28.20 -14.29 41.86
N GLN E 159 27.88 -13.36 40.95
CA GLN E 159 28.20 -11.95 41.17
C GLN E 159 27.24 -11.37 42.21
N SER E 160 27.65 -10.26 42.85
CA SER E 160 26.79 -9.62 43.84
C SER E 160 25.66 -8.87 43.11
N LEU E 161 24.54 -8.68 43.78
CA LEU E 161 23.41 -7.98 43.16
C LEU E 161 23.82 -6.57 42.77
N GLU E 162 24.68 -5.97 43.58
CA GLU E 162 25.14 -4.61 43.31
C GLU E 162 25.94 -4.54 42.00
N GLN E 163 26.78 -5.54 41.75
CA GLN E 163 27.57 -5.58 40.53
C GLN E 163 26.65 -5.81 39.31
N ILE E 164 25.70 -6.73 39.43
CA ILE E 164 24.77 -6.99 38.33
C ILE E 164 24.00 -5.73 37.93
N GLU E 165 23.51 -4.99 38.93
CA GLU E 165 22.73 -3.77 38.67
C GLU E 165 23.55 -2.71 37.96
N ARG E 166 24.81 -2.58 38.35
CA ARG E 166 25.67 -1.58 37.73
C ARG E 166 26.05 -1.94 36.31
N ASP E 167 26.24 -3.23 36.04
CA ASP E 167 26.64 -3.67 34.73
C ASP E 167 25.54 -3.81 33.67
N THR E 168 24.27 -3.72 34.10
CA THR E 168 23.19 -3.87 33.14
C THR E 168 22.39 -2.60 32.84
N GLU E 169 22.78 -1.45 33.41
CA GLU E 169 22.07 -0.21 33.14
C GLU E 169 22.15 0.13 31.66
N ARG E 170 23.26 -0.27 31.01
CA ARG E 170 23.42 -0.06 29.57
C ARG E 170 23.97 -1.32 28.92
N ASP E 171 23.78 -1.47 27.61
CA ASP E 171 24.26 -2.65 26.89
C ASP E 171 25.72 -2.98 27.27
N ARG E 172 26.02 -4.26 27.43
CA ARG E 172 27.37 -4.70 27.80
C ARG E 172 27.70 -6.03 27.10
N PHE E 173 28.72 -6.02 26.24
CA PHE E 173 29.13 -7.22 25.50
C PHE E 173 30.23 -7.96 26.23
N LEU E 174 30.28 -9.28 26.07
CA LEU E 174 31.33 -10.08 26.68
C LEU E 174 31.78 -11.13 25.69
N SER E 175 33.09 -11.29 25.52
CA SER E 175 33.61 -12.32 24.62
C SER E 175 33.47 -13.62 25.41
N ALA E 176 33.78 -14.75 24.79
CA ALA E 176 33.66 -16.03 25.46
C ALA E 176 34.57 -16.12 26.69
N PRO E 177 35.84 -15.70 26.59
CA PRO E 177 36.65 -15.80 27.81
C PRO E 177 36.18 -14.87 28.93
N GLU E 178 35.63 -13.71 28.57
CA GLU E 178 35.13 -12.79 29.57
C GLU E 178 33.84 -13.35 30.20
N ALA E 179 33.06 -14.10 29.42
CA ALA E 179 31.82 -14.68 29.94
C ALA E 179 32.18 -15.72 31.00
N VAL E 180 33.32 -16.39 30.80
CA VAL E 180 33.78 -17.39 31.75
C VAL E 180 34.21 -16.72 33.06
N GLU E 181 35.04 -15.69 32.98
CA GLU E 181 35.48 -15.04 34.20
C GLU E 181 34.33 -14.33 34.91
N TYR E 182 33.27 -13.99 34.17
CA TYR E 182 32.12 -13.32 34.77
C TYR E 182 31.24 -14.29 35.54
N GLY E 183 31.29 -15.56 35.16
CA GLY E 183 30.46 -16.56 35.81
C GLY E 183 29.18 -16.85 35.02
N LEU E 184 29.13 -16.31 33.81
CA LEU E 184 27.98 -16.48 32.93
C LEU E 184 27.96 -17.92 32.38
N VAL E 185 29.14 -18.45 32.03
CA VAL E 185 29.27 -19.82 31.55
C VAL E 185 30.44 -20.47 32.35
N ASP E 186 30.56 -21.79 32.26
CA ASP E 186 31.61 -22.50 33.01
C ASP E 186 32.92 -22.70 32.26
N SER E 187 32.86 -22.84 30.94
CA SER E 187 34.08 -23.00 30.15
C SER E 187 33.82 -22.84 28.66
N ILE E 188 34.89 -22.90 27.87
CA ILE E 188 34.83 -22.76 26.42
C ILE E 188 35.04 -24.12 25.73
N LEU E 189 34.22 -24.40 24.71
CA LEU E 189 34.36 -25.64 23.95
C LEU E 189 35.17 -25.25 22.72
N THR E 190 36.24 -26.00 22.44
CA THR E 190 37.07 -25.70 21.27
C THR E 190 37.04 -26.83 20.25
N HIS E 191 37.51 -28.01 20.64
CA HIS E 191 37.52 -29.19 19.77
C HIS E 191 36.90 -30.40 20.46
N ARG E 192 36.16 -31.21 19.70
CA ARG E 192 35.50 -32.38 20.26
C ARG E 192 36.51 -33.42 20.76
N ASN E 193 36.13 -34.11 21.84
CA ASN E 193 36.98 -35.14 22.44
C ASN E 193 37.29 -36.21 21.41
N ALA F 1 11.47 -23.23 12.87
CA ALA F 1 10.92 -23.00 11.51
C ALA F 1 9.97 -24.13 11.11
N LEU F 2 9.81 -25.10 12.01
CA LEU F 2 8.94 -26.24 11.77
C LEU F 2 8.79 -27.07 13.04
N VAL F 3 7.64 -27.73 13.19
CA VAL F 3 7.38 -28.55 14.36
C VAL F 3 8.00 -29.93 14.19
N PRO F 4 8.78 -30.38 15.20
CA PRO F 4 9.43 -31.69 15.19
C PRO F 4 8.48 -32.83 14.89
N MET F 5 8.76 -33.56 13.80
CA MET F 5 7.93 -34.70 13.41
C MET F 5 8.50 -35.98 14.00
N VAL F 6 8.47 -36.08 15.33
CA VAL F 6 8.99 -37.25 16.03
C VAL F 6 7.90 -38.27 16.34
N ILE F 7 8.32 -39.44 16.82
CA ILE F 7 7.41 -40.51 17.18
C ILE F 7 7.82 -41.07 18.53
N GLU F 8 8.86 -41.91 18.52
CA GLU F 8 9.38 -42.52 19.74
C GLU F 8 8.29 -43.16 20.58
N GLN F 9 8.03 -44.44 20.32
CA GLN F 9 7.01 -45.19 21.05
C GLN F 9 7.45 -46.63 21.23
N THR F 10 6.68 -47.40 21.99
CA THR F 10 7.00 -48.81 22.23
C THR F 10 6.46 -49.69 21.11
N SER F 11 5.16 -49.59 20.86
CA SER F 11 4.53 -50.38 19.81
C SER F 11 4.88 -49.82 18.44
N ARG F 12 4.21 -50.31 17.41
CA ARG F 12 4.46 -49.86 16.04
C ARG F 12 3.87 -48.48 15.83
N GLY F 13 4.57 -47.65 15.05
CA GLY F 13 4.10 -46.31 14.78
C GLY F 13 3.56 -46.15 13.37
N GLU F 14 2.57 -45.29 13.21
CA GLU F 14 1.96 -45.03 11.91
C GLU F 14 2.88 -44.17 11.05
N ARG F 15 2.83 -42.86 11.28
CA ARG F 15 3.66 -41.92 10.54
C ARG F 15 4.33 -40.92 11.47
N SER F 16 4.83 -39.82 10.89
CA SER F 16 5.50 -38.79 11.68
C SER F 16 4.48 -37.85 12.31
N PHE F 17 4.55 -37.71 13.62
CA PHE F 17 3.63 -36.84 14.36
C PHE F 17 4.41 -35.68 14.99
N ASP F 18 3.72 -34.58 15.26
CA ASP F 18 4.37 -33.43 15.87
C ASP F 18 4.56 -33.70 17.36
N ILE F 19 5.27 -32.79 18.04
CA ILE F 19 5.55 -32.95 19.46
C ILE F 19 4.27 -32.86 20.30
N TYR F 20 3.27 -32.13 19.79
CA TYR F 20 2.00 -31.98 20.52
C TYR F 20 1.12 -33.20 20.54
N SER F 21 1.17 -33.96 19.45
CA SER F 21 0.40 -35.18 19.32
C SER F 21 0.96 -36.20 20.33
N ARG F 22 2.28 -36.25 20.44
CA ARG F 22 2.92 -37.17 21.39
C ARG F 22 2.48 -36.88 22.83
N LEU F 23 2.45 -35.60 23.20
CA LEU F 23 2.08 -35.20 24.55
C LEU F 23 0.58 -35.37 24.82
N LEU F 24 -0.22 -35.33 23.76
CA LEU F 24 -1.65 -35.51 23.92
C LEU F 24 -1.91 -36.92 24.45
N LYS F 25 -1.01 -37.86 24.13
CA LYS F 25 -1.14 -39.23 24.61
C LYS F 25 -0.92 -39.28 26.11
N GLU F 26 -0.21 -38.30 26.64
CA GLU F 26 0.06 -38.21 28.08
C GLU F 26 -1.02 -37.32 28.72
N ARG F 27 -2.04 -37.00 27.94
CA ARG F 27 -3.16 -36.18 28.39
C ARG F 27 -2.80 -34.74 28.68
N VAL F 28 -1.83 -34.19 27.95
CA VAL F 28 -1.42 -32.80 28.09
C VAL F 28 -1.90 -31.96 26.87
N ILE F 29 -2.59 -30.84 27.15
CA ILE F 29 -3.07 -29.91 26.12
C ILE F 29 -2.45 -28.53 26.35
N PHE F 30 -2.02 -27.84 25.28
CA PHE F 30 -1.45 -26.48 25.42
C PHE F 30 -2.38 -25.37 24.90
N LEU F 31 -2.56 -24.30 25.70
CA LEU F 31 -3.36 -23.13 25.31
C LEU F 31 -2.31 -22.00 25.23
N THR F 32 -1.99 -21.60 23.99
CA THR F 32 -0.93 -20.60 23.77
C THR F 32 -1.32 -19.45 22.84
N GLY F 33 -0.96 -18.23 23.23
CA GLY F 33 -1.28 -17.09 22.39
C GLY F 33 -2.69 -16.57 22.59
N GLN F 34 -3.11 -15.67 21.69
CA GLN F 34 -4.41 -15.04 21.78
C GLN F 34 -5.59 -16.02 21.70
N VAL F 35 -6.61 -15.82 22.52
CA VAL F 35 -7.75 -16.72 22.47
C VAL F 35 -8.68 -16.25 21.37
N GLU F 36 -9.02 -17.17 20.47
CA GLU F 36 -9.90 -16.84 19.33
C GLU F 36 -10.68 -18.12 18.94
N ASP F 37 -11.77 -17.97 18.18
CA ASP F 37 -12.62 -19.12 17.80
C ASP F 37 -11.96 -20.40 17.31
N HIS F 38 -11.04 -20.29 16.38
CA HIS F 38 -10.43 -21.50 15.85
C HIS F 38 -9.47 -22.21 16.79
N MET F 39 -8.59 -21.49 17.48
CA MET F 39 -7.70 -22.18 18.41
C MET F 39 -8.48 -22.75 19.60
N ALA F 40 -9.62 -22.12 19.95
CA ALA F 40 -10.45 -22.60 21.06
C ALA F 40 -11.20 -23.88 20.67
N ASN F 41 -11.65 -23.96 19.42
CA ASN F 41 -12.35 -25.15 18.95
C ASN F 41 -11.37 -26.31 18.98
N LEU F 42 -10.10 -26.09 18.62
CA LEU F 42 -9.11 -27.17 18.67
C LEU F 42 -8.91 -27.66 20.12
N ILE F 43 -8.96 -26.76 21.09
CA ILE F 43 -8.81 -27.17 22.49
C ILE F 43 -10.04 -27.94 22.95
N VAL F 44 -11.23 -27.48 22.54
CA VAL F 44 -12.46 -28.19 22.89
C VAL F 44 -12.44 -29.63 22.32
N ALA F 45 -11.97 -29.78 21.09
CA ALA F 45 -11.93 -31.11 20.47
C ALA F 45 -10.95 -32.05 21.19
N GLN F 46 -9.82 -31.52 21.66
CA GLN F 46 -8.86 -32.35 22.38
C GLN F 46 -9.46 -32.80 23.70
N MET F 47 -10.21 -31.91 24.37
CA MET F 47 -10.84 -32.30 25.64
C MET F 47 -11.88 -33.39 25.46
N LEU F 48 -12.73 -33.26 24.44
CA LEU F 48 -13.75 -34.26 24.15
C LEU F 48 -13.13 -35.61 23.79
N PHE F 49 -12.04 -35.59 23.05
CA PHE F 49 -11.32 -36.81 22.64
C PHE F 49 -10.72 -37.52 23.86
N LEU F 50 -10.10 -36.76 24.76
CA LEU F 50 -9.50 -37.35 25.96
C LEU F 50 -10.57 -37.90 26.90
N GLU F 51 -11.71 -37.22 27.02
CA GLU F 51 -12.78 -37.75 27.87
C GLU F 51 -13.24 -39.12 27.30
N ALA F 52 -13.30 -39.23 25.97
CA ALA F 52 -13.72 -40.47 25.32
C ALA F 52 -12.70 -41.61 25.53
N GLU F 53 -11.41 -41.28 25.50
CA GLU F 53 -10.34 -42.25 25.72
C GLU F 53 -10.39 -42.80 27.16
N ASN F 54 -10.56 -41.91 28.14
CA ASN F 54 -10.67 -42.33 29.55
C ASN F 54 -11.35 -41.25 30.37
N PRO F 55 -12.62 -41.48 30.75
CA PRO F 55 -13.43 -40.53 31.54
C PRO F 55 -13.02 -40.27 32.98
N GLU F 56 -12.10 -41.05 33.51
CA GLU F 56 -11.70 -40.90 34.89
C GLU F 56 -10.34 -40.28 35.17
N LYS F 57 -9.44 -40.33 34.20
CA LYS F 57 -8.11 -39.76 34.38
C LYS F 57 -8.07 -38.26 34.16
N ASP F 58 -7.27 -37.57 34.97
CA ASP F 58 -7.13 -36.12 34.89
C ASP F 58 -6.55 -35.68 33.55
N ILE F 59 -6.81 -34.42 33.19
CA ILE F 59 -6.29 -33.78 31.98
C ILE F 59 -5.49 -32.56 32.46
N TYR F 60 -4.38 -32.26 31.80
CA TYR F 60 -3.51 -31.13 32.17
C TYR F 60 -3.49 -30.06 31.10
N LEU F 61 -3.96 -28.86 31.45
CA LEU F 61 -4.00 -27.74 30.50
C LEU F 61 -2.93 -26.70 30.83
N TYR F 62 -1.91 -26.58 29.98
CA TYR F 62 -0.87 -25.56 30.20
C TYR F 62 -1.33 -24.24 29.57
N ILE F 63 -1.17 -23.14 30.29
CA ILE F 63 -1.62 -21.85 29.79
C ILE F 63 -0.53 -20.76 29.73
N ASN F 64 -0.34 -20.18 28.54
CA ASN F 64 0.58 -19.05 28.37
C ASN F 64 -0.10 -18.17 27.35
N SER F 65 -0.86 -17.19 27.83
CA SER F 65 -1.66 -16.33 26.94
C SER F 65 -1.98 -14.92 27.45
N PRO F 66 -2.07 -13.94 26.53
CA PRO F 66 -2.38 -12.55 26.87
C PRO F 66 -3.90 -12.30 26.94
N GLY F 67 -4.69 -13.30 26.60
CA GLY F 67 -6.13 -13.13 26.67
C GLY F 67 -6.76 -13.20 25.29
N GLY F 68 -7.98 -12.66 25.15
CA GLY F 68 -8.67 -12.68 23.86
C GLY F 68 -10.18 -12.53 23.93
N VAL F 69 -10.86 -13.10 22.94
CA VAL F 69 -12.32 -13.04 22.76
C VAL F 69 -13.09 -13.79 23.86
N ILE F 70 -14.00 -13.09 24.53
CA ILE F 70 -14.78 -13.67 25.61
C ILE F 70 -15.61 -14.90 25.22
N THR F 71 -16.44 -14.79 24.19
CA THR F 71 -17.24 -15.95 23.79
C THR F 71 -16.39 -17.17 23.43
N ALA F 72 -15.26 -16.99 22.73
CA ALA F 72 -14.40 -18.14 22.40
C ALA F 72 -13.86 -18.77 23.71
N GLY F 73 -13.41 -17.93 24.64
CA GLY F 73 -12.94 -18.44 25.92
C GLY F 73 -14.06 -19.15 26.70
N MET F 74 -15.31 -18.69 26.59
CA MET F 74 -16.41 -19.36 27.31
C MET F 74 -16.71 -20.77 26.74
N SER F 75 -16.38 -21.01 25.47
CA SER F 75 -16.59 -22.33 24.89
C SER F 75 -15.65 -23.31 25.61
N ILE F 76 -14.42 -22.87 25.91
CA ILE F 76 -13.45 -23.69 26.65
C ILE F 76 -13.93 -23.85 28.12
N TYR F 77 -14.28 -22.75 28.77
CA TYR F 77 -14.75 -22.82 30.18
C TYR F 77 -15.93 -23.82 30.36
N ASP F 78 -16.94 -23.73 29.50
CA ASP F 78 -18.10 -24.61 29.65
C ASP F 78 -17.74 -26.08 29.39
N THR F 79 -16.83 -26.32 28.47
CA THR F 79 -16.43 -27.70 28.18
C THR F 79 -15.62 -28.26 29.36
N MET F 80 -14.79 -27.42 29.98
CA MET F 80 -13.99 -27.87 31.13
C MET F 80 -14.92 -28.35 32.23
N GLN F 81 -16.00 -27.61 32.51
CA GLN F 81 -16.92 -28.02 33.58
C GLN F 81 -17.83 -29.19 33.19
N PHE F 82 -18.19 -29.30 31.91
CA PHE F 82 -19.08 -30.37 31.46
C PHE F 82 -18.50 -31.80 31.46
N ILE F 83 -17.32 -31.96 30.89
CA ILE F 83 -16.71 -33.29 30.78
C ILE F 83 -16.44 -33.95 32.12
N LYS F 84 -16.38 -35.28 32.12
CA LYS F 84 -16.18 -36.08 33.34
C LYS F 84 -14.85 -35.87 34.08
N PRO F 85 -13.73 -35.92 33.36
CA PRO F 85 -12.47 -35.73 34.10
C PRO F 85 -12.18 -34.34 34.64
N ASP F 86 -11.37 -34.30 35.70
CA ASP F 86 -10.95 -33.04 36.30
C ASP F 86 -9.94 -32.39 35.34
N VAL F 87 -10.02 -31.07 35.14
CA VAL F 87 -9.03 -30.41 34.29
C VAL F 87 -8.11 -29.57 35.21
N SER F 88 -6.88 -30.02 35.38
CA SER F 88 -5.86 -29.34 36.19
C SER F 88 -5.22 -28.27 35.31
N THR F 89 -5.08 -27.04 35.81
CA THR F 89 -4.49 -25.95 35.02
C THR F 89 -3.10 -25.53 35.54
N ILE F 90 -2.19 -25.21 34.61
CA ILE F 90 -0.82 -24.80 34.95
C ILE F 90 -0.39 -23.55 34.18
N CYS F 91 -0.07 -22.50 34.91
CA CYS F 91 0.35 -21.25 34.27
C CYS F 91 1.88 -21.17 34.10
N MET F 92 2.32 -20.92 32.87
CA MET F 92 3.75 -20.74 32.61
C MET F 92 3.87 -19.44 31.80
N GLY F 93 4.81 -18.59 32.19
CA GLY F 93 4.97 -17.34 31.48
C GLY F 93 3.96 -16.35 32.00
N GLN F 94 2.74 -16.36 31.44
CA GLN F 94 1.72 -15.42 31.88
C GLN F 94 0.30 -15.91 31.57
N ALA F 95 -0.69 -15.44 32.34
CA ALA F 95 -2.11 -15.76 32.13
C ALA F 95 -2.80 -14.43 32.37
N ALA F 96 -3.18 -13.75 31.30
CA ALA F 96 -3.82 -12.43 31.43
C ALA F 96 -5.24 -12.42 30.89
N SER F 97 -6.09 -11.63 31.53
CA SER F 97 -7.46 -11.47 31.07
C SER F 97 -8.18 -12.83 30.92
N MET F 98 -8.74 -13.13 29.74
CA MET F 98 -9.41 -14.42 29.60
C MET F 98 -8.44 -15.58 29.89
N GLY F 99 -7.13 -15.37 29.76
CA GLY F 99 -6.20 -16.45 30.09
C GLY F 99 -6.18 -16.75 31.61
N ALA F 100 -6.27 -15.68 32.40
CA ALA F 100 -6.30 -15.81 33.88
C ALA F 100 -7.64 -16.44 34.33
N PHE F 101 -8.72 -16.07 33.64
CA PHE F 101 -10.05 -16.59 33.95
C PHE F 101 -10.07 -18.12 33.78
N LEU F 102 -9.46 -18.61 32.71
CA LEU F 102 -9.47 -20.05 32.48
C LEU F 102 -8.53 -20.79 33.46
N LEU F 103 -7.46 -20.13 33.87
CA LEU F 103 -6.53 -20.73 34.86
C LEU F 103 -7.32 -20.95 36.18
N THR F 104 -8.05 -19.93 36.62
CA THR F 104 -8.79 -20.06 37.89
C THR F 104 -9.99 -21.02 37.83
N ALA F 105 -10.45 -21.32 36.62
CA ALA F 105 -11.56 -22.25 36.40
C ALA F 105 -11.16 -23.73 36.49
N GLY F 106 -9.86 -23.99 36.67
CA GLY F 106 -9.41 -25.37 36.78
C GLY F 106 -9.98 -26.09 38.00
N ALA F 107 -9.81 -27.42 38.06
CA ALA F 107 -10.35 -28.24 39.15
C ALA F 107 -9.83 -27.81 40.51
N LYS F 108 -10.74 -27.80 41.49
CA LYS F 108 -10.38 -27.39 42.84
C LYS F 108 -9.20 -28.20 43.36
N GLY F 109 -8.22 -27.51 43.92
CA GLY F 109 -7.03 -28.14 44.44
C GLY F 109 -5.98 -28.50 43.40
N LYS F 110 -6.28 -28.25 42.14
CA LYS F 110 -5.35 -28.65 41.07
C LYS F 110 -4.99 -27.53 40.09
N ARG F 111 -4.95 -26.29 40.57
CA ARG F 111 -4.61 -25.11 39.76
C ARG F 111 -3.23 -24.67 40.25
N PHE F 112 -2.27 -24.53 39.33
CA PHE F 112 -0.90 -24.17 39.69
C PHE F 112 -0.26 -23.03 38.90
N CYS F 113 0.76 -22.40 39.51
CA CYS F 113 1.56 -21.37 38.88
C CYS F 113 3.02 -21.85 39.01
N LEU F 114 3.85 -21.54 38.01
CA LEU F 114 5.28 -21.85 38.09
C LEU F 114 5.82 -20.65 38.87
N PRO F 115 7.00 -20.79 39.51
CA PRO F 115 7.63 -19.74 40.32
C PRO F 115 7.71 -18.31 39.83
N ASN F 116 8.09 -18.13 38.57
CA ASN F 116 8.22 -16.80 38.03
C ASN F 116 7.13 -16.39 37.03
N SER F 117 6.01 -17.11 37.04
CA SER F 117 4.91 -16.75 36.14
C SER F 117 4.13 -15.57 36.74
N ARG F 118 3.32 -14.92 35.93
CA ARG F 118 2.50 -13.81 36.44
C ARG F 118 1.07 -13.86 35.88
N VAL F 119 0.14 -13.39 36.70
CA VAL F 119 -1.26 -13.38 36.34
C VAL F 119 -1.71 -11.92 36.27
N MET F 120 -2.57 -11.58 35.30
CA MET F 120 -3.05 -10.21 35.20
C MET F 120 -4.56 -10.24 35.02
N ILE F 121 -5.28 -9.53 35.88
CA ILE F 121 -6.74 -9.50 35.75
C ILE F 121 -7.22 -8.10 35.37
N HIS F 122 -8.46 -8.02 34.90
CA HIS F 122 -9.08 -6.74 34.52
C HIS F 122 -10.53 -6.93 34.02
N GLN F 123 -11.23 -5.86 33.66
CA GLN F 123 -12.63 -6.01 33.20
C GLN F 123 -12.73 -6.11 31.68
N PRO F 124 -13.93 -6.50 31.17
CA PRO F 124 -14.19 -6.66 29.73
C PRO F 124 -13.98 -5.37 28.93
N LEU F 125 -13.49 -5.53 27.70
CA LEU F 125 -13.31 -4.37 26.82
C LEU F 125 -14.12 -4.60 25.52
N GLY F 126 -14.51 -3.52 24.86
CA GLY F 126 -15.27 -3.64 23.63
C GLY F 126 -15.53 -2.34 22.89
N GLY F 127 -16.58 -2.34 22.06
CA GLY F 127 -16.91 -1.13 21.32
C GLY F 127 -18.05 -1.35 20.34
N TYR F 128 -18.67 -0.25 19.91
CA TYR F 128 -19.77 -0.36 18.95
C TYR F 128 -19.93 0.97 18.23
N GLN F 129 -20.72 0.95 17.16
CA GLN F 129 -20.96 2.13 16.36
C GLN F 129 -22.36 1.98 15.72
N GLY F 130 -23.21 2.99 15.83
CA GLY F 130 -24.55 2.91 15.27
C GLY F 130 -25.53 3.91 15.87
N GLN F 131 -26.83 3.66 15.70
CA GLN F 131 -27.88 4.53 16.26
C GLN F 131 -27.90 4.38 17.78
N ALA F 132 -28.24 5.48 18.47
CA ALA F 132 -28.35 5.47 19.93
C ALA F 132 -29.20 4.30 20.45
N THR F 133 -30.31 3.97 19.81
CA THR F 133 -31.11 2.83 20.28
C THR F 133 -30.28 1.51 20.29
N ASP F 134 -29.50 1.26 19.23
CA ASP F 134 -28.69 0.04 19.16
C ASP F 134 -27.49 0.10 20.12
N ILE F 135 -27.00 1.30 20.38
CA ILE F 135 -25.89 1.46 21.33
C ILE F 135 -26.39 1.04 22.72
N GLU F 136 -27.61 1.46 23.07
CA GLU F 136 -28.19 1.09 24.37
C GLU F 136 -28.29 -0.45 24.51
N ILE F 137 -28.75 -1.12 23.46
CA ILE F 137 -28.87 -2.58 23.48
C ILE F 137 -27.51 -3.27 23.70
N HIS F 138 -26.49 -2.83 22.97
CA HIS F 138 -25.19 -3.47 23.09
C HIS F 138 -24.43 -3.09 24.39
N ALA F 139 -24.66 -1.88 24.89
CA ALA F 139 -24.01 -1.45 26.15
C ALA F 139 -24.64 -2.24 27.30
N ARG F 140 -25.95 -2.45 27.24
CA ARG F 140 -26.66 -3.22 28.26
C ARG F 140 -26.17 -4.68 28.27
N GLU F 141 -25.89 -5.24 27.09
CA GLU F 141 -25.42 -6.64 27.04
C GLU F 141 -23.99 -6.73 27.61
N ILE F 142 -23.15 -5.74 27.31
CA ILE F 142 -21.77 -5.69 27.81
C ILE F 142 -21.72 -5.73 29.35
N LEU F 143 -22.63 -5.02 29.99
CA LEU F 143 -22.72 -4.96 31.45
C LEU F 143 -23.26 -6.26 32.05
N LYS F 144 -24.13 -6.93 31.30
CA LYS F 144 -24.66 -8.22 31.76
C LYS F 144 -23.53 -9.27 31.71
N VAL F 145 -22.68 -9.20 30.69
CA VAL F 145 -21.55 -10.13 30.55
C VAL F 145 -20.52 -9.88 31.67
N LYS F 146 -20.28 -8.61 31.98
CA LYS F 146 -19.36 -8.24 33.04
C LYS F 146 -19.85 -8.81 34.37
N GLY F 147 -21.16 -8.70 34.59
CA GLY F 147 -21.76 -9.21 35.81
C GLY F 147 -21.59 -10.73 35.94
N ARG F 148 -21.84 -11.46 34.87
CA ARG F 148 -21.69 -12.91 34.91
C ARG F 148 -20.23 -13.32 35.14
N MET F 149 -19.29 -12.63 34.50
CA MET F 149 -17.88 -12.98 34.71
C MET F 149 -17.44 -12.72 36.16
N ASN F 150 -17.91 -11.63 36.76
CA ASN F 150 -17.53 -11.34 38.14
C ASN F 150 -18.11 -12.41 39.08
N GLU F 151 -19.32 -12.88 38.78
CA GLU F 151 -19.94 -13.94 39.59
C GLU F 151 -19.16 -15.27 39.51
N LEU F 152 -18.69 -15.62 38.31
CA LEU F 152 -17.95 -16.87 38.16
C LEU F 152 -16.59 -16.77 38.85
N MET F 153 -15.97 -15.60 38.79
CA MET F 153 -14.65 -15.39 39.46
C MET F 153 -14.85 -15.49 40.98
N ALA F 154 -15.94 -14.92 41.52
CA ALA F 154 -16.17 -15.01 42.96
C ALA F 154 -16.34 -16.50 43.34
N LEU F 155 -17.10 -17.23 42.54
CA LEU F 155 -17.34 -18.67 42.75
C LEU F 155 -16.05 -19.49 42.85
N HIS F 156 -15.15 -19.30 41.88
CA HIS F 156 -13.91 -20.05 41.83
C HIS F 156 -12.79 -19.58 42.77
N THR F 157 -12.77 -18.29 43.14
CA THR F 157 -11.74 -17.78 44.05
C THR F 157 -12.13 -17.82 45.52
N GLY F 158 -13.43 -17.86 45.76
CA GLY F 158 -13.91 -17.84 47.14
C GLY F 158 -14.06 -16.42 47.68
N GLN F 159 -13.83 -15.41 46.84
CA GLN F 159 -13.96 -13.99 47.25
C GLN F 159 -15.42 -13.57 47.10
N SER F 160 -15.83 -12.53 47.81
CA SER F 160 -17.21 -12.06 47.71
C SER F 160 -17.40 -11.31 46.39
N LEU F 161 -18.64 -11.31 45.89
CA LEU F 161 -18.95 -10.63 44.64
C LEU F 161 -18.52 -9.17 44.63
N GLU F 162 -18.79 -8.46 45.72
CA GLU F 162 -18.42 -7.06 45.79
C GLU F 162 -16.90 -6.81 45.73
N GLN F 163 -16.11 -7.69 46.33
CA GLN F 163 -14.65 -7.56 46.31
C GLN F 163 -14.12 -7.73 44.87
N ILE F 164 -14.67 -8.72 44.15
CA ILE F 164 -14.24 -8.94 42.77
C ILE F 164 -14.60 -7.72 41.90
N GLU F 165 -15.81 -7.19 42.05
CA GLU F 165 -16.24 -6.02 41.27
C GLU F 165 -15.27 -4.84 41.47
N ARG F 166 -14.90 -4.59 42.72
CA ARG F 166 -14.01 -3.49 43.03
C ARG F 166 -12.58 -3.70 42.53
N ASP F 167 -12.08 -4.92 42.61
CA ASP F 167 -10.71 -5.23 42.21
C ASP F 167 -10.46 -5.41 40.71
N THR F 168 -11.49 -5.55 39.90
CA THR F 168 -11.27 -5.73 38.48
C THR F 168 -11.42 -4.45 37.64
N GLU F 169 -11.78 -3.33 38.28
CA GLU F 169 -11.94 -2.07 37.52
C GLU F 169 -10.65 -1.63 36.80
N ARG F 170 -9.51 -1.79 37.45
CA ARG F 170 -8.24 -1.42 36.84
C ARG F 170 -7.33 -2.63 36.72
N ASP F 171 -6.36 -2.57 35.81
CA ASP F 171 -5.43 -3.66 35.63
C ASP F 171 -4.68 -3.95 36.94
N ARG F 172 -4.42 -5.23 37.17
CA ARG F 172 -3.68 -5.65 38.35
C ARG F 172 -2.79 -6.85 38.02
N PHE F 173 -1.50 -6.74 38.32
CA PHE F 173 -0.56 -7.86 38.10
C PHE F 173 -0.33 -8.60 39.42
N LEU F 174 -0.30 -9.93 39.38
CA LEU F 174 -0.07 -10.72 40.60
C LEU F 174 1.08 -11.68 40.41
N SER F 175 2.01 -11.71 41.37
CA SER F 175 3.13 -12.67 41.29
C SER F 175 2.49 -14.02 41.69
N ALA F 176 3.23 -15.13 41.55
CA ALA F 176 2.63 -16.43 41.90
C ALA F 176 2.16 -16.51 43.37
N PRO F 177 2.97 -16.02 44.34
CA PRO F 177 2.51 -16.07 45.75
C PRO F 177 1.23 -15.26 45.99
N GLU F 178 1.13 -14.11 45.33
CA GLU F 178 -0.03 -13.24 45.45
C GLU F 178 -1.27 -13.89 44.83
N ALA F 179 -1.05 -14.71 43.80
CA ALA F 179 -2.14 -15.39 43.11
C ALA F 179 -2.70 -16.50 44.01
N VAL F 180 -1.83 -17.13 44.80
CA VAL F 180 -2.28 -18.16 45.73
C VAL F 180 -3.12 -17.46 46.82
N GLU F 181 -2.60 -16.35 47.36
CA GLU F 181 -3.27 -15.59 48.41
C GLU F 181 -4.68 -15.07 48.04
N TYR F 182 -4.83 -14.66 46.78
CA TYR F 182 -6.10 -14.13 46.28
C TYR F 182 -7.12 -15.24 45.99
N GLY F 183 -6.61 -16.44 45.78
CA GLY F 183 -7.45 -17.58 45.47
C GLY F 183 -7.58 -17.94 43.98
N LEU F 184 -6.73 -17.37 43.13
CA LEU F 184 -6.75 -17.67 41.70
C LEU F 184 -6.15 -19.05 41.41
N VAL F 185 -5.16 -19.46 42.20
CA VAL F 185 -4.52 -20.77 42.02
C VAL F 185 -4.39 -21.38 43.43
N ASP F 186 -4.12 -22.68 43.52
CA ASP F 186 -4.00 -23.39 44.79
C ASP F 186 -2.56 -23.51 45.31
N SER F 187 -1.60 -23.63 44.41
CA SER F 187 -0.19 -23.74 44.81
C SER F 187 0.80 -23.44 43.70
N ILE F 188 2.08 -23.54 44.04
CA ILE F 188 3.17 -23.25 43.12
C ILE F 188 4.01 -24.51 42.90
N LEU F 189 4.38 -24.79 41.65
CA LEU F 189 5.20 -25.94 41.28
C LEU F 189 6.66 -25.46 41.25
N THR F 190 7.56 -26.15 41.93
CA THR F 190 8.96 -25.73 41.97
C THR F 190 9.93 -26.71 41.28
N HIS F 191 10.05 -27.92 41.84
CA HIS F 191 10.92 -28.96 41.30
C HIS F 191 10.16 -30.26 41.27
N ARG F 192 10.32 -31.02 40.19
CA ARG F 192 9.65 -32.30 40.05
C ARG F 192 10.06 -33.22 41.20
N ASN F 193 9.08 -33.86 41.82
CA ASN F 193 9.35 -34.79 42.92
C ASN F 193 9.95 -36.08 42.36
N LEU G 2 -6.12 -29.36 13.48
CA LEU G 2 -5.65 -29.55 12.08
C LEU G 2 -4.20 -30.03 12.05
N VAL G 3 -3.50 -29.88 13.17
CA VAL G 3 -2.11 -30.30 13.28
C VAL G 3 -1.90 -31.52 14.18
N PRO G 4 -2.76 -31.72 15.19
CA PRO G 4 -2.58 -32.88 16.08
C PRO G 4 -2.87 -34.20 15.37
N MET G 5 -2.28 -35.27 15.87
CA MET G 5 -2.48 -36.60 15.29
C MET G 5 -2.10 -37.71 16.26
N VAL G 6 -3.11 -38.35 16.83
CA VAL G 6 -2.88 -39.44 17.79
C VAL G 6 -3.74 -40.67 17.43
N ILE G 7 -3.21 -41.86 17.73
CA ILE G 7 -3.91 -43.10 17.44
C ILE G 7 -4.60 -43.65 18.69
N GLU G 8 -5.70 -44.36 18.48
CA GLU G 8 -6.46 -44.95 19.59
C GLU G 8 -5.91 -46.33 19.95
N GLN G 9 -4.89 -46.77 19.24
CA GLN G 9 -4.26 -48.06 19.48
C GLN G 9 -5.27 -49.20 19.52
N THR G 10 -5.08 -50.12 20.47
CA THR G 10 -5.95 -51.27 20.63
C THR G 10 -6.24 -51.97 19.30
N SER G 11 -7.41 -51.70 18.73
CA SER G 11 -7.80 -52.29 17.46
C SER G 11 -7.07 -51.62 16.30
N ARG G 12 -6.36 -52.42 15.51
CA ARG G 12 -5.61 -51.91 14.37
C ARG G 12 -4.58 -50.87 14.79
N GLY G 13 -4.18 -50.03 13.84
CA GLY G 13 -3.20 -49.00 14.13
C GLY G 13 -3.12 -47.97 13.02
N GLU G 14 -3.48 -48.36 11.81
CA GLU G 14 -3.46 -47.48 10.67
C GLU G 14 -4.48 -46.36 10.82
N ARG G 15 -5.58 -46.67 11.50
CA ARG G 15 -6.65 -45.71 11.73
C ARG G 15 -6.20 -44.59 12.66
N SER G 16 -7.09 -43.62 12.88
CA SER G 16 -6.80 -42.49 13.76
C SER G 16 -5.68 -41.60 13.23
N PHE G 17 -5.99 -40.31 13.08
CA PHE G 17 -5.02 -39.33 12.60
C PHE G 17 -5.38 -37.91 13.05
N ASP G 18 -5.93 -37.11 12.15
CA ASP G 18 -6.31 -35.74 12.46
C ASP G 18 -7.31 -35.72 13.63
N ILE G 19 -7.30 -34.61 14.38
CA ILE G 19 -8.19 -34.48 15.53
C ILE G 19 -9.66 -34.41 15.11
N TYR G 20 -9.97 -33.54 14.15
CA TYR G 20 -11.35 -33.41 13.67
C TYR G 20 -11.81 -34.65 12.94
N SER G 21 -10.87 -35.35 12.29
CA SER G 21 -11.20 -36.58 11.59
C SER G 21 -11.51 -37.69 12.61
N ARG G 22 -10.82 -37.69 13.75
CA ARG G 22 -11.09 -38.71 14.77
C ARG G 22 -12.49 -38.56 15.34
N LEU G 23 -12.90 -37.33 15.59
CA LEU G 23 -14.22 -37.07 16.14
C LEU G 23 -15.33 -37.32 15.13
N LEU G 24 -15.02 -37.16 13.85
CA LEU G 24 -15.98 -37.42 12.77
C LEU G 24 -16.36 -38.91 12.81
N LYS G 25 -15.42 -39.76 13.24
CA LYS G 25 -15.69 -41.19 13.36
C LYS G 25 -16.76 -41.44 14.40
N GLU G 26 -16.86 -40.54 15.39
CA GLU G 26 -17.84 -40.64 16.47
C GLU G 26 -19.09 -39.81 16.10
N ARG G 27 -19.20 -39.46 14.83
CA ARG G 27 -20.34 -38.70 14.30
C ARG G 27 -20.53 -37.26 14.82
N VAL G 28 -19.41 -36.60 15.13
CA VAL G 28 -19.42 -35.21 15.61
C VAL G 28 -18.87 -34.28 14.50
N ILE G 29 -19.60 -33.19 14.23
CA ILE G 29 -19.20 -32.21 13.21
C ILE G 29 -19.13 -30.83 13.89
N PHE G 30 -18.12 -30.01 13.56
CA PHE G 30 -18.02 -28.66 14.13
C PHE G 30 -18.32 -27.55 13.10
N LEU G 31 -19.16 -26.58 13.49
CA LEU G 31 -19.50 -25.42 12.64
C LEU G 31 -18.85 -24.28 13.42
N THR G 32 -17.79 -23.67 12.89
CA THR G 32 -17.06 -22.65 13.65
C THR G 32 -16.72 -21.41 12.85
N GLY G 33 -16.94 -20.24 13.43
CA GLY G 33 -16.61 -19.02 12.72
C GLY G 33 -17.69 -18.56 11.76
N GLN G 34 -17.34 -17.67 10.85
CA GLN G 34 -18.30 -17.11 9.89
C GLN G 34 -18.85 -18.12 8.88
N VAL G 35 -20.15 -18.09 8.59
CA VAL G 35 -20.64 -19.05 7.60
C VAL G 35 -20.53 -18.43 6.19
N GLU G 36 -19.97 -19.21 5.27
CA GLU G 36 -19.67 -18.80 3.91
C GLU G 36 -19.71 -20.06 3.02
N ASP G 37 -19.82 -19.91 1.71
CA ASP G 37 -19.97 -21.07 0.79
C ASP G 37 -19.03 -22.28 0.97
N HIS G 38 -17.73 -22.06 1.11
CA HIS G 38 -16.81 -23.19 1.24
C HIS G 38 -16.84 -23.95 2.57
N MET G 39 -16.89 -23.24 3.69
CA MET G 39 -16.96 -23.95 4.97
C MET G 39 -18.32 -24.66 5.07
N ALA G 40 -19.32 -24.09 4.42
CA ALA G 40 -20.66 -24.68 4.43
C ALA G 40 -20.68 -25.97 3.61
N ASN G 41 -19.99 -25.97 2.47
CA ASN G 41 -19.94 -27.15 1.60
C ASN G 41 -19.24 -28.29 2.35
N LEU G 42 -18.26 -27.95 3.19
CA LEU G 42 -17.57 -28.98 3.96
C LEU G 42 -18.52 -29.62 5.01
N ILE G 43 -19.36 -28.81 5.63
CA ILE G 43 -20.31 -29.35 6.59
C ILE G 43 -21.34 -30.23 5.84
N VAL G 44 -21.80 -29.78 4.67
CA VAL G 44 -22.76 -30.61 3.93
C VAL G 44 -22.18 -31.98 3.58
N ALA G 45 -20.93 -32.00 3.10
CA ALA G 45 -20.27 -33.25 2.72
C ALA G 45 -20.10 -34.21 3.90
N GLN G 46 -19.76 -33.69 5.07
CA GLN G 46 -19.64 -34.54 6.25
C GLN G 46 -21.00 -35.14 6.61
N MET G 47 -22.07 -34.38 6.45
CA MET G 47 -23.41 -34.91 6.79
C MET G 47 -23.82 -36.05 5.85
N LEU G 48 -23.57 -35.86 4.54
CA LEU G 48 -23.90 -36.88 3.54
C LEU G 48 -23.05 -38.14 3.75
N PHE G 49 -21.79 -37.95 4.11
CA PHE G 49 -20.90 -39.09 4.38
C PHE G 49 -21.42 -39.90 5.58
N LEU G 50 -21.77 -39.20 6.66
CA LEU G 50 -22.26 -39.86 7.86
C LEU G 50 -23.58 -40.60 7.57
N GLU G 51 -24.47 -39.99 6.80
CA GLU G 51 -25.75 -40.65 6.47
C GLU G 51 -25.48 -41.98 5.76
N ALA G 52 -24.52 -41.97 4.83
CA ALA G 52 -24.16 -43.18 4.08
C ALA G 52 -23.58 -44.26 5.00
N GLU G 53 -22.74 -43.86 5.96
CA GLU G 53 -22.14 -44.82 6.89
C GLU G 53 -23.23 -45.53 7.70
N ASN G 54 -24.19 -44.77 8.22
CA ASN G 54 -25.29 -45.35 9.01
C ASN G 54 -26.46 -44.34 8.98
N PRO G 55 -27.53 -44.66 8.23
CA PRO G 55 -28.68 -43.74 8.17
C PRO G 55 -29.55 -43.67 9.42
N GLU G 56 -29.28 -44.53 10.40
CA GLU G 56 -30.06 -44.57 11.63
C GLU G 56 -29.51 -43.82 12.84
N LYS G 57 -28.18 -43.73 12.97
CA LYS G 57 -27.60 -43.06 14.13
C LYS G 57 -27.60 -41.53 14.10
N ASP G 58 -27.78 -40.92 15.27
CA ASP G 58 -27.80 -39.46 15.38
C ASP G 58 -26.44 -38.86 14.99
N ILE G 59 -26.48 -37.59 14.59
CA ILE G 59 -25.30 -36.79 14.22
C ILE G 59 -25.30 -35.62 15.20
N TYR G 60 -24.12 -35.22 15.68
CA TYR G 60 -24.01 -34.11 16.63
C TYR G 60 -23.30 -32.95 15.96
N LEU G 61 -23.94 -31.78 15.94
CA LEU G 61 -23.35 -30.60 15.30
C LEU G 61 -23.08 -29.52 16.35
N TYR G 62 -21.80 -29.26 16.66
CA TYR G 62 -21.45 -28.22 17.64
C TYR G 62 -21.38 -26.89 16.91
N ILE G 63 -21.97 -25.85 17.49
CA ILE G 63 -21.98 -24.53 16.86
C ILE G 63 -21.40 -23.39 17.72
N ASN G 64 -20.46 -22.65 17.14
CA ASN G 64 -19.86 -21.45 17.78
C ASN G 64 -19.62 -20.49 16.60
N SER G 65 -20.60 -19.63 16.32
CA SER G 65 -20.55 -18.76 15.15
C SER G 65 -21.25 -17.41 15.28
N PRO G 66 -20.70 -16.36 14.64
CA PRO G 66 -21.31 -15.03 14.68
C PRO G 66 -22.31 -14.90 13.52
N GLY G 67 -22.45 -15.96 12.73
CA GLY G 67 -23.37 -15.92 11.59
C GLY G 67 -22.63 -15.76 10.27
N GLY G 68 -23.32 -15.25 9.24
CA GLY G 68 -22.71 -15.09 7.92
C GLY G 68 -23.71 -15.05 6.76
N VAL G 69 -23.29 -15.54 5.59
CA VAL G 69 -24.15 -15.50 4.40
C VAL G 69 -25.41 -16.37 4.47
N ILE G 70 -26.58 -15.78 4.20
CA ILE G 70 -27.82 -16.53 4.31
C ILE G 70 -27.96 -17.74 3.36
N THR G 71 -27.66 -17.56 2.08
CA THR G 71 -27.78 -18.71 1.16
C THR G 71 -26.79 -19.84 1.53
N ALA G 72 -25.62 -19.51 2.08
CA ALA G 72 -24.69 -20.58 2.48
C ALA G 72 -25.28 -21.36 3.64
N GLY G 73 -25.86 -20.62 4.60
CA GLY G 73 -26.48 -21.29 5.73
C GLY G 73 -27.71 -22.12 5.33
N MET G 74 -28.47 -21.67 4.35
CA MET G 74 -29.65 -22.45 3.97
C MET G 74 -29.23 -23.78 3.33
N SER G 75 -28.05 -23.85 2.74
CA SER G 75 -27.62 -25.13 2.17
C SER G 75 -27.43 -26.14 3.32
N ILE G 76 -26.92 -25.66 4.46
CA ILE G 76 -26.74 -26.56 5.60
C ILE G 76 -28.14 -26.94 6.18
N TYR G 77 -29.02 -25.94 6.30
CA TYR G 77 -30.39 -26.16 6.81
C TYR G 77 -31.14 -27.23 6.00
N ASP G 78 -31.23 -27.04 4.67
CA ASP G 78 -31.96 -28.01 3.84
C ASP G 78 -31.36 -29.43 3.88
N THR G 79 -30.04 -29.54 4.06
CA THR G 79 -29.39 -30.85 4.13
C THR G 79 -29.74 -31.50 5.47
N MET G 80 -29.79 -30.69 6.53
CA MET G 80 -30.13 -31.24 7.84
C MET G 80 -31.54 -31.85 7.79
N GLN G 81 -32.48 -31.16 7.14
CA GLN G 81 -33.84 -31.69 7.09
C GLN G 81 -33.98 -32.85 6.08
N PHE G 82 -33.12 -32.89 5.06
CA PHE G 82 -33.20 -33.93 4.02
C PHE G 82 -32.68 -35.32 4.39
N ILE G 83 -31.56 -35.38 5.10
CA ILE G 83 -30.98 -36.67 5.44
C ILE G 83 -31.79 -37.45 6.46
N LYS G 84 -31.67 -38.78 6.45
CA LYS G 84 -32.43 -39.61 7.39
C LYS G 84 -32.12 -39.42 8.88
N PRO G 85 -30.84 -39.40 9.26
CA PRO G 85 -30.48 -39.23 10.68
C PRO G 85 -30.97 -37.93 11.33
N ASP G 86 -31.26 -37.99 12.62
CA ASP G 86 -31.63 -36.81 13.38
C ASP G 86 -30.31 -36.05 13.56
N VAL G 87 -30.34 -34.71 13.50
CA VAL G 87 -29.14 -33.91 13.75
C VAL G 87 -29.39 -33.14 15.06
N SER G 88 -28.62 -33.48 16.10
CA SER G 88 -28.67 -32.85 17.41
C SER G 88 -27.75 -31.59 17.35
N THR G 89 -28.19 -30.46 17.90
CA THR G 89 -27.36 -29.24 17.85
C THR G 89 -26.96 -28.80 19.27
N ILE G 90 -25.73 -28.31 19.44
CA ILE G 90 -25.22 -27.88 20.76
C ILE G 90 -24.50 -26.55 20.58
N CYS G 91 -24.93 -25.53 21.31
CA CYS G 91 -24.31 -24.21 21.23
C CYS G 91 -23.25 -24.06 22.31
N MET G 92 -22.04 -23.68 21.91
CA MET G 92 -20.95 -23.38 22.85
C MET G 92 -20.36 -22.02 22.46
N GLY G 93 -20.13 -21.14 23.43
CA GLY G 93 -19.60 -19.83 23.08
C GLY G 93 -20.75 -18.93 22.65
N GLN G 94 -21.12 -18.96 21.37
CA GLN G 94 -22.24 -18.14 20.89
C GLN G 94 -22.85 -18.70 19.61
N ALA G 95 -24.11 -18.35 19.36
CA ALA G 95 -24.78 -18.74 18.12
C ALA G 95 -25.55 -17.47 17.76
N ALA G 96 -25.05 -16.67 16.83
CA ALA G 96 -25.74 -15.43 16.50
C ALA G 96 -26.18 -15.44 15.05
N SER G 97 -27.30 -14.78 14.77
CA SER G 97 -27.81 -14.65 13.41
C SER G 97 -27.98 -16.01 12.74
N MET G 98 -27.40 -16.22 11.56
CA MET G 98 -27.56 -17.54 10.91
C MET G 98 -27.12 -18.69 11.83
N GLY G 99 -26.20 -18.43 12.76
CA GLY G 99 -25.78 -19.46 13.71
C GLY G 99 -26.94 -19.82 14.67
N ALA G 100 -27.71 -18.81 15.10
CA ALA G 100 -28.88 -19.04 15.98
C ALA G 100 -29.97 -19.83 15.22
N PHE G 101 -30.11 -19.52 13.94
CA PHE G 101 -31.12 -20.18 13.08
C PHE G 101 -30.76 -21.68 12.94
N LEU G 102 -29.50 -21.99 12.64
CA LEU G 102 -29.12 -23.41 12.50
C LEU G 102 -29.25 -24.16 13.82
N LEU G 103 -29.01 -23.47 14.94
CA LEU G 103 -29.13 -24.11 16.26
C LEU G 103 -30.59 -24.54 16.51
N THR G 104 -31.53 -23.63 16.25
CA THR G 104 -32.95 -23.95 16.49
C THR G 104 -33.55 -24.95 15.47
N ALA G 105 -32.83 -25.16 14.37
CA ALA G 105 -33.27 -26.09 13.32
C ALA G 105 -32.90 -27.54 13.62
N GLY G 106 -32.28 -27.79 14.77
CA GLY G 106 -31.94 -29.16 15.11
C GLY G 106 -33.19 -29.96 15.44
N ALA G 107 -33.06 -31.27 15.47
CA ALA G 107 -34.18 -32.18 15.77
C ALA G 107 -34.85 -31.78 17.08
N LYS G 108 -36.18 -31.58 17.08
CA LYS G 108 -36.85 -31.16 18.31
C LYS G 108 -36.66 -32.18 19.44
N GLY G 109 -36.28 -31.67 20.61
CA GLY G 109 -36.00 -32.52 21.76
C GLY G 109 -34.51 -32.76 21.90
N LYS G 110 -33.73 -32.46 20.85
CA LYS G 110 -32.28 -32.66 20.88
C LYS G 110 -31.43 -31.40 20.61
N ARG G 111 -31.94 -30.24 21.00
CA ARG G 111 -31.22 -28.96 20.80
C ARG G 111 -30.77 -28.47 22.18
N PHE G 112 -29.47 -28.16 22.33
CA PHE G 112 -28.96 -27.74 23.65
C PHE G 112 -28.06 -26.49 23.65
N CYS G 113 -27.96 -25.84 24.82
CA CYS G 113 -27.06 -24.70 25.07
C CYS G 113 -26.21 -25.09 26.29
N LEU G 114 -24.93 -24.70 26.29
CA LEU G 114 -24.09 -24.96 27.48
C LEU G 114 -24.47 -23.78 28.39
N PRO G 115 -24.31 -23.91 29.72
CA PRO G 115 -24.68 -22.87 30.68
C PRO G 115 -24.35 -21.42 30.44
N ASN G 116 -23.20 -21.14 29.85
CA ASN G 116 -22.81 -19.75 29.69
C ASN G 116 -22.75 -19.28 28.25
N SER G 117 -23.34 -20.05 27.34
CA SER G 117 -23.32 -19.63 25.95
C SER G 117 -24.38 -18.53 25.79
N ARG G 118 -24.29 -17.80 24.68
CA ARG G 118 -25.19 -16.70 24.38
C ARG G 118 -25.77 -16.81 22.95
N VAL G 119 -27.01 -16.36 22.75
CA VAL G 119 -27.68 -16.40 21.44
C VAL G 119 -28.09 -14.96 21.06
N MET G 120 -28.08 -14.63 19.76
CA MET G 120 -28.55 -13.29 19.35
C MET G 120 -29.35 -13.47 18.06
N ILE G 121 -30.47 -12.76 17.92
CA ILE G 121 -31.31 -12.89 16.71
C ILE G 121 -31.59 -11.48 16.19
N HIS G 122 -31.83 -11.35 14.88
CA HIS G 122 -32.13 -10.07 14.26
C HIS G 122 -32.64 -10.25 12.82
N GLN G 123 -32.76 -9.18 12.06
CA GLN G 123 -33.27 -9.29 10.68
C GLN G 123 -32.13 -9.25 9.65
N PRO G 124 -32.40 -9.66 8.39
CA PRO G 124 -31.36 -9.65 7.34
C PRO G 124 -30.73 -8.30 7.06
N LEU G 125 -29.46 -8.32 6.67
CA LEU G 125 -28.71 -7.13 6.30
C LEU G 125 -28.31 -7.31 4.83
N GLY G 126 -28.26 -6.23 4.08
CA GLY G 126 -27.87 -6.34 2.69
C GLY G 126 -27.40 -5.04 2.09
N GLY G 127 -27.12 -5.07 0.79
CA GLY G 127 -26.65 -3.87 0.12
C GLY G 127 -26.64 -4.01 -1.39
N TYR G 128 -26.86 -2.90 -2.08
CA TYR G 128 -26.86 -2.89 -3.55
C TYR G 128 -26.63 -1.47 -4.08
N GLN G 129 -26.27 -1.38 -5.37
CA GLN G 129 -26.02 -0.11 -6.05
C GLN G 129 -26.41 -0.26 -7.51
N GLY G 130 -27.16 0.70 -8.05
CA GLY G 130 -27.56 0.61 -9.44
C GLY G 130 -28.68 1.55 -9.83
N GLN G 131 -29.35 1.23 -10.94
CA GLN G 131 -30.48 2.03 -11.42
C GLN G 131 -31.66 1.80 -10.50
N ALA G 132 -32.51 2.81 -10.36
CA ALA G 132 -33.70 2.67 -9.50
C ALA G 132 -34.51 1.40 -9.80
N THR G 133 -34.68 1.05 -11.08
CA THR G 133 -35.44 -0.18 -11.37
C THR G 133 -34.80 -1.44 -10.78
N ASP G 134 -33.47 -1.52 -10.81
CA ASP G 134 -32.78 -2.70 -10.25
C ASP G 134 -32.77 -2.68 -8.71
N ILE G 135 -32.71 -1.48 -8.13
CA ILE G 135 -32.75 -1.32 -6.67
C ILE G 135 -34.09 -1.89 -6.17
N GLU G 136 -35.14 -1.60 -6.92
CA GLU G 136 -36.47 -2.06 -6.60
C GLU G 136 -36.57 -3.61 -6.62
N ILE G 137 -35.93 -4.23 -7.58
CA ILE G 137 -35.99 -5.69 -7.67
C ILE G 137 -35.25 -6.36 -6.50
N HIS G 138 -34.07 -5.85 -6.16
CA HIS G 138 -33.28 -6.42 -5.05
C HIS G 138 -33.84 -6.11 -3.66
N ALA G 139 -34.49 -4.97 -3.48
CA ALA G 139 -35.08 -4.64 -2.19
C ALA G 139 -36.28 -5.54 -1.95
N ARG G 140 -37.12 -5.72 -2.98
CA ARG G 140 -38.27 -6.59 -2.80
C ARG G 140 -37.79 -8.01 -2.43
N GLU G 141 -36.70 -8.46 -3.04
CA GLU G 141 -36.21 -9.79 -2.73
C GLU G 141 -35.72 -9.92 -1.28
N ILE G 142 -35.00 -8.95 -0.74
CA ILE G 142 -34.53 -9.14 0.65
C ILE G 142 -35.72 -9.08 1.62
N LEU G 143 -36.78 -8.36 1.26
CA LEU G 143 -37.98 -8.31 2.11
C LEU G 143 -38.67 -9.67 2.14
N LYS G 144 -38.64 -10.38 1.01
CA LYS G 144 -39.19 -11.73 0.93
C LYS G 144 -38.35 -12.70 1.76
N VAL G 145 -37.03 -12.53 1.73
CA VAL G 145 -36.14 -13.40 2.51
C VAL G 145 -36.44 -13.20 4.00
N LYS G 146 -36.63 -11.94 4.40
CA LYS G 146 -36.95 -11.61 5.80
C LYS G 146 -38.25 -12.30 6.23
N GLY G 147 -39.25 -12.30 5.35
CA GLY G 147 -40.51 -12.93 5.69
C GLY G 147 -40.37 -14.45 5.84
N ARG G 148 -39.57 -15.08 4.95
CA ARG G 148 -39.38 -16.52 5.01
C ARG G 148 -38.66 -16.92 6.29
N MET G 149 -37.61 -16.18 6.63
CA MET G 149 -36.84 -16.47 7.83
C MET G 149 -37.72 -16.33 9.08
N ASN G 150 -38.60 -15.33 9.10
CA ASN G 150 -39.50 -15.22 10.24
C ASN G 150 -40.47 -16.42 10.35
N GLU G 151 -40.99 -16.89 9.21
CA GLU G 151 -41.89 -18.05 9.23
C GLU G 151 -41.18 -19.32 9.72
N LEU G 152 -39.93 -19.52 9.29
CA LEU G 152 -39.23 -20.72 9.74
C LEU G 152 -38.86 -20.61 11.22
N MET G 153 -38.53 -19.41 11.71
CA MET G 153 -38.21 -19.27 13.15
C MET G 153 -39.48 -19.53 13.99
N ALA G 154 -40.63 -19.10 13.48
CA ALA G 154 -41.90 -19.32 14.20
C ALA G 154 -42.17 -20.83 14.29
N LEU G 155 -41.97 -21.54 13.18
CA LEU G 155 -42.17 -22.98 13.16
C LEU G 155 -41.26 -23.72 14.14
N HIS G 156 -39.96 -23.42 14.12
CA HIS G 156 -39.03 -24.13 15.01
C HIS G 156 -39.07 -23.75 16.48
N THR G 157 -39.38 -22.48 16.78
CA THR G 157 -39.46 -22.08 18.19
C THR G 157 -40.82 -22.32 18.84
N GLY G 158 -41.88 -22.29 18.03
CA GLY G 158 -43.22 -22.45 18.57
C GLY G 158 -43.87 -21.12 18.93
N GLN G 159 -43.17 -20.02 18.66
CA GLN G 159 -43.68 -18.66 18.92
C GLN G 159 -44.60 -18.26 17.75
N SER G 160 -45.45 -17.24 17.92
CA SER G 160 -46.30 -16.80 16.81
C SER G 160 -45.46 -15.94 15.87
N LEU G 161 -45.90 -15.79 14.61
CA LEU G 161 -45.19 -14.97 13.64
C LEU G 161 -45.13 -13.51 14.15
N GLU G 162 -46.19 -13.05 14.79
CA GLU G 162 -46.24 -11.69 15.32
C GLU G 162 -45.09 -11.45 16.35
N GLN G 163 -44.92 -12.40 17.27
CA GLN G 163 -43.89 -12.28 18.32
C GLN G 163 -42.48 -12.30 17.71
N ILE G 164 -42.25 -13.20 16.74
CA ILE G 164 -40.94 -13.27 16.08
C ILE G 164 -40.62 -11.94 15.37
N GLU G 165 -41.58 -11.41 14.59
CA GLU G 165 -41.38 -10.14 13.88
C GLU G 165 -41.05 -9.00 14.82
N ARG G 166 -41.69 -8.98 15.98
CA ARG G 166 -41.46 -7.92 16.95
C ARG G 166 -40.08 -8.01 17.60
N ASP G 167 -39.67 -9.22 17.94
CA ASP G 167 -38.39 -9.47 18.60
C ASP G 167 -37.14 -9.41 17.70
N THR G 168 -37.31 -9.44 16.38
CA THR G 168 -36.13 -9.40 15.51
C THR G 168 -35.93 -8.10 14.74
N GLU G 169 -36.77 -7.09 15.02
CA GLU G 169 -36.62 -5.85 14.28
C GLU G 169 -35.25 -5.23 14.62
N ARG G 170 -34.76 -5.43 15.84
CA ARG G 170 -33.42 -4.94 16.24
C ARG G 170 -32.70 -6.07 16.99
N ASP G 171 -31.37 -6.02 17.12
CA ASP G 171 -30.64 -7.09 17.82
C ASP G 171 -31.26 -7.44 19.18
N ARG G 172 -31.43 -8.72 19.44
CA ARG G 172 -32.02 -9.20 20.70
C ARG G 172 -31.15 -10.33 21.25
N PHE G 173 -30.60 -10.15 22.46
CA PHE G 173 -29.77 -11.18 23.08
C PHE G 173 -30.54 -12.11 24.02
N LEU G 174 -30.15 -13.38 24.04
CA LEU G 174 -30.77 -14.37 24.93
C LEU G 174 -29.72 -15.19 25.68
N SER G 175 -29.88 -15.27 26.99
CA SER G 175 -28.97 -16.10 27.79
C SER G 175 -29.49 -17.54 27.55
N ALA G 176 -28.74 -18.54 28.03
CA ALA G 176 -29.14 -19.93 27.87
C ALA G 176 -30.51 -20.23 28.48
N PRO G 177 -30.77 -19.74 29.72
CA PRO G 177 -32.07 -20.00 30.33
C PRO G 177 -33.20 -19.32 29.53
N GLU G 178 -32.92 -18.14 28.98
CA GLU G 178 -33.92 -17.42 28.17
C GLU G 178 -34.19 -18.16 26.85
N ALA G 179 -33.14 -18.74 26.28
CA ALA G 179 -33.28 -19.51 25.03
C ALA G 179 -34.20 -20.74 25.23
N VAL G 180 -34.12 -21.36 26.41
CA VAL G 180 -34.97 -22.52 26.74
C VAL G 180 -36.41 -22.00 26.84
N GLU G 181 -36.62 -20.96 27.64
CA GLU G 181 -37.96 -20.36 27.82
C GLU G 181 -38.59 -19.96 26.47
N TYR G 182 -37.75 -19.48 25.55
CA TYR G 182 -38.22 -18.99 24.24
C TYR G 182 -38.58 -20.10 23.24
N GLY G 183 -38.09 -21.31 23.48
CA GLY G 183 -38.33 -22.42 22.58
C GLY G 183 -37.25 -22.53 21.51
N LEU G 184 -36.19 -21.75 21.65
CA LEU G 184 -35.09 -21.78 20.69
C LEU G 184 -34.29 -23.08 20.88
N VAL G 185 -34.15 -23.52 22.13
CA VAL G 185 -33.44 -24.76 22.42
C VAL G 185 -34.30 -25.59 23.41
N ASP G 186 -34.01 -26.88 23.56
CA ASP G 186 -34.79 -27.72 24.46
C ASP G 186 -34.34 -27.73 25.92
N SER G 187 -33.04 -27.69 26.15
CA SER G 187 -32.56 -27.65 27.55
C SER G 187 -31.11 -27.26 27.65
N ILE G 188 -30.65 -27.10 28.89
CA ILE G 188 -29.25 -26.73 29.13
C ILE G 188 -28.43 -27.96 29.55
N LEU G 189 -27.23 -28.11 28.97
CA LEU G 189 -26.33 -29.21 29.32
C LEU G 189 -25.34 -28.68 30.36
N THR G 190 -25.38 -29.16 31.59
CA THR G 190 -24.43 -28.66 32.60
C THR G 190 -23.29 -29.62 32.95
N HIS G 191 -23.63 -30.85 33.32
CA HIS G 191 -22.63 -31.87 33.66
C HIS G 191 -22.92 -33.22 33.03
N ARG G 192 -21.90 -33.79 32.39
CA ARG G 192 -21.99 -35.09 31.76
C ARG G 192 -22.48 -36.12 32.77
N ASN G 193 -23.59 -36.78 32.48
CA ASN G 193 -24.11 -37.77 33.42
C ASN G 193 -23.43 -39.11 33.20
N GLU H 8 9.75 29.63 -18.61
CA GLU H 8 10.55 29.89 -17.38
C GLU H 8 9.68 30.61 -16.34
N GLN H 9 9.86 30.24 -15.07
CA GLN H 9 9.10 30.85 -13.98
C GLN H 9 9.02 32.36 -14.16
N THR H 10 7.80 32.84 -14.41
CA THR H 10 7.53 34.26 -14.61
C THR H 10 6.17 34.56 -13.95
N SER H 11 6.21 35.08 -12.74
CA SER H 11 5.00 35.38 -12.00
C SER H 11 4.23 36.58 -12.56
N ARG H 12 4.86 37.34 -13.45
CA ARG H 12 4.18 38.50 -14.03
C ARG H 12 4.97 39.32 -15.05
N GLY H 13 4.45 39.39 -16.28
CA GLY H 13 5.08 40.16 -17.32
C GLY H 13 4.65 41.61 -17.11
N GLU H 14 4.65 42.02 -15.85
CA GLU H 14 4.27 43.37 -15.42
C GLU H 14 4.43 43.41 -13.90
N ARG H 15 3.39 42.97 -13.19
CA ARG H 15 3.37 42.88 -11.73
C ARG H 15 2.00 42.41 -11.26
N SER H 16 0.96 42.84 -11.98
CA SER H 16 -0.40 42.44 -11.66
C SER H 16 -0.91 41.57 -12.82
N PHE H 17 -0.07 41.42 -13.84
CA PHE H 17 -0.39 40.62 -15.01
C PHE H 17 0.62 39.50 -15.19
N ASP H 18 0.14 38.26 -15.31
CA ASP H 18 1.04 37.15 -15.52
C ASP H 18 1.35 37.17 -17.02
N ILE H 19 2.20 36.23 -17.45
CA ILE H 19 2.69 36.17 -18.81
C ILE H 19 1.57 35.89 -19.82
N TYR H 20 0.66 35.00 -19.45
CA TYR H 20 -0.46 34.64 -20.31
C TYR H 20 -1.54 35.73 -20.45
N SER H 21 -1.73 36.53 -19.41
CA SER H 21 -2.72 37.62 -19.49
C SER H 21 -2.25 38.67 -20.47
N ARG H 22 -0.95 38.97 -20.43
CA ARG H 22 -0.33 39.94 -21.32
C ARG H 22 -0.54 39.57 -22.79
N LEU H 23 -0.28 38.31 -23.13
CA LEU H 23 -0.46 37.87 -24.50
C LEU H 23 -1.93 37.81 -24.89
N LEU H 24 -2.82 37.59 -23.91
CA LEU H 24 -4.25 37.56 -24.20
C LEU H 24 -4.67 38.95 -24.70
N LYS H 25 -3.93 39.98 -24.29
CA LYS H 25 -4.21 41.35 -24.72
C LYS H 25 -3.84 41.49 -26.19
N GLU H 26 -2.94 40.63 -26.68
CA GLU H 26 -2.54 40.66 -28.08
C GLU H 26 -3.34 39.63 -28.88
N ARG H 27 -4.40 39.11 -28.26
CA ARG H 27 -5.32 38.13 -28.84
C ARG H 27 -4.76 36.72 -29.12
N VAL H 28 -3.81 36.30 -28.30
CA VAL H 28 -3.16 34.99 -28.38
C VAL H 28 -3.64 34.04 -27.27
N ILE H 29 -4.03 32.82 -27.63
CA ILE H 29 -4.50 31.82 -26.66
C ILE H 29 -3.66 30.54 -26.81
N PHE H 30 -3.34 29.88 -25.70
CA PHE H 30 -2.55 28.64 -25.74
C PHE H 30 -3.33 27.40 -25.30
N LEU H 31 -3.29 26.35 -26.12
CA LEU H 31 -3.94 25.09 -25.81
C LEU H 31 -2.77 24.11 -25.61
N THR H 32 -2.45 23.79 -24.35
CA THR H 32 -1.30 22.95 -24.04
C THR H 32 -1.62 21.72 -23.20
N GLY H 33 -1.07 20.57 -23.55
CA GLY H 33 -1.34 19.37 -22.78
C GLY H 33 -2.61 18.64 -23.17
N GLN H 34 -3.02 17.71 -22.31
CA GLN H 34 -4.20 16.90 -22.58
C GLN H 34 -5.51 17.71 -22.57
N VAL H 35 -6.40 17.37 -23.50
CA VAL H 35 -7.70 18.04 -23.60
C VAL H 35 -8.67 17.41 -22.61
N GLU H 36 -9.31 18.25 -21.81
CA GLU H 36 -10.22 17.81 -20.75
C GLU H 36 -11.22 18.94 -20.42
N ASP H 37 -12.31 18.64 -19.74
CA ASP H 37 -13.35 19.63 -19.46
C ASP H 37 -12.95 21.01 -18.93
N HIS H 38 -12.13 21.06 -17.89
CA HIS H 38 -11.76 22.35 -17.31
C HIS H 38 -10.81 23.20 -18.13
N MET H 39 -9.77 22.61 -18.72
CA MET H 39 -8.87 23.40 -19.56
C MET H 39 -9.64 23.85 -20.82
N ALA H 40 -10.51 22.99 -21.32
CA ALA H 40 -11.30 23.31 -22.52
C ALA H 40 -12.25 24.48 -22.23
N ASN H 41 -12.84 24.49 -21.04
CA ASN H 41 -13.73 25.57 -20.66
C ASN H 41 -12.97 26.90 -20.56
N LEU H 42 -11.72 26.85 -20.09
CA LEU H 42 -10.91 28.05 -19.96
C LEU H 42 -10.63 28.63 -21.36
N ILE H 43 -10.44 27.74 -22.34
CA ILE H 43 -10.19 28.18 -23.71
C ILE H 43 -11.45 28.84 -24.30
N VAL H 44 -12.61 28.22 -24.08
CA VAL H 44 -13.88 28.77 -24.55
C VAL H 44 -14.14 30.17 -23.96
N ALA H 45 -13.82 30.35 -22.68
CA ALA H 45 -14.02 31.64 -22.03
C ALA H 45 -13.13 32.71 -22.68
N GLN H 46 -11.86 32.40 -22.91
CA GLN H 46 -10.96 33.35 -23.54
C GLN H 46 -11.46 33.75 -24.94
N MET H 47 -12.05 32.81 -25.66
CA MET H 47 -12.57 33.09 -27.01
C MET H 47 -13.79 34.01 -26.98
N LEU H 48 -14.68 33.79 -26.01
CA LEU H 48 -15.87 34.61 -25.87
C LEU H 48 -15.46 36.01 -25.40
N PHE H 49 -14.42 36.08 -24.58
CA PHE H 49 -13.94 37.37 -24.09
C PHE H 49 -13.33 38.19 -25.23
N LEU H 50 -12.47 37.54 -26.03
CA LEU H 50 -11.83 38.23 -27.13
C LEU H 50 -12.85 38.70 -28.17
N GLU H 51 -13.85 37.88 -28.45
CA GLU H 51 -14.87 38.28 -29.42
C GLU H 51 -15.54 39.58 -28.94
N ALA H 52 -15.84 39.65 -27.66
CA ALA H 52 -16.47 40.82 -27.06
C ALA H 52 -15.62 42.08 -27.19
N GLU H 53 -14.31 41.95 -26.97
CA GLU H 53 -13.42 43.11 -27.08
C GLU H 53 -13.40 43.68 -28.50
N ASN H 54 -13.40 42.80 -29.49
CA ASN H 54 -13.39 43.22 -30.89
C ASN H 54 -13.82 42.05 -31.78
N PRO H 55 -15.11 42.01 -32.15
CA PRO H 55 -15.61 40.93 -33.00
C PRO H 55 -15.03 40.78 -34.41
N GLU H 56 -14.28 41.76 -34.89
CA GLU H 56 -13.70 41.65 -36.23
C GLU H 56 -12.27 41.14 -36.32
N LYS H 57 -11.46 41.43 -35.31
CA LYS H 57 -10.06 41.00 -35.32
C LYS H 57 -9.82 39.50 -35.14
N ASP H 58 -8.77 39.02 -35.80
CA ASP H 58 -8.37 37.61 -35.75
C ASP H 58 -7.88 37.20 -34.36
N ILE H 59 -8.07 35.91 -34.03
CA ILE H 59 -7.64 35.34 -32.76
C ILE H 59 -6.61 34.27 -33.13
N TYR H 60 -5.54 34.16 -32.36
CA TYR H 60 -4.47 33.17 -32.63
C TYR H 60 -4.43 32.09 -31.56
N LEU H 61 -4.65 30.84 -31.98
CA LEU H 61 -4.64 29.70 -31.06
C LEU H 61 -3.41 28.81 -31.28
N TYR H 62 -2.44 28.83 -30.37
CA TYR H 62 -1.24 27.98 -30.49
C TYR H 62 -1.57 26.60 -29.91
N ILE H 63 -1.19 25.52 -30.62
CA ILE H 63 -1.51 24.16 -30.20
C ILE H 63 -0.33 23.22 -30.04
N ASN H 64 -0.15 22.67 -28.83
CA ASN H 64 0.89 21.68 -28.54
C ASN H 64 0.15 20.67 -27.64
N SER H 65 -0.41 19.61 -28.25
CA SER H 65 -1.23 18.65 -27.51
C SER H 65 -1.21 17.21 -28.03
N PRO H 66 -1.33 16.23 -27.12
CA PRO H 66 -1.35 14.80 -27.48
C PRO H 66 -2.79 14.36 -27.71
N GLY H 67 -3.74 15.26 -27.48
CA GLY H 67 -5.13 14.93 -27.67
C GLY H 67 -5.87 14.83 -26.36
N GLY H 68 -7.02 14.14 -26.36
CA GLY H 68 -7.79 13.99 -25.13
C GLY H 68 -9.28 13.65 -25.29
N VAL H 69 -10.08 14.13 -24.36
CA VAL H 69 -11.53 13.85 -24.36
C VAL H 69 -12.29 14.48 -25.54
N ILE H 70 -13.02 13.65 -26.29
CA ILE H 70 -13.74 14.12 -27.48
C ILE H 70 -14.78 15.20 -27.21
N THR H 71 -15.70 14.97 -26.27
CA THR H 71 -16.70 16.00 -26.00
C THR H 71 -16.09 17.32 -25.54
N ALA H 72 -15.00 17.26 -24.78
CA ALA H 72 -14.35 18.49 -24.34
C ALA H 72 -13.79 19.22 -25.57
N GLY H 73 -13.22 18.46 -26.49
CA GLY H 73 -12.67 19.06 -27.70
C GLY H 73 -13.75 19.68 -28.58
N MET H 74 -14.92 19.06 -28.63
CA MET H 74 -15.98 19.60 -29.47
C MET H 74 -16.58 20.89 -28.92
N SER H 75 -16.40 21.17 -27.63
CA SER H 75 -16.93 22.41 -27.09
C SER H 75 -16.04 23.52 -27.67
N ILE H 76 -14.74 23.24 -27.85
CA ILE H 76 -13.81 24.22 -28.44
C ILE H 76 -14.10 24.36 -29.95
N TYR H 77 -14.29 23.23 -30.64
CA TYR H 77 -14.55 23.25 -32.08
C TYR H 77 -15.79 24.09 -32.42
N ASP H 78 -16.90 23.80 -31.75
CA ASP H 78 -18.15 24.53 -31.98
C ASP H 78 -18.07 26.01 -31.64
N THR H 79 -17.30 26.37 -30.61
CA THR H 79 -17.13 27.78 -30.25
C THR H 79 -16.29 28.48 -31.33
N MET H 80 -15.30 27.77 -31.87
CA MET H 80 -14.45 28.33 -32.91
C MET H 80 -15.28 28.73 -34.14
N GLN H 81 -16.21 27.87 -34.52
CA GLN H 81 -17.05 28.14 -35.68
C GLN H 81 -18.14 29.18 -35.39
N PHE H 82 -18.69 29.16 -34.17
CA PHE H 82 -19.76 30.09 -33.78
C PHE H 82 -19.43 31.58 -33.64
N ILE H 83 -18.26 31.93 -33.08
CA ILE H 83 -17.91 33.34 -32.90
C ILE H 83 -17.58 34.05 -34.21
N LYS H 84 -17.75 35.37 -34.22
CA LYS H 84 -17.50 36.21 -35.41
C LYS H 84 -16.06 36.21 -35.94
N PRO H 85 -15.08 36.47 -35.07
CA PRO H 85 -13.70 36.48 -35.59
C PRO H 85 -13.18 35.13 -36.11
N ASP H 86 -12.24 35.20 -37.05
CA ASP H 86 -11.64 33.99 -37.60
C ASP H 86 -10.63 33.55 -36.56
N VAL H 87 -10.49 32.24 -36.39
CA VAL H 87 -9.50 31.69 -35.45
C VAL H 87 -8.39 31.05 -36.28
N SER H 88 -7.21 31.64 -36.20
CA SER H 88 -6.01 31.16 -36.90
C SER H 88 -5.33 30.15 -35.96
N THR H 89 -4.99 28.98 -36.48
CA THR H 89 -4.35 27.96 -35.66
C THR H 89 -2.89 27.76 -36.02
N ILE H 90 -2.07 27.51 -35.00
CA ILE H 90 -0.62 27.29 -35.16
C ILE H 90 -0.10 26.12 -34.33
N CYS H 91 0.47 25.13 -35.01
CA CYS H 91 1.00 23.94 -34.32
C CYS H 91 2.48 24.07 -33.98
N MET H 92 2.79 23.89 -32.71
CA MET H 92 4.18 23.90 -32.26
C MET H 92 4.37 22.63 -31.44
N GLY H 93 5.47 21.93 -31.68
CA GLY H 93 5.72 20.69 -30.94
C GLY H 93 4.97 19.55 -31.62
N GLN H 94 3.72 19.32 -31.23
CA GLN H 94 2.91 18.28 -31.83
C GLN H 94 1.41 18.58 -31.72
N ALA H 95 0.62 18.03 -32.64
CA ALA H 95 -0.83 18.16 -32.61
C ALA H 95 -1.31 16.74 -32.92
N ALA H 96 -1.73 16.00 -31.91
CA ALA H 96 -2.17 14.62 -32.14
C ALA H 96 -3.62 14.39 -31.74
N SER H 97 -4.26 13.48 -32.48
CA SER H 97 -5.64 13.11 -32.24
C SER H 97 -6.53 14.37 -32.17
N MET H 98 -7.28 14.57 -31.08
CA MET H 98 -8.13 15.75 -31.01
C MET H 98 -7.32 17.04 -31.22
N GLY H 99 -6.03 17.00 -30.94
CA GLY H 99 -5.20 18.19 -31.14
C GLY H 99 -5.08 18.51 -32.63
N ALA H 100 -4.95 17.46 -33.43
CA ALA H 100 -4.86 17.58 -34.88
C ALA H 100 -6.20 18.04 -35.46
N PHE H 101 -7.29 17.54 -34.88
CA PHE H 101 -8.62 17.91 -35.33
C PHE H 101 -8.87 19.42 -35.15
N LEU H 102 -8.52 19.97 -33.99
CA LEU H 102 -8.72 21.38 -33.75
C LEU H 102 -7.77 22.22 -34.63
N LEU H 103 -6.59 21.70 -34.92
CA LEU H 103 -5.64 22.43 -35.78
C LEU H 103 -6.28 22.63 -37.17
N THR H 104 -6.79 21.55 -37.72
CA THR H 104 -7.39 21.59 -39.05
C THR H 104 -8.71 22.37 -39.12
N ALA H 105 -9.32 22.62 -37.96
CA ALA H 105 -10.59 23.35 -37.86
C ALA H 105 -10.42 24.87 -37.89
N GLY H 106 -9.19 25.36 -37.97
CA GLY H 106 -8.97 26.80 -38.00
C GLY H 106 -9.53 27.40 -39.27
N ALA H 107 -9.51 28.73 -39.37
CA ALA H 107 -10.04 29.43 -40.55
C ALA H 107 -9.22 29.06 -41.80
N LYS H 108 -9.88 28.73 -42.89
CA LYS H 108 -9.19 28.38 -44.13
C LYS H 108 -8.22 29.49 -44.56
N GLY H 109 -6.98 29.11 -44.85
CA GLY H 109 -5.97 30.06 -45.24
C GLY H 109 -5.12 30.54 -44.08
N LYS H 110 -5.58 30.28 -42.86
CA LYS H 110 -4.88 30.71 -41.66
C LYS H 110 -4.52 29.56 -40.70
N ARG H 111 -4.21 28.39 -41.24
CA ARG H 111 -3.81 27.24 -40.42
C ARG H 111 -2.32 26.98 -40.71
N PHE H 112 -1.49 27.05 -39.67
CA PHE H 112 -0.05 26.85 -39.84
C PHE H 112 0.63 25.79 -38.98
N CYS H 113 1.81 25.35 -39.46
CA CYS H 113 2.66 24.39 -38.78
C CYS H 113 4.05 25.03 -38.74
N LEU H 114 4.75 24.90 -37.61
CA LEU H 114 6.11 25.40 -37.53
C LEU H 114 6.91 24.28 -38.23
N PRO H 115 8.11 24.57 -38.77
CA PRO H 115 8.97 23.62 -39.48
C PRO H 115 9.20 22.21 -38.96
N ASN H 116 9.43 22.05 -37.65
CA ASN H 116 9.72 20.75 -37.09
C ASN H 116 8.62 20.13 -36.21
N SER H 117 7.38 20.58 -36.41
CA SER H 117 6.28 20.03 -35.63
C SER H 117 5.74 18.81 -36.37
N ARG H 118 5.00 17.96 -35.66
CA ARG H 118 4.43 16.78 -36.28
C ARG H 118 2.96 16.63 -35.88
N VAL H 119 2.20 15.99 -36.76
CA VAL H 119 0.78 15.78 -36.57
C VAL H 119 0.49 14.27 -36.57
N MET H 120 -0.52 13.83 -35.85
CA MET H 120 -0.87 12.42 -35.85
C MET H 120 -2.37 12.30 -35.86
N ILE H 121 -2.91 11.46 -36.74
CA ILE H 121 -4.35 11.27 -36.82
C ILE H 121 -4.74 9.80 -36.64
N HIS H 122 -5.94 9.54 -36.09
CA HIS H 122 -6.44 8.19 -35.90
C HIS H 122 -7.96 8.15 -35.63
N GLN H 123 -8.53 7.03 -35.22
CA GLN H 123 -9.96 6.98 -34.96
C GLN H 123 -10.26 7.04 -33.47
N PRO H 124 -11.53 7.26 -33.10
CA PRO H 124 -11.94 7.35 -31.69
C PRO H 124 -11.63 6.10 -30.84
N LEU H 125 -11.27 6.35 -29.59
CA LEU H 125 -10.98 5.34 -28.57
C LEU H 125 -12.11 5.39 -27.52
N GLY H 126 -12.48 4.25 -26.96
CA GLY H 126 -13.54 4.23 -25.96
C GLY H 126 -13.56 3.00 -25.07
N GLY H 127 -14.55 2.91 -24.18
CA GLY H 127 -14.63 1.77 -23.29
C GLY H 127 -15.88 1.84 -22.42
N TYR H 128 -16.40 0.66 -22.07
CA TYR H 128 -17.61 0.57 -21.26
C TYR H 128 -17.70 -0.83 -20.62
N GLN H 129 -18.58 -0.94 -19.63
CA GLN H 129 -18.80 -2.18 -18.90
C GLN H 129 -20.25 -2.26 -18.46
N GLY H 130 -20.89 -3.41 -18.64
CA GLY H 130 -22.27 -3.54 -18.23
C GLY H 130 -23.04 -4.67 -18.93
N GLN H 131 -24.37 -4.56 -18.90
CA GLN H 131 -25.24 -5.57 -19.54
C GLN H 131 -25.12 -5.47 -21.06
N ALA H 132 -25.38 -6.60 -21.75
CA ALA H 132 -25.30 -6.63 -23.20
C ALA H 132 -26.21 -5.59 -23.87
N THR H 133 -27.40 -5.38 -23.33
CA THR H 133 -28.32 -4.37 -23.90
C THR H 133 -27.70 -2.96 -23.87
N ASP H 134 -27.03 -2.62 -22.76
CA ASP H 134 -26.39 -1.31 -22.66
C ASP H 134 -25.12 -1.22 -23.48
N ILE H 135 -24.39 -2.33 -23.61
CA ILE H 135 -23.17 -2.34 -24.41
C ILE H 135 -23.51 -1.98 -25.87
N GLU H 136 -24.66 -2.46 -26.35
CA GLU H 136 -25.09 -2.16 -27.71
C GLU H 136 -25.33 -0.65 -27.88
N ILE H 137 -26.04 -0.06 -26.91
CA ILE H 137 -26.37 1.37 -26.92
C ILE H 137 -25.11 2.22 -27.01
N HIS H 138 -24.10 1.91 -26.18
CA HIS H 138 -22.88 2.68 -26.19
C HIS H 138 -21.96 2.41 -27.39
N ALA H 139 -21.93 1.17 -27.87
CA ALA H 139 -21.12 0.84 -29.05
C ALA H 139 -21.69 1.59 -30.27
N ARG H 140 -23.01 1.59 -30.36
CA ARG H 140 -23.68 2.25 -31.47
C ARG H 140 -23.34 3.74 -31.46
N GLU H 141 -23.30 4.34 -30.28
CA GLU H 141 -22.99 5.76 -30.17
C GLU H 141 -21.56 6.07 -30.59
N ILE H 142 -20.57 5.29 -30.14
CA ILE H 142 -19.21 5.63 -30.54
C ILE H 142 -19.02 5.48 -32.05
N LEU H 143 -19.86 4.67 -32.69
CA LEU H 143 -19.77 4.49 -34.15
C LEU H 143 -20.34 5.74 -34.84
N LYS H 144 -21.36 6.34 -34.25
CA LYS H 144 -21.95 7.55 -34.81
C LYS H 144 -20.94 8.69 -34.69
N VAL H 145 -20.26 8.76 -33.54
CA VAL H 145 -19.26 9.79 -33.31
C VAL H 145 -18.15 9.68 -34.34
N LYS H 146 -17.68 8.46 -34.59
CA LYS H 146 -16.60 8.22 -35.56
C LYS H 146 -16.98 8.72 -36.96
N GLY H 147 -18.20 8.47 -37.38
CA GLY H 147 -18.67 8.92 -38.69
C GLY H 147 -18.78 10.42 -38.81
N ARG H 148 -19.16 11.11 -37.72
CA ARG H 148 -19.27 12.56 -37.76
C ARG H 148 -17.88 13.18 -37.83
N MET H 149 -16.93 12.59 -37.10
CA MET H 149 -15.56 13.09 -37.09
C MET H 149 -14.90 12.92 -38.47
N ASN H 150 -15.15 11.80 -39.13
CA ASN H 150 -14.59 11.54 -40.44
C ASN H 150 -15.23 12.53 -41.45
N GLU H 151 -16.52 12.78 -41.33
CA GLU H 151 -17.20 13.72 -42.23
C GLU H 151 -16.66 15.14 -42.05
N LEU H 152 -16.29 15.50 -40.81
CA LEU H 152 -15.77 16.85 -40.54
C LEU H 152 -14.32 17.00 -41.02
N MET H 153 -13.53 15.94 -40.93
CA MET H 153 -12.14 15.98 -41.39
C MET H 153 -12.10 16.11 -42.92
N ALA H 154 -13.05 15.47 -43.59
CA ALA H 154 -13.13 15.53 -45.06
C ALA H 154 -13.41 16.97 -45.47
N LEU H 155 -14.38 17.59 -44.81
CA LEU H 155 -14.78 18.97 -45.08
C LEU H 155 -13.66 19.99 -44.91
N HIS H 156 -12.89 19.88 -43.82
CA HIS H 156 -11.82 20.83 -43.60
C HIS H 156 -10.55 20.58 -44.42
N THR H 157 -10.26 19.31 -44.72
CA THR H 157 -9.07 18.98 -45.49
C THR H 157 -9.31 19.00 -47.00
N GLY H 158 -10.51 18.68 -47.42
CA GLY H 158 -10.82 18.63 -48.84
C GLY H 158 -10.73 17.22 -49.37
N GLN H 159 -10.16 16.30 -48.59
CA GLN H 159 -10.04 14.91 -49.02
C GLN H 159 -11.44 14.32 -49.07
N SER H 160 -11.59 13.17 -49.73
CA SER H 160 -12.89 12.52 -49.81
C SER H 160 -13.15 11.75 -48.52
N LEU H 161 -14.41 11.43 -48.26
CA LEU H 161 -14.77 10.68 -47.06
C LEU H 161 -14.08 9.33 -47.06
N GLU H 162 -14.04 8.69 -48.22
CA GLU H 162 -13.40 7.38 -48.39
C GLU H 162 -11.92 7.41 -48.00
N GLN H 163 -11.22 8.44 -48.45
CA GLN H 163 -9.79 8.57 -48.16
C GLN H 163 -9.54 8.76 -46.67
N ILE H 164 -10.33 9.62 -46.03
CA ILE H 164 -10.19 9.87 -44.59
C ILE H 164 -10.41 8.57 -43.82
N GLU H 165 -11.47 7.85 -44.16
CA GLU H 165 -11.77 6.60 -43.48
C GLU H 165 -10.63 5.59 -43.54
N ARG H 166 -9.91 5.56 -44.66
CA ARG H 166 -8.80 4.62 -44.81
C ARG H 166 -7.55 5.07 -44.07
N ASP H 167 -7.28 6.38 -44.09
CA ASP H 167 -6.09 6.89 -43.43
C ASP H 167 -6.18 6.95 -41.91
N THR H 168 -7.39 6.89 -41.36
CA THR H 168 -7.53 6.96 -39.90
C THR H 168 -7.78 5.64 -39.16
N GLU H 169 -7.90 4.54 -39.89
CA GLU H 169 -8.11 3.25 -39.23
C GLU H 169 -7.01 2.94 -38.21
N ARG H 170 -5.78 3.33 -38.53
CA ARG H 170 -4.65 3.14 -37.61
C ARG H 170 -3.85 4.45 -37.53
N ASP H 171 -3.05 4.58 -36.48
CA ASP H 171 -2.23 5.77 -36.27
C ASP H 171 -1.44 6.15 -37.53
N ARG H 172 -1.43 7.44 -37.87
CA ARG H 172 -0.70 7.95 -39.02
C ARG H 172 0.00 9.29 -38.71
N PHE H 173 1.33 9.32 -38.83
CA PHE H 173 2.11 10.52 -38.55
C PHE H 173 2.39 11.30 -39.82
N LEU H 174 2.35 12.63 -39.72
CA LEU H 174 2.65 13.51 -40.86
C LEU H 174 3.61 14.60 -40.42
N SER H 175 4.63 14.86 -41.25
CA SER H 175 5.58 15.91 -40.95
C SER H 175 4.90 17.20 -41.40
N ALA H 176 5.50 18.34 -41.09
CA ALA H 176 4.91 19.63 -41.48
C ALA H 176 4.59 19.68 -42.98
N PRO H 177 5.58 19.34 -43.84
CA PRO H 177 5.33 19.39 -45.29
C PRO H 177 4.18 18.48 -45.72
N GLU H 178 4.12 17.27 -45.18
CA GLU H 178 3.06 16.33 -45.55
C GLU H 178 1.67 16.81 -45.09
N ALA H 179 1.62 17.57 -44.00
CA ALA H 179 0.34 18.10 -43.49
C ALA H 179 -0.20 19.17 -44.45
N VAL H 180 0.70 19.86 -45.13
CA VAL H 180 0.27 20.87 -46.09
C VAL H 180 -0.29 20.18 -47.34
N GLU H 181 0.39 19.13 -47.80
CA GLU H 181 -0.06 18.41 -49.00
C GLU H 181 -1.38 17.70 -48.77
N TYR H 182 -1.55 17.16 -47.56
CA TYR H 182 -2.76 16.44 -47.20
C TYR H 182 -3.91 17.41 -47.04
N GLY H 183 -3.61 18.68 -46.75
CA GLY H 183 -4.67 19.67 -46.57
C GLY H 183 -5.08 19.92 -45.11
N LEU H 184 -4.27 19.46 -44.16
CA LEU H 184 -4.56 19.64 -42.73
C LEU H 184 -4.28 21.08 -42.30
N VAL H 185 -3.24 21.67 -42.89
CA VAL H 185 -2.89 23.07 -42.63
C VAL H 185 -2.67 23.75 -44.00
N ASP H 186 -2.56 25.07 -44.00
CA ASP H 186 -2.36 25.84 -45.23
C ASP H 186 -0.89 26.10 -45.63
N SER H 187 -0.01 26.27 -44.64
CA SER H 187 1.41 26.50 -44.92
C SER H 187 2.28 26.46 -43.68
N ILE H 188 3.59 26.53 -43.90
CA ILE H 188 4.57 26.50 -42.84
C ILE H 188 5.10 27.91 -42.54
N LEU H 189 5.42 28.17 -41.27
CA LEU H 189 5.98 29.44 -40.83
C LEU H 189 7.44 29.17 -40.45
N THR H 190 8.38 29.99 -40.91
CA THR H 190 9.80 29.77 -40.60
C THR H 190 10.50 30.96 -39.94
N HIS H 191 10.32 32.16 -40.48
CA HIS H 191 10.92 33.36 -39.90
C HIS H 191 9.95 34.54 -39.99
N ARG H 192 9.84 35.28 -38.88
CA ARG H 192 8.94 36.44 -38.81
C ARG H 192 9.20 37.44 -39.94
N ASN H 193 8.12 37.85 -40.61
CA ASN H 193 8.17 38.82 -41.71
C ASN H 193 9.42 38.76 -42.59
N THR I 10 11.72 24.01 -2.19
CA THR I 10 12.86 24.62 -2.93
C THR I 10 13.92 25.21 -1.97
N SER I 11 13.75 26.47 -1.59
CA SER I 11 14.67 27.16 -0.70
C SER I 11 13.93 28.00 0.34
N ARG I 12 12.61 28.05 0.19
CA ARG I 12 11.72 28.76 1.11
C ARG I 12 11.75 30.29 1.07
N GLY I 13 12.67 30.88 0.30
CA GLY I 13 12.71 32.34 0.26
C GLY I 13 13.87 33.02 -0.45
N GLU I 14 13.53 33.89 -1.39
CA GLU I 14 14.50 34.65 -2.17
C GLU I 14 13.81 35.42 -3.29
N ARG I 15 12.90 34.75 -3.98
CA ARG I 15 12.15 35.35 -5.07
C ARG I 15 11.15 36.31 -4.47
N SER I 16 10.12 35.74 -3.83
CA SER I 16 9.08 36.53 -3.19
C SER I 16 8.45 37.55 -4.12
N PHE I 17 9.10 38.70 -4.30
CA PHE I 17 8.58 39.73 -5.19
C PHE I 17 9.26 39.73 -6.56
N ASP I 18 8.78 38.86 -7.43
CA ASP I 18 9.25 38.72 -8.80
C ASP I 18 10.75 38.85 -9.13
N ILE I 19 11.58 37.91 -8.68
CA ILE I 19 13.00 37.99 -9.01
C ILE I 19 13.13 37.63 -10.49
N TYR I 20 12.37 36.63 -10.93
CA TYR I 20 12.40 36.21 -12.34
C TYR I 20 11.73 37.22 -13.28
N SER I 21 10.68 37.89 -12.81
CA SER I 21 10.03 38.90 -13.65
C SER I 21 10.99 40.10 -13.80
N ARG I 22 11.76 40.37 -12.74
CA ARG I 22 12.73 41.47 -12.77
C ARG I 22 13.78 41.23 -13.85
N LEU I 23 14.30 40.02 -13.91
CA LEU I 23 15.32 39.67 -14.88
C LEU I 23 14.74 39.60 -16.29
N LEU I 24 13.46 39.28 -16.39
CA LEU I 24 12.81 39.23 -17.69
C LEU I 24 12.86 40.62 -18.29
N LYS I 25 12.78 41.64 -17.41
CA LYS I 25 12.82 43.02 -17.87
C LYS I 25 14.15 43.32 -18.54
N GLU I 26 15.19 42.57 -18.19
CA GLU I 26 16.49 42.76 -18.81
C GLU I 26 16.71 41.70 -19.90
N ARG I 27 15.59 41.15 -20.39
CA ARG I 27 15.58 40.16 -21.46
C ARG I 27 16.34 38.85 -21.17
N VAL I 28 16.22 38.36 -19.94
CA VAL I 28 16.87 37.12 -19.51
C VAL I 28 15.79 36.06 -19.20
N ILE I 29 15.96 34.85 -19.70
CA ILE I 29 14.99 33.75 -19.48
C ILE I 29 15.72 32.51 -18.95
N PHE I 30 15.12 31.78 -18.03
CA PHE I 30 15.78 30.59 -17.50
C PHE I 30 15.07 29.29 -17.86
N LEU I 31 15.82 28.30 -18.34
CA LEU I 31 15.26 26.99 -18.66
C LEU I 31 15.98 26.06 -17.69
N THR I 32 15.24 25.59 -16.69
CA THR I 32 15.83 24.75 -15.65
C THR I 32 15.05 23.46 -15.43
N GLY I 33 15.80 22.38 -15.19
CA GLY I 33 15.17 21.09 -14.94
C GLY I 33 14.67 20.38 -16.20
N GLN I 34 13.91 19.31 -15.97
CA GLN I 34 13.35 18.49 -17.04
C GLN I 34 12.45 19.25 -18.01
N VAL I 35 12.65 18.99 -19.29
CA VAL I 35 11.87 19.61 -20.34
C VAL I 35 10.54 18.84 -20.58
N GLU I 36 9.42 19.56 -20.46
CA GLU I 36 8.08 19.01 -20.69
C GLU I 36 7.16 20.13 -21.17
N ASP I 37 5.97 19.76 -21.64
CA ASP I 37 5.02 20.72 -22.22
C ASP I 37 4.73 22.05 -21.53
N HIS I 38 4.37 22.02 -20.25
CA HIS I 38 4.03 23.26 -19.58
C HIS I 38 5.21 24.19 -19.28
N MET I 39 6.35 23.66 -18.82
CA MET I 39 7.50 24.55 -18.59
C MET I 39 7.99 25.11 -19.94
N ALA I 40 7.85 24.33 -21.01
CA ALA I 40 8.27 24.77 -22.35
C ALA I 40 7.36 25.89 -22.89
N ASN I 41 6.05 25.75 -22.69
CA ASN I 41 5.11 26.77 -23.17
C ASN I 41 5.40 28.10 -22.48
N LEU I 42 5.84 28.04 -21.23
CA LEU I 42 6.16 29.24 -20.46
C LEU I 42 7.38 29.94 -21.08
N ILE I 43 8.33 29.16 -21.58
CA ILE I 43 9.53 29.73 -22.22
C ILE I 43 9.14 30.33 -23.57
N VAL I 44 8.28 29.64 -24.29
CA VAL I 44 7.81 30.15 -25.57
C VAL I 44 7.07 31.49 -25.38
N ALA I 45 6.21 31.59 -24.36
CA ALA I 45 5.46 32.83 -24.11
C ALA I 45 6.37 34.00 -23.73
N GLN I 46 7.41 33.72 -22.96
CA GLN I 46 8.37 34.76 -22.59
C GLN I 46 9.12 35.28 -23.83
N MET I 47 9.43 34.38 -24.78
CA MET I 47 10.13 34.77 -26.01
C MET I 47 9.26 35.64 -26.92
N LEU I 48 7.98 35.28 -27.04
CA LEU I 48 7.05 36.05 -27.88
C LEU I 48 6.82 37.43 -27.28
N PHE I 49 6.76 37.48 -25.95
CA PHE I 49 6.57 38.73 -25.21
C PHE I 49 7.76 39.67 -25.46
N LEU I 50 8.97 39.14 -25.32
CA LEU I 50 10.15 39.95 -25.51
C LEU I 50 10.27 40.47 -26.94
N GLU I 51 9.95 39.63 -27.92
CA GLU I 51 10.02 40.06 -29.30
C GLU I 51 9.10 41.26 -29.49
N ALA I 52 7.87 41.16 -29.00
CA ALA I 52 6.90 42.26 -29.14
C ALA I 52 7.40 43.56 -28.48
N GLU I 53 8.03 43.45 -27.33
CA GLU I 53 8.54 44.62 -26.62
C GLU I 53 9.64 45.33 -27.42
N ASN I 54 10.44 44.54 -28.14
CA ASN I 54 11.54 45.09 -28.94
C ASN I 54 12.11 43.98 -29.81
N PRO I 55 11.69 43.94 -31.08
CA PRO I 55 12.15 42.93 -32.04
C PRO I 55 13.61 43.01 -32.46
N GLU I 56 14.31 44.02 -31.94
CA GLU I 56 15.71 44.27 -32.28
C GLU I 56 16.77 43.75 -31.31
N LYS I 57 16.50 43.86 -30.01
CA LYS I 57 17.45 43.45 -28.98
C LYS I 57 17.59 41.94 -28.74
N ASP I 58 18.82 41.50 -28.48
CA ASP I 58 19.11 40.09 -28.20
C ASP I 58 18.39 39.62 -26.92
N ILE I 59 18.18 38.31 -26.83
CA ILE I 59 17.54 37.70 -25.67
C ILE I 59 18.58 36.72 -25.15
N TYR I 60 18.62 36.50 -23.83
CA TYR I 60 19.57 35.57 -23.25
C TYR I 60 18.88 34.40 -22.58
N LEU I 61 19.18 33.20 -23.05
CA LEU I 61 18.56 31.99 -22.49
C LEU I 61 19.57 31.16 -21.70
N TYR I 62 19.38 31.12 -20.39
CA TYR I 62 20.25 30.33 -19.52
C TYR I 62 19.72 28.89 -19.48
N ILE I 63 20.63 27.93 -19.57
CA ILE I 63 20.25 26.52 -19.58
C ILE I 63 20.93 25.62 -18.56
N ASN I 64 20.13 24.93 -17.75
CA ASN I 64 20.59 23.98 -16.75
C ASN I 64 19.54 22.88 -16.75
N SER I 65 19.72 21.88 -17.62
CA SER I 65 18.73 20.82 -17.78
C SER I 65 19.30 19.44 -18.15
N PRO I 66 18.67 18.34 -17.65
CA PRO I 66 19.12 16.97 -17.94
C PRO I 66 18.43 16.42 -19.19
N GLY I 67 17.59 17.24 -19.80
CA GLY I 67 16.88 16.82 -21.00
C GLY I 67 15.38 16.67 -20.78
N GLY I 68 14.70 15.93 -21.67
CA GLY I 68 13.27 15.74 -21.53
C GLY I 68 12.55 15.32 -22.79
N VAL I 69 11.27 15.69 -22.87
CA VAL I 69 10.41 15.35 -24.00
C VAL I 69 10.81 16.07 -25.30
N ILE I 70 11.05 15.31 -26.37
CA ILE I 70 11.47 15.90 -27.64
C ILE I 70 10.48 16.85 -28.29
N THR I 71 9.20 16.47 -28.37
CA THR I 71 8.25 17.40 -29.00
C THR I 71 8.17 18.71 -28.20
N ALA I 72 8.26 18.64 -26.87
CA ALA I 72 8.22 19.87 -26.05
C ALA I 72 9.45 20.74 -26.36
N GLY I 73 10.60 20.10 -26.42
CA GLY I 73 11.82 20.84 -26.74
C GLY I 73 11.81 21.46 -28.12
N MET I 74 11.12 20.83 -29.07
CA MET I 74 11.07 21.37 -30.42
C MET I 74 10.18 22.59 -30.53
N SER I 75 9.23 22.74 -29.61
CA SER I 75 8.38 23.93 -29.65
C SER I 75 9.30 25.10 -29.29
N ILE I 76 10.27 24.87 -28.40
CA ILE I 76 11.19 25.94 -28.02
C ILE I 76 12.18 26.21 -29.18
N TYR I 77 12.68 25.14 -29.82
CA TYR I 77 13.62 25.29 -30.93
C TYR I 77 13.03 26.10 -32.08
N ASP I 78 11.84 25.71 -32.55
CA ASP I 78 11.23 26.43 -33.65
C ASP I 78 10.93 27.90 -33.33
N THR I 79 10.55 28.17 -32.08
CA THR I 79 10.26 29.55 -31.67
C THR I 79 11.56 30.36 -31.69
N MET I 80 12.64 29.75 -31.20
CA MET I 80 13.94 30.42 -31.18
C MET I 80 14.38 30.90 -32.56
N GLN I 81 14.13 30.08 -33.58
CA GLN I 81 14.50 30.40 -34.95
C GLN I 81 13.48 31.33 -35.63
N PHE I 82 12.23 31.25 -35.21
CA PHE I 82 11.16 32.04 -35.81
C PHE I 82 11.14 33.53 -35.48
N ILE I 83 11.35 33.88 -34.22
CA ILE I 83 11.31 35.28 -33.82
C ILE I 83 12.44 36.11 -34.43
N LYS I 84 12.21 37.41 -34.53
CA LYS I 84 13.18 38.34 -35.11
C LYS I 84 14.48 38.44 -34.32
N PRO I 85 14.41 38.66 -32.99
CA PRO I 85 15.60 38.78 -32.12
C PRO I 85 16.53 37.55 -32.11
N ASP I 86 17.82 37.78 -31.94
CA ASP I 86 18.80 36.71 -31.85
C ASP I 86 18.72 36.16 -30.42
N VAL I 87 18.78 34.84 -30.26
CA VAL I 87 18.75 34.23 -28.93
C VAL I 87 20.12 33.67 -28.54
N SER I 88 20.75 34.32 -27.55
CA SER I 88 22.05 33.89 -27.05
C SER I 88 21.82 32.79 -25.99
N THR I 89 22.58 31.70 -26.04
CA THR I 89 22.41 30.63 -25.07
C THR I 89 23.62 30.48 -24.17
N ILE I 90 23.37 30.24 -22.87
CA ILE I 90 24.42 30.07 -21.89
C ILE I 90 24.18 28.83 -21.03
N CYS I 91 25.10 27.88 -21.08
CA CYS I 91 24.96 26.66 -20.27
C CYS I 91 25.62 26.83 -18.90
N MET I 92 24.87 26.54 -17.83
CA MET I 92 25.42 26.59 -16.48
C MET I 92 25.03 25.28 -15.82
N GLY I 93 25.96 24.66 -15.11
CA GLY I 93 25.66 23.39 -14.48
C GLY I 93 25.82 22.29 -15.53
N GLN I 94 24.74 21.99 -16.26
CA GLN I 94 24.80 20.96 -17.29
C GLN I 94 23.75 21.20 -18.35
N ALA I 95 23.99 20.62 -19.52
CA ALA I 95 23.06 20.66 -20.62
C ALA I 95 23.16 19.28 -21.25
N ALA I 96 22.17 18.42 -20.99
CA ALA I 96 22.23 17.07 -21.51
C ALA I 96 21.05 16.78 -22.40
N SER I 97 21.27 15.95 -23.41
CA SER I 97 20.19 15.57 -24.33
C SER I 97 19.46 16.77 -24.96
N MET I 98 18.15 16.85 -24.78
CA MET I 98 17.41 17.98 -25.35
C MET I 98 17.97 19.31 -24.84
N GLY I 99 18.62 19.27 -23.67
CA GLY I 99 19.20 20.49 -23.14
C GLY I 99 20.39 20.92 -23.99
N ALA I 100 21.20 19.94 -24.41
CA ALA I 100 22.37 20.16 -25.25
C ALA I 100 21.97 20.63 -26.64
N PHE I 101 20.87 20.08 -27.14
CA PHE I 101 20.35 20.42 -28.46
C PHE I 101 19.95 21.91 -28.52
N LEU I 102 19.20 22.36 -27.51
CA LEU I 102 18.78 23.75 -27.46
C LEU I 102 19.97 24.68 -27.21
N LEU I 103 21.02 24.20 -26.55
CA LEU I 103 22.21 25.03 -26.33
C LEU I 103 22.91 25.33 -27.68
N THR I 104 23.07 24.29 -28.51
CA THR I 104 23.72 24.42 -29.83
C THR I 104 22.88 25.18 -30.86
N ALA I 105 21.58 25.29 -30.61
CA ALA I 105 20.64 25.98 -31.48
C ALA I 105 20.61 27.52 -31.31
N GLY I 106 21.38 28.05 -30.36
CA GLY I 106 21.40 29.48 -30.17
C GLY I 106 22.03 30.16 -31.39
N ALA I 107 21.97 31.49 -31.44
CA ALA I 107 22.50 32.27 -32.56
C ALA I 107 24.00 32.07 -32.78
N LYS I 108 24.39 31.93 -34.05
CA LYS I 108 25.79 31.72 -34.40
C LYS I 108 26.68 32.81 -33.80
N GLY I 109 27.72 32.38 -33.08
CA GLY I 109 28.63 33.30 -32.43
C GLY I 109 28.19 33.72 -31.03
N LYS I 110 26.99 33.34 -30.62
CA LYS I 110 26.48 33.74 -29.31
C LYS I 110 26.05 32.58 -28.40
N ARG I 111 26.72 31.44 -28.54
CA ARG I 111 26.46 30.25 -27.72
C ARG I 111 27.67 30.09 -26.80
N PHE I 112 27.41 30.04 -25.49
CA PHE I 112 28.48 29.92 -24.49
C PHE I 112 28.30 28.84 -23.44
N CYS I 113 29.43 28.49 -22.81
CA CYS I 113 29.50 27.53 -21.72
C CYS I 113 30.28 28.25 -20.60
N LEU I 114 29.92 28.01 -19.34
CA LEU I 114 30.69 28.56 -18.23
C LEU I 114 31.81 27.51 -18.07
N PRO I 115 32.94 27.88 -17.45
CA PRO I 115 34.11 26.98 -17.26
C PRO I 115 33.95 25.55 -16.79
N ASN I 116 33.13 25.31 -15.77
CA ASN I 116 32.98 23.96 -15.25
C ASN I 116 31.64 23.29 -15.59
N SER I 117 30.98 23.74 -16.65
CA SER I 117 29.73 23.12 -17.03
C SER I 117 30.05 21.92 -17.91
N ARG I 118 29.08 21.03 -18.08
CA ARG I 118 29.32 19.86 -18.92
C ARG I 118 28.12 19.59 -19.79
N VAL I 119 28.38 18.91 -20.90
CA VAL I 119 27.38 18.60 -21.89
C VAL I 119 27.39 17.09 -22.13
N MET I 120 26.25 16.55 -22.55
CA MET I 120 26.18 15.13 -22.88
C MET I 120 25.20 15.01 -24.04
N ILE I 121 25.57 14.23 -25.05
CA ILE I 121 24.70 14.03 -26.21
C ILE I 121 24.47 12.53 -26.42
N HIS I 122 23.35 12.19 -27.07
CA HIS I 122 23.01 10.79 -27.35
C HIS I 122 21.82 10.67 -28.30
N GLN I 123 21.32 9.46 -28.52
CA GLN I 123 20.19 9.30 -29.43
C GLN I 123 18.86 9.25 -28.68
N PRO I 124 17.73 9.37 -29.41
CA PRO I 124 16.39 9.34 -28.82
C PRO I 124 16.06 8.04 -28.08
N LEU I 125 15.16 8.16 -27.09
CA LEU I 125 14.69 7.05 -26.27
C LEU I 125 13.17 7.05 -26.36
N GLY I 126 12.58 5.85 -26.38
CA GLY I 126 11.14 5.76 -26.47
C GLY I 126 10.63 4.40 -26.01
N GLY I 127 9.36 4.14 -26.27
CA GLY I 127 8.78 2.87 -25.88
C GLY I 127 7.32 2.78 -26.24
N TYR I 128 6.88 1.60 -26.69
CA TYR I 128 5.49 1.41 -27.07
C TYR I 128 5.05 -0.02 -26.72
N GLN I 129 3.74 -0.25 -26.76
CA GLN I 129 3.17 -1.56 -26.46
C GLN I 129 1.85 -1.69 -27.23
N GLY I 130 1.68 -2.79 -27.97
CA GLY I 130 0.47 -3.02 -28.75
C GLY I 130 0.60 -4.10 -29.84
N GLN I 131 -0.24 -4.05 -30.88
CA GLN I 131 -0.19 -5.05 -31.97
C GLN I 131 1.07 -4.85 -32.85
N ALA I 132 1.56 -5.92 -33.48
CA ALA I 132 2.75 -5.80 -34.34
C ALA I 132 2.67 -4.69 -35.38
N THR I 133 1.51 -4.58 -36.03
CA THR I 133 1.28 -3.54 -37.03
C THR I 133 1.49 -2.14 -36.43
N ASP I 134 1.00 -1.92 -35.20
CA ASP I 134 1.17 -0.61 -34.58
C ASP I 134 2.59 -0.39 -34.10
N ILE I 135 3.23 -1.47 -33.64
CA ILE I 135 4.63 -1.37 -33.20
C ILE I 135 5.52 -0.91 -34.38
N GLU I 136 5.24 -1.42 -35.58
CA GLU I 136 6.02 -1.06 -36.77
C GLU I 136 5.88 0.45 -37.08
N ILE I 137 4.65 0.94 -37.04
CA ILE I 137 4.36 2.35 -37.28
C ILE I 137 5.13 3.27 -36.32
N HIS I 138 5.12 2.94 -35.04
CA HIS I 138 5.79 3.76 -34.06
C HIS I 138 7.29 3.65 -34.12
N ALA I 139 7.79 2.45 -34.42
CA ALA I 139 9.24 2.27 -34.52
C ALA I 139 9.77 3.12 -35.68
N ARG I 140 9.02 3.14 -36.78
CA ARG I 140 9.41 3.93 -37.95
C ARG I 140 9.45 5.42 -37.64
N GLU I 141 8.48 5.91 -36.86
CA GLU I 141 8.46 7.32 -36.51
C GLU I 141 9.64 7.72 -35.62
N ILE I 142 10.00 6.92 -34.61
CA ILE I 142 11.13 7.34 -33.80
C ILE I 142 12.46 7.28 -34.59
N LEU I 143 12.57 6.40 -35.59
CA LEU I 143 13.79 6.37 -36.40
C LEU I 143 13.87 7.60 -37.29
N LYS I 144 12.72 8.12 -37.72
CA LYS I 144 12.70 9.33 -38.54
C LYS I 144 13.06 10.54 -37.67
N VAL I 145 12.61 10.54 -36.41
CA VAL I 145 12.93 11.63 -35.47
C VAL I 145 14.44 11.65 -35.23
N LYS I 146 15.02 10.46 -35.08
CA LYS I 146 16.45 10.34 -34.88
C LYS I 146 17.21 10.91 -36.10
N GLY I 147 16.73 10.62 -37.31
CA GLY I 147 17.39 11.12 -38.52
C GLY I 147 17.36 12.63 -38.58
N ARG I 148 16.20 13.21 -38.25
CA ARG I 148 16.07 14.64 -38.27
C ARG I 148 16.95 15.35 -37.24
N MET I 149 17.00 14.84 -36.00
CA MET I 149 17.82 15.47 -34.98
C MET I 149 19.32 15.40 -35.32
N ASN I 150 19.76 14.32 -35.97
CA ASN I 150 21.17 14.23 -36.34
C ASN I 150 21.46 15.29 -37.42
N GLU I 151 20.54 15.46 -38.34
CA GLU I 151 20.72 16.45 -39.40
C GLU I 151 20.79 17.90 -38.85
N LEU I 152 19.99 18.22 -37.83
CA LEU I 152 20.03 19.58 -37.27
C LEU I 152 21.30 19.77 -36.46
N MET I 153 21.79 18.72 -35.80
CA MET I 153 23.03 18.82 -35.02
C MET I 153 24.23 19.04 -35.95
N ALA I 154 24.20 18.42 -37.13
CA ALA I 154 25.27 18.57 -38.13
C ALA I 154 25.28 20.03 -38.61
N LEU I 155 24.10 20.54 -38.90
CA LEU I 155 23.90 21.91 -39.35
C LEU I 155 24.46 22.94 -38.38
N HIS I 156 24.13 22.80 -37.10
CA HIS I 156 24.56 23.75 -36.08
C HIS I 156 25.99 23.62 -35.57
N THR I 157 26.56 22.42 -35.63
CA THR I 157 27.93 22.21 -35.18
C THR I 157 28.95 22.35 -36.31
N GLY I 158 28.51 22.09 -37.53
CA GLY I 158 29.42 22.14 -38.66
C GLY I 158 30.11 20.79 -38.89
N GLN I 159 29.74 19.77 -38.09
CA GLN I 159 30.31 18.44 -38.25
C GLN I 159 29.55 17.72 -39.38
N SER I 160 30.13 16.66 -39.92
CA SER I 160 29.44 15.93 -40.99
C SER I 160 28.36 15.06 -40.35
N LEU I 161 27.32 14.75 -41.10
CA LEU I 161 26.24 13.91 -40.58
C LEU I 161 26.81 12.57 -40.10
N GLU I 162 27.76 12.01 -40.84
CA GLU I 162 28.35 10.74 -40.46
C GLU I 162 29.09 10.81 -39.12
N GLN I 163 29.69 11.96 -38.84
CA GLN I 163 30.42 12.11 -37.57
C GLN I 163 29.43 12.22 -36.39
N ILE I 164 28.31 12.92 -36.62
CA ILE I 164 27.28 13.09 -35.59
C ILE I 164 26.62 11.74 -35.26
N GLU I 165 26.34 10.94 -36.30
CA GLU I 165 25.71 9.64 -36.10
C GLU I 165 26.61 8.74 -35.26
N ARG I 166 27.90 8.79 -35.58
CA ARG I 166 28.92 8.00 -34.91
C ARG I 166 29.04 8.35 -33.42
N ASP I 167 29.11 9.64 -33.11
CA ASP I 167 29.26 10.10 -31.73
C ASP I 167 27.99 10.05 -30.85
N THR I 168 26.82 9.85 -31.45
CA THR I 168 25.60 9.81 -30.65
C THR I 168 24.98 8.44 -30.44
N GLU I 169 25.61 7.38 -30.92
CA GLU I 169 25.05 6.05 -30.74
C GLU I 169 24.95 5.70 -29.26
N ARG I 170 25.92 6.14 -28.48
CA ARG I 170 25.92 5.91 -27.02
C ARG I 170 26.19 7.24 -26.31
N ASP I 171 25.86 7.33 -25.02
CA ASP I 171 26.07 8.58 -24.29
C ASP I 171 27.50 9.07 -24.50
N ARG I 172 27.66 10.37 -24.74
CA ARG I 172 28.97 10.98 -24.96
C ARG I 172 29.08 12.30 -24.18
N PHE I 173 30.00 12.36 -23.20
CA PHE I 173 30.21 13.57 -22.42
C PHE I 173 31.28 14.51 -23.00
N LEU I 174 31.07 15.82 -22.86
CA LEU I 174 32.01 16.84 -23.33
C LEU I 174 32.27 17.95 -22.30
N SER I 175 33.53 18.22 -21.98
CA SER I 175 33.84 19.29 -21.03
C SER I 175 33.60 20.60 -21.80
N ALA I 176 33.68 21.74 -21.13
CA ALA I 176 33.46 23.03 -21.78
C ALA I 176 34.41 23.27 -22.98
N PRO I 177 35.72 23.00 -22.81
CA PRO I 177 36.69 23.20 -23.90
C PRO I 177 36.45 22.26 -25.06
N GLU I 178 36.00 21.04 -24.75
CA GLU I 178 35.70 20.05 -25.78
C GLU I 178 34.46 20.48 -26.55
N ALA I 179 33.52 21.15 -25.88
CA ALA I 179 32.28 21.59 -26.56
C ALA I 179 32.62 22.71 -27.56
N VAL I 180 33.58 23.56 -27.22
CA VAL I 180 33.99 24.62 -28.15
C VAL I 180 34.66 23.98 -29.37
N GLU I 181 35.59 23.08 -29.10
CA GLU I 181 36.34 22.39 -30.15
C GLU I 181 35.42 21.61 -31.12
N TYR I 182 34.34 21.04 -30.58
CA TYR I 182 33.36 20.25 -31.36
C TYR I 182 32.40 21.14 -32.17
N GLY I 183 32.25 22.40 -31.76
CA GLY I 183 31.33 23.27 -32.48
C GLY I 183 29.95 23.37 -31.82
N LEU I 184 29.79 22.77 -30.63
CA LEU I 184 28.51 22.83 -29.90
C LEU I 184 28.26 24.25 -29.39
N VAL I 185 29.31 24.93 -28.89
CA VAL I 185 29.19 26.31 -28.45
C VAL I 185 30.34 27.12 -29.10
N ASP I 186 30.23 28.43 -29.08
CA ASP I 186 31.24 29.30 -29.69
C ASP I 186 32.42 29.68 -28.79
N SER I 187 32.20 29.79 -27.49
CA SER I 187 33.30 30.13 -26.59
C SER I 187 32.93 29.86 -25.15
N ILE I 188 33.86 30.14 -24.24
CA ILE I 188 33.65 29.95 -22.81
C ILE I 188 33.68 31.31 -22.10
N LEU I 189 32.72 31.54 -21.20
CA LEU I 189 32.67 32.79 -20.43
C LEU I 189 33.31 32.54 -19.07
N THR I 190 34.39 33.26 -18.76
CA THR I 190 35.05 33.04 -17.47
C THR I 190 34.89 34.20 -16.47
N HIS I 191 35.17 35.43 -16.90
CA HIS I 191 35.07 36.60 -16.03
C HIS I 191 34.42 37.82 -16.70
N ARG I 192 33.53 38.50 -15.99
CA ARG I 192 32.87 39.68 -16.53
C ARG I 192 33.92 40.75 -16.86
N ASN I 193 33.88 41.26 -18.09
CA ASN I 193 34.79 42.29 -18.60
C ASN I 193 35.74 41.80 -19.71
N THR J 10 4.31 35.28 8.76
CA THR J 10 4.59 35.49 7.31
C THR J 10 5.94 36.16 7.11
N SER J 11 6.18 37.19 7.92
CA SER J 11 7.42 37.97 7.86
C SER J 11 7.42 38.98 6.72
N ARG J 12 7.12 40.23 7.06
CA ARG J 12 7.09 41.33 6.09
C ARG J 12 7.76 42.55 6.72
N GLY J 13 7.03 43.21 7.61
CA GLY J 13 7.56 44.40 8.26
C GLY J 13 7.48 45.61 7.35
N GLU J 14 6.90 46.70 7.86
CA GLU J 14 6.78 47.93 7.09
C GLU J 14 8.16 48.45 6.73
N ARG J 15 8.79 47.78 5.78
CA ARG J 15 10.12 48.14 5.31
C ARG J 15 10.26 47.73 3.84
N SER J 16 9.60 46.63 3.49
CA SER J 16 9.60 46.12 2.12
C SER J 16 8.56 45.00 2.01
N PHE J 17 8.93 43.91 1.36
CA PHE J 17 8.04 42.78 1.19
C PHE J 17 8.36 41.70 2.22
N ASP J 18 8.43 40.43 1.81
CA ASP J 18 8.75 39.37 2.75
C ASP J 18 10.11 39.68 3.38
N ILE J 19 10.48 38.96 4.41
CA ILE J 19 11.75 39.23 5.09
C ILE J 19 13.01 38.96 4.26
N TYR J 20 12.97 37.94 3.42
CA TYR J 20 14.14 37.65 2.59
C TYR J 20 14.38 38.72 1.54
N SER J 21 13.31 39.29 0.99
CA SER J 21 13.46 40.36 0.00
C SER J 21 14.06 41.61 0.65
N ARG J 22 13.75 41.82 1.92
CA ARG J 22 14.27 42.99 2.63
C ARG J 22 15.77 42.86 2.83
N LEU J 23 16.24 41.65 3.14
CA LEU J 23 17.66 41.43 3.37
C LEU J 23 18.45 41.45 2.06
N LEU J 24 17.80 41.07 0.96
CA LEU J 24 18.44 41.08 -0.35
C LEU J 24 18.81 42.53 -0.69
N LYS J 25 17.99 43.45 -0.19
CA LYS J 25 18.19 44.87 -0.42
C LYS J 25 19.56 45.23 0.18
N GLU J 26 19.93 44.49 1.22
CA GLU J 26 21.21 44.66 1.92
C GLU J 26 22.31 43.79 1.31
N ARG J 27 22.01 43.18 0.17
CA ARG J 27 22.96 42.32 -0.54
C ARG J 27 23.29 41.01 0.19
N VAL J 28 22.31 40.49 0.93
CA VAL J 28 22.44 39.23 1.67
C VAL J 28 21.61 38.12 0.99
N ILE J 29 22.23 36.97 0.76
CA ILE J 29 21.56 35.83 0.11
C ILE J 29 21.72 34.58 1.00
N PHE J 30 20.68 33.76 1.07
CA PHE J 30 20.71 32.55 1.89
C PHE J 30 20.73 31.25 1.07
N LEU J 31 21.65 30.35 1.43
CA LEU J 31 21.74 29.03 0.79
C LEU J 31 21.44 28.08 1.95
N THR J 32 20.24 27.50 1.94
CA THR J 32 19.75 26.64 3.03
C THR J 32 19.21 25.28 2.57
N GLY J 33 19.64 24.21 3.23
CA GLY J 33 19.12 22.88 2.87
C GLY J 33 19.92 22.23 1.75
N GLN J 34 19.38 21.15 1.19
CA GLN J 34 20.07 20.42 0.13
C GLN J 34 20.11 21.17 -1.20
N VAL J 35 21.24 21.06 -1.87
CA VAL J 35 21.44 21.74 -3.14
C VAL J 35 20.81 20.96 -4.29
N GLU J 36 19.96 21.61 -5.06
CA GLU J 36 19.33 21.01 -6.23
C GLU J 36 19.05 22.12 -7.25
N ASP J 37 18.73 21.75 -8.49
CA ASP J 37 18.51 22.72 -9.56
C ASP J 37 17.67 23.95 -9.31
N HIS J 38 16.47 23.78 -8.77
CA HIS J 38 15.61 24.94 -8.59
C HIS J 38 16.07 25.94 -7.52
N MET J 39 16.44 25.47 -6.32
CA MET J 39 16.92 26.40 -5.30
C MET J 39 18.24 27.05 -5.76
N ALA J 40 19.04 26.32 -6.55
CA ALA J 40 20.31 26.85 -7.05
C ALA J 40 20.05 27.97 -8.08
N ASN J 41 19.08 27.76 -8.97
CA ASN J 41 18.75 28.76 -9.98
C ASN J 41 18.29 30.06 -9.29
N LEU J 42 17.58 29.94 -8.17
CA LEU J 42 17.10 31.10 -7.42
C LEU J 42 18.29 31.89 -6.88
N ILE J 43 19.34 31.18 -6.44
CA ILE J 43 20.55 31.84 -5.93
C ILE J 43 21.29 32.53 -7.10
N VAL J 44 21.37 31.86 -8.25
CA VAL J 44 22.01 32.44 -9.43
C VAL J 44 21.30 33.74 -9.83
N ALA J 45 19.97 33.72 -9.82
CA ALA J 45 19.17 34.90 -10.15
C ALA J 45 19.43 36.04 -9.17
N GLN J 46 19.51 35.71 -7.87
CA GLN J 46 19.77 36.78 -6.91
C GLN J 46 21.15 37.40 -7.13
N MET J 47 22.16 36.59 -7.42
CA MET J 47 23.51 37.11 -7.66
C MET J 47 23.59 38.05 -8.87
N LEU J 48 22.93 37.66 -9.97
CA LEU J 48 22.93 38.47 -11.19
C LEU J 48 22.20 39.79 -10.98
N PHE J 49 21.13 39.76 -10.20
CA PHE J 49 20.35 40.96 -9.89
C PHE J 49 21.23 41.96 -9.12
N LEU J 50 21.86 41.48 -8.05
CA LEU J 50 22.72 42.33 -7.25
C LEU J 50 23.88 42.92 -8.04
N GLU J 51 24.48 42.15 -8.97
CA GLU J 51 25.58 42.67 -9.79
C GLU J 51 25.07 43.82 -10.66
N ALA J 52 23.85 43.67 -11.20
CA ALA J 52 23.29 44.72 -12.03
C ALA J 52 23.00 45.96 -11.19
N GLU J 53 22.57 45.77 -9.94
CA GLU J 53 22.27 46.90 -9.06
C GLU J 53 23.52 47.71 -8.71
N ASN J 54 24.63 47.02 -8.48
CA ASN J 54 25.90 47.65 -8.15
C ASN J 54 27.01 46.63 -8.28
N PRO J 55 27.76 46.66 -9.39
CA PRO J 55 28.86 45.73 -9.65
C PRO J 55 30.11 45.87 -8.79
N GLU J 56 30.14 46.88 -7.93
CA GLU J 56 31.31 47.10 -7.09
C GLU J 56 31.18 46.62 -5.66
N LYS J 57 29.97 46.66 -5.11
CA LYS J 57 29.75 46.26 -3.71
C LYS J 57 29.80 44.75 -3.47
N ASP J 58 30.28 44.37 -2.29
CA ASP J 58 30.37 42.97 -1.91
C ASP J 58 28.97 42.36 -1.75
N ILE J 59 28.89 41.05 -1.90
CA ILE J 59 27.65 40.29 -1.74
C ILE J 59 27.95 39.31 -0.61
N TYR J 60 26.96 39.03 0.24
CA TYR J 60 27.15 38.08 1.34
C TYR J 60 26.27 36.84 1.17
N LEU J 61 26.91 35.66 1.15
CA LEU J 61 26.20 34.39 1.01
C LEU J 61 26.32 33.54 2.28
N TYR J 62 25.20 33.41 3.00
CA TYR J 62 25.14 32.63 4.24
C TYR J 62 24.86 31.17 3.86
N ILE J 63 25.63 30.24 4.44
CA ILE J 63 25.48 28.83 4.11
C ILE J 63 25.20 27.92 5.29
N ASN J 64 24.14 27.12 5.16
CA ASN J 64 23.79 26.11 6.16
C ASN J 64 23.22 24.98 5.29
N SER J 65 24.06 24.02 4.91
CA SER J 65 23.64 22.96 4.00
C SER J 65 24.39 21.63 4.15
N PRO J 66 23.70 20.50 3.90
CA PRO J 66 24.34 19.19 4.01
C PRO J 66 24.95 18.78 2.66
N GLY J 67 24.74 19.61 1.66
CA GLY J 67 25.27 19.31 0.34
C GLY J 67 24.17 19.03 -0.67
N GLY J 68 24.48 18.28 -1.73
CA GLY J 68 23.47 17.99 -2.74
C GLY J 68 24.01 17.65 -4.13
N VAL J 69 23.23 17.99 -5.17
CA VAL J 69 23.60 17.68 -6.56
C VAL J 69 24.80 18.51 -7.05
N ILE J 70 25.85 17.82 -7.53
CA ILE J 70 27.06 18.49 -7.99
C ILE J 70 26.86 19.50 -9.14
N THR J 71 26.24 19.09 -10.24
CA THR J 71 26.05 20.05 -11.34
C THR J 71 25.25 21.29 -10.92
N ALA J 72 24.28 21.13 -10.02
CA ALA J 72 23.50 22.28 -9.52
C ALA J 72 24.42 23.20 -8.71
N GLY J 73 25.27 22.59 -7.88
CA GLY J 73 26.20 23.37 -7.10
C GLY J 73 27.23 24.09 -7.98
N MET J 74 27.58 23.47 -9.11
CA MET J 74 28.56 24.10 -9.99
C MET J 74 27.96 25.29 -10.73
N SER J 75 26.63 25.33 -10.90
CA SER J 75 26.03 26.48 -11.56
C SER J 75 26.22 27.71 -10.65
N ILE J 76 26.25 27.47 -9.34
CA ILE J 76 26.44 28.55 -8.36
C ILE J 76 27.91 28.99 -8.35
N TYR J 77 28.80 28.02 -8.24
CA TYR J 77 30.25 28.25 -8.25
C TYR J 77 30.71 29.10 -9.45
N ASP J 78 30.33 28.69 -10.66
CA ASP J 78 30.74 29.43 -11.86
C ASP J 78 30.15 30.85 -11.87
N THR J 79 28.95 31.02 -11.31
CA THR J 79 28.35 32.36 -11.28
C THR J 79 29.14 33.24 -10.32
N MET J 80 29.50 32.67 -9.16
CA MET J 80 30.26 33.42 -8.16
C MET J 80 31.57 33.97 -8.76
N GLN J 81 32.29 33.12 -9.51
CA GLN J 81 33.55 33.57 -10.11
C GLN J 81 33.35 34.54 -11.28
N PHE J 82 32.28 34.36 -12.06
CA PHE J 82 32.01 35.22 -13.22
C PHE J 82 31.66 36.69 -12.95
N ILE J 83 30.77 36.94 -11.99
CA ILE J 83 30.33 38.30 -11.70
C ILE J 83 31.42 39.21 -11.10
N LYS J 84 31.28 40.51 -11.34
CA LYS J 84 32.26 41.50 -10.87
C LYS J 84 32.45 41.56 -9.37
N PRO J 85 31.36 41.72 -8.59
CA PRO J 85 31.46 41.80 -7.12
C PRO J 85 32.10 40.60 -6.44
N ASP J 86 32.76 40.84 -5.31
CA ASP J 86 33.36 39.75 -4.51
C ASP J 86 32.19 39.11 -3.75
N VAL J 87 32.18 37.79 -3.64
CA VAL J 87 31.14 37.08 -2.89
C VAL J 87 31.77 36.55 -1.59
N SER J 88 31.38 37.15 -0.49
CA SER J 88 31.87 36.80 0.84
C SER J 88 30.99 35.66 1.37
N THR J 89 31.60 34.59 1.90
CA THR J 89 30.83 33.45 2.39
C THR J 89 30.90 33.32 3.90
N ILE J 90 29.78 32.93 4.51
CA ILE J 90 29.68 32.77 5.96
C ILE J 90 28.98 31.46 6.34
N CYS J 91 29.71 30.54 6.97
CA CYS J 91 29.12 29.27 7.38
C CYS J 91 28.44 29.34 8.75
N MET J 92 27.16 28.94 8.81
CA MET J 92 26.43 28.89 10.09
C MET J 92 25.75 27.53 10.18
N GLY J 93 25.85 26.86 11.33
CA GLY J 93 25.26 25.54 11.44
C GLY J 93 26.24 24.54 10.88
N GLN J 94 26.16 24.26 9.58
CA GLN J 94 27.07 23.30 8.94
C GLN J 94 27.25 23.57 7.44
N ALA J 95 28.39 23.13 6.91
CA ALA J 95 28.67 23.24 5.48
C ALA J 95 29.31 21.90 5.13
N ALA J 96 28.51 20.99 4.57
CA ALA J 96 29.00 19.65 4.22
C ALA J 96 29.02 19.39 2.73
N SER J 97 30.04 18.67 2.27
CA SER J 97 30.15 18.32 0.85
C SER J 97 30.07 19.54 -0.06
N MET J 98 29.10 19.56 -0.97
CA MET J 98 28.97 20.68 -1.88
C MET J 98 28.82 22.01 -1.13
N GLY J 99 28.32 21.93 0.10
CA GLY J 99 28.18 23.15 0.90
C GLY J 99 29.57 23.62 1.30
N ALA J 100 30.44 22.68 1.69
CA ALA J 100 31.82 23.02 2.09
C ALA J 100 32.60 23.54 0.87
N PHE J 101 32.28 23.02 -0.30
CA PHE J 101 32.94 23.44 -1.53
C PHE J 101 32.57 24.89 -1.87
N LEU J 102 31.26 25.22 -1.84
CA LEU J 102 30.84 26.58 -2.11
C LEU J 102 31.34 27.57 -1.04
N LEU J 103 31.52 27.10 0.19
CA LEU J 103 32.04 27.95 1.25
C LEU J 103 33.51 28.36 0.97
N THR J 104 34.33 27.39 0.60
CA THR J 104 35.74 27.68 0.32
C THR J 104 35.95 28.42 -1.01
N ALA J 105 34.92 28.46 -1.84
CA ALA J 105 34.98 29.15 -3.13
C ALA J 105 34.73 30.66 -3.04
N GLY J 106 34.47 31.18 -1.84
CA GLY J 106 34.23 32.61 -1.68
C GLY J 106 35.50 33.43 -1.89
N ALA J 107 35.40 34.76 -1.94
CA ALA J 107 36.58 35.62 -2.15
C ALA J 107 37.65 35.47 -1.06
N LYS J 108 38.90 35.30 -1.48
CA LYS J 108 39.99 35.13 -0.54
C LYS J 108 40.04 36.25 0.50
N GLY J 109 40.18 35.87 1.76
CA GLY J 109 40.20 36.84 2.84
C GLY J 109 38.80 37.17 3.33
N LYS J 110 37.78 36.74 2.60
CA LYS J 110 36.40 37.06 2.98
C LYS J 110 35.52 35.82 3.20
N ARG J 111 36.14 34.72 3.61
CA ARG J 111 35.40 33.48 3.90
C ARG J 111 35.42 33.30 5.42
N PHE J 112 34.24 33.14 6.03
CA PHE J 112 34.15 32.99 7.48
C PHE J 112 33.29 31.83 8.01
N CYS J 113 33.59 31.44 9.26
CA CYS J 113 32.86 30.41 10.00
C CYS J 113 32.40 31.04 11.32
N LEU J 114 31.25 30.62 11.84
CA LEU J 114 30.82 31.14 13.15
C LEU J 114 31.46 30.13 14.12
N PRO J 115 31.68 30.52 15.39
CA PRO J 115 32.31 29.70 16.43
C PRO J 115 31.94 28.22 16.61
N ASN J 116 30.66 27.89 16.48
CA ASN J 116 30.26 26.50 16.68
C ASN J 116 29.77 25.78 15.43
N SER J 117 30.11 26.31 14.27
CA SER J 117 29.69 25.66 13.04
C SER J 117 30.67 24.52 12.77
N ARG J 118 30.36 23.67 11.80
CA ARG J 118 31.27 22.60 11.45
C ARG J 118 31.25 22.36 9.96
N VAL J 119 32.35 21.82 9.46
CA VAL J 119 32.48 21.54 8.05
C VAL J 119 32.81 20.06 7.89
N MET J 120 32.36 19.46 6.79
CA MET J 120 32.66 18.04 6.47
C MET J 120 32.93 17.94 4.97
N ILE J 121 33.99 17.23 4.60
CA ILE J 121 34.30 17.06 3.17
C ILE J 121 34.36 15.57 2.83
N HIS J 122 34.21 15.24 1.54
CA HIS J 122 34.26 13.85 1.04
C HIS J 122 34.16 13.75 -0.50
N GLN J 123 34.38 12.57 -1.06
CA GLN J 123 34.33 12.45 -2.53
C GLN J 123 32.91 12.32 -3.08
N PRO J 124 32.75 12.45 -4.42
CA PRO J 124 31.47 12.37 -5.13
C PRO J 124 30.82 10.98 -5.03
N LEU J 125 29.49 10.96 -4.94
CA LEU J 125 28.73 9.70 -4.86
C LEU J 125 27.84 9.61 -6.10
N GLY J 126 27.59 8.40 -6.59
CA GLY J 126 26.76 8.26 -7.75
C GLY J 126 26.24 6.86 -7.94
N GLY J 127 25.81 6.56 -9.16
CA GLY J 127 25.30 5.22 -9.44
C GLY J 127 24.77 5.12 -10.85
N TYR J 128 24.58 3.90 -11.33
CA TYR J 128 24.08 3.71 -12.67
C TYR J 128 23.67 2.26 -12.87
N GLN J 129 22.94 1.99 -13.95
CA GLN J 129 22.51 0.64 -14.26
C GLN J 129 22.33 0.50 -15.77
N GLY J 130 22.87 -0.58 -16.34
CA GLY J 130 22.75 -0.79 -17.77
C GLY J 130 23.80 -1.75 -18.33
N GLN J 131 24.09 -1.62 -19.63
CA GLN J 131 25.07 -2.49 -20.30
C GLN J 131 26.48 -2.17 -19.83
N ALA J 132 27.34 -3.18 -19.83
CA ALA J 132 28.73 -2.99 -19.41
C ALA J 132 29.41 -1.83 -20.17
N THR J 133 29.13 -1.69 -21.47
CA THR J 133 29.74 -0.61 -22.25
C THR J 133 29.28 0.77 -21.74
N ASP J 134 28.02 0.88 -21.34
CA ASP J 134 27.54 2.16 -20.83
C ASP J 134 28.05 2.44 -19.42
N ILE J 135 28.17 1.40 -18.62
CA ILE J 135 28.70 1.55 -17.26
C ILE J 135 30.11 2.13 -17.33
N GLU J 136 30.90 1.66 -18.28
CA GLU J 136 32.27 2.16 -18.40
C GLU J 136 32.27 3.66 -18.73
N ILE J 137 31.37 4.08 -19.59
CA ILE J 137 31.25 5.47 -20.00
C ILE J 137 30.93 6.37 -18.83
N HIS J 138 29.96 5.96 -18.01
CA HIS J 138 29.57 6.77 -16.86
C HIS J 138 30.53 6.71 -15.69
N ALA J 139 31.22 5.58 -15.54
CA ALA J 139 32.21 5.43 -14.46
C ALA J 139 33.39 6.35 -14.75
N ARG J 140 33.86 6.34 -15.99
CA ARG J 140 34.99 7.21 -16.36
C ARG J 140 34.64 8.68 -16.14
N GLU J 141 33.38 9.05 -16.43
CA GLU J 141 32.96 10.43 -16.26
C GLU J 141 32.97 10.88 -14.80
N ILE J 142 32.45 10.05 -13.89
CA ILE J 142 32.44 10.48 -12.48
C ILE J 142 33.86 10.53 -11.90
N LEU J 143 34.77 9.77 -12.50
CA LEU J 143 36.16 9.80 -12.05
C LEU J 143 36.76 11.15 -12.48
N LYS J 144 36.39 11.63 -13.67
CA LYS J 144 36.89 12.92 -14.15
C LYS J 144 36.34 14.05 -13.27
N VAL J 145 35.08 13.93 -12.88
CA VAL J 145 34.44 14.94 -12.03
C VAL J 145 35.18 14.97 -10.70
N LYS J 146 35.50 13.79 -10.16
CA LYS J 146 36.22 13.69 -8.90
C LYS J 146 37.60 14.38 -8.99
N GLY J 147 38.31 14.18 -10.09
CA GLY J 147 39.60 14.82 -10.26
C GLY J 147 39.50 16.35 -10.33
N ARG J 148 38.51 16.85 -11.05
CA ARG J 148 38.32 18.30 -11.15
C ARG J 148 37.99 18.93 -9.80
N MET J 149 37.11 18.28 -9.03
CA MET J 149 36.72 18.80 -7.73
C MET J 149 37.90 18.83 -6.76
N ASN J 150 38.74 17.81 -6.80
CA ASN J 150 39.91 17.76 -5.92
C ASN J 150 40.88 18.89 -6.31
N GLU J 151 41.01 19.16 -7.61
CA GLU J 151 41.92 20.22 -8.08
C GLU J 151 41.42 21.61 -7.65
N LEU J 152 40.12 21.86 -7.82
CA LEU J 152 39.57 23.15 -7.43
C LEU J 152 39.70 23.34 -5.92
N MET J 153 39.55 22.26 -5.16
CA MET J 153 39.70 22.35 -3.70
C MET J 153 41.15 22.69 -3.32
N ALA J 154 42.09 22.08 -4.04
CA ALA J 154 43.51 22.34 -3.78
C ALA J 154 43.84 23.81 -4.05
N LEU J 155 43.33 24.35 -5.14
CA LEU J 155 43.59 25.73 -5.48
C LEU J 155 43.00 26.74 -4.47
N HIS J 156 41.79 26.48 -3.96
CA HIS J 156 41.18 27.41 -3.01
C HIS J 156 41.68 27.33 -1.56
N THR J 157 42.11 26.15 -1.13
CA THR J 157 42.59 25.97 0.24
C THR J 157 44.09 26.20 0.39
N GLY J 158 44.83 25.95 -0.67
CA GLY J 158 46.28 26.10 -0.60
C GLY J 158 46.94 24.76 -0.32
N GLN J 159 46.13 23.72 -0.09
CA GLN J 159 46.65 22.38 0.18
C GLN J 159 47.14 21.70 -1.09
N SER J 160 48.01 20.70 -0.93
CA SER J 160 48.53 19.97 -2.07
C SER J 160 47.47 19.02 -2.63
N LEU J 161 47.47 18.84 -3.95
CA LEU J 161 46.51 17.95 -4.57
C LEU J 161 46.52 16.58 -3.89
N GLU J 162 47.69 16.13 -3.48
CA GLU J 162 47.81 14.82 -2.82
C GLU J 162 47.12 14.78 -1.47
N GLN J 163 47.19 15.88 -0.72
CA GLN J 163 46.56 15.93 0.60
C GLN J 163 45.04 15.95 0.47
N ILE J 164 44.53 16.68 -0.52
CA ILE J 164 43.08 16.73 -0.75
C ILE J 164 42.54 15.34 -1.07
N GLU J 165 43.17 14.64 -2.00
CA GLU J 165 42.74 13.30 -2.40
C GLU J 165 42.73 12.41 -1.16
N ARG J 166 43.80 12.54 -0.40
CA ARG J 166 44.02 11.81 0.84
C ARG J 166 42.90 12.08 1.85
N ASP J 167 42.54 13.34 2.01
CA ASP J 167 41.52 13.74 2.97
C ASP J 167 40.05 13.56 2.56
N THR J 168 39.78 13.32 1.28
CA THR J 168 38.39 13.16 0.84
C THR J 168 37.94 11.71 0.60
N GLU J 169 38.88 10.76 0.62
CA GLU J 169 38.55 9.36 0.42
C GLU J 169 37.45 8.90 1.36
N ARG J 170 37.55 9.35 2.62
CA ARG J 170 36.57 9.02 3.65
C ARG J 170 36.07 10.34 4.26
N ASP J 171 34.86 10.34 4.81
CA ASP J 171 34.32 11.55 5.42
C ASP J 171 35.32 12.12 6.42
N ARG J 172 35.42 13.45 6.47
CA ARG J 172 36.33 14.15 7.36
C ARG J 172 35.68 15.42 7.94
N PHE J 173 35.56 15.48 9.26
CA PHE J 173 34.96 16.64 9.93
C PHE J 173 35.98 17.66 10.42
N LEU J 174 35.64 18.95 10.31
CA LEU J 174 36.53 20.02 10.77
C LEU J 174 35.81 21.06 11.64
N SER J 175 36.38 21.37 12.80
CA SER J 175 35.79 22.39 13.68
C SER J 175 36.13 23.75 13.05
N ALA J 176 35.53 24.84 13.56
CA ALA J 176 35.80 26.16 13.00
C ALA J 176 37.29 26.51 13.01
N PRO J 177 37.98 26.27 14.15
CA PRO J 177 39.43 26.58 14.20
C PRO J 177 40.25 25.68 13.25
N GLU J 178 39.84 24.43 13.10
CA GLU J 178 40.57 23.51 12.22
C GLU J 178 40.38 23.90 10.76
N ALA J 179 39.23 24.49 10.43
CA ALA J 179 38.96 24.92 9.07
C ALA J 179 39.84 26.13 8.66
N VAL J 180 40.14 27.00 9.62
CA VAL J 180 41.00 28.15 9.38
C VAL J 180 42.43 27.64 9.11
N GLU J 181 42.89 26.73 9.98
CA GLU J 181 44.22 26.14 9.83
C GLU J 181 44.38 25.34 8.52
N TYR J 182 43.28 24.74 8.05
CA TYR J 182 43.30 23.94 6.83
C TYR J 182 43.26 24.83 5.58
N GLY J 183 42.86 26.09 5.76
CA GLY J 183 42.77 26.99 4.63
C GLY J 183 41.39 27.00 3.99
N LEU J 184 40.43 26.32 4.61
CA LEU J 184 39.05 26.26 4.09
C LEU J 184 38.38 27.63 4.18
N VAL J 185 38.56 28.33 5.31
CA VAL J 185 38.04 29.68 5.50
C VAL J 185 39.20 30.56 6.03
N ASP J 186 39.02 31.88 5.98
CA ASP J 186 40.07 32.79 6.42
C ASP J 186 40.04 33.14 7.90
N SER J 187 38.86 33.22 8.51
CA SER J 187 38.79 33.51 9.95
C SER J 187 37.44 33.19 10.63
N ILE J 188 37.41 33.27 11.95
CA ILE J 188 36.20 33.01 12.74
C ILE J 188 35.53 34.32 13.18
N LEU J 189 34.20 34.42 13.04
CA LEU J 189 33.47 35.62 13.47
C LEU J 189 32.87 35.30 14.83
N THR J 190 33.03 36.18 15.81
CA THR J 190 32.48 35.89 17.13
C THR J 190 31.49 36.95 17.62
N HIS J 191 31.91 38.21 17.59
CA HIS J 191 31.05 39.31 18.02
C HIS J 191 31.15 40.44 17.03
N ARG J 192 30.00 41.00 16.67
CA ARG J 192 29.89 42.10 15.71
C ARG J 192 30.78 43.30 16.10
N ASN J 193 31.48 43.85 15.11
CA ASN J 193 32.38 44.99 15.27
C ASN J 193 33.75 44.64 15.84
N SER K 16 -3.50 43.74 5.18
CA SER K 16 -2.29 44.61 5.15
C SER K 16 -1.09 43.95 5.82
N PHE K 17 -1.30 43.45 7.04
CA PHE K 17 -0.23 42.82 7.80
C PHE K 17 -0.71 41.69 8.72
N ASP K 18 -0.06 40.54 8.63
CA ASP K 18 -0.41 39.39 9.45
C ASP K 18 0.02 39.65 10.90
N ILE K 19 -0.53 38.86 11.82
CA ILE K 19 -0.24 39.03 13.24
C ILE K 19 1.24 38.92 13.60
N TYR K 20 1.96 37.99 12.98
CA TYR K 20 3.38 37.84 13.32
C TYR K 20 4.25 39.01 12.85
N SER K 21 3.92 39.61 11.71
CA SER K 21 4.68 40.75 11.21
C SER K 21 4.43 41.94 12.12
N ARG K 22 3.21 42.08 12.61
CA ARG K 22 2.88 43.19 13.52
C ARG K 22 3.76 43.09 14.79
N LEU K 23 3.89 41.89 15.36
CA LEU K 23 4.70 41.72 16.56
C LEU K 23 6.22 41.87 16.30
N LEU K 24 6.65 41.57 15.09
CA LEU K 24 8.07 41.75 14.75
C LEU K 24 8.37 43.25 14.88
N LYS K 25 7.39 44.09 14.57
CA LYS K 25 7.56 45.54 14.69
C LYS K 25 7.93 45.91 16.12
N GLU K 26 7.53 45.06 17.07
CA GLU K 26 7.83 45.29 18.48
C GLU K 26 9.05 44.50 18.97
N ARG K 27 9.79 43.94 18.03
CA ARG K 27 11.00 43.18 18.32
C ARG K 27 10.72 41.84 19.02
N VAL K 28 9.61 41.21 18.65
CA VAL K 28 9.25 39.90 19.21
C VAL K 28 9.35 38.84 18.12
N ILE K 29 10.01 37.74 18.43
CA ILE K 29 10.18 36.63 17.49
C ILE K 29 9.74 35.33 18.17
N PHE K 30 9.05 34.46 17.44
CA PHE K 30 8.59 33.20 18.02
C PHE K 30 9.35 31.96 17.50
N LEU K 31 9.76 31.07 18.41
CA LEU K 31 10.44 29.81 18.06
C LEU K 31 9.45 28.76 18.57
N THR K 32 8.71 28.14 17.63
CA THR K 32 7.65 27.19 17.92
C THR K 32 7.78 25.85 17.17
N GLY K 33 7.62 24.73 17.88
CA GLY K 33 7.70 23.43 17.25
C GLY K 33 9.10 22.91 17.08
N GLN K 34 9.23 21.84 16.30
CA GLN K 34 10.52 21.20 16.04
C GLN K 34 11.56 22.08 15.32
N VAL K 35 12.79 22.06 15.81
CA VAL K 35 13.90 22.85 15.25
C VAL K 35 14.48 22.10 14.03
N GLU K 36 14.51 22.79 12.89
CA GLU K 36 14.97 22.24 11.62
C GLU K 36 15.55 23.39 10.79
N ASP K 37 16.28 23.09 9.72
CA ASP K 37 16.94 24.13 8.91
C ASP K 37 16.13 25.33 8.40
N HIS K 38 14.97 25.09 7.80
CA HIS K 38 14.23 26.22 7.27
C HIS K 38 13.60 27.14 8.32
N MET K 39 12.94 26.60 9.33
CA MET K 39 12.36 27.46 10.37
C MET K 39 13.47 28.19 11.12
N ALA K 40 14.63 27.53 11.28
CA ALA K 40 15.76 28.14 11.98
C ALA K 40 16.34 29.28 11.14
N ASN K 41 16.33 29.12 9.82
CA ASN K 41 16.84 30.16 8.95
C ASN K 41 15.93 31.39 9.05
N LEU K 42 14.62 31.14 9.14
CA LEU K 42 13.66 32.23 9.25
C LEU K 42 13.92 33.02 10.55
N ILE K 43 14.32 32.32 11.61
CA ILE K 43 14.60 32.98 12.89
C ILE K 43 15.87 33.84 12.77
N VAL K 44 16.91 33.27 12.19
CA VAL K 44 18.16 34.01 11.97
C VAL K 44 17.91 35.27 11.15
N ALA K 45 17.11 35.16 10.08
CA ALA K 45 16.81 36.34 9.25
C ALA K 45 16.09 37.41 10.05
N GLN K 46 15.16 37.02 10.92
CA GLN K 46 14.46 38.01 11.75
C GLN K 46 15.42 38.73 12.71
N MET K 47 16.38 38.00 13.28
CA MET K 47 17.35 38.62 14.19
C MET K 47 18.26 39.63 13.45
N LEU K 48 18.72 39.26 12.25
CA LEU K 48 19.58 40.14 11.45
C LEU K 48 18.81 41.38 10.99
N PHE K 49 17.52 41.22 10.73
CA PHE K 49 16.69 42.34 10.32
C PHE K 49 16.53 43.32 11.50
N LEU K 50 16.17 42.78 12.67
CA LEU K 50 15.98 43.61 13.85
C LEU K 50 17.27 44.33 14.27
N GLU K 51 18.42 43.67 14.13
CA GLU K 51 19.70 44.29 14.44
C GLU K 51 19.96 45.50 13.53
N ALA K 52 19.69 45.37 12.24
CA ALA K 52 19.91 46.47 11.29
C ALA K 52 18.95 47.63 11.53
N GLU K 53 17.78 47.33 12.08
CA GLU K 53 16.79 48.37 12.38
C GLU K 53 17.20 49.15 13.62
N ASN K 54 17.88 48.48 14.54
CA ASN K 54 18.35 49.11 15.78
C ASN K 54 19.29 48.14 16.49
N PRO K 55 20.61 48.36 16.37
CA PRO K 55 21.60 47.49 16.99
C PRO K 55 21.72 47.57 18.50
N GLU K 56 20.97 48.49 19.11
CA GLU K 56 21.00 48.68 20.55
C GLU K 56 19.85 48.04 21.33
N LYS K 57 18.63 48.16 20.83
CA LYS K 57 17.43 47.63 21.50
C LYS K 57 17.37 46.10 21.65
N ASP K 58 16.86 45.65 22.80
CA ASP K 58 16.71 44.22 23.09
C ASP K 58 15.74 43.56 22.12
N ILE K 59 15.92 42.25 21.92
CA ILE K 59 15.06 41.44 21.05
C ILE K 59 14.46 40.39 22.00
N TYR K 60 13.18 40.06 21.83
CA TYR K 60 12.53 39.07 22.68
C TYR K 60 12.23 37.77 21.91
N LEU K 61 12.80 36.66 22.36
CA LEU K 61 12.57 35.38 21.69
C LEU K 61 11.71 34.42 22.55
N TYR K 62 10.45 34.18 22.16
CA TYR K 62 9.59 33.26 22.89
C TYR K 62 9.88 31.84 22.40
N ILE K 63 9.96 30.89 23.31
CA ILE K 63 10.27 29.50 22.95
C ILE K 63 9.22 28.51 23.44
N ASN K 64 8.74 27.64 22.54
CA ASN K 64 7.80 26.58 22.91
C ASN K 64 8.22 25.47 21.93
N SER K 65 9.15 24.63 22.36
CA SER K 65 9.70 23.61 21.48
C SER K 65 10.18 22.32 22.13
N PRO K 66 10.00 21.17 21.43
CA PRO K 66 10.45 19.87 21.95
C PRO K 66 11.90 19.59 21.57
N GLY K 67 12.48 20.44 20.73
CA GLY K 67 13.86 20.24 20.31
C GLY K 67 13.99 20.00 18.82
N GLY K 68 15.11 19.41 18.39
CA GLY K 68 15.30 19.16 16.98
C GLY K 68 16.75 18.95 16.53
N VAL K 69 17.04 19.33 15.29
CA VAL K 69 18.38 19.16 14.72
C VAL K 69 19.43 20.06 15.37
N ILE K 70 20.52 19.46 15.85
CA ILE K 70 21.54 20.26 16.53
C ILE K 70 22.20 21.34 15.68
N THR K 71 22.65 21.01 14.47
CA THR K 71 23.31 22.01 13.64
C THR K 71 22.36 23.18 13.35
N ALA K 72 21.08 22.88 13.15
CA ALA K 72 20.09 23.95 12.90
C ALA K 72 19.97 24.84 14.13
N GLY K 73 19.94 24.23 15.31
CA GLY K 73 19.86 25.00 16.55
C GLY K 73 21.12 25.82 16.79
N MET K 74 22.27 25.29 16.42
CA MET K 74 23.52 26.01 16.61
C MET K 74 23.65 27.23 15.71
N SER K 75 22.94 27.24 14.57
CA SER K 75 22.98 28.42 13.72
C SER K 75 22.28 29.57 14.46
N ILE K 76 21.22 29.25 15.20
CA ILE K 76 20.49 30.26 15.98
C ILE K 76 21.36 30.73 17.17
N TYR K 77 21.96 29.79 17.89
CA TYR K 77 22.83 30.12 19.05
C TYR K 77 23.96 31.09 18.66
N ASP K 78 24.73 30.74 17.63
CA ASP K 78 25.85 31.58 17.18
C ASP K 78 25.38 32.97 16.74
N THR K 79 24.19 33.04 16.14
CA THR K 79 23.66 34.34 15.70
C THR K 79 23.29 35.21 16.90
N MET K 80 22.71 34.58 17.93
CA MET K 80 22.29 35.26 19.15
C MET K 80 23.48 35.95 19.81
N GLN K 81 24.60 35.24 19.89
CA GLN K 81 25.81 35.78 20.49
C GLN K 81 26.47 36.82 19.59
N PHE K 82 26.54 36.54 18.29
CA PHE K 82 27.18 37.46 17.36
C PHE K 82 26.59 38.88 17.25
N ILE K 83 25.29 39.00 17.04
CA ILE K 83 24.66 40.33 16.89
C ILE K 83 24.85 41.22 18.11
N LYS K 84 24.78 42.54 17.88
CA LYS K 84 24.97 43.53 18.94
C LYS K 84 23.92 43.53 20.06
N PRO K 85 22.62 43.56 19.70
CA PRO K 85 21.58 43.56 20.72
C PRO K 85 21.50 42.33 21.62
N ASP K 86 21.02 42.52 22.86
CA ASP K 86 20.84 41.41 23.80
C ASP K 86 19.58 40.65 23.36
N VAL K 87 19.61 39.33 23.46
CA VAL K 87 18.43 38.53 23.13
C VAL K 87 17.86 37.97 24.42
N SER K 88 16.70 38.48 24.82
CA SER K 88 15.99 38.05 26.04
C SER K 88 15.14 36.82 25.64
N THR K 89 15.20 35.73 26.41
CA THR K 89 14.44 34.51 26.08
C THR K 89 13.30 34.23 27.08
N ILE K 90 12.15 33.76 26.58
CA ILE K 90 10.99 33.48 27.43
C ILE K 90 10.42 32.12 27.08
N CYS K 91 10.39 31.21 28.04
CA CYS K 91 9.85 29.87 27.83
C CYS K 91 8.35 29.80 28.18
N MET K 92 7.53 29.38 27.22
CA MET K 92 6.10 29.21 27.47
C MET K 92 5.75 27.78 26.99
N GLY K 93 4.96 27.04 27.75
CA GLY K 93 4.64 25.67 27.35
C GLY K 93 5.81 24.77 27.74
N GLN K 94 6.81 24.65 26.87
CA GLN K 94 7.98 23.82 27.16
C GLN K 94 9.21 24.24 26.35
N ALA K 95 10.38 23.83 26.83
CA ALA K 95 11.65 24.07 26.14
C ALA K 95 12.42 22.80 26.45
N ALA K 96 12.46 21.88 25.49
CA ALA K 96 13.16 20.62 25.72
C ALA K 96 14.31 20.41 24.76
N SER K 97 15.39 19.81 25.26
CA SER K 97 16.58 19.51 24.47
C SER K 97 17.16 20.76 23.81
N MET K 98 17.23 20.79 22.48
CA MET K 98 17.77 21.99 21.84
C MET K 98 16.97 23.23 22.24
N GLY K 99 15.69 23.05 22.57
CA GLY K 99 14.90 24.19 23.01
C GLY K 99 15.41 24.74 24.36
N ALA K 100 15.75 23.84 25.26
CA ALA K 100 16.26 24.24 26.59
C ALA K 100 17.65 24.91 26.45
N PHE K 101 18.43 24.42 25.50
CA PHE K 101 19.75 24.96 25.25
C PHE K 101 19.65 26.41 24.79
N LEU K 102 18.77 26.68 23.84
CA LEU K 102 18.61 28.04 23.35
C LEU K 102 17.99 28.97 24.42
N LEU K 103 17.16 28.42 25.31
CA LEU K 103 16.57 29.25 26.38
C LEU K 103 17.68 29.76 27.33
N THR K 104 18.58 28.86 27.73
CA THR K 104 19.64 29.22 28.66
C THR K 104 20.75 30.08 28.02
N ALA K 105 20.79 30.11 26.69
CA ALA K 105 21.78 30.88 25.94
C ALA K 105 21.41 32.36 25.85
N GLY K 106 20.29 32.75 26.44
CA GLY K 106 19.90 34.14 26.40
C GLY K 106 20.82 35.05 27.23
N ALA K 107 20.69 36.37 27.04
CA ALA K 107 21.52 37.36 27.76
C ALA K 107 21.33 37.22 29.27
N LYS K 108 22.44 37.14 30.00
CA LYS K 108 22.38 36.99 31.45
C LYS K 108 21.48 38.05 32.08
N GLY K 109 20.59 37.62 32.95
CA GLY K 109 19.66 38.51 33.62
C GLY K 109 18.37 38.73 32.85
N LYS K 110 18.32 38.25 31.62
CA LYS K 110 17.11 38.43 30.80
C LYS K 110 16.46 37.13 30.30
N ARG K 111 16.72 36.03 31.00
CA ARG K 111 16.13 34.71 30.66
C ARG K 111 14.95 34.41 31.60
N PHE K 112 13.77 34.12 31.05
CA PHE K 112 12.60 33.86 31.89
C PHE K 112 11.80 32.57 31.55
N CYS K 113 10.99 32.16 32.52
CA CYS K 113 10.09 31.01 32.44
C CYS K 113 8.73 31.49 32.93
N LEU K 114 7.64 31.10 32.27
CA LEU K 114 6.30 31.43 32.77
C LEU K 114 6.08 30.41 33.91
N PRO K 115 5.16 30.70 34.85
CA PRO K 115 4.90 29.81 36.00
C PRO K 115 4.69 28.32 35.80
N ASN K 116 3.95 27.91 34.78
CA ASN K 116 3.73 26.49 34.57
C ASN K 116 4.45 25.87 33.38
N SER K 117 5.50 26.53 32.89
CA SER K 117 6.26 25.95 31.80
C SER K 117 7.17 24.85 32.36
N ARG K 118 7.64 23.97 31.48
CA ARG K 118 8.52 22.85 31.83
C ARG K 118 9.79 22.84 30.98
N VAL K 119 10.89 22.39 31.56
CA VAL K 119 12.17 22.28 30.85
C VAL K 119 12.69 20.83 30.92
N MET K 120 13.40 20.36 29.89
CA MET K 120 13.99 19.00 29.92
C MET K 120 15.37 19.04 29.25
N ILE K 121 16.38 18.43 29.88
CA ILE K 121 17.72 18.39 29.30
C ILE K 121 18.20 16.96 29.16
N HIS K 122 19.11 16.70 28.22
CA HIS K 122 19.65 15.36 28.00
C HIS K 122 20.87 15.43 27.05
N GLN K 123 21.45 14.28 26.69
CA GLN K 123 22.63 14.27 25.82
C GLN K 123 22.22 14.09 24.35
N PRO K 124 23.14 14.38 23.41
CA PRO K 124 22.81 14.24 21.99
C PRO K 124 22.42 12.83 21.55
N LEU K 125 21.60 12.78 20.49
CA LEU K 125 21.10 11.54 19.88
C LEU K 125 21.60 11.49 18.43
N GLY K 126 21.91 10.30 17.94
CA GLY K 126 22.35 10.19 16.57
C GLY K 126 22.25 8.78 16.04
N GLY K 127 22.85 8.53 14.88
CA GLY K 127 22.82 7.20 14.31
C GLY K 127 23.54 7.15 12.98
N TYR K 128 24.00 5.97 12.59
CA TYR K 128 24.72 5.81 11.33
C TYR K 128 24.65 4.36 10.82
N GLN K 129 24.97 4.17 9.55
CA GLN K 129 24.97 2.86 8.89
C GLN K 129 26.09 2.78 7.86
N GLY K 130 26.95 1.77 7.94
CA GLY K 130 28.01 1.66 6.95
C GLY K 130 29.14 0.74 7.34
N GLN K 131 30.31 0.95 6.72
CA GLN K 131 31.52 0.17 6.98
C GLN K 131 32.09 0.57 8.32
N ALA K 132 32.70 -0.38 9.02
CA ALA K 132 33.26 -0.13 10.35
C ALA K 132 34.16 1.11 10.38
N THR K 133 34.96 1.29 9.33
CA THR K 133 35.84 2.44 9.26
C THR K 133 35.07 3.78 9.34
N ASP K 134 33.96 3.90 8.60
CA ASP K 134 33.18 5.12 8.62
C ASP K 134 32.39 5.27 9.93
N ILE K 135 31.98 4.15 10.50
CA ILE K 135 31.24 4.15 11.77
C ILE K 135 32.10 4.81 12.86
N GLU K 136 33.39 4.49 12.88
CA GLU K 136 34.27 5.06 13.90
C GLU K 136 34.40 6.59 13.72
N ILE K 137 34.46 7.04 12.48
CA ILE K 137 34.60 8.47 12.20
C ILE K 137 33.38 9.23 12.72
N HIS K 138 32.19 8.70 12.47
CA HIS K 138 30.97 9.38 12.93
C HIS K 138 30.75 9.26 14.44
N ALA K 139 31.14 8.14 15.04
CA ALA K 139 30.99 7.98 16.48
C ALA K 139 31.90 8.98 17.20
N ARG K 140 33.09 9.19 16.66
CA ARG K 140 34.04 10.13 17.25
C ARG K 140 33.46 11.54 17.22
N GLU K 141 32.88 11.94 16.09
CA GLU K 141 32.31 13.27 15.97
C GLU K 141 31.16 13.54 16.96
N ILE K 142 30.23 12.60 17.14
CA ILE K 142 29.12 12.86 18.07
C ILE K 142 29.60 12.95 19.52
N LEU K 143 30.69 12.26 19.85
CA LEU K 143 31.25 12.35 21.20
C LEU K 143 31.87 13.76 21.39
N LYS K 144 32.39 14.34 20.32
CA LYS K 144 32.96 15.70 20.35
C LYS K 144 31.84 16.71 20.53
N VAL K 145 30.71 16.48 19.85
CA VAL K 145 29.56 17.36 19.97
C VAL K 145 29.06 17.37 21.40
N LYS K 146 29.02 16.17 22.00
CA LYS K 146 28.57 16.03 23.38
C LYS K 146 29.44 16.85 24.33
N GLY K 147 30.76 16.78 24.17
CA GLY K 147 31.66 17.56 25.02
C GLY K 147 31.46 19.06 24.89
N ARG K 148 31.31 19.53 23.65
CA ARG K 148 31.10 20.95 23.38
C ARG K 148 29.83 21.47 24.06
N MET K 149 28.72 20.80 23.80
CA MET K 149 27.43 21.18 24.38
C MET K 149 27.46 21.19 25.91
N ASN K 150 28.16 20.23 26.51
CA ASN K 150 28.24 20.21 27.97
C ASN K 150 29.04 21.39 28.51
N GLU K 151 30.08 21.77 27.78
CA GLU K 151 30.93 22.91 28.15
C GLU K 151 30.13 24.22 28.12
N LEU K 152 29.32 24.39 27.07
CA LEU K 152 28.52 25.60 26.93
C LEU K 152 27.37 25.65 27.93
N MET K 153 26.82 24.50 28.29
CA MET K 153 25.74 24.48 29.28
C MET K 153 26.33 24.90 30.64
N ALA K 154 27.54 24.42 30.94
CA ALA K 154 28.21 24.78 32.20
C ALA K 154 28.41 26.30 32.26
N LEU K 155 28.93 26.86 31.18
CA LEU K 155 29.18 28.30 31.11
C LEU K 155 27.93 29.13 31.37
N HIS K 156 26.83 28.84 30.65
CA HIS K 156 25.61 29.62 30.83
C HIS K 156 24.83 29.41 32.13
N THR K 157 24.91 28.22 32.73
CA THR K 157 24.17 27.96 33.96
C THR K 157 24.96 28.27 35.24
N GLY K 158 26.29 28.26 35.13
CA GLY K 158 27.13 28.50 36.28
C GLY K 158 27.49 27.22 37.02
N GLN K 159 26.95 26.09 36.57
CA GLN K 159 27.24 24.81 37.20
C GLN K 159 28.60 24.30 36.71
N SER K 160 29.21 23.38 37.47
CA SER K 160 30.49 22.82 37.05
C SER K 160 30.28 21.84 35.91
N LEU K 161 31.33 21.55 35.17
CA LEU K 161 31.25 20.61 34.05
C LEU K 161 30.84 19.21 34.53
N GLU K 162 31.48 18.73 35.59
CA GLU K 162 31.15 17.41 36.12
C GLU K 162 29.69 17.33 36.52
N GLN K 163 29.15 18.42 37.02
CA GLN K 163 27.74 18.44 37.44
C GLN K 163 26.81 18.37 36.21
N ILE K 164 27.15 19.10 35.16
CA ILE K 164 26.32 19.06 33.94
C ILE K 164 26.41 17.66 33.34
N GLU K 165 27.59 17.06 33.36
CA GLU K 165 27.76 15.73 32.78
C GLU K 165 26.88 14.71 33.50
N ARG K 166 26.78 14.82 34.81
CA ARG K 166 25.96 13.88 35.57
C ARG K 166 24.45 14.08 35.38
N ASP K 167 24.02 15.32 35.26
CA ASP K 167 22.59 15.59 35.10
C ASP K 167 22.06 15.38 33.67
N THR K 168 22.93 15.24 32.68
CA THR K 168 22.44 15.07 31.30
C THR K 168 22.61 13.68 30.70
N GLU K 169 23.11 12.72 31.48
CA GLU K 169 23.28 11.36 30.96
C GLU K 169 21.92 10.73 30.59
N ARG K 170 20.89 11.03 31.37
CA ARG K 170 19.53 10.55 31.08
C ARG K 170 18.56 11.74 31.15
N ASP K 171 17.42 11.66 30.48
CA ASP K 171 16.42 12.75 30.49
C ASP K 171 16.18 13.27 31.90
N ARG K 172 16.14 14.58 32.08
CA ARG K 172 15.92 15.21 33.38
C ARG K 172 14.94 16.39 33.24
N PHE K 173 13.84 16.35 33.97
CA PHE K 173 12.84 17.42 33.91
C PHE K 173 13.02 18.47 35.04
N LEU K 174 12.71 19.73 34.74
CA LEU K 174 12.81 20.80 35.74
C LEU K 174 11.60 21.71 35.66
N SER K 175 10.94 21.94 36.80
CA SER K 175 9.81 22.85 36.85
C SER K 175 10.40 24.28 36.75
N ALA K 176 9.54 25.27 36.64
CA ALA K 176 10.00 26.65 36.53
C ALA K 176 10.93 27.06 37.70
N PRO K 177 10.51 26.79 38.95
CA PRO K 177 11.35 27.16 40.12
C PRO K 177 12.70 26.44 40.14
N GLU K 178 12.73 25.17 39.74
CA GLU K 178 13.97 24.40 39.72
C GLU K 178 14.92 24.94 38.66
N ALA K 179 14.38 25.44 37.55
CA ALA K 179 15.20 26.01 36.47
C ALA K 179 15.91 27.29 36.96
N VAL K 180 15.25 28.05 37.82
CA VAL K 180 15.85 29.26 38.37
C VAL K 180 16.97 28.83 39.34
N GLU K 181 16.64 27.91 40.24
CA GLU K 181 17.61 27.41 41.21
C GLU K 181 18.84 26.81 40.53
N TYR K 182 18.64 26.14 39.39
CA TYR K 182 19.73 25.51 38.64
C TYR K 182 20.58 26.52 37.85
N GLY K 183 20.04 27.72 37.62
CA GLY K 183 20.76 28.73 36.87
C GLY K 183 20.46 28.68 35.38
N LEU K 184 19.44 27.91 35.01
CA LEU K 184 19.01 27.75 33.62
C LEU K 184 18.34 29.05 33.12
N VAL K 185 17.50 29.66 33.95
CA VAL K 185 16.88 30.95 33.63
C VAL K 185 17.15 31.88 34.82
N ASP K 186 16.81 33.15 34.69
CA ASP K 186 17.05 34.12 35.77
C ASP K 186 15.91 34.30 36.75
N SER K 187 14.67 34.27 36.26
CA SER K 187 13.51 34.41 37.12
C SER K 187 12.24 33.95 36.44
N ILE K 188 11.13 33.99 37.20
CA ILE K 188 9.80 33.61 36.74
C ILE K 188 8.98 34.86 36.46
N LEU K 189 8.25 34.90 35.34
CA LEU K 189 7.36 36.03 35.05
C LEU K 189 5.96 35.57 35.45
N THR K 190 5.25 36.30 36.31
CA THR K 190 3.92 35.85 36.68
C THR K 190 2.80 36.80 36.24
N HIS K 191 2.92 38.08 36.57
CA HIS K 191 1.94 39.10 36.19
C HIS K 191 2.58 40.36 35.61
N ARG K 192 2.02 40.87 34.51
CA ARG K 192 2.54 42.06 33.84
C ARG K 192 2.77 43.20 34.82
N ASN K 193 4.02 43.66 34.85
CA ASN K 193 4.41 44.76 35.73
C ASN K 193 3.85 46.08 35.24
N ARG L 12 -14.56 27.53 0.03
CA ARG L 12 -15.19 27.02 1.28
C ARG L 12 -15.00 27.99 2.45
N GLY L 13 -13.77 28.42 2.68
CA GLY L 13 -13.49 29.34 3.77
C GLY L 13 -13.05 30.73 3.34
N GLU L 14 -12.72 31.57 4.31
CA GLU L 14 -12.26 32.94 4.07
C GLU L 14 -13.35 33.85 3.51
N ARG L 15 -13.95 34.67 4.39
CA ARG L 15 -15.01 35.59 3.97
C ARG L 15 -14.56 37.04 4.07
N SER L 16 -15.01 37.85 3.10
CA SER L 16 -14.67 39.27 3.06
C SER L 16 -13.18 39.47 3.30
N PHE L 17 -12.41 38.41 3.02
CA PHE L 17 -10.99 38.46 3.24
C PHE L 17 -10.74 38.83 4.70
N ASP L 18 -10.83 37.80 5.54
CA ASP L 18 -10.63 37.86 6.97
C ASP L 18 -11.74 38.38 7.86
N ILE L 19 -12.81 37.60 7.96
CA ILE L 19 -13.90 37.93 8.83
C ILE L 19 -13.29 37.84 10.25
N TYR L 20 -12.28 36.98 10.42
CA TYR L 20 -11.64 36.83 11.72
C TYR L 20 -10.81 38.03 12.13
N SER L 21 -10.21 38.71 11.16
CA SER L 21 -9.43 39.92 11.46
C SER L 21 -10.39 41.02 11.91
N ARG L 22 -11.55 41.08 11.28
CA ARG L 22 -12.56 42.08 11.61
C ARG L 22 -13.05 41.91 13.04
N LEU L 23 -13.27 40.67 13.45
CA LEU L 23 -13.74 40.40 14.82
C LEU L 23 -12.62 40.67 15.81
N LEU L 24 -11.37 40.47 15.39
CA LEU L 24 -10.24 40.73 16.26
C LEU L 24 -10.23 42.23 16.63
N LYS L 25 -10.71 43.06 15.71
CA LYS L 25 -10.77 44.50 15.95
C LYS L 25 -11.73 44.80 17.10
N GLU L 26 -12.68 43.89 17.33
CA GLU L 26 -13.64 44.03 18.43
C GLU L 26 -13.17 43.25 19.67
N ARG L 27 -11.92 42.83 19.65
CA ARG L 27 -11.30 42.10 20.76
C ARG L 27 -11.86 40.67 20.98
N VAL L 28 -12.27 40.02 19.89
CA VAL L 28 -12.79 38.65 19.95
C VAL L 28 -11.74 37.67 19.36
N ILE L 29 -11.45 36.57 20.06
CA ILE L 29 -10.49 35.56 19.59
C ILE L 29 -11.18 34.18 19.62
N PHE L 30 -10.97 33.34 18.60
CA PHE L 30 -11.58 32.01 18.58
C PHE L 30 -10.57 30.89 18.78
N LEU L 31 -10.91 29.92 19.62
CA LEU L 31 -10.06 28.74 19.89
C LEU L 31 -10.96 27.60 19.41
N THR L 32 -10.61 27.03 18.25
CA THR L 32 -11.44 26.00 17.63
C THR L 32 -10.68 24.73 17.24
N GLY L 33 -11.22 23.55 17.57
CA GLY L 33 -10.57 22.31 17.18
C GLY L 33 -9.48 21.84 18.13
N GLN L 34 -8.65 20.90 17.68
CA GLN L 34 -7.57 20.34 18.51
C GLN L 34 -6.55 21.36 18.96
N VAL L 35 -6.10 21.26 20.22
CA VAL L 35 -5.10 22.17 20.75
C VAL L 35 -3.71 21.57 20.45
N GLU L 36 -2.85 22.36 19.80
CA GLU L 36 -1.49 21.94 19.47
C GLU L 36 -0.61 23.18 19.34
N ASP L 37 0.70 22.99 19.28
CA ASP L 37 1.65 24.11 19.24
C ASP L 37 1.39 25.28 18.33
N HIS L 38 1.15 25.04 17.05
CA HIS L 38 0.94 26.17 16.15
C HIS L 38 -0.34 26.96 16.32
N MET L 39 -1.48 26.28 16.50
CA MET L 39 -2.73 27.00 16.69
C MET L 39 -2.67 27.76 18.04
N ALA L 40 -2.00 27.17 19.03
CA ALA L 40 -1.85 27.79 20.36
C ALA L 40 -1.02 29.06 20.27
N ASN L 41 0.05 29.00 19.48
CA ASN L 41 0.91 30.17 19.33
C ASN L 41 0.16 31.34 18.69
N LEU L 42 -0.75 31.04 17.76
CA LEU L 42 -1.53 32.10 17.11
C LEU L 42 -2.42 32.78 18.16
N ILE L 43 -2.97 31.99 19.08
CA ILE L 43 -3.82 32.55 20.13
C ILE L 43 -2.99 33.44 21.06
N VAL L 44 -1.80 32.97 21.45
CA VAL L 44 -0.91 33.76 22.31
C VAL L 44 -0.58 35.11 21.63
N ALA L 45 -0.24 35.05 20.34
CA ALA L 45 0.09 36.27 19.59
C ALA L 45 -1.08 37.24 19.56
N GLN L 46 -2.30 36.73 19.35
CA GLN L 46 -3.47 37.61 19.35
C GLN L 46 -3.67 38.30 20.70
N MET L 47 -3.45 37.55 21.79
CA MET L 47 -3.61 38.15 23.13
C MET L 47 -2.56 39.24 23.41
N LEU L 48 -1.30 39.00 23.02
CA LEU L 48 -0.25 40.00 23.24
C LEU L 48 -0.54 41.25 22.41
N PHE L 49 -1.04 41.02 21.19
CA PHE L 49 -1.40 42.13 20.32
C PHE L 49 -2.51 42.99 20.95
N LEU L 50 -3.61 42.36 21.38
CA LEU L 50 -4.71 43.13 21.99
C LEU L 50 -4.27 43.87 23.25
N GLU L 51 -3.44 43.23 24.08
CA GLU L 51 -2.98 43.92 25.29
C GLU L 51 -2.24 45.20 24.88
N ALA L 52 -1.38 45.11 23.86
CA ALA L 52 -0.65 46.30 23.42
C ALA L 52 -1.59 47.37 22.85
N GLU L 53 -2.69 46.94 22.23
CA GLU L 53 -3.68 47.87 21.65
C GLU L 53 -4.36 48.65 22.77
N ASN L 54 -4.72 47.96 23.86
CA ASN L 54 -5.38 48.58 25.01
C ASN L 54 -5.32 47.61 26.19
N PRO L 55 -4.44 47.86 27.16
CA PRO L 55 -4.30 46.97 28.32
C PRO L 55 -5.40 46.97 29.39
N GLU L 56 -6.38 47.86 29.27
CA GLU L 56 -7.46 47.96 30.25
C GLU L 56 -8.76 47.28 29.82
N LYS L 57 -9.00 47.17 28.51
CA LYS L 57 -10.25 46.55 28.04
C LYS L 57 -10.25 45.02 28.06
N ASP L 58 -11.43 44.44 28.27
CA ASP L 58 -11.58 42.99 28.32
C ASP L 58 -11.34 42.37 26.94
N ILE L 59 -10.96 41.10 26.95
CA ILE L 59 -10.74 40.30 25.73
C ILE L 59 -11.73 39.14 25.84
N TYR L 60 -12.32 38.71 24.71
CA TYR L 60 -13.28 37.62 24.72
C TYR L 60 -12.74 36.42 23.96
N LEU L 61 -12.66 35.27 24.63
CA LEU L 61 -12.17 34.03 24.01
C LEU L 61 -13.28 32.99 23.89
N TYR L 62 -13.69 32.68 22.65
CA TYR L 62 -14.74 31.70 22.36
C TYR L 62 -14.01 30.35 22.24
N ILE L 63 -14.56 29.32 22.89
CA ILE L 63 -13.97 27.99 22.92
C ILE L 63 -14.92 26.89 22.41
N ASN L 64 -14.46 26.13 21.39
CA ASN L 64 -15.21 24.97 20.88
C ASN L 64 -14.09 23.97 20.55
N SER L 65 -13.74 23.12 21.52
CA SER L 65 -12.61 22.21 21.35
C SER L 65 -12.70 20.89 22.09
N PRO L 66 -12.13 19.82 21.51
CA PRO L 66 -12.14 18.49 22.15
C PRO L 66 -10.90 18.31 23.04
N GLY L 67 -10.03 19.31 23.10
CA GLY L 67 -8.82 19.21 23.92
C GLY L 67 -7.58 19.04 23.06
N GLY L 68 -6.50 18.50 23.64
CA GLY L 68 -5.25 18.33 22.90
C GLY L 68 -3.99 18.28 23.76
N VAL L 69 -2.87 18.77 23.21
CA VAL L 69 -1.55 18.72 23.87
C VAL L 69 -1.48 19.63 25.10
N ILE L 70 -1.11 19.04 26.25
CA ILE L 70 -1.06 19.82 27.49
C ILE L 70 -0.07 20.99 27.51
N THR L 71 1.18 20.77 27.10
CA THR L 71 2.15 21.86 27.10
C THR L 71 1.69 23.00 26.18
N ALA L 72 1.02 22.68 25.07
CA ALA L 72 0.52 23.73 24.17
C ALA L 72 -0.59 24.52 24.86
N GLY L 73 -1.49 23.79 25.53
CA GLY L 73 -2.56 24.49 26.24
C GLY L 73 -2.03 25.35 27.39
N MET L 74 -0.98 24.90 28.05
CA MET L 74 -0.42 25.67 29.17
C MET L 74 0.21 27.00 28.73
N SER L 75 0.71 27.09 27.49
CA SER L 75 1.24 28.36 26.98
C SER L 75 0.09 29.38 26.91
N ILE L 76 -1.11 28.92 26.53
CA ILE L 76 -2.27 29.81 26.48
C ILE L 76 -2.70 30.18 27.92
N TYR L 77 -2.73 29.19 28.80
CA TYR L 77 -3.10 29.41 30.21
C TYR L 77 -2.23 30.48 30.87
N ASP L 78 -0.91 30.35 30.76
CA ASP L 78 -0.02 31.31 31.40
C ASP L 78 -0.08 32.70 30.79
N THR L 79 -0.34 32.81 29.49
CA THR L 79 -0.46 34.11 28.85
C THR L 79 -1.73 34.83 29.34
N MET L 80 -2.82 34.07 29.49
CA MET L 80 -4.09 34.62 29.96
C MET L 80 -3.91 35.27 31.33
N GLN L 81 -3.15 34.61 32.22
CA GLN L 81 -2.94 35.15 33.56
C GLN L 81 -1.89 36.27 33.58
N PHE L 82 -0.91 36.22 32.68
CA PHE L 82 0.15 37.22 32.65
C PHE L 82 -0.27 38.61 32.16
N ILE L 83 -1.02 38.67 31.05
CA ILE L 83 -1.42 39.96 30.50
C ILE L 83 -2.36 40.78 31.41
N LYS L 84 -2.35 42.09 31.22
CA LYS L 84 -3.16 43.01 32.03
C LYS L 84 -4.68 42.89 31.89
N PRO L 85 -5.19 42.80 30.66
CA PRO L 85 -6.65 42.68 30.48
C PRO L 85 -7.26 41.42 31.06
N ASP L 86 -8.50 41.50 31.50
CA ASP L 86 -9.21 40.31 31.96
C ASP L 86 -9.60 39.55 30.68
N VAL L 87 -9.58 38.21 30.73
CA VAL L 87 -9.97 37.40 29.57
C VAL L 87 -11.27 36.66 29.92
N SER L 88 -12.35 37.05 29.25
CA SER L 88 -13.67 36.47 29.45
C SER L 88 -13.73 35.22 28.55
N THR L 89 -14.22 34.08 29.06
CA THR L 89 -14.29 32.87 28.23
C THR L 89 -15.74 32.48 27.97
N ILE L 90 -16.02 31.96 26.77
CA ILE L 90 -17.38 31.57 26.40
C ILE L 90 -17.36 30.21 25.68
N CYS L 91 -18.07 29.22 26.23
CA CYS L 91 -18.12 27.90 25.61
C CYS L 91 -19.28 27.74 24.61
N MET L 92 -18.98 27.31 23.38
CA MET L 92 -20.04 27.06 22.40
C MET L 92 -19.75 25.69 21.75
N GLY L 93 -20.75 24.82 21.73
CA GLY L 93 -20.53 23.50 21.15
C GLY L 93 -20.03 22.61 22.28
N GLN L 94 -18.71 22.57 22.49
CA GLN L 94 -18.16 21.75 23.57
C GLN L 94 -16.80 22.28 24.05
N ALA L 95 -16.47 21.98 25.30
CA ALA L 95 -15.18 22.34 25.90
C ALA L 95 -14.79 21.06 26.63
N ALA L 96 -13.87 20.28 26.06
CA ALA L 96 -13.45 19.02 26.67
C ALA L 96 -11.94 18.97 26.95
N SER L 97 -11.59 18.36 28.08
CA SER L 97 -10.20 18.17 28.48
C SER L 97 -9.48 19.51 28.54
N MET L 98 -8.36 19.67 27.83
CA MET L 98 -7.67 20.96 27.90
C MET L 98 -8.61 22.13 27.52
N GLY L 99 -9.65 21.86 26.73
CA GLY L 99 -10.58 22.93 26.41
C GLY L 99 -11.42 23.37 27.63
N ALA L 100 -11.81 22.41 28.48
CA ALA L 100 -12.59 22.68 29.69
C ALA L 100 -11.69 23.42 30.69
N PHE L 101 -10.41 23.06 30.68
CA PHE L 101 -9.43 23.70 31.56
C PHE L 101 -9.27 25.19 31.21
N LEU L 102 -9.05 25.50 29.93
CA LEU L 102 -8.91 26.90 29.54
C LEU L 102 -10.19 27.72 29.78
N LEU L 103 -11.36 27.06 29.69
CA LEU L 103 -12.66 27.73 29.95
C LEU L 103 -12.76 28.18 31.42
N THR L 104 -12.43 27.28 32.34
CA THR L 104 -12.52 27.59 33.78
C THR L 104 -11.43 28.57 34.26
N ALA L 105 -10.41 28.76 33.42
CA ALA L 105 -9.30 29.64 33.70
C ALA L 105 -9.55 31.13 33.39
N GLY L 106 -10.72 31.46 32.84
CA GLY L 106 -11.02 32.84 32.53
C GLY L 106 -11.25 33.68 33.79
N ALA L 107 -11.36 35.00 33.62
CA ALA L 107 -11.55 35.92 34.75
C ALA L 107 -12.81 35.61 35.59
N LYS L 108 -12.65 35.57 36.91
CA LYS L 108 -13.76 35.27 37.81
C LYS L 108 -14.96 36.19 37.55
N GLY L 109 -16.13 35.58 37.36
CA GLY L 109 -17.34 36.33 37.09
C GLY L 109 -17.58 36.55 35.61
N LYS L 110 -16.55 36.24 34.78
CA LYS L 110 -16.67 36.42 33.33
C LYS L 110 -16.51 35.13 32.49
N ARG L 111 -16.89 33.98 33.07
CA ARG L 111 -16.81 32.66 32.37
C ARG L 111 -18.25 32.22 32.10
N PHE L 112 -18.57 31.96 30.83
CA PHE L 112 -19.93 31.61 30.44
C PHE L 112 -20.05 30.36 29.55
N CYS L 113 -21.24 29.75 29.58
CA CYS L 113 -21.61 28.60 28.73
C CYS L 113 -22.88 29.01 27.97
N LEU L 114 -23.02 28.62 26.69
CA LEU L 114 -24.27 28.88 25.98
C LEU L 114 -25.16 27.72 26.47
N PRO L 115 -26.50 27.85 26.39
CA PRO L 115 -27.46 26.83 26.86
C PRO L 115 -27.31 25.35 26.56
N ASN L 116 -26.93 25.03 25.32
CA ASN L 116 -26.82 23.64 24.93
C ASN L 116 -25.40 23.14 24.71
N SER L 117 -24.41 23.87 25.24
CA SER L 117 -23.05 23.40 25.08
C SER L 117 -22.79 22.38 26.19
N ARG L 118 -21.69 21.66 26.08
CA ARG L 118 -21.40 20.69 27.11
C ARG L 118 -19.92 20.66 27.43
N VAL L 119 -19.60 20.22 28.64
CA VAL L 119 -18.21 20.19 29.07
C VAL L 119 -17.85 18.75 29.46
N MET L 120 -16.57 18.37 29.35
CA MET L 120 -16.13 17.02 29.76
C MET L 120 -14.75 17.15 30.42
N ILE L 121 -14.55 16.53 31.58
CA ILE L 121 -13.24 16.59 32.26
C ILE L 121 -12.69 15.18 32.52
N HIS L 122 -11.35 15.05 32.56
CA HIS L 122 -10.72 13.76 32.83
C HIS L 122 -9.24 13.98 33.22
N GLN L 123 -8.48 12.89 33.36
CA GLN L 123 -7.07 13.01 33.76
C GLN L 123 -6.15 12.98 32.53
N PRO L 124 -4.86 13.31 32.71
CA PRO L 124 -3.93 13.31 31.57
C PRO L 124 -3.69 11.94 30.94
N LEU L 125 -3.40 11.96 29.64
CA LEU L 125 -3.11 10.75 28.87
C LEU L 125 -1.68 10.89 28.32
N GLY L 126 -0.99 9.76 28.13
CA GLY L 126 0.37 9.81 27.61
C GLY L 126 0.88 8.45 27.16
N GLY L 127 2.17 8.40 26.83
CA GLY L 127 2.75 7.14 26.41
C GLY L 127 4.26 7.26 26.16
N TYR L 128 5.01 6.23 26.53
CA TYR L 128 6.45 6.21 26.32
C TYR L 128 6.91 4.80 25.97
N GLN L 129 8.15 4.66 25.47
CA GLN L 129 8.75 3.38 25.09
C GLN L 129 10.26 3.50 25.30
N GLY L 130 10.88 2.50 25.91
CA GLY L 130 12.33 2.56 26.14
C GLY L 130 12.78 1.67 27.27
N GLN L 131 13.94 1.98 27.85
CA GLN L 131 14.49 1.22 28.97
C GLN L 131 13.70 1.50 30.25
N ALA L 132 13.67 0.53 31.16
CA ALA L 132 12.94 0.66 32.44
C ALA L 132 13.34 1.92 33.20
N THR L 133 14.63 2.25 33.20
CA THR L 133 15.11 3.45 33.90
C THR L 133 14.46 4.71 33.31
N ASP L 134 14.35 4.78 31.98
CA ASP L 134 13.73 5.95 31.33
C ASP L 134 12.22 5.97 31.51
N ILE L 135 11.61 4.79 31.52
CA ILE L 135 10.16 4.68 31.72
C ILE L 135 9.82 5.28 33.10
N GLU L 136 10.70 5.05 34.08
CA GLU L 136 10.45 5.57 35.43
C GLU L 136 10.49 7.09 35.46
N ILE L 137 11.46 7.68 34.76
CA ILE L 137 11.61 9.13 34.72
C ILE L 137 10.37 9.77 34.09
N HIS L 138 9.90 9.21 32.99
CA HIS L 138 8.73 9.77 32.30
C HIS L 138 7.39 9.54 32.99
N ALA L 139 7.21 8.39 33.64
CA ALA L 139 5.97 8.09 34.37
C ALA L 139 5.85 9.02 35.59
N ARG L 140 6.97 9.28 36.24
CA ARG L 140 7.00 10.16 37.39
C ARG L 140 6.62 11.58 36.99
N GLU L 141 7.05 12.00 35.79
CA GLU L 141 6.74 13.32 35.29
C GLU L 141 5.25 13.50 34.96
N ILE L 142 4.62 12.50 34.33
CA ILE L 142 3.21 12.70 34.01
C ILE L 142 2.35 12.69 35.29
N LEU L 143 2.82 12.02 36.34
CA LEU L 143 2.11 12.03 37.62
C LEU L 143 2.23 13.42 38.26
N LYS L 144 3.37 14.09 38.07
CA LYS L 144 3.54 15.43 38.61
C LYS L 144 2.65 16.39 37.80
N VAL L 145 2.52 16.15 36.49
CA VAL L 145 1.66 16.99 35.66
C VAL L 145 0.21 16.84 36.15
N LYS L 146 -0.23 15.60 36.36
CA LYS L 146 -1.60 15.34 36.85
C LYS L 146 -1.91 16.07 38.16
N GLY L 147 -0.92 16.12 39.06
CA GLY L 147 -1.14 16.79 40.33
C GLY L 147 -1.27 18.29 40.20
N ARG L 148 -0.44 18.88 39.34
CA ARG L 148 -0.50 20.32 39.13
C ARG L 148 -1.80 20.71 38.46
N MET L 149 -2.25 19.93 37.49
CA MET L 149 -3.51 20.25 36.81
C MET L 149 -4.69 20.16 37.80
N ASN L 150 -4.68 19.18 38.70
CA ASN L 150 -5.78 19.06 39.67
C ASN L 150 -5.76 20.25 40.64
N GLU L 151 -4.57 20.70 41.05
CA GLU L 151 -4.47 21.85 41.97
C GLU L 151 -4.98 23.15 41.32
N LEU L 152 -4.72 23.34 40.03
CA LEU L 152 -5.20 24.54 39.35
C LEU L 152 -6.72 24.46 39.14
N MET L 153 -7.25 23.28 38.85
CA MET L 153 -8.70 23.14 38.67
C MET L 153 -9.41 23.43 39.98
N ALA L 154 -8.84 22.96 41.09
CA ALA L 154 -9.46 23.22 42.40
C ALA L 154 -9.46 24.73 42.71
N LEU L 155 -8.40 25.44 42.38
CA LEU L 155 -8.34 26.89 42.66
C LEU L 155 -9.36 27.70 41.87
N HIS L 156 -9.52 27.36 40.59
CA HIS L 156 -10.47 28.08 39.73
C HIS L 156 -11.95 27.73 39.96
N THR L 157 -12.26 26.50 40.34
CA THR L 157 -13.65 26.09 40.56
C THR L 157 -14.15 26.29 41.98
N GLY L 158 -13.24 26.31 42.95
CA GLY L 158 -13.66 26.42 44.33
C GLY L 158 -13.85 25.03 44.97
N GLN L 159 -13.73 23.94 44.20
CA GLN L 159 -13.89 22.59 44.75
C GLN L 159 -12.61 22.22 45.52
N SER L 160 -12.70 21.25 46.43
CA SER L 160 -11.53 20.79 47.19
C SER L 160 -10.65 19.94 46.27
N LEU L 161 -9.35 19.89 46.53
CA LEU L 161 -8.48 19.11 45.69
C LEU L 161 -8.93 17.64 45.63
N GLU L 162 -9.34 17.07 46.77
CA GLU L 162 -9.78 15.66 46.80
C GLU L 162 -11.03 15.38 45.92
N GLN L 163 -11.94 16.36 45.85
CA GLN L 163 -13.15 16.21 45.03
C GLN L 163 -12.77 16.20 43.53
N ILE L 164 -11.83 17.05 43.14
CA ILE L 164 -11.36 17.09 41.75
C ILE L 164 -10.66 15.75 41.39
N GLU L 165 -9.83 15.25 42.29
CA GLU L 165 -9.11 13.99 42.04
C GLU L 165 -10.09 12.85 41.85
N ARG L 166 -11.12 12.79 42.68
CA ARG L 166 -12.12 11.74 42.58
C ARG L 166 -12.98 11.84 41.31
N ASP L 167 -13.35 13.07 40.95
CA ASP L 167 -14.21 13.29 39.78
C ASP L 167 -13.54 13.17 38.41
N THR L 168 -12.20 13.20 38.37
CA THR L 168 -11.50 13.12 37.08
C THR L 168 -10.83 11.79 36.76
N GLU L 169 -11.02 10.78 37.61
CA GLU L 169 -10.38 9.48 37.35
C GLU L 169 -10.87 8.89 36.02
N ARG L 170 -12.15 9.14 35.70
CA ARG L 170 -12.76 8.69 34.44
C ARG L 170 -13.52 9.86 33.82
N ASP L 171 -13.76 9.81 32.51
CA ASP L 171 -14.48 10.88 31.82
C ASP L 171 -15.74 11.26 32.57
N ARG L 172 -16.03 12.56 32.69
CA ARG L 172 -17.24 13.03 33.35
C ARG L 172 -17.80 14.19 32.55
N PHE L 173 -19.05 14.05 32.11
CA PHE L 173 -19.73 15.07 31.33
C PHE L 173 -20.58 15.99 32.21
N LEU L 174 -20.63 17.27 31.86
CA LEU L 174 -21.49 18.25 32.56
C LEU L 174 -22.26 19.13 31.56
N SER L 175 -23.55 19.28 31.80
CA SER L 175 -24.40 20.16 30.97
C SER L 175 -24.11 21.60 31.44
N ALA L 176 -24.62 22.60 30.71
CA ALA L 176 -24.38 24.00 31.12
C ALA L 176 -24.81 24.28 32.58
N PRO L 177 -26.02 23.87 32.98
CA PRO L 177 -26.37 24.17 34.38
C PRO L 177 -25.50 23.41 35.42
N GLU L 178 -25.06 22.20 35.10
CA GLU L 178 -24.20 21.46 36.03
C GLU L 178 -22.82 22.12 36.12
N ALA L 179 -22.35 22.74 35.03
CA ALA L 179 -21.06 23.42 35.02
C ALA L 179 -21.09 24.66 35.92
N VAL L 180 -22.24 25.33 35.93
CA VAL L 180 -22.44 26.50 36.80
C VAL L 180 -22.42 26.03 38.26
N GLU L 181 -23.17 24.96 38.55
CA GLU L 181 -23.19 24.45 39.92
C GLU L 181 -21.81 23.98 40.41
N TYR L 182 -21.02 23.39 39.50
CA TYR L 182 -19.69 22.87 39.83
C TYR L 182 -18.65 23.98 40.02
N GLY L 183 -18.97 25.17 39.53
CA GLY L 183 -18.05 26.28 39.62
C GLY L 183 -17.10 26.37 38.44
N LEU L 184 -17.36 25.61 37.37
CA LEU L 184 -16.52 25.65 36.15
C LEU L 184 -16.72 26.98 35.38
N VAL L 185 -17.96 27.48 35.34
CA VAL L 185 -18.29 28.78 34.73
C VAL L 185 -19.15 29.55 35.76
N ASP L 186 -19.38 30.83 35.49
CA ASP L 186 -20.16 31.68 36.40
C ASP L 186 -21.65 31.75 36.08
N SER L 187 -22.04 31.72 34.81
CA SER L 187 -23.46 31.73 34.45
C SER L 187 -23.67 31.26 33.02
N ILE L 188 -24.94 31.16 32.62
CA ILE L 188 -25.32 30.76 31.27
C ILE L 188 -25.78 31.99 30.47
N LEU L 189 -25.34 32.12 29.22
CA LEU L 189 -25.75 33.23 28.34
C LEU L 189 -26.89 32.70 27.46
N THR L 190 -28.07 33.29 27.55
CA THR L 190 -29.19 32.80 26.75
C THR L 190 -29.63 33.75 25.63
N HIS L 191 -29.84 35.04 25.94
CA HIS L 191 -30.26 36.01 24.94
C HIS L 191 -29.47 37.30 25.03
N ARG L 192 -29.24 37.90 23.87
CA ARG L 192 -28.48 39.13 23.77
C ARG L 192 -28.98 40.13 24.79
N ASN L 193 -28.10 40.41 25.74
CA ASN L 193 -28.32 41.32 26.84
C ASN L 193 -28.76 42.70 26.34
N ARG M 12 -16.54 33.65 -6.60
CA ARG M 12 -16.15 33.46 -8.02
C ARG M 12 -15.95 34.83 -8.67
N GLY M 13 -15.15 35.66 -7.98
CA GLY M 13 -14.82 37.00 -8.47
C GLY M 13 -15.91 38.04 -8.54
N GLU M 14 -15.52 39.30 -8.37
CA GLU M 14 -16.47 40.41 -8.42
C GLU M 14 -15.91 41.80 -8.11
N ARG M 15 -16.83 42.76 -7.99
CA ARG M 15 -16.49 44.15 -7.72
C ARG M 15 -16.53 44.50 -6.23
N SER M 16 -16.51 43.47 -5.39
CA SER M 16 -16.56 43.64 -3.94
C SER M 16 -16.02 42.36 -3.30
N PHE M 17 -14.80 42.00 -3.69
CA PHE M 17 -14.13 40.78 -3.22
C PHE M 17 -14.83 39.60 -3.89
N ASP M 18 -14.68 38.41 -3.31
CA ASP M 18 -15.31 37.23 -3.87
C ASP M 18 -16.82 37.36 -3.77
N ILE M 19 -17.52 36.47 -4.45
CA ILE M 19 -18.97 36.53 -4.47
C ILE M 19 -19.66 36.32 -3.11
N TYR M 20 -19.10 35.47 -2.26
CA TYR M 20 -19.73 35.24 -0.96
C TYR M 20 -19.66 36.50 -0.10
N SER M 21 -18.58 37.27 -0.24
CA SER M 21 -18.41 38.54 0.48
C SER M 21 -19.46 39.57 0.06
N ARG M 22 -19.75 39.62 -1.23
CA ARG M 22 -20.73 40.59 -1.71
C ARG M 22 -22.13 40.23 -1.19
N LEU M 23 -22.43 38.94 -1.09
CA LEU M 23 -23.74 38.51 -0.60
C LEU M 23 -23.85 38.69 0.92
N LEU M 24 -22.72 38.62 1.62
CA LEU M 24 -22.74 38.84 3.05
C LEU M 24 -23.19 40.31 3.29
N LYS M 25 -22.84 41.21 2.36
CA LYS M 25 -23.25 42.62 2.49
C LYS M 25 -24.77 42.74 2.48
N GLU M 26 -25.45 41.76 1.91
CA GLU M 26 -26.91 41.77 1.84
C GLU M 26 -27.52 40.91 2.96
N ARG M 27 -26.65 40.57 3.92
CA ARG M 27 -27.01 39.77 5.09
C ARG M 27 -27.39 38.32 4.78
N VAL M 28 -26.73 37.76 3.77
CA VAL M 28 -26.99 36.38 3.35
C VAL M 28 -25.80 35.47 3.70
N ILE M 29 -26.06 34.37 4.38
CA ILE M 29 -25.01 33.42 4.77
C ILE M 29 -25.37 32.04 4.19
N PHE M 30 -24.37 31.30 3.72
CA PHE M 30 -24.59 29.94 3.19
C PHE M 30 -24.01 28.82 4.09
N LEU M 31 -24.84 27.80 4.37
CA LEU M 31 -24.43 26.63 5.17
C LEU M 31 -24.47 25.50 4.12
N THR M 32 -23.30 25.05 3.67
CA THR M 32 -23.21 24.04 2.61
C THR M 32 -22.36 22.79 2.97
N GLY M 33 -22.86 21.60 2.64
CA GLY M 33 -22.07 20.40 2.93
C GLY M 33 -22.09 19.90 4.37
N GLN M 34 -21.14 19.02 4.70
CA GLN M 34 -21.06 18.42 6.04
C GLN M 34 -20.78 19.40 7.16
N VAL M 35 -21.54 19.31 8.24
CA VAL M 35 -21.37 20.20 9.40
C VAL M 35 -20.15 19.67 10.20
N GLU M 36 -19.22 20.57 10.51
CA GLU M 36 -17.98 20.24 11.24
C GLU M 36 -17.48 21.53 11.94
N ASP M 37 -16.61 21.40 12.94
CA ASP M 37 -16.14 22.57 13.68
C ASP M 37 -15.69 23.82 12.94
N HIS M 38 -14.80 23.70 11.96
CA HIS M 38 -14.31 24.89 11.27
C HIS M 38 -15.30 25.61 10.37
N MET M 39 -16.08 24.88 9.57
CA MET M 39 -17.10 25.56 8.76
C MET M 39 -18.18 26.14 9.71
N ALA M 40 -18.44 25.45 10.81
CA ALA M 40 -19.43 25.96 11.79
C ALA M 40 -18.95 27.26 12.41
N ASN M 41 -17.66 27.32 12.74
CA ASN M 41 -17.06 28.51 13.34
C ASN M 41 -17.20 29.71 12.37
N LEU M 42 -17.00 29.46 11.08
CA LEU M 42 -17.08 30.49 10.06
C LEU M 42 -18.52 31.05 10.03
N ILE M 43 -19.51 30.17 10.20
CA ILE M 43 -20.92 30.63 10.20
C ILE M 43 -21.21 31.47 11.45
N VAL M 44 -20.77 30.99 12.61
CA VAL M 44 -20.94 31.75 13.84
C VAL M 44 -20.30 33.16 13.69
N ALA M 45 -19.09 33.24 13.11
CA ALA M 45 -18.40 34.53 12.92
C ALA M 45 -19.19 35.49 12.03
N GLN M 46 -19.77 34.98 10.94
CA GLN M 46 -20.61 35.82 10.07
C GLN M 46 -21.87 36.32 10.81
N MET M 47 -22.49 35.47 11.63
CA MET M 47 -23.67 35.94 12.38
C MET M 47 -23.32 37.05 13.38
N LEU M 48 -22.22 36.89 14.13
CA LEU M 48 -21.79 37.91 15.09
C LEU M 48 -21.42 39.23 14.42
N PHE M 49 -20.78 39.13 13.25
CA PHE M 49 -20.40 40.29 12.44
C PHE M 49 -21.66 41.06 11.99
N LEU M 50 -22.65 40.34 11.45
CA LEU M 50 -23.88 40.98 10.99
C LEU M 50 -24.68 41.61 12.14
N GLU M 51 -24.64 41.00 13.32
CA GLU M 51 -25.35 41.55 14.47
C GLU M 51 -24.71 42.89 14.86
N ALA M 52 -23.38 42.95 14.83
CA ALA M 52 -22.68 44.18 15.16
C ALA M 52 -22.99 45.29 14.14
N GLU M 53 -23.01 44.94 12.85
CA GLU M 53 -23.32 45.94 11.81
C GLU M 53 -24.71 46.56 11.97
N ASN M 54 -25.71 45.73 12.23
CA ASN M 54 -27.10 46.19 12.44
C ASN M 54 -27.85 45.13 13.24
N PRO M 55 -28.06 45.38 14.55
CA PRO M 55 -28.78 44.40 15.38
C PRO M 55 -30.28 44.23 15.17
N GLU M 56 -30.87 45.09 14.34
CA GLU M 56 -32.31 45.03 14.10
C GLU M 56 -32.76 44.28 12.86
N LYS M 57 -31.97 44.33 11.79
CA LYS M 57 -32.36 43.67 10.54
C LYS M 57 -32.16 42.16 10.51
N ASP M 58 -33.07 41.50 9.83
CA ASP M 58 -33.08 40.05 9.64
C ASP M 58 -31.82 39.53 8.93
N ILE M 59 -31.49 38.26 9.16
CA ILE M 59 -30.34 37.61 8.52
C ILE M 59 -30.94 36.40 7.79
N TYR M 60 -30.40 36.07 6.62
CA TYR M 60 -30.92 34.92 5.85
C TYR M 60 -29.87 33.80 5.77
N LEU M 61 -30.24 32.60 6.24
CA LEU M 61 -29.33 31.44 6.21
C LEU M 61 -29.84 30.36 5.24
N TYR M 62 -29.12 30.19 4.12
CA TYR M 62 -29.46 29.18 3.09
C TYR M 62 -28.81 27.85 3.50
N ILE M 63 -29.59 26.76 3.48
CA ILE M 63 -29.12 25.44 3.90
C ILE M 63 -29.25 24.33 2.85
N ASN M 64 -28.12 23.69 2.54
CA ASN M 64 -28.07 22.54 1.63
C ASN M 64 -27.03 21.63 2.31
N SER M 65 -27.50 20.71 3.15
CA SER M 65 -26.58 19.86 3.93
C SER M 65 -27.08 18.48 4.32
N PRO M 66 -26.18 17.46 4.29
CA PRO M 66 -26.56 16.10 4.67
C PRO M 66 -26.45 15.88 6.21
N GLY M 67 -25.94 16.86 6.93
CA GLY M 67 -25.80 16.73 8.37
C GLY M 67 -24.33 16.76 8.81
N GLY M 68 -24.03 16.26 10.01
CA GLY M 68 -22.65 16.29 10.48
C GLY M 68 -22.53 16.17 11.99
N VAL M 69 -21.46 16.73 12.55
CA VAL M 69 -21.16 16.65 13.97
C VAL M 69 -22.15 17.42 14.85
N ILE M 70 -22.76 16.75 15.83
CA ILE M 70 -23.77 17.41 16.67
C ILE M 70 -23.25 18.61 17.47
N THR M 71 -22.12 18.47 18.17
CA THR M 71 -21.62 19.63 18.91
C THR M 71 -21.31 20.83 17.99
N ALA M 72 -20.79 20.58 16.78
CA ALA M 72 -20.53 21.69 15.85
C ALA M 72 -21.86 22.38 15.46
N GLY M 73 -22.90 21.58 15.19
CA GLY M 73 -24.20 22.19 14.85
C GLY M 73 -24.82 22.95 16.04
N MET M 74 -24.60 22.48 17.25
CA MET M 74 -25.16 23.18 18.40
C MET M 74 -24.53 24.56 18.61
N SER M 75 -23.31 24.76 18.13
CA SER M 75 -22.71 26.09 18.29
C SER M 75 -23.48 27.05 17.39
N ILE M 76 -23.87 26.59 16.21
CA ILE M 76 -24.67 27.44 15.30
C ILE M 76 -26.07 27.67 15.94
N TYR M 77 -26.73 26.60 16.39
CA TYR M 77 -28.08 26.72 17.01
C TYR M 77 -28.14 27.79 18.13
N ASP M 78 -27.23 27.67 19.10
CA ASP M 78 -27.20 28.59 20.23
C ASP M 78 -26.90 30.02 19.80
N THR M 79 -26.00 30.21 18.83
CA THR M 79 -25.70 31.56 18.35
C THR M 79 -26.95 32.18 17.70
N MET M 80 -27.65 31.38 16.89
CA MET M 80 -28.87 31.84 16.22
C MET M 80 -29.87 32.35 17.26
N GLN M 81 -30.05 31.61 18.34
CA GLN M 81 -30.98 32.05 19.37
C GLN M 81 -30.45 33.23 20.18
N PHE M 82 -29.14 33.27 20.43
CA PHE M 82 -28.53 34.33 21.23
C PHE M 82 -28.55 35.76 20.66
N ILE M 83 -28.18 35.92 19.39
CA ILE M 83 -28.13 37.24 18.76
C ILE M 83 -29.50 37.93 18.59
N LYS M 84 -29.47 39.26 18.59
CA LYS M 84 -30.69 40.07 18.47
C LYS M 84 -31.52 39.88 17.18
N PRO M 85 -30.88 39.90 16.00
CA PRO M 85 -31.63 39.72 14.74
C PRO M 85 -32.36 38.38 14.60
N ASP M 86 -33.47 38.36 13.87
CA ASP M 86 -34.19 37.11 13.62
C ASP M 86 -33.34 36.43 12.53
N VAL M 87 -33.24 35.10 12.56
CA VAL M 87 -32.52 34.38 11.51
C VAL M 87 -33.55 33.58 10.70
N SER M 88 -33.74 33.98 9.45
CA SER M 88 -34.68 33.33 8.55
C SER M 88 -33.93 32.18 7.86
N THR M 89 -34.52 31.01 7.78
CA THR M 89 -33.85 29.86 7.17
C THR M 89 -34.53 29.42 5.87
N ILE M 90 -33.71 29.02 4.89
CA ILE M 90 -34.20 28.60 3.57
C ILE M 90 -33.52 27.32 3.08
N CYS M 91 -34.31 26.27 2.93
CA CYS M 91 -33.82 24.98 2.48
C CYS M 91 -33.75 24.82 0.95
N MET M 92 -32.57 24.56 0.41
CA MET M 92 -32.45 24.32 -1.03
C MET M 92 -31.68 23.00 -1.21
N GLY M 93 -32.14 22.16 -2.12
CA GLY M 93 -31.49 20.86 -2.33
C GLY M 93 -31.98 19.89 -1.26
N GLN M 94 -31.34 19.93 -0.09
CA GLN M 94 -31.73 19.06 1.01
C GLN M 94 -31.27 19.60 2.38
N ALA M 95 -32.01 19.21 3.41
CA ALA M 95 -31.65 19.55 4.80
C ALA M 95 -31.88 18.24 5.55
N ALA M 96 -30.80 17.50 5.82
CA ALA M 96 -30.92 16.21 6.51
C ALA M 96 -30.17 16.19 7.85
N SER M 97 -30.76 15.51 8.82
CA SER M 97 -30.17 15.36 10.16
C SER M 97 -29.87 16.72 10.83
N MET M 98 -28.62 17.01 11.18
CA MET M 98 -28.36 18.32 11.80
C MET M 98 -28.77 19.48 10.88
N GLY M 99 -28.82 19.24 9.57
CA GLY M 99 -29.24 20.31 8.65
C GLY M 99 -30.74 20.59 8.82
N ALA M 100 -31.53 19.54 9.01
CA ALA M 100 -32.98 19.69 9.21
C ALA M 100 -33.26 20.38 10.55
N PHE M 101 -32.42 20.07 11.53
CA PHE M 101 -32.54 20.66 12.87
C PHE M 101 -32.31 22.18 12.82
N LEU M 102 -31.24 22.63 12.14
CA LEU M 102 -30.98 24.06 12.03
C LEU M 102 -32.05 24.76 11.17
N LEU M 103 -32.64 24.04 10.22
CA LEU M 103 -33.69 24.65 9.38
C LEU M 103 -34.90 24.96 10.26
N THR M 104 -35.33 24.00 11.07
CA THR M 104 -36.52 24.24 11.88
C THR M 104 -36.29 25.19 13.07
N ALA M 105 -35.00 25.44 13.38
CA ALA M 105 -34.61 26.34 14.48
C ALA M 105 -34.70 27.82 14.10
N GLY M 106 -35.02 28.11 12.83
CA GLY M 106 -35.11 29.51 12.43
C GLY M 106 -36.30 30.24 13.07
N ALA M 107 -36.32 31.56 12.93
CA ALA M 107 -37.37 32.43 13.48
C ALA M 107 -38.78 32.00 13.04
N LYS M 108 -39.70 31.94 14.01
CA LYS M 108 -41.09 31.55 13.78
C LYS M 108 -41.70 32.41 12.67
N GLY M 109 -42.27 31.76 11.66
CA GLY M 109 -42.88 32.47 10.55
C GLY M 109 -41.92 32.80 9.41
N LYS M 110 -40.63 32.53 9.60
CA LYS M 110 -39.65 32.85 8.57
C LYS M 110 -38.76 31.67 8.12
N ARG M 111 -39.30 30.45 8.19
CA ARG M 111 -38.60 29.23 7.78
C ARG M 111 -39.22 28.75 6.48
N PHE M 112 -38.41 28.58 5.43
CA PHE M 112 -38.95 28.17 4.13
C PHE M 112 -38.26 26.99 3.45
N CYS M 113 -38.99 26.38 2.52
CA CYS M 113 -38.49 25.28 1.69
C CYS M 113 -38.72 25.72 0.23
N LEU M 114 -37.81 25.36 -0.68
CA LEU M 114 -38.01 25.63 -2.10
C LEU M 114 -38.90 24.45 -2.54
N PRO M 115 -39.68 24.58 -3.64
CA PRO M 115 -40.56 23.50 -4.08
C PRO M 115 -40.09 22.03 -4.15
N ASN M 116 -38.86 21.79 -4.62
CA ASN M 116 -38.39 20.41 -4.75
C ASN M 116 -37.31 19.97 -3.75
N SER M 117 -37.14 20.72 -2.67
CA SER M 117 -36.14 20.31 -1.70
C SER M 117 -36.73 19.17 -0.85
N ARG M 118 -35.90 18.46 -0.11
CA ARG M 118 -36.40 17.40 0.74
C ARG M 118 -35.70 17.47 2.10
N VAL M 119 -36.40 17.01 3.13
CA VAL M 119 -35.91 17.03 4.50
C VAL M 119 -35.85 15.60 5.01
N MET M 120 -34.89 15.29 5.89
CA MET M 120 -34.81 13.95 6.46
C MET M 120 -34.45 14.11 7.94
N ILE M 121 -35.18 13.42 8.82
CA ILE M 121 -34.93 13.48 10.26
C ILE M 121 -34.64 12.09 10.83
N HIS M 122 -33.86 12.02 11.90
CA HIS M 122 -33.57 10.74 12.52
C HIS M 122 -32.96 10.91 13.90
N GLN M 123 -32.44 9.86 14.50
CA GLN M 123 -31.85 9.95 15.85
C GLN M 123 -30.32 10.01 15.79
N PRO M 124 -29.66 10.43 16.89
CA PRO M 124 -28.19 10.51 16.88
C PRO M 124 -27.47 9.20 16.59
N LEU M 125 -26.30 9.31 15.97
CA LEU M 125 -25.42 8.17 15.66
C LEU M 125 -24.13 8.38 16.49
N GLY M 126 -23.54 7.30 17.00
CA GLY M 126 -22.33 7.48 17.77
C GLY M 126 -21.43 6.27 17.70
N GLY M 127 -20.27 6.35 18.35
CA GLY M 127 -19.35 5.22 18.36
C GLY M 127 -18.26 5.39 19.41
N TYR M 128 -17.93 4.32 20.12
CA TYR M 128 -16.89 4.36 21.15
C TYR M 128 -16.18 3.01 21.27
N GLN M 129 -15.02 3.00 21.93
CA GLN M 129 -14.24 1.78 22.08
C GLN M 129 -13.45 1.86 23.40
N GLY M 130 -13.59 0.86 24.26
CA GLY M 130 -12.89 0.87 25.54
C GLY M 130 -13.37 -0.13 26.58
N GLN M 131 -13.06 0.13 27.85
CA GLN M 131 -13.49 -0.77 28.93
C GLN M 131 -14.98 -0.61 29.19
N ALA M 132 -15.61 -1.61 29.76
CA ALA M 132 -17.05 -1.53 30.05
C ALA M 132 -17.45 -0.29 30.83
N THR M 133 -16.69 0.03 31.88
CA THR M 133 -17.00 1.20 32.71
C THR M 133 -17.08 2.48 31.87
N ASP M 134 -16.14 2.66 30.95
CA ASP M 134 -16.14 3.84 30.08
C ASP M 134 -17.25 3.72 29.02
N ILE M 135 -17.49 2.52 28.55
CA ILE M 135 -18.55 2.35 27.56
C ILE M 135 -19.89 2.81 28.14
N GLU M 136 -20.11 2.52 29.42
CA GLU M 136 -21.37 2.91 30.06
C GLU M 136 -21.49 4.44 30.23
N ILE M 137 -20.37 5.11 30.48
CA ILE M 137 -20.37 6.56 30.64
C ILE M 137 -20.77 7.23 29.31
N HIS M 138 -20.19 6.76 28.21
CA HIS M 138 -20.46 7.35 26.91
C HIS M 138 -21.82 6.96 26.34
N ALA M 139 -22.30 5.75 26.62
CA ALA M 139 -23.64 5.35 26.14
C ALA M 139 -24.70 6.19 26.86
N ARG M 140 -24.48 6.45 28.15
CA ARG M 140 -25.42 7.25 28.92
C ARG M 140 -25.51 8.67 28.38
N GLU M 141 -24.37 9.23 27.98
CA GLU M 141 -24.33 10.58 27.46
C GLU M 141 -25.02 10.70 26.10
N ILE M 142 -24.87 9.71 25.21
CA ILE M 142 -25.55 9.88 23.91
C ILE M 142 -27.08 9.78 24.07
N LEU M 143 -27.54 9.03 25.07
CA LEU M 143 -28.99 8.92 25.33
C LEU M 143 -29.51 10.29 25.84
N LYS M 144 -28.70 11.00 26.62
CA LYS M 144 -29.07 12.34 27.11
C LYS M 144 -29.11 13.35 25.95
N VAL M 145 -28.17 13.23 25.01
CA VAL M 145 -28.16 14.09 23.84
C VAL M 145 -29.45 13.87 23.02
N LYS M 146 -29.78 12.61 22.82
CA LYS M 146 -30.99 12.22 22.06
C LYS M 146 -32.25 12.86 22.67
N GLY M 147 -32.36 12.78 24.00
CA GLY M 147 -33.50 13.38 24.66
C GLY M 147 -33.57 14.89 24.53
N ARG M 148 -32.43 15.58 24.64
CA ARG M 148 -32.45 17.03 24.51
C ARG M 148 -32.77 17.43 23.07
N MET M 149 -32.26 16.68 22.10
CA MET M 149 -32.56 17.02 20.71
C MET M 149 -34.06 16.80 20.41
N ASN M 150 -34.66 15.77 21.00
CA ASN M 150 -36.10 15.52 20.78
C ASN M 150 -36.95 16.63 21.43
N GLU M 151 -36.51 17.12 22.59
CA GLU M 151 -37.23 18.22 23.26
C GLU M 151 -37.21 19.51 22.43
N LEU M 152 -36.05 19.84 21.87
CA LEU M 152 -35.94 21.07 21.09
C LEU M 152 -36.73 20.95 19.78
N MET M 153 -36.73 19.77 19.18
CA MET M 153 -37.49 19.59 17.93
C MET M 153 -39.00 19.75 18.23
N ALA M 154 -39.44 19.27 19.38
CA ALA M 154 -40.87 19.39 19.73
C ALA M 154 -41.22 20.89 19.90
N LEU M 155 -40.39 21.63 20.63
CA LEU M 155 -40.61 23.05 20.84
C LEU M 155 -40.75 23.84 19.53
N HIS M 156 -39.83 23.61 18.58
CA HIS M 156 -39.86 24.33 17.32
C HIS M 156 -40.93 23.92 16.30
N THR M 157 -41.31 22.64 16.30
CA THR M 157 -42.33 22.15 15.36
C THR M 157 -43.75 22.28 15.93
N GLY M 158 -43.88 22.25 17.26
CA GLY M 158 -45.21 22.30 17.85
C GLY M 158 -45.80 20.92 18.08
N GLN M 159 -45.09 19.86 17.66
CA GLN M 159 -45.54 18.48 17.87
C GLN M 159 -45.23 18.11 19.32
N SER M 160 -45.88 17.08 19.84
CA SER M 160 -45.61 16.67 21.22
C SER M 160 -44.28 15.89 21.29
N LEU M 161 -43.66 15.82 22.46
CA LEU M 161 -42.40 15.09 22.58
C LEU M 161 -42.55 13.61 22.19
N GLU M 162 -43.64 12.99 22.63
CA GLU M 162 -43.85 11.59 22.31
C GLU M 162 -43.93 11.32 20.80
N GLN M 163 -44.51 12.27 20.08
CA GLN M 163 -44.64 12.19 18.62
C GLN M 163 -43.25 12.25 17.94
N ILE M 164 -42.44 13.21 18.36
CA ILE M 164 -41.08 13.34 17.79
C ILE M 164 -40.29 12.06 18.07
N GLU M 165 -40.38 11.54 19.31
CA GLU M 165 -39.66 10.31 19.69
C GLU M 165 -40.02 9.13 18.78
N ARG M 166 -41.31 8.91 18.52
CA ARG M 166 -41.73 7.80 17.65
C ARG M 166 -41.29 7.96 16.18
N ASP M 167 -41.41 9.18 15.64
CA ASP M 167 -41.08 9.45 14.23
C ASP M 167 -39.58 9.52 13.87
N THR M 168 -38.70 9.63 14.86
CA THR M 168 -37.26 9.69 14.54
C THR M 168 -36.48 8.40 14.86
N GLU M 169 -37.16 7.33 15.28
CA GLU M 169 -36.42 6.09 15.56
C GLU M 169 -35.69 5.55 14.32
N ARG M 170 -36.26 5.78 13.13
CA ARG M 170 -35.62 5.38 11.86
C ARG M 170 -35.71 6.56 10.88
N ASP M 171 -34.80 6.61 9.92
CA ASP M 171 -34.78 7.70 8.93
C ASP M 171 -36.19 7.95 8.36
N ARG M 172 -36.61 9.20 8.30
CA ARG M 172 -37.93 9.58 7.77
C ARG M 172 -37.77 10.79 6.83
N PHE M 173 -38.17 10.62 5.56
CA PHE M 173 -38.08 11.69 4.57
C PHE M 173 -39.41 12.48 4.43
N LEU M 174 -39.32 13.79 4.24
CA LEU M 174 -40.52 14.61 4.04
C LEU M 174 -40.35 15.53 2.84
N SER M 175 -41.37 15.59 1.97
CA SER M 175 -41.32 16.50 0.82
C SER M 175 -41.59 17.91 1.36
N ALA M 176 -41.44 18.94 0.52
CA ALA M 176 -41.67 20.32 0.97
C ALA M 176 -43.06 20.52 1.63
N PRO M 177 -44.14 20.03 0.98
CA PRO M 177 -45.49 20.18 1.54
C PRO M 177 -45.67 19.40 2.85
N GLU M 178 -45.06 18.23 2.97
CA GLU M 178 -45.17 17.47 4.20
C GLU M 178 -44.41 18.20 5.33
N ALA M 179 -43.34 18.92 4.98
CA ALA M 179 -42.55 19.68 5.98
C ALA M 179 -43.37 20.84 6.56
N VAL M 180 -44.18 21.46 5.72
CA VAL M 180 -45.05 22.55 6.18
C VAL M 180 -46.11 21.96 7.12
N GLU M 181 -46.70 20.84 6.71
CA GLU M 181 -47.76 20.19 7.51
C GLU M 181 -47.28 19.66 8.87
N TYR M 182 -46.02 19.25 8.94
CA TYR M 182 -45.44 18.72 10.17
C TYR M 182 -44.99 19.84 11.11
N GLY M 183 -44.83 21.04 10.58
CA GLY M 183 -44.41 22.16 11.40
C GLY M 183 -42.90 22.42 11.36
N LEU M 184 -42.19 21.75 10.44
CA LEU M 184 -40.74 21.94 10.29
C LEU M 184 -40.43 23.29 9.66
N VAL M 185 -41.26 23.73 8.69
CA VAL M 185 -41.07 25.05 8.08
C VAL M 185 -42.46 25.73 8.03
N ASP M 186 -42.48 27.03 7.75
CA ASP M 186 -43.73 27.78 7.71
C ASP M 186 -44.44 27.79 6.36
N SER M 187 -43.67 27.82 5.27
CA SER M 187 -44.25 27.81 3.94
C SER M 187 -43.24 27.48 2.83
N ILE M 188 -43.76 27.37 1.61
CA ILE M 188 -42.97 27.07 0.42
C ILE M 188 -42.80 28.32 -0.43
N LEU M 189 -41.57 28.59 -0.89
CA LEU M 189 -41.27 29.73 -1.76
C LEU M 189 -41.24 29.21 -3.20
N THR M 190 -41.95 29.85 -4.13
CA THR M 190 -41.96 29.37 -5.51
C THR M 190 -41.45 30.39 -6.54
N HIS M 191 -41.96 31.62 -6.49
CA HIS M 191 -41.55 32.67 -7.41
C HIS M 191 -41.33 33.98 -6.68
N ARG M 192 -40.23 34.68 -6.99
CA ARG M 192 -39.93 35.95 -6.36
C ARG M 192 -41.04 36.98 -6.61
N ASN M 193 -41.58 37.52 -5.51
CA ASN M 193 -42.64 38.52 -5.50
C ASN M 193 -43.50 38.65 -6.75
N PHE N 17 -7.78 40.39 -13.55
CA PHE N 17 -8.40 39.78 -12.34
C PHE N 17 -8.69 38.31 -12.58
N ASP N 18 -9.85 38.03 -13.18
CA ASP N 18 -10.26 36.67 -13.49
C ASP N 18 -11.12 36.63 -14.75
N ILE N 19 -10.80 35.71 -15.65
CA ILE N 19 -11.54 35.56 -16.90
C ILE N 19 -13.01 35.26 -16.64
N TYR N 20 -13.30 34.50 -15.59
CA TYR N 20 -14.66 34.13 -15.26
C TYR N 20 -15.41 35.30 -14.62
N SER N 21 -14.73 36.11 -13.81
CA SER N 21 -15.35 37.28 -13.17
C SER N 21 -15.75 38.30 -14.25
N ARG N 22 -14.90 38.46 -15.26
CA ARG N 22 -15.20 39.40 -16.35
C ARG N 22 -16.45 38.97 -17.12
N LEU N 23 -16.57 37.69 -17.42
CA LEU N 23 -17.76 37.20 -18.14
C LEU N 23 -19.03 37.28 -17.30
N LEU N 24 -18.88 37.19 -15.98
CA LEU N 24 -20.03 37.28 -15.10
C LEU N 24 -20.64 38.69 -15.24
N LYS N 25 -19.80 39.66 -15.57
CA LYS N 25 -20.27 41.05 -15.77
C LYS N 25 -21.17 41.12 -16.99
N GLU N 26 -20.98 40.17 -17.91
CA GLU N 26 -21.79 40.08 -19.13
C GLU N 26 -22.98 39.15 -18.87
N ARG N 27 -23.12 38.74 -17.62
CA ARG N 27 -24.19 37.86 -17.17
C ARG N 27 -24.09 36.41 -17.66
N VAL N 28 -22.86 35.95 -17.84
CA VAL N 28 -22.63 34.57 -18.28
C VAL N 28 -22.09 33.74 -17.10
N ILE N 29 -22.66 32.55 -16.90
CA ILE N 29 -22.26 31.64 -15.82
C ILE N 29 -21.94 30.28 -16.46
N PHE N 30 -20.87 29.62 -15.99
CA PHE N 30 -20.50 28.30 -16.53
C PHE N 30 -20.78 27.14 -15.55
N LEU N 31 -21.38 26.06 -16.05
CA LEU N 31 -21.64 24.85 -15.25
C LEU N 31 -20.81 23.78 -15.96
N THR N 32 -19.67 23.44 -15.36
CA THR N 32 -18.71 22.48 -15.94
C THR N 32 -18.32 21.30 -15.03
N GLY N 33 -18.23 20.11 -15.61
CA GLY N 33 -17.85 18.95 -14.82
C GLY N 33 -18.96 18.37 -13.97
N GLN N 34 -18.59 17.54 -13.00
CA GLN N 34 -19.55 16.87 -12.13
C GLN N 34 -20.33 17.79 -11.21
N VAL N 35 -21.63 17.53 -11.10
CA VAL N 35 -22.52 18.29 -10.23
C VAL N 35 -22.40 17.79 -8.79
N GLU N 36 -22.07 18.69 -7.86
CA GLU N 36 -22.00 18.35 -6.44
C GLU N 36 -22.27 19.61 -5.63
N ASP N 37 -22.49 19.45 -4.33
CA ASP N 37 -22.85 20.58 -3.47
C ASP N 37 -22.07 21.88 -3.54
N HIS N 38 -20.75 21.83 -3.53
CA HIS N 38 -20.00 23.08 -3.54
C HIS N 38 -20.01 23.82 -4.87
N MET N 39 -19.79 23.12 -5.98
CA MET N 39 -19.85 23.84 -7.27
C MET N 39 -21.29 24.32 -7.53
N ALA N 40 -22.29 23.60 -7.01
CA ALA N 40 -23.70 23.99 -7.20
C ALA N 40 -24.03 25.26 -6.43
N ASN N 41 -23.49 25.36 -5.22
CA ASN N 41 -23.72 26.53 -4.40
C ASN N 41 -23.10 27.78 -5.06
N LEU N 42 -21.95 27.60 -5.68
CA LEU N 42 -21.30 28.71 -6.36
C LEU N 42 -22.20 29.22 -7.50
N ILE N 43 -22.83 28.31 -8.23
CA ILE N 43 -23.74 28.71 -9.32
C ILE N 43 -24.97 29.46 -8.73
N VAL N 44 -25.56 28.94 -7.66
CA VAL N 44 -26.69 29.61 -7.01
C VAL N 44 -26.34 31.04 -6.60
N ALA N 45 -25.15 31.21 -6.00
CA ALA N 45 -24.69 32.52 -5.55
C ALA N 45 -24.55 33.48 -6.73
N GLN N 46 -24.01 33.00 -7.85
CA GLN N 46 -23.87 33.84 -9.04
C GLN N 46 -25.26 34.23 -9.59
N MET N 47 -26.25 33.34 -9.53
CA MET N 47 -27.59 33.69 -10.01
C MET N 47 -28.26 34.75 -9.10
N LEU N 48 -28.06 34.64 -7.79
CA LEU N 48 -28.64 35.59 -6.85
C LEU N 48 -28.00 36.98 -7.02
N PHE N 49 -26.70 37.00 -7.27
CA PHE N 49 -25.97 38.26 -7.49
C PHE N 49 -26.46 38.95 -8.78
N LEU N 50 -26.58 38.20 -9.86
CA LEU N 50 -27.03 38.78 -11.12
C LEU N 50 -28.44 39.36 -11.01
N GLU N 51 -29.35 38.65 -10.34
CA GLU N 51 -30.72 39.13 -10.16
C GLU N 51 -30.73 40.46 -9.41
N ALA N 52 -29.83 40.62 -8.44
CA ALA N 52 -29.77 41.85 -7.67
C ALA N 52 -29.19 43.00 -8.49
N GLU N 53 -28.27 42.71 -9.41
CA GLU N 53 -27.68 43.75 -10.22
C GLU N 53 -28.68 44.29 -11.24
N ASN N 54 -29.57 43.42 -11.72
CA ASN N 54 -30.59 43.78 -12.70
C ASN N 54 -31.58 42.61 -12.83
N PRO N 55 -32.74 42.72 -12.17
CA PRO N 55 -33.77 41.68 -12.19
C PRO N 55 -34.56 41.48 -13.48
N GLU N 56 -34.28 42.32 -14.47
CA GLU N 56 -34.97 42.28 -15.75
C GLU N 56 -34.27 41.50 -16.87
N LYS N 57 -32.96 41.68 -16.99
CA LYS N 57 -32.15 41.05 -18.03
C LYS N 57 -31.93 39.53 -17.91
N ASP N 58 -31.86 38.86 -19.06
CA ASP N 58 -31.62 37.43 -19.08
C ASP N 58 -30.22 37.10 -18.53
N ILE N 59 -30.05 35.86 -18.07
CA ILE N 59 -28.77 35.35 -17.56
C ILE N 59 -28.45 34.16 -18.46
N TYR N 60 -27.18 33.94 -18.82
CA TYR N 60 -26.88 32.80 -19.70
C TYR N 60 -26.07 31.71 -18.99
N LEU N 61 -26.60 30.49 -18.99
CA LEU N 61 -25.95 29.35 -18.34
C LEU N 61 -25.38 28.35 -19.36
N TYR N 62 -24.06 28.34 -19.54
CA TYR N 62 -23.40 27.39 -20.45
C TYR N 62 -23.20 26.07 -19.68
N ILE N 63 -23.56 24.96 -20.31
CA ILE N 63 -23.49 23.64 -19.69
C ILE N 63 -22.64 22.62 -20.44
N ASN N 64 -21.67 22.02 -19.75
CA ASN N 64 -20.81 20.94 -20.30
C ASN N 64 -20.57 20.05 -19.08
N SER N 65 -21.43 19.05 -18.89
CA SER N 65 -21.38 18.20 -17.70
C SER N 65 -21.92 16.77 -17.88
N PRO N 66 -21.32 15.78 -17.17
CA PRO N 66 -21.76 14.38 -17.25
C PRO N 66 -22.84 14.11 -16.21
N GLY N 67 -23.23 15.14 -15.46
CA GLY N 67 -24.25 14.99 -14.44
C GLY N 67 -23.66 14.93 -13.05
N GLY N 68 -24.39 14.33 -12.10
CA GLY N 68 -23.92 14.24 -10.73
C GLY N 68 -25.00 14.05 -9.69
N VAL N 69 -24.81 14.64 -8.51
CA VAL N 69 -25.76 14.49 -7.41
C VAL N 69 -27.10 15.20 -7.64
N ILE N 70 -28.20 14.46 -7.50
CA ILE N 70 -29.53 15.01 -7.73
C ILE N 70 -29.94 16.19 -6.83
N THR N 71 -29.80 16.05 -5.52
CA THR N 71 -30.17 17.16 -4.63
C THR N 71 -29.38 18.43 -4.92
N ALA N 72 -28.09 18.33 -5.24
CA ALA N 72 -27.27 19.51 -5.57
C ALA N 72 -27.85 20.14 -6.86
N GLY N 73 -28.11 19.30 -7.85
CA GLY N 73 -28.70 19.81 -9.08
C GLY N 73 -30.06 20.46 -8.82
N MET N 74 -30.84 19.93 -7.89
CA MET N 74 -32.16 20.49 -7.65
C MET N 74 -32.12 21.86 -6.96
N SER N 75 -31.01 22.19 -6.30
CA SER N 75 -30.91 23.52 -5.67
C SER N 75 -30.75 24.54 -6.81
N ILE N 76 -30.09 24.12 -7.90
CA ILE N 76 -29.90 25.02 -9.06
C ILE N 76 -31.25 25.16 -9.82
N TYR N 77 -31.96 24.04 -10.00
CA TYR N 77 -33.25 24.06 -10.69
C TYR N 77 -34.23 25.01 -9.99
N ASP N 78 -34.40 24.85 -8.69
CA ASP N 78 -35.34 25.70 -7.96
C ASP N 78 -34.94 27.17 -7.95
N THR N 79 -33.64 27.47 -7.98
CA THR N 79 -33.21 28.86 -7.99
C THR N 79 -33.52 29.45 -9.36
N MET N 80 -33.34 28.64 -10.40
CA MET N 80 -33.61 29.05 -11.77
C MET N 80 -35.07 29.50 -11.93
N GLN N 81 -36.01 28.76 -11.36
CA GLN N 81 -37.43 29.15 -11.47
C GLN N 81 -37.82 30.26 -10.48
N PHE N 82 -37.17 30.33 -9.33
CA PHE N 82 -37.48 31.35 -8.33
C PHE N 82 -37.10 32.82 -8.67
N ILE N 83 -35.90 33.05 -9.20
CA ILE N 83 -35.47 34.41 -9.50
C ILE N 83 -36.26 35.09 -10.62
N LYS N 84 -36.26 36.42 -10.62
CA LYS N 84 -37.00 37.20 -11.63
C LYS N 84 -36.53 37.05 -13.09
N PRO N 85 -35.20 37.13 -13.33
CA PRO N 85 -34.70 37.00 -14.71
C PRO N 85 -34.91 35.61 -15.31
N ASP N 86 -35.09 35.56 -16.65
CA ASP N 86 -35.22 34.28 -17.35
C ASP N 86 -33.77 33.74 -17.46
N VAL N 87 -33.60 32.42 -17.34
CA VAL N 87 -32.26 31.82 -17.48
C VAL N 87 -32.26 31.02 -18.78
N SER N 88 -31.47 31.50 -19.74
CA SER N 88 -31.34 30.88 -21.05
C SER N 88 -30.23 29.83 -20.90
N THR N 89 -30.44 28.63 -21.42
CA THR N 89 -29.42 27.58 -21.29
C THR N 89 -28.74 27.23 -22.62
N ILE N 90 -27.45 26.92 -22.58
CA ILE N 90 -26.71 26.57 -23.80
C ILE N 90 -25.78 25.36 -23.60
N CYS N 91 -26.04 24.28 -24.33
CA CYS N 91 -25.23 23.07 -24.25
C CYS N 91 -24.00 23.08 -25.17
N MET N 92 -22.83 22.87 -24.60
CA MET N 92 -21.60 22.77 -25.39
C MET N 92 -20.86 21.52 -24.93
N GLY N 93 -20.38 20.72 -25.87
CA GLY N 93 -19.71 19.50 -25.49
C GLY N 93 -20.74 18.41 -25.19
N GLN N 94 -21.21 18.35 -23.94
CA GLN N 94 -22.21 17.36 -23.57
C GLN N 94 -23.07 17.81 -22.40
N ALA N 95 -24.30 17.31 -22.35
CA ALA N 95 -25.20 17.57 -21.23
C ALA N 95 -25.82 16.21 -20.95
N ALA N 96 -25.32 15.52 -19.92
CA ALA N 96 -25.84 14.20 -19.61
C ALA N 96 -26.42 14.10 -18.20
N SER N 97 -27.45 13.28 -18.04
CA SER N 97 -28.14 13.05 -16.78
C SER N 97 -28.62 14.36 -16.15
N MET N 98 -28.18 14.70 -14.94
CA MET N 98 -28.62 15.95 -14.34
C MET N 98 -28.23 17.15 -15.21
N GLY N 99 -27.19 17.00 -16.04
CA GLY N 99 -26.79 18.08 -16.93
C GLY N 99 -27.86 18.33 -17.99
N ALA N 100 -28.44 17.25 -18.51
CA ALA N 100 -29.52 17.34 -19.51
C ALA N 100 -30.83 17.89 -18.87
N PHE N 101 -31.09 17.52 -17.63
CA PHE N 101 -32.27 17.98 -16.90
C PHE N 101 -32.23 19.50 -16.72
N LEU N 102 -31.08 20.04 -16.31
CA LEU N 102 -30.94 21.49 -16.13
C LEU N 102 -30.97 22.21 -17.49
N LEU N 103 -30.45 21.58 -18.53
CA LEU N 103 -30.50 22.17 -19.88
C LEU N 103 -31.97 22.41 -20.28
N THR N 104 -32.79 21.38 -20.13
CA THR N 104 -34.20 21.50 -20.51
C THR N 104 -35.08 22.36 -19.60
N ALA N 105 -34.57 22.64 -18.40
CA ALA N 105 -35.24 23.46 -17.40
C ALA N 105 -35.12 24.94 -17.72
N GLY N 106 -34.35 25.28 -18.76
CA GLY N 106 -34.19 26.67 -19.14
C GLY N 106 -35.52 27.31 -19.54
N ALA N 107 -35.53 28.64 -19.72
CA ALA N 107 -36.74 29.37 -20.08
C ALA N 107 -37.27 28.98 -21.47
N LYS N 108 -38.57 28.77 -21.57
CA LYS N 108 -39.19 28.38 -22.85
C LYS N 108 -38.77 29.29 -23.99
N GLY N 109 -38.31 28.70 -25.08
CA GLY N 109 -37.85 29.44 -26.23
C GLY N 109 -36.41 29.94 -26.13
N LYS N 110 -35.75 29.72 -25.00
CA LYS N 110 -34.37 30.18 -24.86
C LYS N 110 -33.37 29.07 -24.48
N ARG N 111 -33.66 27.85 -24.90
CA ARG N 111 -32.79 26.69 -24.64
C ARG N 111 -32.10 26.28 -25.95
N PHE N 112 -30.78 26.21 -25.95
CA PHE N 112 -30.04 25.89 -27.16
C PHE N 112 -28.96 24.81 -27.10
N CYS N 113 -28.65 24.22 -28.25
CA CYS N 113 -27.56 23.25 -28.40
C CYS N 113 -26.64 23.78 -29.50
N LEU N 114 -25.33 23.55 -29.36
CA LEU N 114 -24.36 23.92 -30.40
C LEU N 114 -24.49 22.69 -31.36
N PRO N 115 -24.16 22.85 -32.65
CA PRO N 115 -24.26 21.80 -33.67
C PRO N 115 -23.74 20.38 -33.39
N ASN N 116 -22.58 20.26 -32.76
CA ASN N 116 -22.03 18.93 -32.51
C ASN N 116 -22.07 18.47 -31.06
N SER N 117 -22.88 19.12 -30.23
CA SER N 117 -22.97 18.70 -28.85
C SER N 117 -23.91 17.50 -28.77
N ARG N 118 -23.90 16.80 -27.65
CA ARG N 118 -24.78 15.66 -27.52
C ARG N 118 -25.39 15.59 -26.12
N VAL N 119 -26.61 15.05 -26.07
CA VAL N 119 -27.37 14.91 -24.83
C VAL N 119 -27.64 13.43 -24.52
N MET N 120 -27.66 13.07 -23.23
CA MET N 120 -27.99 11.71 -22.83
C MET N 120 -28.91 11.78 -21.62
N ILE N 121 -30.02 11.03 -21.64
CA ILE N 121 -30.95 11.01 -20.51
C ILE N 121 -31.12 9.60 -19.96
N HIS N 122 -31.52 9.47 -18.70
CA HIS N 122 -31.76 8.15 -18.09
C HIS N 122 -32.44 8.26 -16.73
N GLN N 123 -32.57 7.15 -15.99
CA GLN N 123 -33.24 7.18 -14.69
C GLN N 123 -32.24 7.36 -13.53
N PRO N 124 -32.72 7.67 -12.30
CA PRO N 124 -31.82 7.85 -11.16
C PRO N 124 -30.98 6.63 -10.77
N LEU N 125 -29.79 6.90 -10.22
CA LEU N 125 -28.85 5.88 -9.77
C LEU N 125 -28.70 6.07 -8.25
N GLY N 126 -28.45 4.98 -7.52
CA GLY N 126 -28.29 5.10 -6.09
C GLY N 126 -27.72 3.83 -5.46
N GLY N 127 -27.64 3.80 -4.14
CA GLY N 127 -27.10 2.62 -3.48
C GLY N 127 -27.59 2.55 -2.05
N TYR N 128 -27.63 1.36 -1.47
CA TYR N 128 -28.08 1.19 -0.09
C TYR N 128 -27.27 0.12 0.63
N GLN N 129 -27.15 0.23 1.95
CA GLN N 129 -26.43 -0.77 2.75
C GLN N 129 -26.93 -0.73 4.20
N GLY N 130 -27.54 -1.81 4.67
CA GLY N 130 -28.04 -1.84 6.04
C GLY N 130 -29.11 -2.89 6.31
N GLN N 131 -29.93 -2.66 7.34
CA GLN N 131 -31.01 -3.59 7.70
C GLN N 131 -32.12 -3.54 6.65
N ALA N 132 -32.81 -4.65 6.43
CA ALA N 132 -33.91 -4.69 5.44
C ALA N 132 -34.95 -3.57 5.68
N THR N 133 -35.28 -3.27 6.94
CA THR N 133 -36.25 -2.18 7.22
C THR N 133 -35.75 -0.84 6.68
N ASP N 134 -34.48 -0.53 6.88
CA ASP N 134 -33.91 0.73 6.37
C ASP N 134 -33.74 0.71 4.85
N ILE N 135 -33.43 -0.45 4.29
CA ILE N 135 -33.30 -0.60 2.85
C ILE N 135 -34.63 -0.22 2.18
N GLU N 136 -35.73 -0.64 2.80
CA GLU N 136 -37.07 -0.37 2.27
C GLU N 136 -37.38 1.13 2.27
N ILE N 137 -37.04 1.81 3.35
CA ILE N 137 -37.23 3.26 3.47
C ILE N 137 -36.49 4.02 2.35
N HIS N 138 -35.23 3.65 2.14
CA HIS N 138 -34.43 4.32 1.12
C HIS N 138 -34.79 3.95 -0.32
N ALA N 139 -35.22 2.72 -0.55
CA ALA N 139 -35.63 2.32 -1.91
C ALA N 139 -36.94 3.04 -2.29
N ARG N 140 -37.84 3.18 -1.32
CA ARG N 140 -39.10 3.90 -1.57
C ARG N 140 -38.81 5.37 -1.91
N GLU N 141 -37.81 5.96 -1.26
CA GLU N 141 -37.48 7.34 -1.54
C GLU N 141 -36.90 7.55 -2.92
N ILE N 142 -36.00 6.65 -3.39
CA ILE N 142 -35.45 6.85 -4.74
C ILE N 142 -36.53 6.63 -5.80
N LEU N 143 -37.54 5.82 -5.51
CA LEU N 143 -38.65 5.62 -6.48
C LEU N 143 -39.48 6.91 -6.56
N LYS N 144 -39.65 7.60 -5.43
CA LYS N 144 -40.38 8.87 -5.42
C LYS N 144 -39.61 9.91 -6.23
N VAL N 145 -38.30 9.96 -6.05
CA VAL N 145 -37.47 10.90 -6.77
C VAL N 145 -37.60 10.66 -8.27
N LYS N 146 -37.57 9.39 -8.67
CA LYS N 146 -37.69 9.04 -10.08
C LYS N 146 -39.02 9.57 -10.67
N GLY N 147 -40.11 9.34 -9.95
CA GLY N 147 -41.43 9.78 -10.38
C GLY N 147 -41.50 11.29 -10.54
N ARG N 148 -40.88 12.03 -9.63
CA ARG N 148 -40.89 13.48 -9.72
C ARG N 148 -40.04 14.01 -10.89
N MET N 149 -38.88 13.41 -11.11
CA MET N 149 -38.01 13.83 -12.20
C MET N 149 -38.71 13.54 -13.55
N ASN N 150 -39.46 12.45 -13.61
CA ASN N 150 -40.15 12.15 -14.87
C ASN N 150 -41.28 13.15 -15.12
N GLU N 151 -41.96 13.55 -14.05
CA GLU N 151 -43.05 14.51 -14.15
C GLU N 151 -42.53 15.86 -14.62
N LEU N 152 -41.36 16.26 -14.14
CA LEU N 152 -40.76 17.54 -14.52
C LEU N 152 -40.20 17.47 -15.96
N MET N 153 -39.71 16.31 -16.37
CA MET N 153 -39.20 16.20 -17.74
C MET N 153 -40.38 16.31 -18.73
N ALA N 154 -41.51 15.68 -18.40
CA ALA N 154 -42.68 15.76 -19.28
C ALA N 154 -43.16 17.21 -19.42
N LEU N 155 -43.26 17.93 -18.30
CA LEU N 155 -43.70 19.33 -18.32
C LEU N 155 -42.81 20.24 -19.17
N HIS N 156 -41.50 20.05 -19.09
CA HIS N 156 -40.58 20.90 -19.87
C HIS N 156 -40.42 20.53 -21.35
N THR N 157 -40.59 19.25 -21.69
CA THR N 157 -40.41 18.84 -23.09
C THR N 157 -41.71 18.83 -23.89
N GLY N 158 -42.85 18.68 -23.22
CA GLY N 158 -44.11 18.62 -23.93
C GLY N 158 -44.51 17.18 -24.19
N GLN N 159 -43.62 16.22 -23.88
CA GLN N 159 -43.93 14.81 -24.08
C GLN N 159 -44.84 14.33 -22.95
N SER N 160 -45.55 13.23 -23.17
CA SER N 160 -46.44 12.69 -22.14
C SER N 160 -45.59 11.93 -21.12
N LEU N 161 -46.11 11.73 -19.91
CA LEU N 161 -45.38 11.00 -18.89
C LEU N 161 -45.05 9.58 -19.38
N GLU N 162 -46.02 8.92 -20.03
CA GLU N 162 -45.81 7.58 -20.56
C GLU N 162 -44.56 7.51 -21.44
N GLN N 163 -44.43 8.46 -22.35
CA GLN N 163 -43.30 8.52 -23.25
C GLN N 163 -41.98 8.74 -22.50
N ILE N 164 -41.98 9.67 -21.54
CA ILE N 164 -40.74 9.93 -20.79
C ILE N 164 -40.27 8.67 -20.05
N GLU N 165 -41.22 7.98 -19.42
CA GLU N 165 -40.94 6.75 -18.68
C GLU N 165 -40.29 5.72 -19.58
N ARG N 166 -40.89 5.48 -20.74
CA ARG N 166 -40.35 4.50 -21.67
C ARG N 166 -38.96 4.88 -22.14
N ASP N 167 -38.75 6.16 -22.43
CA ASP N 167 -37.45 6.59 -22.95
C ASP N 167 -36.28 6.68 -21.95
N THR N 168 -36.55 6.70 -20.65
CA THR N 168 -35.48 6.82 -19.67
C THR N 168 -35.11 5.55 -18.86
N GLU N 169 -35.76 4.41 -19.15
CA GLU N 169 -35.43 3.18 -18.44
C GLU N 169 -33.97 2.80 -18.67
N ARG N 170 -33.44 3.13 -19.85
CA ARG N 170 -32.04 2.86 -20.18
C ARG N 170 -31.43 4.10 -20.86
N ASP N 171 -30.11 4.23 -20.82
CA ASP N 171 -29.41 5.37 -21.43
C ASP N 171 -29.93 5.61 -22.84
N ARG N 172 -30.22 6.87 -23.16
CA ARG N 172 -30.69 7.26 -24.49
C ARG N 172 -29.94 8.51 -24.95
N PHE N 173 -29.21 8.39 -26.06
CA PHE N 173 -28.45 9.53 -26.61
C PHE N 173 -29.24 10.30 -27.68
N LEU N 174 -29.03 11.62 -27.77
CA LEU N 174 -29.69 12.44 -28.78
C LEU N 174 -28.72 13.48 -29.31
N SER N 175 -28.70 13.63 -30.63
CA SER N 175 -27.84 14.63 -31.26
C SER N 175 -28.59 15.97 -31.13
N ALA N 176 -27.95 17.07 -31.49
CA ALA N 176 -28.61 18.36 -31.37
C ALA N 176 -29.94 18.39 -32.12
N PRO N 177 -29.95 17.90 -33.38
CA PRO N 177 -31.19 17.87 -34.17
C PRO N 177 -32.31 17.08 -33.48
N GLU N 178 -31.96 15.92 -32.93
CA GLU N 178 -32.94 15.09 -32.24
C GLU N 178 -33.40 15.72 -30.93
N ALA N 179 -32.54 16.54 -30.32
CA ALA N 179 -32.92 17.20 -29.05
C ALA N 179 -33.99 18.26 -29.35
N VAL N 180 -33.87 18.94 -30.49
CA VAL N 180 -34.86 19.95 -30.85
C VAL N 180 -36.20 19.26 -31.13
N GLU N 181 -36.13 18.15 -31.85
CA GLU N 181 -37.30 17.35 -32.19
C GLU N 181 -38.02 16.81 -30.94
N TYR N 182 -37.24 16.37 -29.95
CA TYR N 182 -37.80 15.82 -28.72
C TYR N 182 -38.46 16.89 -27.84
N GLY N 183 -38.03 18.13 -27.98
CA GLY N 183 -38.60 19.20 -27.17
C GLY N 183 -37.69 19.54 -25.98
N LEU N 184 -36.51 18.91 -25.95
CA LEU N 184 -35.53 19.14 -24.90
C LEU N 184 -34.89 20.53 -24.98
N VAL N 185 -34.63 21.01 -26.21
CA VAL N 185 -34.10 22.36 -26.44
C VAL N 185 -34.97 23.00 -27.52
N ASP N 186 -34.93 24.32 -27.68
CA ASP N 186 -35.75 24.99 -28.68
C ASP N 186 -35.10 25.09 -30.07
N SER N 187 -33.78 25.30 -30.12
CA SER N 187 -33.11 25.38 -31.41
C SER N 187 -31.59 25.20 -31.34
N ILE N 188 -30.97 25.20 -32.50
CA ILE N 188 -29.53 25.05 -32.62
C ILE N 188 -28.85 26.38 -32.95
N LEU N 189 -27.75 26.69 -32.27
CA LEU N 189 -26.99 27.90 -32.53
C LEU N 189 -25.88 27.48 -33.49
N THR N 190 -25.77 28.12 -34.65
CA THR N 190 -24.71 27.76 -35.60
C THR N 190 -23.69 28.87 -35.79
N HIS N 191 -24.17 30.09 -36.04
CA HIS N 191 -23.29 31.25 -36.22
C HIS N 191 -23.85 32.50 -35.56
N ARG N 192 -22.97 33.30 -34.99
CA ARG N 192 -23.37 34.54 -34.32
C ARG N 192 -24.05 35.49 -35.29
N ASN N 193 -25.28 35.89 -34.98
CA ASN N 193 -26.04 36.79 -35.83
C ASN N 193 -25.44 38.21 -35.85
C1 MPD O . -29.03 -18.58 -17.22
C2 MPD O . -29.51 -17.15 -17.33
O2 MPD O . -29.04 -16.10 -16.35
CM MPD O . -30.44 -16.85 -18.48
C3 MPD O . -28.31 -16.67 -18.29
C4 MPD O . -26.86 -16.60 -17.84
O4 MPD O . -26.50 -17.94 -17.47
C5 MPD O . -26.02 -16.08 -19.02
C1 MPD P . -0.62 -15.36 -34.12
C2 MPD P . -0.95 -15.62 -32.67
O2 MPD P . -2.18 -15.04 -32.02
CM MPD P . -0.05 -16.57 -31.90
C3 MPD P . -1.83 -16.90 -33.07
C4 MPD P . -3.03 -16.69 -33.90
O4 MPD P . -2.58 -16.39 -35.03
C5 MPD P . -3.69 -18.08 -34.13
C1 MPD Q . 27.19 -12.81 -21.32
C2 MPD Q . 25.76 -13.14 -20.95
O2 MPD Q . 24.59 -12.44 -21.59
CM MPD Q . 25.58 -14.25 -19.93
C3 MPD Q . 25.59 -14.28 -22.07
C4 MPD Q . 25.58 -13.98 -23.56
O4 MPD Q . 26.84 -13.41 -23.85
C5 MPD Q . 25.36 -15.32 -24.32
C1 MPD R . 34.49 -10.05 8.06
C2 MPD R . 33.44 -10.06 6.97
O2 MPD R . 33.50 -9.07 5.82
CM MPD R . 32.39 -11.13 7.06
C3 MPD R . 34.24 -11.06 6.01
C4 MPD R . 35.56 -10.72 5.34
O4 MPD R . 36.46 -10.45 6.40
C5 MPD R . 36.01 -11.94 4.49
C1 MPD S . 17.18 -8.71 31.88
C2 MPD S . 17.05 -9.13 30.43
O2 MPD S . 17.77 -8.39 29.33
CM MPD S . 16.23 -10.36 30.18
C3 MPD S . 18.33 -10.12 30.47
C4 MPD S . 19.75 -9.64 30.66
O4 MPD S . 19.79 -8.99 31.92
C5 MPD S . 20.68 -10.87 30.61
C1 MPD T . -10.25 -12.83 34.60
C2 MPD T . -10.34 -11.33 34.73
O2 MPD T . -9.67 -10.42 33.73
CM MPD T . -11.17 -10.81 35.88
C3 MPD T . -11.67 -11.19 33.83
C4 MPD T . -11.71 -11.50 32.35
O4 MPD T . -11.35 -12.87 32.23
C5 MPD T . -13.15 -11.22 31.85
C1 MPD U . -32.42 -13.70 10.01
C2 MPD U . -30.97 -14.09 10.20
O2 MPD U . -30.08 -13.35 11.16
CM MPD U . -30.49 -15.27 9.39
C3 MPD U . -31.25 -15.13 11.38
C4 MPD U . -31.77 -14.72 12.76
O4 MPD U . -33.03 -14.10 12.52
C5 MPD U . -31.89 -15.99 13.62
C1 MPD V . -8.91 11.56 -32.94
C2 MPD V . -10.05 12.43 -33.41
O2 MPD V . -9.87 13.91 -33.62
CM MPD V . -11.35 11.71 -33.69
C3 MPD V . -9.72 12.25 -34.97
C4 MPD V . -8.47 12.79 -35.64
O4 MPD V . -7.38 12.15 -34.97
C5 MPD V . -8.53 12.44 -37.14
C1 MPD W . 18.85 13.76 -27.54
C2 MPD W . 18.39 14.73 -28.61
O2 MPD W . 18.50 16.22 -28.41
CM MPD W . 17.88 14.10 -29.89
C3 MPD W . 19.83 14.82 -29.34
C4 MPD W . 21.05 15.43 -28.70
O4 MPD W . 21.31 14.67 -27.53
C5 MPD W . 22.22 15.35 -29.71
C1 MPD X . 35.20 17.68 -1.80
C2 MPD X . 33.93 18.30 -1.26
O2 MPD X . 33.38 17.43 -0.16
CM MPD X . 34.26 19.67 -0.69
C3 MPD X . 32.87 18.46 -2.39
C4 MPD X . 32.42 17.23 -3.07
O4 MPD X . 31.84 16.50 -1.99
C5 MPD X . 31.39 17.61 -4.16
C1 MPD Y . 20.26 18.12 23.51
C2 MPD Y . 21.39 19.11 23.31
O2 MPD Y . 21.12 20.59 23.19
CM MPD Y . 22.78 18.52 23.26
C3 MPD Y . 21.65 19.36 24.87
C4 MPD Y . 20.65 20.04 25.79
O4 MPD Y . 19.49 19.23 25.76
C5 MPD Y . 21.27 20.11 27.20
C1 MPD Z . -6.46 16.46 31.64
C2 MPD Z . -6.21 17.94 31.72
O2 MPD Z . -5.29 18.23 32.89
CM MPD Z . -5.56 18.41 30.44
C3 MPD Z . -7.57 18.72 31.92
C4 MPD Z . -8.36 18.39 33.12
O4 MPD Z . -7.45 18.76 34.17
C5 MPD Z . -9.64 19.25 33.12
C1 MPD AA . -32.42 15.32 13.50
C2 MPD AA . -31.38 15.81 14.49
O2 MPD AA . -31.70 16.87 15.50
CM MPD AA . -30.03 15.12 14.42
C3 MPD AA . -31.75 14.74 15.63
C4 MPD AA . -33.07 14.74 16.36
O4 MPD AA . -34.07 14.55 15.37
C5 MPD AA . -33.05 13.58 17.39
C1 MPD BA . -33.16 11.67 -13.92
C2 MPD BA . -31.74 12.16 -14.00
O2 MPD BA . -30.71 11.48 -14.87
CM MPD BA . -31.42 13.41 -13.20
C3 MPD BA . -32.00 13.16 -15.24
C4 MPD BA . -32.36 12.67 -16.63
O4 MPD BA . -33.59 11.96 -16.49
C5 MPD BA . -32.51 13.91 -17.55
#